data_5K8P
#
_entry.id   5K8P
#
_cell.length_a   185.884
_cell.length_b   247.634
_cell.length_c   247.870
_cell.angle_alpha   90.00
_cell.angle_beta   90.00
_cell.angle_gamma   90.00
#
_symmetry.space_group_name_H-M   'C 2 2 21'
#
loop_
_entity.id
_entity.type
_entity.pdbx_description
1 polymer '5-nitroanthranilic acid aminohydrolase'
2 non-polymer 'ZINC ION'
3 non-polymer '(6~{R})-6-azanyl-3-nitro-6-oxidanyl-cyclohexa-1,3-diene-1-carboxylic acid'
4 non-polymer GLYCEROL
5 water water
#
_entity_poly.entity_id   1
_entity_poly.type   'polypeptide(L)'
_entity_poly.pdbx_seq_one_letter_code
;MAGSNDVAKVMKTLDGMREGLIQTAVELGSIEAPTGREGAAGDYVYEWMARNGFGPERVGVFDDRFNVVGRLRGTGGGAS
LSFNSHLDTIMAREDTARFADANDRIYHEAWHEEGRIYGYSVVNCKGPMACWLIAAKALKEAGAALKGDVVLTAVCGEID
CEPVDEFQGHDYLAEDIGARYAISHGAISDYALVAEATNFKPAWVEAGKVFLKVTVFAGPSRYTPYVPRPVAALDSPNAI
VRMAKLVEALEEWADNYEKRYTREYGGGTVVPKVAIGAIRGGVPYKIYAFPELCSIYMDIRLNPDTNPLVVQREVEAVVS
KLGLKAEVKPFLFRRGYEAQGIEPLQNALEVAHREVVGRPTERPGSPECSMWRDTNPYNELGIPSLTYGCGGGAGGGNTY
FLVDDMLKAAKVYAMTAMDLCNRTP
;
_entity_poly.pdbx_strand_id   A,B,C,D,E,F,G,H
#
# COMPACT_ATOMS: atom_id res chain seq x y z
N ASN A 5 -12.83 64.81 12.58
CA ASN A 5 -11.97 63.94 13.35
C ASN A 5 -12.13 62.46 12.95
N ASP A 6 -11.11 61.93 12.29
CA ASP A 6 -11.15 60.57 11.75
C ASP A 6 -10.97 59.53 12.83
N VAL A 7 -10.18 59.89 13.84
CA VAL A 7 -9.98 59.06 15.02
C VAL A 7 -11.30 58.63 15.66
N ALA A 8 -12.17 59.61 15.93
CA ALA A 8 -13.43 59.35 16.61
C ALA A 8 -14.31 58.42 15.79
N LYS A 9 -14.20 58.53 14.47
CA LYS A 9 -14.93 57.63 13.61
C LYS A 9 -14.53 56.19 13.93
N VAL A 10 -13.23 55.93 13.83
CA VAL A 10 -12.71 54.59 14.05
C VAL A 10 -12.96 54.12 15.48
N MET A 11 -12.93 55.05 16.44
CA MET A 11 -13.14 54.68 17.84
C MET A 11 -14.53 54.09 18.06
N LYS A 12 -15.48 54.53 17.24
CA LYS A 12 -16.86 54.07 17.40
C LYS A 12 -17.01 52.69 16.78
N THR A 13 -16.36 52.49 15.64
CA THR A 13 -16.39 51.20 14.97
C THR A 13 -15.89 50.10 15.90
N LEU A 14 -14.82 50.40 16.62
CA LEU A 14 -14.25 49.45 17.56
C LEU A 14 -15.23 49.19 18.70
N ASP A 15 -16.10 50.15 18.98
CA ASP A 15 -17.16 49.93 19.95
C ASP A 15 -18.18 48.99 19.35
N GLY A 16 -18.41 49.13 18.04
CA GLY A 16 -19.33 48.29 17.31
C GLY A 16 -18.68 47.03 16.75
N MET A 17 -17.70 46.52 17.47
CA MET A 17 -17.06 45.27 17.13
C MET A 17 -16.65 44.56 18.40
N ARG A 18 -17.25 44.96 19.51
CA ARG A 18 -16.93 44.35 20.78
C ARG A 18 -17.23 42.84 20.72
N GLU A 19 -18.24 42.46 19.96
CA GLU A 19 -18.58 41.05 19.82
C GLU A 19 -17.55 40.33 18.98
N GLY A 20 -17.29 40.87 17.79
CA GLY A 20 -16.26 40.34 16.91
C GLY A 20 -14.93 40.14 17.60
N LEU A 21 -14.54 41.12 18.41
CA LEU A 21 -13.30 41.01 19.18
C LEU A 21 -13.33 39.76 20.05
N ILE A 22 -14.38 39.63 20.84
CA ILE A 22 -14.50 38.53 21.78
C ILE A 22 -14.58 37.19 21.07
N GLN A 23 -15.33 37.15 19.98
CA GLN A 23 -15.48 35.93 19.21
C GLN A 23 -14.12 35.45 18.71
N THR A 24 -13.44 36.35 18.00
CA THR A 24 -12.13 36.05 17.44
C THR A 24 -11.18 35.52 18.52
N ALA A 25 -11.12 36.18 19.66
CA ALA A 25 -10.24 35.72 20.73
C ALA A 25 -10.60 34.32 21.22
N VAL A 26 -11.88 33.99 21.26
CA VAL A 26 -12.28 32.69 21.82
C VAL A 26 -12.08 31.60 20.78
N GLU A 27 -12.47 31.86 19.55
CA GLU A 27 -12.25 30.88 18.50
C GLU A 27 -10.75 30.56 18.41
N LEU A 28 -9.93 31.59 18.17
CA LEU A 28 -8.47 31.45 18.13
C LEU A 28 -7.92 30.76 19.36
N GLY A 29 -8.35 31.21 20.52
CA GLY A 29 -7.84 30.66 21.77
C GLY A 29 -8.23 29.22 21.98
N SER A 30 -9.27 28.78 21.28
CA SER A 30 -9.76 27.43 21.44
C SER A 30 -9.05 26.45 20.54
N ILE A 31 -8.33 26.97 19.56
CA ILE A 31 -7.60 26.09 18.66
C ILE A 31 -6.35 25.56 19.36
N GLU A 32 -6.25 24.25 19.41
CA GLU A 32 -5.08 23.62 19.99
C GLU A 32 -3.88 24.01 19.14
N ALA A 33 -2.90 24.66 19.74
CA ALA A 33 -1.79 25.23 18.98
C ALA A 33 -0.50 25.31 19.77
N PRO A 34 -0.14 24.24 20.49
CA PRO A 34 1.17 24.28 21.16
C PRO A 34 2.28 24.42 20.12
N THR A 35 3.37 25.07 20.49
CA THR A 35 4.54 25.17 19.63
C THR A 35 4.87 23.78 19.04
N GLY A 36 4.87 23.68 17.72
CA GLY A 36 5.03 22.40 17.05
C GLY A 36 3.79 22.05 16.23
N ARG A 37 2.64 22.59 16.63
CA ARG A 37 1.41 22.30 15.93
C ARG A 37 0.55 23.54 15.71
N GLU A 38 1.19 24.67 15.47
CA GLU A 38 0.51 25.94 15.23
C GLU A 38 -0.21 25.99 13.90
N GLY A 39 -0.14 24.94 13.13
CA GLY A 39 -0.67 24.97 11.77
C GLY A 39 -2.13 25.41 11.68
N ALA A 40 -2.99 24.76 12.45
CA ALA A 40 -4.43 25.02 12.38
C ALA A 40 -4.75 26.45 12.82
N ALA A 41 -4.07 26.92 13.86
CA ALA A 41 -4.20 28.31 14.27
C ALA A 41 -3.84 29.24 13.11
N GLY A 42 -2.77 28.89 12.40
CA GLY A 42 -2.38 29.64 11.23
C GLY A 42 -3.44 29.63 10.14
N ASP A 43 -4.04 28.47 9.94
CA ASP A 43 -5.10 28.34 8.95
C ASP A 43 -6.30 29.23 9.32
N TYR A 44 -6.66 29.24 10.59
CA TYR A 44 -7.71 30.13 11.04
C TYR A 44 -7.39 31.59 10.71
N VAL A 45 -6.19 32.04 11.05
CA VAL A 45 -5.85 33.43 10.84
C VAL A 45 -5.77 33.76 9.36
N TYR A 46 -5.23 32.85 8.57
CA TYR A 46 -5.18 33.07 7.12
C TYR A 46 -6.58 33.32 6.56
N GLU A 47 -7.53 32.47 6.95
CA GLU A 47 -8.89 32.57 6.42
C GLU A 47 -9.54 33.85 6.90
N TRP A 48 -9.32 34.19 8.16
CA TRP A 48 -9.84 35.42 8.74
C TRP A 48 -9.32 36.61 7.97
N MET A 49 -8.02 36.65 7.72
CA MET A 49 -7.45 37.73 6.94
C MET A 49 -8.01 37.75 5.51
N ALA A 50 -8.17 36.57 4.93
CA ALA A 50 -8.66 36.48 3.58
C ALA A 50 -10.07 37.04 3.48
N ARG A 51 -10.92 36.67 4.43
CA ARG A 51 -12.31 37.13 4.44
C ARG A 51 -12.38 38.63 4.56
N ASN A 52 -11.46 39.19 5.35
CA ASN A 52 -11.49 40.60 5.64
C ASN A 52 -10.71 41.43 4.65
N GLY A 53 -10.29 40.80 3.55
CA GLY A 53 -9.65 41.52 2.45
C GLY A 53 -8.19 41.93 2.64
N PHE A 54 -7.50 41.30 3.58
CA PHE A 54 -6.11 41.67 3.85
C PHE A 54 -5.08 40.90 3.03
N GLY A 55 -5.54 40.10 2.06
CA GLY A 55 -4.65 39.40 1.15
C GLY A 55 -3.49 38.65 1.80
N PRO A 56 -3.81 37.66 2.64
CA PRO A 56 -2.72 37.01 3.38
C PRO A 56 -1.89 36.08 2.52
N GLU A 57 -0.64 35.86 2.94
CA GLU A 57 0.15 34.78 2.37
C GLU A 57 0.70 33.92 3.52
N ARG A 58 0.85 32.62 3.28
CA ARG A 58 1.52 31.76 4.23
C ARG A 58 2.99 31.88 3.94
N VAL A 59 3.78 32.19 4.95
CA VAL A 59 5.21 32.37 4.79
C VAL A 59 5.88 31.50 5.82
N GLY A 60 6.36 30.35 5.38
CA GLY A 60 6.86 29.37 6.31
C GLY A 60 7.88 28.37 5.79
N VAL A 61 8.62 27.82 6.73
CA VAL A 61 9.60 26.79 6.45
C VAL A 61 8.91 25.46 6.15
N PHE A 62 7.78 25.23 6.79
CA PHE A 62 7.01 23.98 6.61
C PHE A 62 5.59 24.28 6.20
N ASP A 63 4.98 23.36 5.45
CA ASP A 63 3.65 23.59 4.97
C ASP A 63 2.61 23.52 6.11
N ASP A 64 3.00 23.01 7.28
CA ASP A 64 2.06 23.02 8.41
C ASP A 64 2.58 23.80 9.63
N ARG A 65 3.61 24.61 9.42
CA ARG A 65 4.12 25.47 10.47
C ARG A 65 4.61 26.72 9.79
N PHE A 66 3.75 27.74 9.75
CA PHE A 66 4.00 28.90 8.92
C PHE A 66 3.56 30.17 9.57
N ASN A 67 4.13 31.27 9.11
CA ASN A 67 3.68 32.58 9.49
C ASN A 67 2.60 33.04 8.54
N VAL A 68 1.71 33.91 8.99
CA VAL A 68 0.71 34.47 8.09
C VAL A 68 0.89 35.98 7.99
N VAL A 69 1.07 36.48 6.78
CA VAL A 69 1.34 37.89 6.59
C VAL A 69 0.30 38.51 5.69
N GLY A 70 -0.46 39.43 6.25
CA GLY A 70 -1.45 40.18 5.49
C GLY A 70 -1.12 41.66 5.49
N ARG A 71 -1.94 42.45 4.83
CA ARG A 71 -1.61 43.85 4.63
C ARG A 71 -2.81 44.75 4.33
N LEU A 72 -2.95 45.84 5.07
CA LEU A 72 -3.87 46.90 4.70
C LEU A 72 -3.11 47.99 3.97
N ARG A 73 -3.24 48.00 2.65
CA ARG A 73 -2.43 48.91 1.84
C ARG A 73 -2.82 50.36 2.07
N GLY A 74 -1.82 51.22 2.11
CA GLY A 74 -2.06 52.64 2.28
C GLY A 74 -2.25 53.28 0.92
N THR A 75 -2.57 54.57 0.92
CA THR A 75 -2.77 55.33 -0.32
C THR A 75 -1.45 55.71 -0.97
N GLY A 76 -0.37 55.64 -0.22
CA GLY A 76 0.96 55.94 -0.73
C GLY A 76 1.69 57.01 0.06
N GLY A 77 3.01 56.92 0.08
CA GLY A 77 3.86 57.93 0.69
C GLY A 77 3.87 58.00 2.20
N GLY A 78 3.58 56.89 2.88
CA GLY A 78 3.62 56.87 4.33
C GLY A 78 4.58 55.82 4.88
N ALA A 79 4.90 55.91 6.16
CA ALA A 79 5.63 54.87 6.85
C ALA A 79 4.71 53.68 7.08
N SER A 80 5.26 52.48 7.12
CA SER A 80 4.44 51.31 7.39
C SER A 80 4.64 50.84 8.82
N LEU A 81 3.62 50.21 9.37
CA LEU A 81 3.71 49.68 10.71
C LEU A 81 3.34 48.21 10.70
N SER A 82 4.18 47.36 11.28
CA SER A 82 3.80 45.98 11.47
C SER A 82 3.08 45.83 12.79
N PHE A 83 2.03 45.02 12.80
CA PHE A 83 1.53 44.44 14.05
C PHE A 83 1.88 42.96 14.11
N ASN A 84 2.32 42.50 15.27
CA ASN A 84 2.82 41.14 15.36
C ASN A 84 2.42 40.43 16.65
N SER A 85 1.84 39.24 16.52
CA SER A 85 1.60 38.37 17.66
C SER A 85 1.89 36.94 17.21
N HIS A 86 2.02 36.01 18.14
CA HIS A 86 2.40 34.66 17.75
C HIS A 86 1.25 33.65 17.86
N LEU A 87 1.30 32.63 17.01
CA LEU A 87 0.25 31.63 16.88
C LEU A 87 0.39 30.45 17.83
N ASP A 88 1.58 30.25 18.39
CA ASP A 88 1.79 29.08 19.22
C ASP A 88 1.51 29.40 20.66
N THR A 89 1.14 28.38 21.42
CA THR A 89 0.84 28.51 22.84
C THR A 89 1.76 27.60 23.64
N ILE A 90 1.75 27.75 24.96
CA ILE A 90 2.76 27.13 25.83
C ILE A 90 2.60 25.62 26.10
N MET A 91 1.39 25.19 26.45
CA MET A 91 1.20 23.81 26.91
C MET A 91 0.62 22.88 25.87
N ALA A 92 1.33 21.78 25.65
CA ALA A 92 0.79 20.67 24.89
C ALA A 92 0.03 19.75 25.84
N ARG A 93 -0.93 18.99 25.33
CA ARG A 93 -1.69 18.06 26.16
C ARG A 93 -0.77 17.11 26.92
N GLU A 94 0.41 16.87 26.34
CA GLU A 94 1.35 15.90 26.88
C GLU A 94 2.47 16.50 27.73
N ASP A 95 2.25 17.68 28.30
CA ASP A 95 3.29 18.31 29.14
C ASP A 95 3.21 17.85 30.58
N THR A 96 3.05 16.54 30.75
CA THR A 96 2.98 15.92 32.07
C THR A 96 4.33 15.95 32.78
N ALA A 97 5.41 16.03 32.01
CA ALA A 97 6.75 16.09 32.56
C ALA A 97 7.10 17.48 33.09
N ARG A 98 6.30 18.47 32.72
CA ARG A 98 6.57 19.84 33.13
C ARG A 98 5.65 20.29 34.25
N PHE A 99 4.36 20.06 34.06
CA PHE A 99 3.37 20.57 35.00
C PHE A 99 2.57 19.41 35.60
N ALA A 100 2.30 19.52 36.90
CA ALA A 100 1.57 18.47 37.60
C ALA A 100 0.09 18.45 37.18
N ASP A 101 -0.44 19.63 36.86
CA ASP A 101 -1.82 19.80 36.43
C ASP A 101 -1.95 19.90 34.90
N ALA A 102 -1.25 19.02 34.20
CA ALA A 102 -0.97 19.17 32.78
C ALA A 102 -2.21 19.36 31.90
N ASN A 103 -3.37 18.93 32.39
CA ASN A 103 -4.59 18.95 31.58
C ASN A 103 -5.66 19.87 32.14
N ASP A 104 -5.30 20.62 33.17
CA ASP A 104 -6.15 21.67 33.73
C ASP A 104 -6.74 22.54 32.60
N ARG A 105 -8.02 22.89 32.70
CA ARG A 105 -8.73 23.52 31.59
C ARG A 105 -8.13 24.85 31.10
N ILE A 106 -7.62 25.64 32.04
CA ILE A 106 -7.14 26.97 31.73
C ILE A 106 -5.99 26.92 30.74
N TYR A 107 -5.28 25.79 30.74
CA TYR A 107 -4.14 25.59 29.86
C TYR A 107 -4.51 25.31 28.41
N HIS A 108 -5.70 24.76 28.18
CA HIS A 108 -6.03 24.21 26.86
C HIS A 108 -7.31 24.78 26.24
N GLU A 109 -8.03 25.61 26.97
CA GLU A 109 -9.27 26.15 26.42
C GLU A 109 -9.36 27.66 26.57
N ALA A 110 -10.37 28.24 25.92
CA ALA A 110 -10.66 29.65 26.06
C ALA A 110 -12.16 29.87 25.98
N TRP A 111 -12.68 30.80 26.79
CA TRP A 111 -14.12 31.02 26.81
C TRP A 111 -14.51 32.42 27.34
N HIS A 112 -15.69 32.87 26.93
CA HIS A 112 -16.23 34.18 27.28
C HIS A 112 -17.06 34.17 28.57
N GLU A 113 -16.42 34.58 29.67
CA GLU A 113 -17.10 34.68 30.96
C GLU A 113 -17.96 35.94 31.07
N GLU A 114 -17.70 36.71 32.12
CA GLU A 114 -18.46 37.90 32.44
C GLU A 114 -17.78 39.14 31.89
N GLY A 115 -17.83 39.32 30.58
CA GLY A 115 -17.03 40.34 29.92
C GLY A 115 -15.54 40.13 30.19
N ARG A 116 -15.18 38.91 30.54
CA ARG A 116 -13.80 38.58 30.86
C ARG A 116 -13.40 37.25 30.21
N ILE A 117 -12.28 37.25 29.49
CA ILE A 117 -11.90 36.06 28.72
C ILE A 117 -10.79 35.27 29.39
N TYR A 118 -10.98 33.95 29.42
CA TYR A 118 -10.09 33.06 30.15
C TYR A 118 -9.27 32.17 29.22
N GLY A 119 -8.13 31.73 29.72
CA GLY A 119 -7.31 30.74 29.02
C GLY A 119 -5.91 31.25 28.74
N TYR A 120 -4.90 30.55 29.23
CA TYR A 120 -3.50 30.92 29.02
C TYR A 120 -3.23 31.24 27.55
N SER A 121 -3.99 30.58 26.67
CA SER A 121 -3.73 30.69 25.25
C SER A 121 -4.31 32.01 24.74
N VAL A 122 -5.14 32.66 25.55
CA VAL A 122 -5.62 33.99 25.17
C VAL A 122 -4.66 35.06 25.69
N VAL A 123 -4.24 34.92 26.93
CA VAL A 123 -3.19 35.76 27.47
C VAL A 123 -1.95 35.68 26.58
N ASN A 124 -1.69 34.48 26.05
CA ASN A 124 -0.46 34.26 25.31
C ASN A 124 -0.66 33.25 24.19
N CYS A 125 -1.09 33.73 23.02
CA CYS A 125 -1.14 35.16 22.75
C CYS A 125 -2.27 35.48 21.76
N LYS A 126 -3.36 34.74 21.84
CA LYS A 126 -4.44 34.92 20.87
C LYS A 126 -5.24 36.19 21.18
N GLY A 127 -5.18 36.66 22.42
CA GLY A 127 -5.92 37.85 22.80
C GLY A 127 -5.37 39.11 22.16
N PRO A 128 -4.08 39.40 22.39
CA PRO A 128 -3.44 40.56 21.76
C PRO A 128 -3.54 40.46 20.24
N MET A 129 -3.43 39.26 19.69
CA MET A 129 -3.61 39.08 18.25
C MET A 129 -4.99 39.52 17.77
N ALA A 130 -6.03 39.09 18.50
CA ALA A 130 -7.39 39.49 18.14
C ALA A 130 -7.52 41.01 18.17
N CYS A 131 -6.87 41.61 19.16
CA CYS A 131 -6.90 43.05 19.30
C CYS A 131 -6.48 43.76 18.02
N TRP A 132 -5.31 43.46 17.48
CA TRP A 132 -4.90 44.20 16.28
C TRP A 132 -5.53 43.66 15.02
N LEU A 133 -6.00 42.43 15.05
CA LEU A 133 -6.78 41.96 13.92
C LEU A 133 -8.03 42.81 13.83
N ILE A 134 -8.67 43.02 14.97
CA ILE A 134 -9.86 43.86 15.04
C ILE A 134 -9.52 45.31 14.71
N ALA A 135 -8.43 45.81 15.29
CA ALA A 135 -7.95 47.16 14.98
C ALA A 135 -7.79 47.36 13.50
N ALA A 136 -7.22 46.38 12.81
CA ALA A 136 -7.02 46.49 11.38
C ALA A 136 -8.35 46.43 10.65
N LYS A 137 -9.27 45.66 11.21
CA LYS A 137 -10.61 45.53 10.64
C LYS A 137 -11.30 46.88 10.71
N ALA A 138 -11.25 47.49 11.89
CA ALA A 138 -11.87 48.79 12.12
C ALA A 138 -11.35 49.83 11.16
N LEU A 139 -10.03 49.90 11.03
CA LEU A 139 -9.40 50.88 10.16
C LEU A 139 -9.86 50.74 8.72
N LYS A 140 -9.98 49.49 8.29
CA LYS A 140 -10.30 49.24 6.89
C LYS A 140 -11.72 49.65 6.60
N GLU A 141 -12.63 49.20 7.45
CA GLU A 141 -14.04 49.42 7.21
C GLU A 141 -14.39 50.89 7.39
N ALA A 142 -13.94 51.48 8.51
CA ALA A 142 -14.17 52.89 8.79
C ALA A 142 -13.52 53.78 7.73
N GLY A 143 -12.74 53.17 6.85
CA GLY A 143 -12.10 53.90 5.76
C GLY A 143 -11.07 54.92 6.19
N ALA A 144 -10.43 54.69 7.34
CA ALA A 144 -9.41 55.60 7.84
C ALA A 144 -8.37 55.88 6.77
N ALA A 145 -7.89 57.13 6.74
CA ALA A 145 -6.94 57.54 5.73
C ALA A 145 -5.53 57.20 6.18
N LEU A 146 -4.88 56.34 5.42
CA LEU A 146 -3.55 55.87 5.75
C LEU A 146 -2.69 55.93 4.52
N LYS A 147 -1.62 56.70 4.55
CA LYS A 147 -0.73 56.73 3.40
C LYS A 147 0.16 55.48 3.38
N GLY A 148 0.52 55.00 4.56
CA GLY A 148 1.41 53.86 4.67
C GLY A 148 0.67 52.56 4.92
N ASP A 149 1.34 51.45 4.66
CA ASP A 149 0.72 50.14 4.87
C ASP A 149 0.70 49.73 6.33
N VAL A 150 -0.28 48.95 6.71
CA VAL A 150 -0.22 48.24 7.97
C VAL A 150 0.08 46.79 7.67
N VAL A 151 1.17 46.27 8.21
CA VAL A 151 1.53 44.88 7.93
C VAL A 151 1.03 44.00 9.07
N LEU A 152 0.33 42.93 8.72
CA LEU A 152 -0.30 42.07 9.71
C LEU A 152 0.43 40.74 9.77
N THR A 153 1.21 40.56 10.84
CA THR A 153 2.14 39.46 10.90
C THR A 153 1.84 38.55 12.08
N ALA A 154 1.21 37.42 11.77
CA ALA A 154 0.98 36.35 12.74
C ALA A 154 2.02 35.26 12.55
N VAL A 155 2.85 35.05 13.58
CA VAL A 155 4.03 34.22 13.44
C VAL A 155 3.94 32.90 14.20
N CYS A 156 4.46 31.83 13.60
CA CYS A 156 4.60 30.57 14.33
C CYS A 156 5.84 30.63 15.19
N GLY A 157 5.96 29.68 16.11
CA GLY A 157 7.20 29.45 16.82
C GLY A 157 7.84 30.60 17.59
N GLU A 158 7.07 31.39 18.32
CA GLU A 158 7.67 32.43 19.13
C GLU A 158 8.22 31.88 20.43
N ILE A 159 7.61 30.82 20.94
CA ILE A 159 7.93 30.36 22.28
C ILE A 159 9.26 29.61 22.31
N ASP A 160 9.99 29.76 23.42
CA ASP A 160 11.40 29.39 23.50
C ASP A 160 11.77 27.90 23.41
N CYS A 161 10.98 27.10 22.72
CA CYS A 161 11.32 25.69 22.45
C CYS A 161 12.53 25.62 21.54
N GLU A 162 13.37 24.60 21.72
CA GLU A 162 14.50 24.41 20.81
C GLU A 162 14.89 22.97 20.62
N PRO A 163 15.34 22.63 19.42
CA PRO A 163 15.94 21.32 19.19
C PRO A 163 17.19 21.15 20.04
N VAL A 164 17.46 19.93 20.45
CA VAL A 164 18.68 19.59 21.16
C VAL A 164 18.82 18.08 21.13
N ASP A 165 20.06 17.62 21.16
CA ASP A 165 20.35 16.19 21.20
C ASP A 165 19.55 15.47 20.10
N GLU A 166 18.80 14.41 20.46
CA GLU A 166 18.10 13.65 19.43
C GLU A 166 16.79 14.31 18.99
N PHE A 167 16.45 15.44 19.59
CA PHE A 167 15.20 16.14 19.27
C PHE A 167 15.44 17.22 18.21
N GLN A 168 15.22 16.86 16.95
CA GLN A 168 15.66 17.69 15.84
C GLN A 168 14.56 17.92 14.82
N GLY A 169 14.69 19.03 14.10
CA GLY A 169 13.84 19.28 12.95
C GLY A 169 12.43 19.72 13.26
N HIS A 170 11.56 19.46 12.29
CA HIS A 170 10.19 19.94 12.25
C HIS A 170 9.48 20.09 13.60
N ASP A 171 9.50 19.05 14.43
CA ASP A 171 8.68 19.03 15.61
C ASP A 171 9.20 19.92 16.71
N TYR A 172 10.48 20.26 16.66
CA TYR A 172 11.11 20.88 17.82
C TYR A 172 11.55 22.32 17.58
N LEU A 173 11.54 22.75 16.33
CA LEU A 173 11.94 24.10 15.97
C LEU A 173 10.92 25.13 16.40
N ALA A 174 11.37 26.37 16.56
CA ALA A 174 10.44 27.46 16.86
C ALA A 174 10.92 28.78 16.27
N GLU A 175 11.73 29.52 17.01
CA GLU A 175 11.99 30.90 16.59
C GLU A 175 12.74 31.01 15.28
N ASP A 176 13.56 30.02 14.93
CA ASP A 176 14.26 30.06 13.65
C ASP A 176 13.29 30.09 12.48
N ILE A 177 12.09 29.54 12.66
CA ILE A 177 11.15 29.48 11.56
C ILE A 177 9.99 30.44 11.75
N GLY A 178 10.10 31.30 12.76
CA GLY A 178 9.03 32.21 13.09
C GLY A 178 9.20 33.62 12.54
N ALA A 179 9.10 34.59 13.44
CA ALA A 179 9.11 36.00 13.07
C ALA A 179 10.31 36.40 12.20
N ARG A 180 11.51 36.02 12.61
CA ARG A 180 12.70 36.40 11.84
C ARG A 180 12.58 35.87 10.42
N TYR A 181 12.04 34.66 10.30
CA TYR A 181 11.86 34.09 8.97
C TYR A 181 10.85 34.91 8.19
N ALA A 182 9.74 35.26 8.82
CA ALA A 182 8.72 36.02 8.11
C ALA A 182 9.29 37.36 7.66
N ILE A 183 10.03 38.03 8.53
CA ILE A 183 10.58 39.34 8.21
C ILE A 183 11.61 39.24 7.10
N SER A 184 12.50 38.27 7.24
CA SER A 184 13.55 38.04 6.27
C SER A 184 12.99 37.69 4.90
N HIS A 185 11.75 37.22 4.86
CA HIS A 185 11.15 36.90 3.59
C HIS A 185 10.05 37.84 3.19
N GLY A 186 10.11 39.06 3.69
CA GLY A 186 9.36 40.13 3.04
C GLY A 186 8.51 40.96 3.95
N ALA A 187 8.24 40.48 5.16
CA ALA A 187 7.34 41.21 6.03
C ALA A 187 8.10 42.34 6.73
N ILE A 188 8.71 43.21 5.94
CA ILE A 188 9.42 44.33 6.53
C ILE A 188 8.50 45.54 6.62
N SER A 189 8.90 46.50 7.44
CA SER A 189 8.14 47.72 7.64
C SER A 189 9.04 48.73 8.34
N ASP A 190 8.60 49.98 8.43
CA ASP A 190 9.40 51.01 9.08
C ASP A 190 9.47 50.79 10.58
N TYR A 191 8.33 50.42 11.15
CA TYR A 191 8.24 50.17 12.57
C TYR A 191 7.44 48.89 12.87
N ALA A 192 7.57 48.36 14.07
CA ALA A 192 6.80 47.18 14.38
C ALA A 192 6.38 47.18 15.83
N LEU A 193 5.10 46.94 16.04
CA LEU A 193 4.59 46.82 17.39
C LEU A 193 4.32 45.36 17.64
N VAL A 194 4.93 44.83 18.69
CA VAL A 194 4.72 43.44 19.04
C VAL A 194 3.67 43.40 20.14
N ALA A 195 2.51 42.82 19.81
CA ALA A 195 1.35 42.80 20.69
C ALA A 195 1.41 41.58 21.61
N GLU A 196 1.71 41.83 22.87
CA GLU A 196 1.79 40.80 23.89
C GLU A 196 1.22 41.41 25.15
N ALA A 197 0.96 40.56 26.14
CA ALA A 197 0.38 41.05 27.38
C ALA A 197 1.45 41.68 28.29
N THR A 198 1.72 42.95 28.05
CA THR A 198 2.40 43.79 29.03
C THR A 198 1.22 44.43 29.73
N ASN A 199 1.40 45.21 30.77
CA ASN A 199 0.16 45.75 31.32
C ASN A 199 -0.03 47.17 30.85
N PHE A 200 -0.38 47.31 29.57
CA PHE A 200 -0.29 48.58 28.85
C PHE A 200 1.02 49.31 29.13
N LYS A 201 2.08 48.56 29.41
CA LYS A 201 3.40 49.14 29.59
C LYS A 201 4.27 48.79 28.39
N PRO A 202 4.79 49.80 27.68
CA PRO A 202 5.62 49.55 26.51
C PRO A 202 7.04 49.22 26.91
N ALA A 203 7.62 48.22 26.25
CA ALA A 203 9.03 47.91 26.46
C ALA A 203 9.72 47.85 25.11
N TRP A 204 10.99 48.24 25.07
CA TRP A 204 11.73 48.16 23.83
C TRP A 204 13.16 47.76 24.06
N VAL A 205 13.37 47.02 25.14
CA VAL A 205 14.56 46.21 25.31
C VAL A 205 14.13 44.80 25.73
N GLU A 206 14.78 43.77 25.20
CA GLU A 206 14.55 42.40 25.64
C GLU A 206 15.87 41.68 25.82
N ALA A 207 15.84 40.57 26.52
CA ALA A 207 17.05 39.80 26.75
C ALA A 207 17.37 38.91 25.56
N GLY A 208 18.63 38.52 25.48
CA GLY A 208 19.03 37.44 24.62
C GLY A 208 19.03 36.19 25.49
N LYS A 209 19.73 35.16 25.04
CA LYS A 209 19.80 33.93 25.80
C LYS A 209 20.85 32.99 25.23
N VAL A 210 21.45 32.23 26.13
CA VAL A 210 22.26 31.11 25.74
C VAL A 210 21.77 29.88 26.55
N PHE A 211 21.51 28.78 25.86
CA PHE A 211 21.16 27.53 26.53
C PHE A 211 22.41 26.67 26.63
N LEU A 212 22.67 26.12 27.81
CA LEU A 212 23.81 25.25 28.01
C LEU A 212 23.38 23.85 28.39
N LYS A 213 23.97 22.86 27.75
CA LYS A 213 23.88 21.49 28.22
C LYS A 213 25.14 21.21 29.03
N VAL A 214 24.93 20.95 30.32
CA VAL A 214 26.02 20.66 31.21
C VAL A 214 26.01 19.18 31.54
N THR A 215 27.04 18.47 31.10
CA THR A 215 27.13 17.04 31.31
C THR A 215 28.28 16.68 32.23
N VAL A 216 27.94 16.19 33.41
CA VAL A 216 28.92 15.76 34.39
C VAL A 216 29.34 14.33 34.13
N PHE A 217 30.64 14.06 34.23
CA PHE A 217 31.19 12.72 34.00
C PHE A 217 31.63 12.08 35.30
N ALA A 218 31.43 10.78 35.40
CA ALA A 218 31.86 10.06 36.59
C ALA A 218 32.21 8.65 36.22
N GLY A 219 31.59 7.67 36.88
CA GLY A 219 31.86 6.27 36.58
C GLY A 219 33.05 5.76 37.38
N PRO A 220 33.42 4.50 37.16
CA PRO A 220 32.79 3.58 36.21
C PRO A 220 31.46 3.07 36.75
N SER A 221 30.53 2.79 35.84
CA SER A 221 29.23 2.22 36.19
C SER A 221 29.39 0.81 36.74
N ARG A 222 28.51 0.43 37.66
CA ARG A 222 28.52 -0.91 38.21
C ARG A 222 27.09 -1.40 38.40
N TYR A 223 26.91 -2.69 38.18
CA TYR A 223 25.70 -3.40 38.51
C TYR A 223 25.43 -3.11 39.99
N THR A 224 24.20 -2.78 40.33
CA THR A 224 23.87 -2.36 41.69
C THR A 224 24.50 -3.22 42.81
N PRO A 225 24.45 -4.56 42.69
CA PRO A 225 25.06 -5.38 43.74
C PRO A 225 26.55 -5.12 43.96
N TYR A 226 27.19 -4.39 43.05
CA TYR A 226 28.61 -4.09 43.19
C TYR A 226 28.93 -2.62 43.50
N VAL A 227 27.93 -1.77 43.69
CA VAL A 227 28.26 -0.36 43.86
C VAL A 227 29.06 -0.14 45.15
N PRO A 228 30.14 0.66 45.07
CA PRO A 228 30.96 0.96 46.23
C PRO A 228 30.28 2.00 47.10
N ARG A 229 30.25 1.75 48.42
CA ARG A 229 29.75 2.71 49.41
C ARG A 229 30.52 2.48 50.70
N PRO A 230 30.72 3.53 51.51
CA PRO A 230 30.26 4.89 51.26
C PRO A 230 31.27 5.66 50.43
N VAL A 231 30.80 6.65 49.68
CA VAL A 231 31.63 7.49 48.85
C VAL A 231 31.11 8.92 48.96
N ALA A 232 32.02 9.88 49.09
CA ALA A 232 31.65 11.29 49.15
C ALA A 232 30.94 11.67 47.85
N ALA A 233 29.91 12.50 47.96
CA ALA A 233 29.03 12.78 46.82
C ALA A 233 29.83 13.27 45.61
N LEU A 234 30.75 14.19 45.82
CA LEU A 234 31.54 14.70 44.69
C LEU A 234 32.43 13.64 44.08
N ASP A 235 32.64 12.55 44.79
CA ASP A 235 33.49 11.49 44.27
C ASP A 235 32.67 10.30 43.79
N SER A 236 31.35 10.39 43.90
CA SER A 236 30.50 9.25 43.55
C SER A 236 30.73 8.81 42.12
N PRO A 237 30.76 7.49 41.89
CA PRO A 237 30.87 7.00 40.53
C PRO A 237 29.56 7.23 39.80
N ASN A 238 28.49 7.51 40.53
CA ASN A 238 27.19 7.80 39.92
C ASN A 238 27.10 9.28 39.53
N ALA A 239 27.08 9.57 38.23
CA ALA A 239 27.07 10.96 37.75
C ALA A 239 25.85 11.73 38.25
N ILE A 240 24.75 11.04 38.53
CA ILE A 240 23.56 11.69 39.07
C ILE A 240 23.89 12.29 40.43
N VAL A 241 24.63 11.53 41.23
CA VAL A 241 24.96 11.98 42.57
C VAL A 241 25.90 13.20 42.51
N ARG A 242 26.84 13.18 41.58
CA ARG A 242 27.70 14.35 41.39
C ARG A 242 26.88 15.51 40.89
N MET A 243 25.98 15.25 39.94
CA MET A 243 25.18 16.33 39.37
C MET A 243 24.37 17.02 40.45
N ALA A 244 23.89 16.26 41.44
CA ALA A 244 23.12 16.83 42.53
C ALA A 244 23.93 17.90 43.29
N LYS A 245 25.23 17.69 43.46
CA LYS A 245 26.06 18.73 44.07
C LYS A 245 26.24 19.93 43.14
N LEU A 246 26.48 19.65 41.86
CA LEU A 246 26.70 20.73 40.90
C LEU A 246 25.46 21.60 40.81
N VAL A 247 24.29 20.97 40.90
CA VAL A 247 23.04 21.69 40.82
C VAL A 247 23.00 22.76 41.89
N GLU A 248 23.42 22.41 43.11
CA GLU A 248 23.39 23.35 44.21
C GLU A 248 24.33 24.52 43.91
N ALA A 249 25.52 24.21 43.42
CA ALA A 249 26.48 25.25 43.13
C ALA A 249 25.98 26.16 42.02
N LEU A 250 25.29 25.59 41.04
CA LEU A 250 24.80 26.41 39.94
C LEU A 250 23.63 27.29 40.37
N GLU A 251 22.86 26.87 41.37
CA GLU A 251 21.76 27.68 41.85
C GLU A 251 22.32 28.92 42.55
N GLU A 252 23.42 28.71 43.25
CA GLU A 252 24.10 29.79 43.94
C GLU A 252 24.63 30.79 42.93
N TRP A 253 25.35 30.30 41.93
CA TRP A 253 25.78 31.13 40.82
C TRP A 253 24.62 31.88 40.17
N ALA A 254 23.50 31.19 39.98
CA ALA A 254 22.34 31.81 39.32
C ALA A 254 21.78 32.95 40.15
N ASP A 255 21.83 32.80 41.46
CA ASP A 255 21.32 33.81 42.38
C ASP A 255 22.08 35.12 42.20
N ASN A 256 23.39 35.01 41.95
CA ASN A 256 24.25 36.19 41.79
C ASN A 256 24.31 36.70 40.38
N TYR A 257 24.20 35.79 39.43
CA TYR A 257 24.29 36.17 38.03
C TYR A 257 23.28 37.24 37.72
N GLU A 258 22.05 37.08 38.17
CA GLU A 258 21.03 38.04 37.80
C GLU A 258 21.29 39.41 38.44
N LYS A 259 21.94 39.40 39.60
CA LYS A 259 22.39 40.66 40.24
C LYS A 259 23.47 41.31 39.39
N ARG A 260 24.52 40.55 39.11
CA ARG A 260 25.71 41.10 38.47
C ARG A 260 25.46 41.60 37.05
N TYR A 261 24.42 41.09 36.41
CA TYR A 261 24.23 41.45 35.02
C TYR A 261 22.97 42.24 34.84
N THR A 262 22.36 42.65 35.94
CA THR A 262 21.24 43.57 35.83
C THR A 262 21.76 44.82 35.15
N ARG A 263 20.95 45.42 34.31
CA ARG A 263 21.41 46.54 33.50
C ARG A 263 20.27 47.41 33.02
N GLU A 264 20.43 48.71 33.23
CA GLU A 264 19.37 49.66 32.92
C GLU A 264 19.48 50.16 31.48
N TYR A 265 18.36 50.18 30.78
CA TYR A 265 18.35 50.71 29.43
C TYR A 265 17.22 51.70 29.32
N GLY A 266 17.27 52.55 28.30
CA GLY A 266 16.16 53.46 28.08
C GLY A 266 14.85 52.69 27.96
N GLY A 267 14.91 51.54 27.29
CA GLY A 267 13.72 50.78 26.99
C GLY A 267 13.28 49.88 28.13
N GLY A 268 14.01 49.94 29.23
CA GLY A 268 13.75 49.04 30.34
C GLY A 268 15.00 48.65 31.11
N THR A 269 14.79 48.02 32.24
CA THR A 269 15.87 47.53 33.07
C THR A 269 15.92 46.02 32.91
N VAL A 270 17.03 45.49 32.43
CA VAL A 270 17.10 44.06 32.20
C VAL A 270 17.64 43.35 33.42
N VAL A 271 16.87 42.39 33.92
CA VAL A 271 17.30 41.48 34.97
C VAL A 271 17.32 40.08 34.37
N PRO A 272 18.49 39.66 33.90
CA PRO A 272 18.66 38.41 33.18
C PRO A 272 18.71 37.25 34.16
N LYS A 273 17.75 36.34 34.07
CA LYS A 273 17.68 35.24 35.03
C LYS A 273 18.17 33.92 34.46
N VAL A 274 18.42 32.99 35.37
CA VAL A 274 18.90 31.67 35.07
C VAL A 274 17.96 30.63 35.67
N ALA A 275 17.64 29.59 34.91
CA ALA A 275 16.91 28.47 35.50
C ALA A 275 17.40 27.15 34.91
N ILE A 276 17.31 26.09 35.72
CA ILE A 276 17.60 24.76 35.25
C ILE A 276 16.30 24.10 34.76
N GLY A 277 16.16 23.97 33.45
CA GLY A 277 14.91 23.56 32.85
C GLY A 277 14.71 22.07 32.64
N ALA A 278 15.79 21.30 32.63
CA ALA A 278 15.65 19.86 32.49
C ALA A 278 16.86 19.15 33.00
N ILE A 279 16.67 17.90 33.40
CA ILE A 279 17.76 17.04 33.78
C ILE A 279 17.47 15.65 33.29
N ARG A 280 18.50 14.95 32.83
CA ARG A 280 18.35 13.53 32.57
C ARG A 280 19.68 12.82 32.70
N GLY A 281 19.63 11.60 33.23
CA GLY A 281 20.80 10.76 33.42
C GLY A 281 20.30 9.33 33.42
N GLY A 282 21.01 8.44 32.73
CA GLY A 282 20.53 7.08 32.54
C GLY A 282 19.19 7.04 31.82
N VAL A 283 18.60 5.86 31.74
CA VAL A 283 17.27 5.73 31.18
C VAL A 283 16.41 4.88 32.11
N PRO A 284 15.13 5.26 32.25
CA PRO A 284 14.24 4.64 33.23
C PRO A 284 14.05 3.17 33.00
N TYR A 285 14.18 2.69 31.76
CA TYR A 285 13.85 1.30 31.51
C TYR A 285 15.06 0.37 31.66
N LYS A 286 16.21 0.92 32.04
CA LYS A 286 17.40 0.11 32.37
C LYS A 286 18.14 0.73 33.53
N ILE A 287 17.81 0.37 34.77
CA ILE A 287 18.32 1.11 35.91
C ILE A 287 19.20 0.27 36.82
N TYR A 288 19.64 -0.88 36.36
CA TYR A 288 20.39 -1.79 37.21
C TYR A 288 21.88 -1.43 37.27
N ALA A 289 22.30 -0.47 36.47
CA ALA A 289 23.68 0.05 36.51
C ALA A 289 23.67 1.56 36.38
N PHE A 290 24.17 2.27 37.38
CA PHE A 290 23.99 3.71 37.39
C PHE A 290 24.79 4.34 36.24
N PRO A 291 24.41 5.54 35.82
CA PRO A 291 25.03 6.19 34.67
C PRO A 291 26.36 6.88 34.98
N GLU A 292 27.26 6.82 34.02
CA GLU A 292 28.56 7.45 34.10
C GLU A 292 28.47 8.91 33.70
N LEU A 293 27.31 9.33 33.21
CA LEU A 293 27.12 10.74 32.90
C LEU A 293 25.68 11.21 33.13
N CYS A 294 25.53 12.50 33.36
CA CYS A 294 24.24 13.09 33.70
C CYS A 294 24.26 14.50 33.15
N SER A 295 23.15 14.93 32.56
CA SER A 295 23.08 16.25 31.93
C SER A 295 21.97 17.11 32.48
N ILE A 296 22.26 18.40 32.65
CA ILE A 296 21.19 19.36 32.85
C ILE A 296 21.17 20.34 31.68
N TYR A 297 20.05 21.04 31.50
CA TYR A 297 19.89 21.97 30.43
C TYR A 297 19.54 23.30 31.06
N MET A 298 20.39 24.30 30.88
CA MET A 298 20.21 25.59 31.54
C MET A 298 19.73 26.67 30.59
N ASP A 299 18.75 27.43 31.06
CA ASP A 299 18.25 28.62 30.38
C ASP A 299 18.88 29.83 31.04
N ILE A 300 19.81 30.46 30.34
CA ILE A 300 20.48 31.64 30.86
C ILE A 300 20.17 32.87 30.00
N ARG A 301 19.41 33.80 30.54
CA ARG A 301 19.11 35.03 29.82
C ARG A 301 20.33 35.95 29.77
N LEU A 302 20.43 36.73 28.71
CA LEU A 302 21.56 37.63 28.52
C LEU A 302 21.06 39.02 28.34
N ASN A 303 21.63 39.98 29.05
CA ASN A 303 21.34 41.35 28.65
C ASN A 303 21.97 41.54 27.28
N PRO A 304 21.50 42.54 26.54
CA PRO A 304 21.97 42.77 25.18
C PRO A 304 23.47 42.90 25.06
N ASP A 305 24.19 43.14 26.16
CA ASP A 305 25.61 43.39 26.02
C ASP A 305 26.48 42.28 26.58
N THR A 306 25.91 41.10 26.78
CA THR A 306 26.70 40.01 27.32
C THR A 306 26.97 38.94 26.27
N ASN A 307 28.25 38.66 26.04
CA ASN A 307 28.68 37.63 25.11
C ASN A 307 28.44 36.25 25.71
N PRO A 308 27.83 35.36 24.94
CA PRO A 308 27.44 34.05 25.49
C PRO A 308 28.64 33.26 26.00
N LEU A 309 29.81 33.48 25.41
CA LEU A 309 31.00 32.76 25.82
C LEU A 309 31.47 33.15 27.21
N VAL A 310 31.21 34.39 27.61
CA VAL A 310 31.57 34.85 28.95
C VAL A 310 30.80 34.02 29.96
N VAL A 311 29.51 33.85 29.70
CA VAL A 311 28.64 33.06 30.53
C VAL A 311 29.07 31.59 30.53
N GLN A 312 29.34 31.04 29.34
CA GLN A 312 29.83 29.68 29.30
C GLN A 312 31.04 29.50 30.22
N ARG A 313 31.96 30.45 30.16
CA ARG A 313 33.16 30.40 30.97
C ARG A 313 32.85 30.43 32.45
N GLU A 314 31.91 31.28 32.85
CA GLU A 314 31.50 31.34 34.25
C GLU A 314 30.94 30.01 34.73
N VAL A 315 30.16 29.35 33.89
CA VAL A 315 29.57 28.07 34.29
C VAL A 315 30.67 27.03 34.39
N GLU A 316 31.63 27.07 33.48
CA GLU A 316 32.77 26.18 33.54
C GLU A 316 33.59 26.40 34.82
N ALA A 317 33.65 27.64 35.29
CA ALA A 317 34.40 27.95 36.50
C ALA A 317 33.70 27.34 37.70
N VAL A 318 32.38 27.36 37.70
CA VAL A 318 31.63 26.72 38.76
C VAL A 318 31.93 25.22 38.80
N VAL A 319 31.90 24.58 37.64
CA VAL A 319 32.20 23.15 37.56
C VAL A 319 33.60 22.86 38.08
N SER A 320 34.54 23.74 37.72
CA SER A 320 35.93 23.55 38.09
C SER A 320 36.18 23.73 39.58
N LYS A 321 35.47 24.66 40.21
CA LYS A 321 35.69 24.91 41.63
C LYS A 321 35.25 23.74 42.49
N LEU A 322 34.40 22.88 41.96
CA LEU A 322 33.97 21.70 42.69
C LEU A 322 34.85 20.49 42.36
N GLY A 323 35.81 20.66 41.46
CA GLY A 323 36.65 19.55 41.07
C GLY A 323 35.98 18.54 40.17
N LEU A 324 34.87 18.92 39.54
CA LEU A 324 34.18 18.03 38.63
C LEU A 324 34.67 18.13 37.18
N LYS A 325 34.51 17.05 36.43
CA LYS A 325 34.70 17.08 34.99
C LYS A 325 33.36 17.17 34.34
N ALA A 326 33.21 18.07 33.38
CA ALA A 326 31.94 18.28 32.73
C ALA A 326 32.12 18.91 31.36
N GLU A 327 31.19 18.63 30.47
CA GLU A 327 31.12 19.35 29.21
C GLU A 327 30.09 20.45 29.38
N VAL A 328 30.46 21.68 29.08
CA VAL A 328 29.49 22.75 29.10
C VAL A 328 29.29 23.18 27.67
N LYS A 329 28.17 22.77 27.08
CA LYS A 329 27.95 22.91 25.65
C LYS A 329 26.80 23.85 25.31
N PRO A 330 27.08 24.96 24.62
CA PRO A 330 25.96 25.82 24.21
C PRO A 330 25.16 25.16 23.11
N PHE A 331 23.83 25.17 23.19
CA PHE A 331 23.04 24.66 22.07
C PHE A 331 22.02 25.66 21.58
N LEU A 332 22.05 26.86 22.16
CA LEU A 332 21.21 27.93 21.67
C LEU A 332 21.85 29.26 22.02
N PHE A 333 21.88 30.16 21.05
CA PHE A 333 22.30 31.52 21.33
C PHE A 333 21.52 32.48 20.48
N ARG A 334 20.84 33.42 21.13
CA ARG A 334 20.15 34.51 20.45
C ARG A 334 20.44 35.82 21.17
N ARG A 335 20.62 36.88 20.41
CA ARG A 335 20.93 38.16 21.02
C ARG A 335 19.65 38.87 21.39
N GLY A 336 19.72 39.70 22.41
CA GLY A 336 18.63 40.61 22.72
C GLY A 336 19.02 42.02 22.30
N TYR A 337 18.02 42.87 22.08
CA TYR A 337 18.25 44.21 21.55
C TYR A 337 17.42 45.28 22.25
N GLU A 338 18.02 46.45 22.41
CA GLU A 338 17.25 47.66 22.67
C GLU A 338 16.97 48.33 21.34
N ALA A 339 15.73 48.73 21.11
CA ALA A 339 15.37 49.40 19.87
C ALA A 339 16.15 50.69 19.75
N GLN A 340 16.54 51.01 18.52
CA GLN A 340 17.21 52.24 18.15
C GLN A 340 16.28 53.04 17.26
N GLY A 341 16.03 54.29 17.61
CA GLY A 341 15.15 55.13 16.82
C GLY A 341 13.69 54.76 17.00
N ILE A 342 13.33 54.42 18.23
CA ILE A 342 11.98 53.98 18.53
C ILE A 342 11.03 55.17 18.61
N GLU A 343 11.60 56.37 18.71
CA GLU A 343 10.85 57.56 19.11
C GLU A 343 9.53 57.79 18.35
N PRO A 344 9.56 57.70 17.03
CA PRO A 344 8.27 57.90 16.34
C PRO A 344 7.20 56.89 16.74
N LEU A 345 7.56 55.63 16.92
CA LEU A 345 6.58 54.64 17.32
C LEU A 345 6.24 54.87 18.79
N GLN A 346 7.26 55.08 19.60
CA GLN A 346 7.04 55.28 21.03
C GLN A 346 6.08 56.47 21.27
N ASN A 347 6.29 57.55 20.55
CA ASN A 347 5.45 58.72 20.68
C ASN A 347 4.04 58.49 20.15
N ALA A 348 3.91 57.88 18.98
CA ALA A 348 2.59 57.61 18.44
C ALA A 348 1.80 56.72 19.40
N LEU A 349 2.51 55.76 19.99
CA LEU A 349 1.93 54.88 20.98
C LEU A 349 1.52 55.67 22.21
N GLU A 350 2.46 56.42 22.79
CA GLU A 350 2.20 57.19 24.00
C GLU A 350 1.00 58.12 23.86
N VAL A 351 0.89 58.76 22.70
CA VAL A 351 -0.22 59.66 22.43
C VAL A 351 -1.55 58.92 22.43
N ALA A 352 -1.59 57.79 21.74
CA ALA A 352 -2.80 56.97 21.68
C ALA A 352 -3.16 56.41 23.07
N HIS A 353 -2.15 55.94 23.79
CA HIS A 353 -2.33 55.38 25.12
C HIS A 353 -2.92 56.41 26.08
N ARG A 354 -2.35 57.60 26.08
CA ARG A 354 -2.82 58.65 26.99
C ARG A 354 -4.26 59.03 26.70
N GLU A 355 -4.61 59.09 25.42
CA GLU A 355 -5.97 59.44 25.04
C GLU A 355 -6.97 58.31 25.31
N VAL A 356 -6.48 57.07 25.39
CA VAL A 356 -7.38 55.93 25.54
C VAL A 356 -7.35 55.36 26.95
N VAL A 357 -6.18 55.33 27.57
CA VAL A 357 -6.06 54.82 28.92
C VAL A 357 -6.08 55.96 29.92
N GLY A 358 -5.92 57.18 29.43
CA GLY A 358 -6.14 58.37 30.25
C GLY A 358 -4.98 58.77 31.12
N ARG A 359 -3.94 57.93 31.21
CA ARG A 359 -2.74 58.28 31.93
C ARG A 359 -1.51 58.05 31.06
N PRO A 360 -0.37 58.63 31.42
CA PRO A 360 0.85 58.32 30.69
C PRO A 360 1.25 56.87 30.92
N THR A 361 2.06 56.30 30.05
CA THR A 361 2.50 54.93 30.22
C THR A 361 3.51 54.84 31.37
N GLU A 362 3.46 53.73 32.09
CA GLU A 362 4.48 53.44 33.12
C GLU A 362 5.57 52.56 32.53
N ARG A 363 6.79 52.71 33.02
CA ARG A 363 7.86 51.82 32.59
C ARG A 363 7.52 50.36 32.93
N PRO A 364 8.01 49.44 32.09
CA PRO A 364 7.62 48.03 32.21
C PRO A 364 8.34 47.33 33.34
N GLY A 365 7.70 46.32 33.93
CA GLY A 365 8.37 45.48 34.92
C GLY A 365 9.57 44.83 34.28
N SER A 366 10.60 44.56 35.07
CA SER A 366 11.83 43.98 34.54
C SER A 366 11.66 42.68 33.75
N PRO A 367 10.87 41.73 34.28
CA PRO A 367 10.70 40.46 33.55
C PRO A 367 10.22 40.69 32.13
N GLU A 368 9.33 41.65 31.94
CA GLU A 368 8.80 41.96 30.62
C GLU A 368 9.87 42.65 29.75
N CYS A 369 10.97 43.07 30.37
CA CYS A 369 12.11 43.64 29.65
C CYS A 369 13.24 42.65 29.52
N SER A 370 13.04 41.47 30.08
CA SER A 370 14.16 40.55 30.29
C SER A 370 13.85 39.17 29.78
N MET A 371 12.99 39.11 28.76
CA MET A 371 12.55 37.84 28.22
C MET A 371 12.86 37.77 26.74
N TRP A 372 12.34 36.76 26.06
CA TRP A 372 12.34 36.77 24.61
C TRP A 372 11.01 37.31 24.11
N ARG A 373 11.08 38.25 23.18
CA ARG A 373 9.91 38.70 22.46
C ARG A 373 10.32 38.98 21.03
N ASP A 374 9.36 38.97 20.12
CA ASP A 374 9.71 39.11 18.72
C ASP A 374 10.09 40.53 18.34
N THR A 375 10.23 41.42 19.34
CA THR A 375 10.85 42.70 19.06
C THR A 375 12.32 42.45 18.72
N ASN A 376 12.90 41.37 19.24
CA ASN A 376 14.32 41.12 19.00
C ASN A 376 14.63 40.99 17.51
N PRO A 377 13.94 40.08 16.80
CA PRO A 377 14.14 39.96 15.34
C PRO A 377 13.90 41.27 14.58
N TYR A 378 12.83 41.99 14.88
CA TYR A 378 12.61 43.27 14.23
C TYR A 378 13.79 44.24 14.45
N ASN A 379 14.17 44.41 15.70
CA ASN A 379 15.25 45.33 16.00
C ASN A 379 16.58 44.88 15.38
N GLU A 380 16.81 43.57 15.44
CA GLU A 380 18.00 43.00 14.82
C GLU A 380 18.03 43.38 13.35
N LEU A 381 16.89 43.38 12.71
CA LEU A 381 16.84 43.64 11.28
C LEU A 381 16.63 45.12 10.95
N GLY A 382 16.76 45.98 11.97
CA GLY A 382 16.71 47.41 11.76
C GLY A 382 15.31 48.01 11.69
N ILE A 383 14.33 47.28 12.18
CA ILE A 383 12.97 47.76 12.25
C ILE A 383 12.67 48.06 13.72
N PRO A 384 12.71 49.36 14.11
CA PRO A 384 12.48 49.72 15.51
C PRO A 384 11.17 49.14 16.00
N SER A 385 11.24 48.40 17.08
CA SER A 385 10.09 47.67 17.52
C SER A 385 9.96 47.71 19.04
N LEU A 386 8.73 47.83 19.51
CA LEU A 386 8.47 47.75 20.92
C LEU A 386 7.33 46.81 21.16
N THR A 387 7.19 46.37 22.40
CA THR A 387 6.10 45.47 22.69
C THR A 387 5.14 46.16 23.64
N TYR A 388 3.85 45.95 23.42
CA TYR A 388 2.80 46.58 24.21
C TYR A 388 1.47 45.86 23.98
N GLY A 389 0.69 45.72 25.05
CA GLY A 389 -0.67 45.19 24.95
C GLY A 389 -1.29 45.09 26.34
N CYS A 390 -2.52 44.63 26.43
CA CYS A 390 -3.20 44.55 27.73
C CYS A 390 -2.97 43.23 28.46
N GLY A 391 -2.74 43.29 29.77
CA GLY A 391 -2.83 42.09 30.60
C GLY A 391 -1.62 41.81 31.47
N GLY A 392 -1.79 40.93 32.45
CA GLY A 392 -0.67 40.42 33.22
C GLY A 392 0.06 39.34 32.42
N GLY A 393 1.36 39.16 32.68
CA GLY A 393 2.18 38.24 31.91
C GLY A 393 1.94 36.78 32.18
N ALA A 394 1.67 36.01 31.13
CA ALA A 394 1.35 34.59 31.24
C ALA A 394 2.47 33.78 31.87
N GLY A 395 3.72 34.16 31.62
CA GLY A 395 4.85 33.47 32.21
C GLY A 395 4.93 33.75 33.70
N GLY A 396 4.15 34.76 34.12
CA GLY A 396 4.13 35.26 35.48
C GLY A 396 3.42 34.48 36.58
N GLY A 397 2.21 33.98 36.32
CA GLY A 397 1.52 34.16 35.07
C GLY A 397 0.03 34.38 35.18
N ASN A 398 -0.45 35.41 34.50
CA ASN A 398 -1.86 35.75 34.48
C ASN A 398 -2.67 34.75 33.66
N THR A 399 -3.98 34.67 33.92
CA THR A 399 -4.83 33.65 33.32
C THR A 399 -6.13 34.18 32.71
N TYR A 400 -6.22 35.48 32.47
CA TYR A 400 -7.43 36.05 31.88
C TYR A 400 -7.27 37.50 31.42
N PHE A 401 -8.18 37.92 30.55
CA PHE A 401 -8.23 39.29 30.02
C PHE A 401 -9.57 39.93 30.32
N LEU A 402 -9.60 41.25 30.47
CA LEU A 402 -10.85 41.98 30.53
C LEU A 402 -11.21 42.45 29.15
N VAL A 403 -12.40 42.14 28.68
CA VAL A 403 -12.80 42.56 27.34
C VAL A 403 -12.74 44.08 27.21
N ASP A 404 -12.79 44.76 28.34
CA ASP A 404 -12.71 46.22 28.35
C ASP A 404 -11.30 46.68 28.02
N ASP A 405 -10.32 46.01 28.61
CA ASP A 405 -8.92 46.26 28.31
C ASP A 405 -8.59 45.92 26.86
N MET A 406 -9.03 44.75 26.40
CA MET A 406 -8.82 44.32 25.03
C MET A 406 -9.40 45.32 24.07
N LEU A 407 -10.51 45.94 24.44
CA LEU A 407 -11.10 46.93 23.57
C LEU A 407 -10.24 48.19 23.59
N LYS A 408 -9.70 48.52 24.76
CA LYS A 408 -8.81 49.67 24.87
C LYS A 408 -7.61 49.47 23.97
N ALA A 409 -6.93 48.33 24.13
CA ALA A 409 -5.75 48.01 23.34
C ALA A 409 -6.01 48.10 21.84
N ALA A 410 -7.16 47.62 21.39
CA ALA A 410 -7.45 47.67 19.96
C ALA A 410 -7.51 49.11 19.50
N LYS A 411 -7.93 49.99 20.40
CA LYS A 411 -8.02 51.40 20.09
C LYS A 411 -6.64 52.05 20.09
N VAL A 412 -5.83 51.73 21.10
CA VAL A 412 -4.45 52.18 21.11
C VAL A 412 -3.76 51.78 19.82
N TYR A 413 -3.93 50.53 19.41
CA TYR A 413 -3.33 50.05 18.16
C TYR A 413 -3.81 50.87 17.00
N ALA A 414 -5.11 51.02 16.86
CA ALA A 414 -5.62 51.65 15.65
C ALA A 414 -5.14 53.09 15.57
N MET A 415 -5.04 53.76 16.71
CA MET A 415 -4.67 55.17 16.70
C MET A 415 -3.19 55.34 16.43
N THR A 416 -2.40 54.41 16.96
CA THR A 416 -0.99 54.39 16.71
C THR A 416 -0.73 54.34 15.19
N ALA A 417 -1.50 53.53 14.48
CA ALA A 417 -1.33 53.39 13.04
C ALA A 417 -1.80 54.61 12.28
N MET A 418 -2.84 55.25 12.80
CA MET A 418 -3.37 56.43 12.13
C MET A 418 -2.34 57.54 12.19
N ASP A 419 -1.62 57.61 13.31
CA ASP A 419 -0.53 58.56 13.47
C ASP A 419 0.69 58.17 12.62
N LEU A 420 1.25 57.01 12.94
CA LEU A 420 2.51 56.57 12.36
C LEU A 420 2.45 56.42 10.86
N CYS A 421 1.38 55.82 10.37
CA CYS A 421 1.32 55.47 8.96
C CYS A 421 1.06 56.69 8.09
N ASN A 422 0.93 57.85 8.73
CA ASN A 422 0.82 59.08 7.97
C ASN A 422 2.06 59.94 8.11
N ARG A 423 3.05 59.48 8.86
CA ARG A 423 4.36 60.08 8.81
C ARG A 423 4.92 59.80 7.42
N THR A 424 5.54 60.78 6.80
CA THR A 424 6.24 60.50 5.56
C THR A 424 7.56 59.83 5.94
N PRO A 425 7.96 58.80 5.19
CA PRO A 425 9.15 58.01 5.54
C PRO A 425 10.45 58.83 5.57
N ASN B 5 35.16 -45.24 34.59
CA ASN B 5 34.05 -45.90 33.91
C ASN B 5 33.47 -44.97 32.85
N ASP B 6 32.16 -44.72 32.95
CA ASP B 6 31.49 -43.77 32.07
C ASP B 6 32.11 -42.39 32.20
N VAL B 7 32.50 -42.02 33.41
CA VAL B 7 33.08 -40.73 33.67
C VAL B 7 34.34 -40.53 32.84
N ALA B 8 35.23 -41.51 32.86
CA ALA B 8 36.49 -41.42 32.14
C ALA B 8 36.27 -41.22 30.64
N LYS B 9 35.33 -41.95 30.07
CA LYS B 9 35.01 -41.84 28.66
C LYS B 9 34.52 -40.44 28.30
N VAL B 10 33.74 -39.84 29.19
CA VAL B 10 33.16 -38.54 28.91
C VAL B 10 34.21 -37.46 29.04
N MET B 11 35.07 -37.58 30.05
CA MET B 11 36.19 -36.65 30.18
C MET B 11 37.04 -36.64 28.92
N LYS B 12 37.30 -37.82 28.38
CA LYS B 12 38.10 -37.97 27.16
C LYS B 12 37.41 -37.27 26.02
N THR B 13 36.14 -37.57 25.85
CA THR B 13 35.33 -36.95 24.82
C THR B 13 35.44 -35.44 24.90
N LEU B 14 35.32 -34.89 26.09
CA LEU B 14 35.39 -33.46 26.25
C LEU B 14 36.78 -32.92 25.92
N ASP B 15 37.82 -33.67 26.27
CA ASP B 15 39.18 -33.28 25.91
C ASP B 15 39.28 -33.03 24.41
N GLY B 16 38.65 -33.92 23.65
CA GLY B 16 38.64 -33.81 22.20
C GLY B 16 37.62 -32.87 21.61
N MET B 17 36.99 -32.02 22.41
CA MET B 17 35.97 -31.10 21.89
C MET B 17 36.34 -29.64 22.09
N ARG B 18 37.60 -29.37 22.36
CA ARG B 18 38.00 -28.00 22.64
C ARG B 18 37.65 -27.07 21.48
N GLU B 19 37.77 -27.54 20.24
CA GLU B 19 37.52 -26.68 19.09
C GLU B 19 36.06 -26.35 18.93
N GLY B 20 35.20 -27.31 19.26
CA GLY B 20 33.78 -27.07 19.23
C GLY B 20 33.36 -26.10 20.32
N LEU B 21 34.03 -26.18 21.46
CA LEU B 21 33.76 -25.30 22.58
C LEU B 21 34.12 -23.88 22.23
N ILE B 22 35.28 -23.74 21.61
CA ILE B 22 35.76 -22.42 21.19
C ILE B 22 34.85 -21.82 20.15
N GLN B 23 34.51 -22.63 19.16
CA GLN B 23 33.74 -22.14 18.04
C GLN B 23 32.32 -21.75 18.46
N THR B 24 31.69 -22.59 19.27
CA THR B 24 30.35 -22.32 19.77
C THR B 24 30.31 -21.03 20.57
N ALA B 25 31.29 -20.86 21.46
CA ALA B 25 31.32 -19.66 22.28
C ALA B 25 31.58 -18.40 21.44
N VAL B 26 32.45 -18.50 20.45
CA VAL B 26 32.77 -17.34 19.64
C VAL B 26 31.61 -17.00 18.71
N GLU B 27 31.00 -18.02 18.10
CA GLU B 27 29.87 -17.78 17.22
C GLU B 27 28.69 -17.20 17.99
N LEU B 28 28.34 -17.84 19.10
CA LEU B 28 27.29 -17.32 19.97
C LEU B 28 27.62 -15.93 20.42
N GLY B 29 28.81 -15.75 20.93
CA GLY B 29 29.22 -14.47 21.48
C GLY B 29 29.25 -13.35 20.44
N SER B 30 29.33 -13.71 19.17
CA SER B 30 29.45 -12.69 18.14
C SER B 30 28.09 -12.14 17.72
N ILE B 31 27.04 -12.84 18.10
CA ILE B 31 25.70 -12.43 17.75
C ILE B 31 25.23 -11.31 18.67
N GLU B 32 24.95 -10.16 18.09
CA GLU B 32 24.36 -9.06 18.82
C GLU B 32 23.07 -9.52 19.47
N ALA B 33 22.97 -9.41 20.78
CA ALA B 33 21.82 -9.93 21.49
C ALA B 33 21.52 -9.13 22.75
N PRO B 34 21.49 -7.80 22.64
CA PRO B 34 21.09 -7.00 23.78
C PRO B 34 19.66 -7.35 24.17
N THR B 35 19.37 -7.33 25.46
CA THR B 35 18.01 -7.57 25.92
C THR B 35 17.06 -6.78 25.04
N GLY B 36 16.10 -7.47 24.44
CA GLY B 36 15.20 -6.83 23.50
C GLY B 36 15.37 -7.34 22.09
N ARG B 37 16.54 -7.88 21.80
CA ARG B 37 16.80 -8.43 20.46
C ARG B 37 17.56 -9.75 20.54
N GLU B 38 17.21 -10.58 21.51
CA GLU B 38 17.86 -11.88 21.71
C GLU B 38 17.44 -12.92 20.69
N GLY B 39 16.58 -12.54 19.76
CA GLY B 39 16.01 -13.51 18.87
C GLY B 39 17.05 -14.30 18.08
N ALA B 40 17.98 -13.58 17.45
CA ALA B 40 19.00 -14.22 16.61
C ALA B 40 19.86 -15.17 17.43
N ALA B 41 20.15 -14.80 18.67
CA ALA B 41 20.93 -15.67 19.55
C ALA B 41 20.15 -16.94 19.84
N GLY B 42 18.86 -16.79 20.10
CA GLY B 42 17.98 -17.93 20.28
C GLY B 42 17.91 -18.83 19.07
N ASP B 43 17.88 -18.26 17.87
CA ASP B 43 17.84 -19.05 16.66
C ASP B 43 19.09 -19.91 16.51
N TYR B 44 20.24 -19.31 16.76
CA TYR B 44 21.50 -20.05 16.71
C TYR B 44 21.46 -21.26 17.67
N VAL B 45 21.04 -21.02 18.90
CA VAL B 45 20.99 -22.07 19.90
C VAL B 45 19.96 -23.13 19.51
N TYR B 46 18.82 -22.70 18.97
CA TYR B 46 17.85 -23.68 18.50
C TYR B 46 18.48 -24.60 17.43
N GLU B 47 19.12 -23.99 16.43
CA GLU B 47 19.71 -24.80 15.36
C GLU B 47 20.86 -25.66 15.88
N TRP B 48 21.60 -25.17 16.86
CA TRP B 48 22.68 -25.95 17.46
C TRP B 48 22.11 -27.16 18.18
N MET B 49 21.06 -26.95 18.96
CA MET B 49 20.43 -28.07 19.64
C MET B 49 19.80 -29.05 18.65
N ALA B 50 19.26 -28.54 17.55
CA ALA B 50 18.62 -29.40 16.55
C ALA B 50 19.64 -30.26 15.83
N ARG B 51 20.74 -29.67 15.40
CA ARG B 51 21.84 -30.42 14.77
C ARG B 51 22.32 -31.53 15.69
N ASN B 52 22.42 -31.23 16.98
CA ASN B 52 22.96 -32.19 17.94
C ASN B 52 21.89 -33.12 18.50
N GLY B 53 20.68 -33.03 17.96
CA GLY B 53 19.61 -33.96 18.28
C GLY B 53 18.99 -33.85 19.66
N PHE B 54 18.93 -32.64 20.20
CA PHE B 54 18.34 -32.40 21.51
C PHE B 54 16.86 -32.00 21.43
N GLY B 55 16.28 -32.07 20.24
CA GLY B 55 14.86 -31.80 20.06
C GLY B 55 14.37 -30.50 20.67
N PRO B 56 15.00 -29.38 20.30
CA PRO B 56 14.68 -28.08 20.90
C PRO B 56 13.29 -27.59 20.59
N GLU B 57 12.74 -26.78 21.48
CA GLU B 57 11.51 -26.05 21.22
C GLU B 57 11.72 -24.59 21.54
N ARG B 58 11.14 -23.71 20.73
CA ARG B 58 11.07 -22.31 21.07
C ARG B 58 9.88 -22.15 21.98
N VAL B 59 10.14 -21.61 23.17
CA VAL B 59 9.11 -21.39 24.18
C VAL B 59 9.15 -19.91 24.57
N GLY B 60 8.25 -19.13 24.00
CA GLY B 60 8.36 -17.69 24.12
C GLY B 60 7.05 -16.95 24.10
N VAL B 61 7.06 -15.77 24.67
CA VAL B 61 5.92 -14.87 24.65
C VAL B 61 5.83 -14.15 23.30
N PHE B 62 6.97 -13.91 22.67
CA PHE B 62 7.02 -13.26 21.37
C PHE B 62 7.76 -14.15 20.39
N ASP B 63 7.45 -14.03 19.11
CA ASP B 63 8.11 -14.92 18.15
C ASP B 63 9.57 -14.52 17.87
N ASP B 64 9.98 -13.30 18.24
CA ASP B 64 11.38 -12.95 18.09
C ASP B 64 12.12 -12.71 19.42
N ARG B 65 11.49 -13.11 20.53
CA ARG B 65 12.13 -13.10 21.84
C ARG B 65 11.65 -14.31 22.63
N PHE B 66 12.43 -15.37 22.62
CA PHE B 66 11.98 -16.65 23.14
C PHE B 66 13.06 -17.38 23.89
N ASN B 67 12.63 -18.32 24.70
CA ASN B 67 13.53 -19.25 25.34
C ASN B 67 13.69 -20.46 24.45
N VAL B 68 14.82 -21.15 24.56
CA VAL B 68 15.00 -22.38 23.82
C VAL B 68 15.21 -23.52 24.78
N VAL B 69 14.35 -24.52 24.70
CA VAL B 69 14.44 -25.64 25.62
C VAL B 69 14.64 -26.93 24.86
N GLY B 70 15.74 -27.60 25.16
CA GLY B 70 16.03 -28.89 24.58
C GLY B 70 16.21 -29.94 25.67
N ARG B 71 16.47 -31.17 25.25
CA ARG B 71 16.48 -32.28 26.18
C ARG B 71 17.42 -33.40 25.75
N LEU B 72 18.14 -33.93 26.72
CA LEU B 72 18.80 -35.21 26.58
C LEU B 72 18.04 -36.21 27.44
N ARG B 73 17.28 -37.09 26.81
CA ARG B 73 16.37 -37.95 27.56
C ARG B 73 17.13 -39.10 28.22
N GLY B 74 16.83 -39.35 29.49
CA GLY B 74 17.47 -40.43 30.23
C GLY B 74 16.72 -41.73 30.00
N THR B 75 17.18 -42.80 30.62
CA THR B 75 16.58 -44.11 30.39
C THR B 75 15.42 -44.40 31.34
N GLY B 76 15.25 -43.56 32.35
CA GLY B 76 14.11 -43.68 33.24
C GLY B 76 14.51 -43.88 34.69
N GLY B 77 13.75 -43.28 35.59
CA GLY B 77 13.91 -43.51 37.02
C GLY B 77 14.96 -42.69 37.74
N GLY B 78 15.46 -41.63 37.11
CA GLY B 78 16.48 -40.81 37.72
C GLY B 78 16.04 -39.36 37.89
N ALA B 79 16.73 -38.63 38.75
CA ALA B 79 16.48 -37.21 38.89
C ALA B 79 16.85 -36.48 37.61
N SER B 80 16.06 -35.49 37.22
CA SER B 80 16.40 -34.67 36.04
C SER B 80 17.09 -33.40 36.48
N LEU B 81 18.00 -32.92 35.64
CA LEU B 81 18.75 -31.72 35.94
C LEU B 81 18.67 -30.71 34.80
N SER B 82 18.33 -29.47 35.11
CA SER B 82 18.39 -28.41 34.13
C SER B 82 19.76 -27.75 34.12
N PHE B 83 20.24 -27.43 32.93
CA PHE B 83 21.31 -26.45 32.82
C PHE B 83 20.72 -25.19 32.18
N ASN B 84 21.12 -24.03 32.67
CA ASN B 84 20.50 -22.78 32.26
C ASN B 84 21.50 -21.62 32.11
N SER B 85 21.42 -20.89 31.01
CA SER B 85 22.12 -19.61 30.87
C SER B 85 21.26 -18.69 30.00
N HIS B 86 21.57 -17.41 29.96
CA HIS B 86 20.70 -16.51 29.23
C HIS B 86 21.30 -16.05 27.90
N LEU B 87 20.39 -15.68 27.00
CA LEU B 87 20.71 -15.35 25.61
C LEU B 87 20.98 -13.87 25.43
N ASP B 88 20.52 -13.06 26.38
CA ASP B 88 20.64 -11.62 26.21
C ASP B 88 21.94 -11.13 26.81
N THR B 89 22.45 -10.04 26.27
CA THR B 89 23.69 -9.44 26.73
C THR B 89 23.42 -7.99 27.15
N ILE B 90 24.40 -7.37 27.80
CA ILE B 90 24.22 -6.11 28.51
C ILE B 90 24.17 -4.89 27.62
N MET B 91 25.09 -4.81 26.67
CA MET B 91 25.33 -3.55 25.98
C MET B 91 24.61 -3.48 24.65
N ALA B 92 23.71 -2.50 24.53
CA ALA B 92 23.15 -2.12 23.25
C ALA B 92 24.03 -1.04 22.63
N ARG B 93 24.21 -1.07 21.31
CA ARG B 93 25.14 -0.13 20.66
C ARG B 93 24.71 1.32 20.85
N GLU B 94 23.64 1.50 21.60
CA GLU B 94 22.98 2.78 21.75
C GLU B 94 23.13 3.31 23.17
N ASP B 95 23.72 2.50 24.04
CA ASP B 95 23.72 2.76 25.48
C ASP B 95 24.68 3.85 25.95
N THR B 96 24.75 4.96 25.22
CA THR B 96 25.66 6.02 25.62
C THR B 96 25.02 6.91 26.68
N ALA B 97 23.78 6.61 27.03
CA ALA B 97 23.16 7.27 28.18
C ALA B 97 23.73 6.70 29.47
N ARG B 98 24.26 5.49 29.39
CA ARG B 98 24.77 4.83 30.58
C ARG B 98 26.28 4.86 30.63
N PHE B 99 26.92 4.48 29.54
CA PHE B 99 28.36 4.30 29.55
C PHE B 99 29.07 5.28 28.63
N ALA B 100 30.11 5.90 29.15
CA ALA B 100 30.91 6.83 28.37
C ALA B 100 31.67 6.10 27.24
N ASP B 101 32.07 4.86 27.49
CA ASP B 101 32.84 4.07 26.52
C ASP B 101 31.97 3.17 25.64
N ALA B 102 30.92 3.76 25.06
CA ALA B 102 29.98 2.99 24.25
C ALA B 102 30.62 2.44 22.98
N ASN B 103 30.29 1.19 22.67
CA ASN B 103 30.70 0.54 21.42
C ASN B 103 32.21 0.27 21.30
N ASP B 104 32.85 -0.02 22.44
CA ASP B 104 34.19 -0.59 22.41
C ASP B 104 34.09 -2.06 22.04
N ARG B 105 35.05 -2.55 21.25
CA ARG B 105 34.97 -3.88 20.66
C ARG B 105 34.61 -4.98 21.66
N ILE B 106 35.07 -4.81 22.90
CA ILE B 106 34.87 -5.81 23.93
C ILE B 106 33.39 -6.00 24.27
N TYR B 107 32.60 -4.95 24.08
CA TYR B 107 31.20 -5.01 24.46
C TYR B 107 30.32 -5.65 23.39
N HIS B 108 30.85 -5.82 22.18
CA HIS B 108 30.01 -6.18 21.03
C HIS B 108 30.56 -7.30 20.18
N GLU B 109 31.76 -7.76 20.47
CA GLU B 109 32.39 -8.80 19.67
C GLU B 109 32.93 -9.92 20.54
N ALA B 110 33.30 -11.02 19.91
CA ALA B 110 33.89 -12.15 20.61
C ALA B 110 34.89 -12.86 19.72
N TRP B 111 36.05 -13.20 20.25
CA TRP B 111 37.09 -13.81 19.44
C TRP B 111 38.04 -14.68 20.27
N HIS B 112 38.60 -15.72 19.65
CA HIS B 112 39.59 -16.54 20.33
C HIS B 112 41.01 -16.09 20.06
N GLU B 113 41.79 -15.85 21.11
CA GLU B 113 43.22 -15.63 20.93
C GLU B 113 44.03 -16.06 22.13
N GLU B 114 45.11 -16.80 21.86
CA GLU B 114 46.02 -17.27 22.90
C GLU B 114 45.30 -18.02 24.01
N GLY B 115 44.50 -19.00 23.64
CA GLY B 115 43.75 -19.80 24.60
C GLY B 115 42.79 -18.99 25.47
N ARG B 116 42.47 -17.79 25.02
CA ARG B 116 41.44 -16.98 25.67
C ARG B 116 40.29 -16.72 24.71
N ILE B 117 39.09 -16.60 25.26
CA ILE B 117 37.97 -16.10 24.47
C ILE B 117 37.55 -14.75 25.05
N TYR B 118 37.72 -13.69 24.27
CA TYR B 118 37.40 -12.35 24.75
C TYR B 118 35.97 -11.99 24.41
N GLY B 119 35.37 -11.14 25.24
CA GLY B 119 34.09 -10.52 24.92
C GLY B 119 33.15 -10.53 26.10
N TYR B 120 32.60 -9.36 26.44
CA TYR B 120 31.63 -9.29 27.51
C TYR B 120 30.44 -10.20 27.25
N SER B 121 30.14 -10.44 25.99
CA SER B 121 28.99 -11.26 25.69
C SER B 121 29.36 -12.72 25.87
N VAL B 122 30.66 -13.00 25.93
CA VAL B 122 31.11 -14.34 26.26
C VAL B 122 31.06 -14.55 27.77
N VAL B 123 31.60 -13.60 28.52
CA VAL B 123 31.57 -13.66 29.98
C VAL B 123 30.13 -13.73 30.48
N ASN B 124 29.23 -13.03 29.79
CA ASN B 124 27.85 -12.92 30.22
C ASN B 124 26.90 -12.84 29.03
N CYS B 125 26.43 -13.99 28.55
CA CYS B 125 26.64 -15.26 29.21
C CYS B 125 26.82 -16.40 28.21
N LYS B 126 27.35 -16.09 27.04
CA LYS B 126 27.48 -17.13 26.01
C LYS B 126 28.57 -18.15 26.36
N GLY B 127 29.56 -17.75 27.12
CA GLY B 127 30.63 -18.67 27.48
C GLY B 127 30.17 -19.84 28.33
N PRO B 128 29.59 -19.54 29.51
CA PRO B 128 29.03 -20.61 30.36
C PRO B 128 27.99 -21.41 29.59
N MET B 129 27.22 -20.76 28.72
CA MET B 129 26.23 -21.47 27.93
C MET B 129 26.91 -22.51 27.02
N ALA B 130 27.97 -22.11 26.35
CA ALA B 130 28.69 -23.01 25.48
C ALA B 130 29.20 -24.21 26.28
N CYS B 131 29.71 -23.95 27.49
CA CYS B 131 30.19 -25.01 28.37
C CYS B 131 29.19 -26.14 28.57
N TRP B 132 27.94 -25.83 28.92
CA TRP B 132 27.02 -26.92 29.14
C TRP B 132 26.40 -27.45 27.85
N LEU B 133 26.37 -26.65 26.79
CA LEU B 133 25.98 -27.20 25.50
C LEU B 133 26.97 -28.30 25.10
N ILE B 134 28.26 -28.00 25.24
CA ILE B 134 29.31 -28.97 24.96
C ILE B 134 29.22 -30.14 25.92
N ALA B 135 28.93 -29.87 27.19
CA ALA B 135 28.85 -30.94 28.15
C ALA B 135 27.74 -31.89 27.75
N ALA B 136 26.60 -31.34 27.34
CA ALA B 136 25.48 -32.16 26.93
C ALA B 136 25.81 -32.95 25.68
N LYS B 137 26.54 -32.33 24.76
CA LYS B 137 26.95 -33.00 23.53
C LYS B 137 27.84 -34.20 23.86
N ALA B 138 28.80 -33.97 24.76
CA ALA B 138 29.74 -35.02 25.12
C ALA B 138 29.03 -36.17 25.78
N LEU B 139 28.12 -35.84 26.69
CA LEU B 139 27.35 -36.86 27.39
C LEU B 139 26.62 -37.74 26.40
N LYS B 140 26.00 -37.11 25.41
CA LYS B 140 25.22 -37.81 24.41
C LYS B 140 26.12 -38.66 23.52
N GLU B 141 27.19 -38.06 23.02
CA GLU B 141 28.01 -38.72 22.03
C GLU B 141 28.86 -39.82 22.65
N ALA B 142 29.20 -39.68 23.93
CA ALA B 142 29.91 -40.77 24.60
C ALA B 142 28.92 -41.85 25.02
N GLY B 143 27.63 -41.57 24.88
CA GLY B 143 26.61 -42.51 25.30
C GLY B 143 26.63 -42.75 26.81
N ALA B 144 26.86 -41.69 27.56
CA ALA B 144 26.82 -41.76 29.02
C ALA B 144 25.49 -42.30 29.46
N ALA B 145 25.51 -43.18 30.46
CA ALA B 145 24.28 -43.76 30.99
C ALA B 145 23.65 -42.82 32.01
N LEU B 146 22.45 -42.34 31.70
CA LEU B 146 21.77 -41.42 32.58
C LEU B 146 20.32 -41.87 32.77
N LYS B 147 19.94 -42.16 34.00
CA LYS B 147 18.55 -42.54 34.24
C LYS B 147 17.60 -41.35 34.07
N GLY B 148 18.01 -40.18 34.55
CA GLY B 148 17.19 -38.99 34.47
C GLY B 148 17.49 -38.11 33.27
N ASP B 149 16.55 -37.25 32.90
CA ASP B 149 16.74 -36.30 31.81
C ASP B 149 17.73 -35.18 32.15
N VAL B 150 18.42 -34.69 31.12
CA VAL B 150 19.09 -33.41 31.24
C VAL B 150 18.31 -32.41 30.44
N VAL B 151 17.85 -31.35 31.09
CA VAL B 151 17.08 -30.33 30.40
C VAL B 151 18.00 -29.17 30.03
N LEU B 152 17.91 -28.71 28.79
CA LEU B 152 18.80 -27.71 28.26
C LEU B 152 18.01 -26.44 28.00
N THR B 153 18.23 -25.42 28.84
CA THR B 153 17.34 -24.29 28.85
C THR B 153 18.11 -22.99 28.62
N ALA B 154 17.98 -22.43 27.42
CA ALA B 154 18.58 -21.15 27.15
C ALA B 154 17.49 -20.09 27.14
N VAL B 155 17.63 -19.08 27.99
CA VAL B 155 16.52 -18.17 28.20
C VAL B 155 16.79 -16.75 27.73
N CYS B 156 15.73 -16.10 27.31
CA CYS B 156 15.83 -14.70 26.92
C CYS B 156 15.62 -13.85 28.16
N GLY B 157 15.90 -12.57 28.04
CA GLY B 157 15.53 -11.60 29.05
C GLY B 157 15.91 -11.87 30.50
N GLU B 158 17.14 -12.29 30.75
CA GLU B 158 17.57 -12.46 32.13
C GLU B 158 17.98 -11.13 32.76
N ILE B 159 18.50 -10.23 31.95
CA ILE B 159 19.05 -8.99 32.48
C ILE B 159 17.97 -8.06 33.02
N ASP B 160 18.31 -7.30 34.06
CA ASP B 160 17.34 -6.57 34.90
C ASP B 160 16.62 -5.37 34.26
N CYS B 161 16.50 -5.34 32.93
CA CYS B 161 15.65 -4.36 32.25
C CYS B 161 14.18 -4.47 32.65
N GLU B 162 13.47 -3.36 32.75
CA GLU B 162 12.03 -3.39 33.02
C GLU B 162 11.26 -2.26 32.35
N PRO B 163 10.05 -2.57 31.88
CA PRO B 163 9.17 -1.52 31.40
C PRO B 163 8.87 -0.56 32.53
N VAL B 164 8.63 0.69 32.18
CA VAL B 164 8.17 1.68 33.13
C VAL B 164 7.68 2.90 32.37
N ASP B 165 6.72 3.60 32.94
CA ASP B 165 6.20 4.81 32.33
C ASP B 165 5.81 4.53 30.88
N GLU B 166 6.34 5.29 29.93
CA GLU B 166 5.90 5.13 28.56
C GLU B 166 6.62 3.99 27.84
N PHE B 167 7.55 3.34 28.54
CA PHE B 167 8.35 2.28 27.94
C PHE B 167 7.74 0.93 28.29
N GLN B 168 6.90 0.44 27.41
CA GLN B 168 6.05 -0.71 27.69
C GLN B 168 6.15 -1.77 26.62
N GLY B 169 5.87 -3.01 27.01
CA GLY B 169 5.69 -4.07 26.05
C GLY B 169 6.98 -4.67 25.52
N HIS B 170 6.84 -5.25 24.33
CA HIS B 170 7.86 -6.04 23.64
C HIS B 170 9.29 -5.56 23.78
N ASP B 171 9.54 -4.26 23.57
CA ASP B 171 10.92 -3.82 23.52
C ASP B 171 11.60 -3.76 24.87
N TYR B 172 10.82 -3.70 25.95
CA TYR B 172 11.37 -3.37 27.26
C TYR B 172 11.28 -4.48 28.29
N LEU B 173 10.50 -5.51 27.99
CA LEU B 173 10.34 -6.66 28.86
C LEU B 173 11.60 -7.49 28.97
N ALA B 174 11.75 -8.20 30.08
CA ALA B 174 12.85 -9.13 30.23
C ALA B 174 12.45 -10.33 31.07
N GLU B 175 12.66 -10.25 32.39
CA GLU B 175 12.55 -11.45 33.20
C GLU B 175 11.17 -12.12 33.16
N ASP B 176 10.09 -11.36 32.97
CA ASP B 176 8.77 -11.98 32.90
C ASP B 176 8.61 -12.89 31.68
N ILE B 177 9.43 -12.71 30.67
CA ILE B 177 9.24 -13.53 29.49
C ILE B 177 10.41 -14.51 29.37
N GLY B 178 11.27 -14.51 30.37
CA GLY B 178 12.42 -15.39 30.35
C GLY B 178 12.25 -16.72 31.08
N ALA B 179 13.19 -16.99 31.97
CA ALA B 179 13.28 -18.28 32.67
C ALA B 179 11.97 -18.71 33.32
N ARG B 180 11.32 -17.83 34.07
CA ARG B 180 10.13 -18.25 34.77
C ARG B 180 9.06 -18.68 33.76
N TYR B 181 8.99 -17.96 32.65
CA TYR B 181 8.07 -18.32 31.59
C TYR B 181 8.44 -19.70 31.03
N ALA B 182 9.71 -19.94 30.80
CA ALA B 182 10.14 -21.21 30.23
C ALA B 182 9.78 -22.36 31.18
N ILE B 183 10.09 -22.19 32.45
CA ILE B 183 9.79 -23.23 33.43
C ILE B 183 8.29 -23.45 33.55
N SER B 184 7.54 -22.36 33.69
CA SER B 184 6.10 -22.43 33.82
C SER B 184 5.43 -23.11 32.62
N HIS B 185 6.12 -23.12 31.48
CA HIS B 185 5.55 -23.72 30.29
C HIS B 185 6.30 -24.96 29.84
N GLY B 186 6.95 -25.61 30.79
CA GLY B 186 7.33 -27.01 30.60
C GLY B 186 8.76 -27.39 30.93
N ALA B 187 9.62 -26.39 31.08
CA ALA B 187 11.03 -26.65 31.30
C ALA B 187 11.29 -26.97 32.76
N ILE B 188 10.60 -27.98 33.30
CA ILE B 188 10.79 -28.33 34.70
C ILE B 188 11.73 -29.51 34.85
N SER B 189 12.34 -29.59 36.01
CA SER B 189 13.27 -30.66 36.32
C SER B 189 13.32 -30.76 37.83
N ASP B 190 13.95 -31.81 38.34
CA ASP B 190 14.14 -31.91 39.78
C ASP B 190 15.09 -30.84 40.29
N TYR B 191 16.18 -30.61 39.57
CA TYR B 191 17.18 -29.63 40.00
C TYR B 191 17.60 -28.74 38.87
N ALA B 192 18.26 -27.63 39.20
CA ALA B 192 18.71 -26.74 38.16
C ALA B 192 20.01 -26.06 38.53
N LEU B 193 20.95 -26.13 37.59
CA LEU B 193 22.20 -25.40 37.69
C LEU B 193 22.23 -24.26 36.71
N VAL B 194 22.37 -23.06 37.23
CA VAL B 194 22.40 -21.89 36.39
C VAL B 194 23.88 -21.59 36.09
N ALA B 195 24.26 -21.67 34.83
CA ALA B 195 25.64 -21.47 34.43
C ALA B 195 25.89 -20.00 34.22
N GLU B 196 26.62 -19.38 35.15
CA GLU B 196 27.03 -18.00 35.03
C GLU B 196 28.49 -17.95 35.46
N ALA B 197 29.20 -16.87 35.19
CA ALA B 197 30.61 -16.79 35.54
C ALA B 197 30.83 -16.51 37.01
N THR B 198 31.17 -17.54 37.78
CA THR B 198 31.34 -17.42 39.24
C THR B 198 32.72 -17.85 39.73
N ASN B 199 33.66 -18.04 38.81
CA ASN B 199 34.99 -18.52 39.16
C ASN B 199 34.95 -19.81 39.99
N PHE B 200 34.08 -20.72 39.57
CA PHE B 200 33.93 -22.02 40.20
C PHE B 200 33.54 -21.91 41.66
N LYS B 201 32.79 -20.88 42.01
CA LYS B 201 32.26 -20.76 43.35
C LYS B 201 30.74 -20.85 43.29
N PRO B 202 30.14 -21.82 44.00
CA PRO B 202 28.69 -22.04 43.94
C PRO B 202 27.92 -21.15 44.91
N ALA B 203 26.79 -20.63 44.47
CA ALA B 203 25.93 -19.83 45.34
C ALA B 203 24.51 -20.37 45.25
N TRP B 204 23.78 -20.42 46.35
CA TRP B 204 22.39 -20.82 46.25
C TRP B 204 21.48 -19.95 47.11
N VAL B 205 21.86 -18.68 47.22
CA VAL B 205 20.96 -17.63 47.65
C VAL B 205 21.18 -16.44 46.73
N GLU B 206 20.11 -15.71 46.44
CA GLU B 206 20.23 -14.50 45.64
C GLU B 206 19.25 -13.48 46.16
N ALA B 207 19.40 -12.23 45.75
CA ALA B 207 18.52 -11.18 46.21
C ALA B 207 17.28 -11.06 45.35
N GLY B 208 16.28 -10.40 45.93
CA GLY B 208 15.12 -9.96 45.21
C GLY B 208 15.39 -8.51 44.86
N LYS B 209 14.34 -7.79 44.47
CA LYS B 209 14.47 -6.38 44.19
C LYS B 209 13.13 -5.70 44.20
N VAL B 210 13.15 -4.43 44.58
CA VAL B 210 12.05 -3.55 44.30
C VAL B 210 12.63 -2.28 43.67
N PHE B 211 12.07 -1.90 42.52
CA PHE B 211 12.40 -0.65 41.86
C PHE B 211 11.39 0.40 42.25
N LEU B 212 11.87 1.56 42.66
CA LEU B 212 10.98 2.64 43.05
C LEU B 212 11.14 3.84 42.13
N LYS B 213 10.03 4.37 41.67
CA LYS B 213 10.06 5.65 41.03
C LYS B 213 9.69 6.69 42.07
N VAL B 214 10.63 7.57 42.40
CA VAL B 214 10.39 8.64 43.36
C VAL B 214 10.26 9.96 42.65
N THR B 215 9.10 10.57 42.77
CA THR B 215 8.84 11.81 42.07
C THR B 215 8.64 12.92 43.07
N VAL B 216 9.55 13.89 43.10
CA VAL B 216 9.38 15.03 43.97
C VAL B 216 8.51 16.08 43.30
N PHE B 217 7.63 16.71 44.07
CA PHE B 217 6.77 17.77 43.54
C PHE B 217 7.17 19.13 44.06
N ALA B 218 6.97 20.15 43.25
CA ALA B 218 7.34 21.50 43.65
C ALA B 218 6.43 22.47 42.93
N GLY B 219 6.99 23.38 42.16
CA GLY B 219 6.18 24.34 41.43
C GLY B 219 5.83 25.49 42.34
N PRO B 220 5.09 26.48 41.82
CA PRO B 220 4.61 26.50 40.45
C PRO B 220 5.72 26.84 39.47
N SER B 221 5.65 26.28 38.26
CA SER B 221 6.63 26.57 37.25
C SER B 221 6.55 28.05 36.86
N ARG B 222 7.68 28.62 36.49
CA ARG B 222 7.71 29.99 35.99
C ARG B 222 8.62 30.09 34.78
N TYR B 223 8.19 30.86 33.78
CA TYR B 223 9.07 31.33 32.71
C TYR B 223 10.32 31.92 33.35
N THR B 224 11.47 31.52 32.87
CA THR B 224 12.74 31.90 33.47
C THR B 224 12.88 33.38 33.89
N PRO B 225 12.43 34.32 33.03
CA PRO B 225 12.54 35.72 33.43
C PRO B 225 11.75 36.06 34.69
N TYR B 226 10.95 35.11 35.19
CA TYR B 226 10.17 35.33 36.39
C TYR B 226 10.58 34.47 37.58
N VAL B 227 11.63 33.67 37.46
CA VAL B 227 11.95 32.75 38.55
C VAL B 227 12.32 33.50 39.82
N PRO B 228 11.75 33.09 40.96
CA PRO B 228 12.08 33.71 42.24
C PRO B 228 13.43 33.26 42.77
N ARG B 229 14.29 34.23 43.04
CA ARG B 229 15.57 33.98 43.69
C ARG B 229 15.81 35.10 44.70
N PRO B 230 16.55 34.81 45.79
CA PRO B 230 17.05 33.49 46.13
C PRO B 230 16.05 32.72 46.99
N VAL B 231 16.06 31.40 46.86
CA VAL B 231 15.18 30.51 47.58
C VAL B 231 15.99 29.32 48.07
N ALA B 232 15.72 28.85 49.28
CA ALA B 232 16.42 27.69 49.81
C ALA B 232 16.11 26.46 48.94
N ALA B 233 17.11 25.64 48.69
CA ALA B 233 16.95 24.47 47.83
C ALA B 233 15.66 23.70 48.11
N LEU B 234 15.52 23.22 49.35
CA LEU B 234 14.35 22.44 49.73
C LEU B 234 13.04 23.18 49.46
N ASP B 235 13.10 24.49 49.33
CA ASP B 235 11.89 25.28 49.08
C ASP B 235 11.77 25.68 47.60
N SER B 236 12.80 25.39 46.83
CA SER B 236 12.85 25.79 45.42
C SER B 236 11.58 25.38 44.69
N PRO B 237 11.07 26.28 43.85
CA PRO B 237 9.91 25.88 43.06
C PRO B 237 10.30 24.91 41.94
N ASN B 238 11.59 24.78 41.70
CA ASN B 238 12.12 23.88 40.70
C ASN B 238 12.30 22.50 41.33
N ALA B 239 11.48 21.54 40.91
CA ALA B 239 11.55 20.18 41.45
C ALA B 239 12.94 19.56 41.27
N ILE B 240 13.63 19.94 40.21
CA ILE B 240 14.98 19.42 39.99
C ILE B 240 15.87 19.83 41.15
N VAL B 241 15.71 21.06 41.64
CA VAL B 241 16.57 21.53 42.72
C VAL B 241 16.22 20.81 44.03
N ARG B 242 14.95 20.61 44.30
CA ARG B 242 14.53 19.82 45.46
C ARG B 242 15.05 18.40 45.36
N MET B 243 14.91 17.80 44.19
CA MET B 243 15.37 16.43 44.02
C MET B 243 16.86 16.30 44.35
N ALA B 244 17.64 17.32 43.98
CA ALA B 244 19.09 17.31 44.25
C ALA B 244 19.38 17.08 45.73
N LYS B 245 18.60 17.71 46.60
CA LYS B 245 18.75 17.51 48.04
C LYS B 245 18.27 16.12 48.45
N LEU B 246 17.19 15.67 47.84
CA LEU B 246 16.67 14.35 48.15
C LEU B 246 17.67 13.27 47.77
N VAL B 247 18.35 13.43 46.63
CA VAL B 247 19.32 12.47 46.18
C VAL B 247 20.41 12.27 47.24
N GLU B 248 20.80 13.34 47.91
CA GLU B 248 21.85 13.21 48.91
C GLU B 248 21.33 12.47 50.11
N ALA B 249 20.10 12.77 50.51
CA ALA B 249 19.48 12.08 51.63
C ALA B 249 19.36 10.60 51.32
N LEU B 250 18.99 10.28 50.08
CA LEU B 250 18.78 8.89 49.71
C LEU B 250 20.10 8.13 49.63
N GLU B 251 21.16 8.80 49.24
CA GLU B 251 22.49 8.21 49.21
C GLU B 251 22.92 7.84 50.63
N GLU B 252 22.60 8.71 51.58
CA GLU B 252 22.92 8.45 52.97
C GLU B 252 22.13 7.24 53.46
N TRP B 253 20.84 7.20 53.16
CA TRP B 253 20.02 6.04 53.48
C TRP B 253 20.57 4.76 52.87
N ALA B 254 20.93 4.84 51.59
CA ALA B 254 21.44 3.69 50.87
C ALA B 254 22.70 3.16 51.53
N ASP B 255 23.53 4.07 52.05
CA ASP B 255 24.79 3.69 52.68
C ASP B 255 24.52 2.76 53.86
N ASN B 256 23.51 3.09 54.64
CA ASN B 256 23.21 2.31 55.83
C ASN B 256 22.31 1.14 55.54
N TYR B 257 21.50 1.28 54.50
CA TYR B 257 20.54 0.23 54.16
C TYR B 257 21.24 -1.10 53.96
N GLU B 258 22.33 -1.08 53.22
CA GLU B 258 23.00 -2.34 52.92
C GLU B 258 23.59 -2.99 54.17
N LYS B 259 24.02 -2.18 55.13
CA LYS B 259 24.53 -2.72 56.39
C LYS B 259 23.40 -3.35 57.17
N ARG B 260 22.36 -2.57 57.42
CA ARG B 260 21.19 -2.99 58.19
C ARG B 260 20.52 -4.26 57.66
N TYR B 261 20.56 -4.49 56.36
CA TYR B 261 19.84 -5.64 55.84
C TYR B 261 20.78 -6.71 55.34
N THR B 262 22.07 -6.58 55.64
CA THR B 262 22.99 -7.67 55.38
C THR B 262 22.56 -8.89 56.15
N ARG B 263 22.65 -10.05 55.53
CA ARG B 263 22.11 -11.25 56.12
C ARG B 263 22.85 -12.46 55.61
N GLU B 264 23.33 -13.28 56.55
CA GLU B 264 24.10 -14.46 56.18
C GLU B 264 23.22 -15.68 56.17
N TYR B 265 23.19 -16.36 55.02
CA TYR B 265 22.42 -17.59 54.86
C TYR B 265 23.36 -18.76 54.68
N GLY B 266 22.80 -19.97 54.69
CA GLY B 266 23.57 -21.13 54.31
C GLY B 266 24.15 -20.98 52.92
N GLY B 267 23.36 -20.49 51.98
CA GLY B 267 23.80 -20.44 50.60
C GLY B 267 24.69 -19.27 50.21
N GLY B 268 25.12 -18.47 51.18
CA GLY B 268 25.91 -17.29 50.91
C GLY B 268 25.47 -16.08 51.75
N THR B 269 26.23 -14.99 51.70
CA THR B 269 25.87 -13.81 52.47
C THR B 269 25.27 -12.73 51.55
N VAL B 270 24.04 -12.31 51.83
CA VAL B 270 23.40 -11.28 51.04
C VAL B 270 23.70 -9.89 51.60
N VAL B 271 24.31 -9.04 50.77
CA VAL B 271 24.48 -7.65 51.11
C VAL B 271 23.64 -6.88 50.11
N PRO B 272 22.44 -6.47 50.50
CA PRO B 272 21.54 -5.87 49.50
C PRO B 272 21.84 -4.40 49.29
N LYS B 273 22.18 -4.01 48.07
CA LYS B 273 22.59 -2.64 47.80
C LYS B 273 21.54 -1.80 47.06
N VAL B 274 21.77 -0.50 47.03
CA VAL B 274 20.87 0.46 46.47
C VAL B 274 21.61 1.35 45.50
N ALA B 275 21.02 1.63 44.34
CA ALA B 275 21.59 2.61 43.44
C ALA B 275 20.51 3.45 42.77
N ILE B 276 20.84 4.67 42.43
CA ILE B 276 19.93 5.51 41.65
C ILE B 276 20.30 5.37 40.18
N GLY B 277 19.49 4.63 39.44
CA GLY B 277 19.83 4.27 38.08
C GLY B 277 19.44 5.27 37.01
N ALA B 278 18.50 6.15 37.30
CA ALA B 278 18.07 7.13 36.31
C ALA B 278 17.42 8.31 36.96
N ILE B 279 17.46 9.44 36.26
CA ILE B 279 16.75 10.62 36.72
C ILE B 279 16.21 11.34 35.50
N ARG B 280 15.04 11.93 35.64
CA ARG B 280 14.58 12.86 34.63
C ARG B 280 13.61 13.84 35.20
N GLY B 281 13.78 15.10 34.81
CA GLY B 281 12.84 16.15 35.15
C GLY B 281 12.77 17.10 33.97
N GLY B 282 11.57 17.53 33.62
CA GLY B 282 11.37 18.36 32.43
C GLY B 282 11.79 17.61 31.17
N VAL B 283 11.70 18.27 30.02
CA VAL B 283 12.20 17.69 28.77
C VAL B 283 13.22 18.63 28.16
N PRO B 284 14.27 18.08 27.55
CA PRO B 284 15.38 18.87 27.04
C PRO B 284 14.98 19.83 25.92
N TYR B 285 13.90 19.55 25.20
CA TYR B 285 13.57 20.39 24.06
C TYR B 285 12.64 21.54 24.43
N LYS B 286 12.32 21.68 25.72
CA LYS B 286 11.49 22.77 26.24
C LYS B 286 11.95 23.18 27.63
N ILE B 287 12.91 24.08 27.72
CA ILE B 287 13.50 24.35 29.02
C ILE B 287 13.29 25.76 29.53
N TYR B 288 12.37 26.50 28.93
CA TYR B 288 12.23 27.90 29.28
C TYR B 288 11.43 28.06 30.59
N ALA B 289 10.79 26.97 31.05
CA ALA B 289 10.10 26.98 32.33
C ALA B 289 10.45 25.74 33.12
N PHE B 290 11.00 25.91 34.32
CA PHE B 290 11.47 24.75 35.06
C PHE B 290 10.30 23.85 35.46
N PRO B 291 10.57 22.56 35.67
CA PRO B 291 9.47 21.61 35.91
C PRO B 291 8.96 21.59 37.35
N GLU B 292 7.69 21.23 37.53
CA GLU B 292 7.09 21.14 38.85
C GLU B 292 7.26 19.74 39.41
N LEU B 293 7.86 18.85 38.64
CA LEU B 293 8.13 17.52 39.16
C LEU B 293 9.41 16.95 38.56
N CYS B 294 10.01 16.02 39.27
CA CYS B 294 11.27 15.41 38.88
C CYS B 294 11.29 14.03 39.48
N SER B 295 11.72 13.05 38.70
CA SER B 295 11.65 11.66 39.08
C SER B 295 13.01 10.99 39.09
N ILE B 296 13.30 10.22 40.14
CA ILE B 296 14.42 9.29 40.06
C ILE B 296 13.89 7.86 40.06
N TYR B 297 14.76 6.95 39.65
CA TYR B 297 14.40 5.56 39.54
C TYR B 297 15.43 4.76 40.30
N MET B 298 14.99 4.11 41.36
CA MET B 298 15.88 3.47 42.32
C MET B 298 15.85 1.96 42.19
N ASP B 299 17.03 1.37 42.15
CA ASP B 299 17.22 -0.07 42.17
C ASP B 299 17.55 -0.45 43.61
N ILE B 300 16.64 -1.15 44.28
CA ILE B 300 16.86 -1.57 45.66
C ILE B 300 16.76 -3.08 45.80
N ARG B 301 17.90 -3.70 46.06
CA ARG B 301 17.97 -5.14 46.24
C ARG B 301 17.37 -5.55 47.57
N LEU B 302 16.77 -6.72 47.60
CA LEU B 302 16.12 -7.21 48.80
C LEU B 302 16.71 -8.51 49.19
N ASN B 303 17.06 -8.68 50.45
CA ASN B 303 17.40 -10.02 50.90
C ASN B 303 16.08 -10.80 50.84
N PRO B 304 16.16 -12.13 50.79
CA PRO B 304 14.98 -12.97 50.67
C PRO B 304 13.93 -12.72 51.72
N ASP B 305 14.29 -12.12 52.85
CA ASP B 305 13.34 -11.97 53.93
C ASP B 305 12.82 -10.55 54.14
N THR B 306 12.97 -9.68 53.15
CA THR B 306 12.51 -8.32 53.29
C THR B 306 11.30 -8.07 52.39
N ASN B 307 10.20 -7.64 52.99
CA ASN B 307 9.01 -7.25 52.23
C ASN B 307 9.26 -5.91 51.53
N PRO B 308 8.98 -5.83 50.23
CA PRO B 308 9.17 -4.61 49.45
C PRO B 308 8.54 -3.39 50.11
N LEU B 309 7.40 -3.58 50.75
CA LEU B 309 6.71 -2.47 51.39
C LEU B 309 7.52 -1.84 52.53
N VAL B 310 8.31 -2.64 53.22
CA VAL B 310 9.10 -2.11 54.33
C VAL B 310 10.05 -1.08 53.74
N VAL B 311 10.61 -1.42 52.58
CA VAL B 311 11.55 -0.56 51.90
C VAL B 311 10.86 0.68 51.37
N GLN B 312 9.68 0.49 50.78
CA GLN B 312 8.95 1.64 50.29
C GLN B 312 8.70 2.64 51.42
N ARG B 313 8.29 2.13 52.57
CA ARG B 313 7.99 3.00 53.69
C ARG B 313 9.25 3.69 54.18
N GLU B 314 10.38 3.00 54.20
CA GLU B 314 11.61 3.62 54.62
C GLU B 314 11.97 4.79 53.70
N VAL B 315 11.79 4.62 52.40
CA VAL B 315 12.12 5.69 51.48
C VAL B 315 11.12 6.83 51.67
N GLU B 316 9.87 6.50 51.94
CA GLU B 316 8.88 7.54 52.22
C GLU B 316 9.25 8.36 53.46
N ALA B 317 9.87 7.70 54.43
CA ALA B 317 10.30 8.38 55.65
C ALA B 317 11.48 9.31 55.39
N VAL B 318 12.37 8.94 54.48
CA VAL B 318 13.46 9.84 54.11
C VAL B 318 12.88 11.11 53.52
N VAL B 319 11.90 10.94 52.65
CA VAL B 319 11.26 12.06 51.99
C VAL B 319 10.60 12.99 53.02
N SER B 320 9.88 12.37 53.94
CA SER B 320 9.12 13.07 54.96
C SER B 320 10.02 13.85 55.91
N LYS B 321 11.15 13.25 56.27
CA LYS B 321 12.11 13.91 57.13
C LYS B 321 12.67 15.19 56.51
N LEU B 322 12.82 15.18 55.19
CA LEU B 322 13.24 16.38 54.46
C LEU B 322 12.12 17.38 54.33
N GLY B 323 10.91 16.97 54.66
CA GLY B 323 9.76 17.83 54.54
C GLY B 323 9.29 17.98 53.11
N LEU B 324 9.70 17.07 52.25
CA LEU B 324 9.31 17.11 50.85
C LEU B 324 8.03 16.36 50.58
N LYS B 325 7.34 16.76 49.53
CA LYS B 325 6.22 16.03 49.02
C LYS B 325 6.67 15.22 47.81
N ALA B 326 6.53 13.90 47.90
CA ALA B 326 6.92 13.01 46.81
C ALA B 326 6.02 11.79 46.74
N GLU B 327 5.91 11.26 45.54
CA GLU B 327 5.27 9.98 45.34
C GLU B 327 6.36 8.93 45.25
N VAL B 328 6.28 7.90 46.08
CA VAL B 328 7.21 6.78 46.05
C VAL B 328 6.50 5.55 45.51
N LYS B 329 6.71 5.29 44.22
CA LYS B 329 5.94 4.31 43.46
C LYS B 329 6.77 3.08 43.08
N PRO B 330 6.40 1.90 43.58
CA PRO B 330 7.10 0.69 43.12
C PRO B 330 6.72 0.39 41.68
N PHE B 331 7.68 0.08 40.81
CA PHE B 331 7.28 -0.37 39.49
C PHE B 331 7.87 -1.72 39.17
N LEU B 332 8.55 -2.31 40.14
CA LEU B 332 9.03 -3.67 39.97
C LEU B 332 9.22 -4.34 41.31
N PHE B 333 8.84 -5.60 41.40
CA PHE B 333 9.09 -6.39 42.60
C PHE B 333 9.28 -7.84 42.26
N ARG B 334 10.45 -8.37 42.61
CA ARG B 334 10.71 -9.80 42.51
C ARG B 334 11.37 -10.28 43.78
N ARG B 335 11.05 -11.50 44.19
CA ARG B 335 11.60 -12.07 45.39
C ARG B 335 12.90 -12.80 45.14
N GLY B 336 13.75 -12.83 46.15
CA GLY B 336 14.94 -13.67 46.12
C GLY B 336 14.73 -14.89 46.99
N TYR B 337 15.47 -15.95 46.70
CA TYR B 337 15.32 -17.20 47.41
C TYR B 337 16.65 -17.81 47.80
N GLU B 338 16.66 -18.45 48.98
CA GLU B 338 17.70 -19.42 49.29
C GLU B 338 17.17 -20.76 48.87
N ALA B 339 17.98 -21.52 48.14
CA ALA B 339 17.53 -22.81 47.66
C ALA B 339 17.21 -23.69 48.86
N GLN B 340 16.16 -24.50 48.74
CA GLN B 340 15.82 -25.48 49.76
C GLN B 340 15.87 -26.88 49.16
N GLY B 341 16.49 -27.82 49.86
CA GLY B 341 16.70 -29.14 49.30
C GLY B 341 17.77 -29.16 48.23
N ILE B 342 18.72 -28.24 48.31
CA ILE B 342 19.75 -28.12 47.31
C ILE B 342 20.83 -29.21 47.43
N GLU B 343 20.86 -29.93 48.55
CA GLU B 343 21.99 -30.80 48.89
C GLU B 343 22.43 -31.79 47.82
N PRO B 344 21.49 -32.53 47.20
CA PRO B 344 21.91 -33.49 46.18
C PRO B 344 22.64 -32.80 45.01
N LEU B 345 22.18 -31.63 44.60
CA LEU B 345 22.86 -30.92 43.54
C LEU B 345 24.17 -30.32 44.06
N GLN B 346 24.12 -29.73 45.24
CA GLN B 346 25.32 -29.16 45.85
C GLN B 346 26.43 -30.20 45.99
N ASN B 347 26.04 -31.40 46.38
CA ASN B 347 27.01 -32.46 46.63
C ASN B 347 27.57 -33.03 45.34
N ALA B 348 26.71 -33.30 44.36
CA ALA B 348 27.17 -33.81 43.09
C ALA B 348 28.12 -32.81 42.46
N LEU B 349 27.82 -31.54 42.66
CA LEU B 349 28.66 -30.47 42.11
C LEU B 349 30.01 -30.42 42.81
N GLU B 350 29.98 -30.51 44.13
CA GLU B 350 31.18 -30.48 44.97
C GLU B 350 32.12 -31.62 44.62
N VAL B 351 31.54 -32.79 44.42
CA VAL B 351 32.32 -33.96 44.07
C VAL B 351 32.95 -33.79 42.69
N ALA B 352 32.15 -33.39 41.71
CA ALA B 352 32.64 -33.14 40.36
C ALA B 352 33.74 -32.09 40.35
N HIS B 353 33.49 -31.01 41.06
CA HIS B 353 34.43 -29.93 41.14
C HIS B 353 35.77 -30.37 41.72
N ARG B 354 35.73 -31.01 42.89
CA ARG B 354 36.95 -31.41 43.57
C ARG B 354 37.79 -32.30 42.68
N GLU B 355 37.12 -33.13 41.89
CA GLU B 355 37.77 -34.01 40.96
C GLU B 355 38.41 -33.26 39.81
N VAL B 356 37.65 -32.37 39.19
CA VAL B 356 38.10 -31.67 37.99
C VAL B 356 39.02 -30.50 38.29
N VAL B 357 38.66 -29.71 39.27
CA VAL B 357 39.41 -28.51 39.57
C VAL B 357 40.51 -28.79 40.59
N GLY B 358 40.27 -29.74 41.50
CA GLY B 358 41.34 -30.24 42.34
C GLY B 358 41.31 -29.84 43.80
N ARG B 359 40.43 -28.91 44.17
CA ARG B 359 40.32 -28.51 45.56
C ARG B 359 38.86 -28.24 45.88
N PRO B 360 38.51 -28.18 47.15
CA PRO B 360 37.12 -27.88 47.50
C PRO B 360 36.68 -26.52 46.98
N THR B 361 35.39 -26.36 46.71
CA THR B 361 34.87 -25.08 46.26
C THR B 361 35.06 -24.03 47.32
N GLU B 362 35.46 -22.82 46.91
CA GLU B 362 35.52 -21.68 47.81
C GLU B 362 34.15 -21.00 47.94
N ARG B 363 33.91 -20.32 49.05
CA ARG B 363 32.64 -19.64 49.24
C ARG B 363 32.55 -18.36 48.38
N PRO B 364 31.39 -18.14 47.76
CA PRO B 364 31.19 -16.98 46.87
C PRO B 364 31.23 -15.66 47.63
N GLY B 365 31.62 -14.59 46.98
CA GLY B 365 31.57 -13.27 47.58
C GLY B 365 30.14 -12.76 47.67
N SER B 366 29.92 -11.76 48.50
CA SER B 366 28.56 -11.24 48.73
C SER B 366 27.82 -10.80 47.46
N PRO B 367 28.50 -10.02 46.60
CA PRO B 367 27.85 -9.53 45.39
C PRO B 367 27.21 -10.65 44.58
N GLU B 368 27.91 -11.78 44.41
CA GLU B 368 27.36 -12.87 43.61
C GLU B 368 26.22 -13.58 44.33
N CYS B 369 26.00 -13.27 45.59
CA CYS B 369 24.85 -13.82 46.31
C CYS B 369 23.79 -12.76 46.52
N SER B 370 24.00 -11.57 45.97
CA SER B 370 23.15 -10.44 46.28
C SER B 370 22.60 -9.76 45.02
N MET B 371 22.44 -10.53 43.96
CA MET B 371 22.01 -10.00 42.69
C MET B 371 20.83 -10.80 42.16
N TRP B 372 20.42 -10.50 40.93
CA TRP B 372 19.43 -11.33 40.28
C TRP B 372 20.15 -12.44 39.54
N ARG B 373 19.70 -13.68 39.76
CA ARG B 373 20.07 -14.82 38.92
C ARG B 373 18.81 -15.60 38.63
N ASP B 374 18.82 -16.42 37.58
CA ASP B 374 17.64 -17.20 37.29
C ASP B 374 17.51 -18.39 38.25
N THR B 375 18.35 -18.47 39.27
CA THR B 375 18.08 -19.45 40.31
C THR B 375 16.79 -19.06 41.04
N ASN B 376 16.48 -17.78 41.09
CA ASN B 376 15.28 -17.34 41.79
C ASN B 376 14.00 -17.96 41.22
N PRO B 377 13.78 -17.86 39.91
CA PRO B 377 12.58 -18.50 39.33
C PRO B 377 12.55 -20.01 39.55
N TYR B 378 13.68 -20.67 39.43
CA TYR B 378 13.72 -22.10 39.70
C TYR B 378 13.33 -22.39 41.16
N ASN B 379 13.97 -21.71 42.10
CA ASN B 379 13.72 -21.98 43.51
C ASN B 379 12.27 -21.62 43.85
N GLU B 380 11.79 -20.55 43.24
CA GLU B 380 10.44 -20.10 43.44
C GLU B 380 9.47 -21.19 43.05
N LEU B 381 9.82 -21.95 42.02
CA LEU B 381 8.95 -22.97 41.48
C LEU B 381 9.23 -24.35 42.06
N GLY B 382 10.01 -24.41 43.13
CA GLY B 382 10.24 -25.68 43.80
C GLY B 382 11.33 -26.52 43.17
N ILE B 383 12.16 -25.89 42.34
CA ILE B 383 13.27 -26.57 41.73
C ILE B 383 14.58 -26.09 42.35
N PRO B 384 15.16 -26.87 43.25
CA PRO B 384 16.33 -26.35 43.96
C PRO B 384 17.44 -26.02 42.99
N SER B 385 17.98 -24.81 43.11
CA SER B 385 18.86 -24.31 42.08
C SER B 385 20.02 -23.51 42.65
N LEU B 386 21.21 -23.76 42.14
CA LEU B 386 22.36 -22.94 42.46
C LEU B 386 23.02 -22.41 41.20
N THR B 387 23.90 -21.45 41.38
CA THR B 387 24.63 -20.88 40.27
C THR B 387 26.11 -21.29 40.36
N TYR B 388 26.72 -21.65 39.23
CA TYR B 388 28.12 -22.05 39.20
C TYR B 388 28.67 -22.01 37.80
N GLY B 389 29.90 -21.52 37.66
CA GLY B 389 30.59 -21.54 36.38
C GLY B 389 31.97 -20.91 36.41
N CYS B 390 32.69 -21.04 35.30
CA CYS B 390 34.06 -20.52 35.21
C CYS B 390 34.09 -19.04 34.90
N GLY B 391 35.22 -18.40 35.17
CA GLY B 391 35.44 -17.03 34.77
C GLY B 391 35.17 -16.04 35.88
N GLY B 392 35.90 -14.93 35.87
CA GLY B 392 35.67 -13.86 36.82
C GLY B 392 34.33 -13.25 36.45
N GLY B 393 33.59 -12.76 37.46
CA GLY B 393 32.26 -12.23 37.24
C GLY B 393 32.15 -11.10 36.24
N ALA B 394 31.10 -11.13 35.42
CA ALA B 394 30.86 -10.10 34.41
C ALA B 394 30.68 -8.73 35.06
N GLY B 395 29.92 -8.69 36.15
CA GLY B 395 29.75 -7.49 36.95
C GLY B 395 31.03 -7.16 37.70
N GLY B 396 32.01 -8.05 37.58
CA GLY B 396 33.32 -7.85 38.17
C GLY B 396 33.99 -6.54 37.80
N GLY B 397 34.31 -6.35 36.51
CA GLY B 397 33.93 -7.28 35.46
C GLY B 397 35.02 -7.78 34.52
N ASN B 398 35.07 -9.10 34.39
CA ASN B 398 36.01 -9.78 33.53
C ASN B 398 35.69 -9.54 32.05
N THR B 399 36.66 -9.80 31.18
CA THR B 399 36.50 -9.52 29.76
C THR B 399 36.88 -10.73 28.89
N TYR B 400 37.34 -11.81 29.50
CA TYR B 400 37.61 -13.05 28.78
C TYR B 400 37.57 -14.30 29.66
N PHE B 401 37.46 -15.44 29.01
CA PHE B 401 37.51 -16.74 29.65
C PHE B 401 38.76 -17.45 29.20
N LEU B 402 39.43 -18.17 30.10
CA LEU B 402 40.46 -19.08 29.68
C LEU B 402 39.78 -20.30 29.09
N VAL B 403 40.18 -20.72 27.91
CA VAL B 403 39.59 -21.90 27.32
C VAL B 403 39.74 -23.10 28.27
N ASP B 404 40.85 -23.18 28.97
CA ASP B 404 41.05 -24.25 29.96
C ASP B 404 39.96 -24.26 31.05
N ASP B 405 39.61 -23.09 31.56
CA ASP B 405 38.55 -23.00 32.54
C ASP B 405 37.23 -23.47 31.98
N MET B 406 36.95 -23.05 30.76
CA MET B 406 35.69 -23.41 30.12
C MET B 406 35.59 -24.90 30.03
N LEU B 407 36.71 -25.55 29.75
CA LEU B 407 36.69 -26.99 29.59
C LEU B 407 36.47 -27.63 30.96
N LYS B 408 37.13 -27.11 31.98
CA LYS B 408 36.92 -27.61 33.32
C LYS B 408 35.42 -27.53 33.67
N ALA B 409 34.82 -26.38 33.40
CA ALA B 409 33.42 -26.16 33.70
C ALA B 409 32.56 -27.19 32.98
N ALA B 410 32.88 -27.45 31.72
CA ALA B 410 32.11 -28.40 30.94
C ALA B 410 32.20 -29.79 31.58
N LYS B 411 33.40 -30.16 32.03
CA LYS B 411 33.62 -31.44 32.67
C LYS B 411 32.88 -31.51 34.00
N VAL B 412 32.93 -30.43 34.77
CA VAL B 412 32.19 -30.37 36.04
C VAL B 412 30.70 -30.56 35.79
N TYR B 413 30.17 -29.90 34.77
CA TYR B 413 28.76 -30.03 34.43
C TYR B 413 28.44 -31.46 34.06
N ALA B 414 29.27 -32.06 33.23
CA ALA B 414 29.02 -33.41 32.78
C ALA B 414 29.02 -34.40 33.94
N MET B 415 30.01 -34.27 34.82
CA MET B 415 30.12 -35.15 35.97
C MET B 415 28.96 -34.94 36.91
N THR B 416 28.55 -33.68 37.09
CA THR B 416 27.45 -33.39 37.98
C THR B 416 26.21 -34.11 37.49
N ALA B 417 26.00 -34.10 36.18
CA ALA B 417 24.82 -34.75 35.63
C ALA B 417 24.91 -36.25 35.79
N MET B 418 26.10 -36.81 35.56
CA MET B 418 26.26 -38.27 35.64
C MET B 418 26.08 -38.77 37.07
N ASP B 419 26.32 -37.91 38.02
CA ASP B 419 26.06 -38.23 39.42
C ASP B 419 24.56 -38.09 39.70
N LEU B 420 24.06 -36.86 39.64
CA LEU B 420 22.72 -36.55 40.09
C LEU B 420 21.64 -37.26 39.29
N CYS B 421 21.81 -37.33 37.98
CA CYS B 421 20.80 -37.92 37.11
C CYS B 421 20.72 -39.43 37.24
N ASN B 422 21.60 -40.00 38.05
CA ASN B 422 21.52 -41.44 38.30
C ASN B 422 21.14 -41.73 39.74
N ARG B 423 20.64 -40.71 40.43
CA ARG B 423 20.04 -40.91 41.73
C ARG B 423 18.52 -41.00 41.56
N THR B 424 17.85 -41.67 42.48
CA THR B 424 16.40 -41.78 42.36
C THR B 424 15.73 -40.55 42.96
N PRO B 425 14.77 -39.96 42.24
CA PRO B 425 14.11 -38.72 42.66
C PRO B 425 13.43 -38.84 44.01
N SER C 4 58.16 30.59 18.25
CA SER C 4 58.33 29.19 18.61
C SER C 4 58.31 28.30 17.37
N ASN C 5 58.94 27.13 17.49
CA ASN C 5 58.91 26.16 16.41
C ASN C 5 57.76 25.19 16.57
N ASP C 6 56.77 25.56 17.37
CA ASP C 6 55.49 24.89 17.27
C ASP C 6 54.98 25.20 15.85
N VAL C 7 55.21 26.42 15.41
CA VAL C 7 54.90 26.83 14.05
C VAL C 7 55.64 25.97 13.03
N ALA C 8 56.95 25.86 13.21
CA ALA C 8 57.77 25.11 12.28
C ALA C 8 57.34 23.65 12.23
N LYS C 9 56.97 23.10 13.37
CA LYS C 9 56.46 21.73 13.42
C LYS C 9 55.18 21.57 12.61
N VAL C 10 54.23 22.49 12.79
CA VAL C 10 52.98 22.42 12.05
C VAL C 10 53.22 22.63 10.56
N MET C 11 54.07 23.58 10.19
CA MET C 11 54.37 23.82 8.78
C MET C 11 54.91 22.56 8.12
N LYS C 12 55.73 21.82 8.84
CA LYS C 12 56.34 20.62 8.26
C LYS C 12 55.30 19.52 8.18
N THR C 13 54.47 19.41 9.20
CA THR C 13 53.38 18.44 9.17
C THR C 13 52.50 18.70 7.96
N LEU C 14 52.21 19.96 7.70
CA LEU C 14 51.41 20.31 6.54
C LEU C 14 52.13 19.99 5.24
N ASP C 15 53.44 20.19 5.20
CA ASP C 15 54.24 19.81 4.04
C ASP C 15 54.04 18.32 3.72
N GLY C 16 53.88 17.52 4.76
CA GLY C 16 53.68 16.10 4.58
C GLY C 16 52.24 15.67 4.34
N MET C 17 51.35 16.63 4.09
CA MET C 17 49.94 16.30 3.94
C MET C 17 49.35 16.71 2.60
N ARG C 18 50.19 16.97 1.60
CA ARG C 18 49.68 17.36 0.29
C ARG C 18 48.73 16.31 -0.25
N GLU C 19 49.00 15.05 0.05
CA GLU C 19 48.22 13.95 -0.52
C GLU C 19 46.80 13.94 0.03
N GLY C 20 46.65 14.14 1.33
CA GLY C 20 45.34 14.15 1.94
C GLY C 20 44.59 15.39 1.54
N LEU C 21 45.33 16.47 1.30
CA LEU C 21 44.72 17.72 0.89
C LEU C 21 44.10 17.54 -0.48
N ILE C 22 44.83 16.87 -1.36
CA ILE C 22 44.35 16.67 -2.71
C ILE C 22 43.18 15.71 -2.70
N GLN C 23 43.32 14.62 -1.95
CA GLN C 23 42.28 13.63 -1.91
C GLN C 23 41.01 14.20 -1.32
N THR C 24 41.15 14.99 -0.27
CA THR C 24 39.98 15.53 0.41
C THR C 24 39.25 16.49 -0.50
N ALA C 25 39.98 17.38 -1.17
CA ALA C 25 39.35 18.29 -2.11
C ALA C 25 38.72 17.56 -3.29
N VAL C 26 39.38 16.53 -3.78
CA VAL C 26 38.85 15.87 -4.97
C VAL C 26 37.60 15.09 -4.60
N GLU C 27 37.66 14.32 -3.52
CA GLU C 27 36.52 13.56 -3.08
C GLU C 27 35.32 14.44 -2.71
N LEU C 28 35.54 15.51 -1.96
CA LEU C 28 34.45 16.44 -1.62
C LEU C 28 33.89 17.06 -2.88
N GLY C 29 34.81 17.53 -3.72
CA GLY C 29 34.44 18.20 -4.94
C GLY C 29 33.70 17.32 -5.93
N SER C 30 33.80 16.01 -5.77
CA SER C 30 33.18 15.08 -6.73
C SER C 30 31.78 14.71 -6.29
N ILE C 31 31.40 15.16 -5.11
CA ILE C 31 30.06 14.89 -4.61
C ILE C 31 29.12 15.94 -5.18
N GLU C 32 28.06 15.49 -5.83
CA GLU C 32 27.04 16.41 -6.30
C GLU C 32 26.36 17.02 -5.08
N ALA C 33 26.31 18.35 -5.03
CA ALA C 33 25.80 19.05 -3.86
C ALA C 33 25.26 20.42 -4.19
N PRO C 34 24.43 20.50 -5.24
CA PRO C 34 23.78 21.79 -5.49
C PRO C 34 22.94 22.16 -4.29
N THR C 35 22.71 23.44 -4.07
CA THR C 35 21.86 23.89 -2.98
C THR C 35 20.55 23.13 -3.04
N GLY C 36 20.17 22.50 -1.94
CA GLY C 36 18.98 21.67 -1.94
C GLY C 36 19.27 20.19 -1.79
N ARG C 37 20.51 19.81 -2.09
CA ARG C 37 20.91 18.41 -1.99
C ARG C 37 22.30 18.28 -1.42
N GLU C 38 22.62 19.13 -0.44
CA GLU C 38 23.94 19.15 0.18
C GLU C 38 24.13 18.04 1.18
N GLY C 39 23.16 17.16 1.32
CA GLY C 39 23.23 16.16 2.35
C GLY C 39 24.46 15.27 2.27
N ALA C 40 24.69 14.66 1.10
CA ALA C 40 25.78 13.71 0.97
C ALA C 40 27.13 14.40 1.20
N ALA C 41 27.26 15.64 0.77
CA ALA C 41 28.48 16.38 1.04
C ALA C 41 28.66 16.52 2.55
N GLY C 42 27.57 16.80 3.25
CA GLY C 42 27.58 16.90 4.69
C GLY C 42 28.02 15.60 5.35
N ASP C 43 27.50 14.48 4.84
CA ASP C 43 27.85 13.17 5.38
C ASP C 43 29.33 12.89 5.24
N TYR C 44 29.89 13.25 4.10
CA TYR C 44 31.32 13.08 3.86
C TYR C 44 32.11 13.87 4.89
N VAL C 45 31.73 15.11 5.09
CA VAL C 45 32.45 15.96 6.02
C VAL C 45 32.25 15.43 7.44
N TYR C 46 31.04 14.98 7.74
CA TYR C 46 30.78 14.42 9.07
C TYR C 46 31.72 13.25 9.32
N GLU C 47 31.80 12.33 8.38
CA GLU C 47 32.62 11.15 8.57
C GLU C 47 34.11 11.49 8.58
N TRP C 48 34.49 12.51 7.80
CA TRP C 48 35.89 12.92 7.75
C TRP C 48 36.27 13.48 9.10
N MET C 49 35.40 14.32 9.65
CA MET C 49 35.69 14.90 10.93
C MET C 49 35.70 13.84 12.00
N ALA C 50 34.78 12.89 11.87
CA ALA C 50 34.63 11.87 12.90
C ALA C 50 35.87 11.00 12.97
N ARG C 51 36.41 10.62 11.82
CA ARG C 51 37.51 9.70 11.83
C ARG C 51 38.79 10.44 12.19
N ASN C 52 38.78 11.76 12.06
CA ASN C 52 39.92 12.56 12.50
C ASN C 52 39.77 13.05 13.94
N GLY C 53 38.74 12.60 14.63
CA GLY C 53 38.62 12.85 16.07
C GLY C 53 38.14 14.24 16.47
N PHE C 54 37.42 14.90 15.58
CA PHE C 54 36.92 16.24 15.86
C PHE C 54 35.52 16.23 16.44
N GLY C 55 34.96 15.05 16.68
CA GLY C 55 33.66 14.92 17.33
C GLY C 55 32.56 15.73 16.67
N PRO C 56 32.31 15.48 15.39
CA PRO C 56 31.34 16.28 14.63
C PRO C 56 29.94 16.10 15.14
N GLU C 57 29.08 17.07 14.85
CA GLU C 57 27.67 16.84 15.02
C GLU C 57 26.91 17.49 13.87
N ARG C 58 25.82 16.85 13.48
CA ARG C 58 24.96 17.38 12.44
C ARG C 58 24.03 18.36 13.11
N VAL C 59 23.98 19.58 12.59
CA VAL C 59 23.17 20.63 13.18
C VAL C 59 22.32 21.19 12.07
N GLY C 60 21.07 20.76 11.99
CA GLY C 60 20.30 21.05 10.81
C GLY C 60 18.83 21.19 11.05
N VAL C 61 18.18 21.87 10.12
CA VAL C 61 16.75 22.00 10.09
C VAL C 61 16.08 20.75 9.50
N PHE C 62 16.78 20.10 8.58
CA PHE C 62 16.29 18.91 7.89
C PHE C 62 17.30 17.80 8.05
N ASP C 63 16.87 16.56 8.00
CA ASP C 63 17.83 15.50 8.23
C ASP C 63 18.68 15.24 7.00
N ASP C 64 18.32 15.80 5.86
CA ASP C 64 19.17 15.66 4.69
C ASP C 64 19.75 16.98 4.18
N ARG C 65 19.59 18.04 4.96
CA ARG C 65 20.21 19.32 4.66
C ARG C 65 20.64 19.93 5.98
N PHE C 66 21.91 19.77 6.31
CA PHE C 66 22.37 20.10 7.64
C PHE C 66 23.77 20.70 7.62
N ASN C 67 24.10 21.38 8.71
CA ASN C 67 25.43 21.87 8.92
C ASN C 67 26.20 20.82 9.70
N VAL C 68 27.51 20.85 9.60
CA VAL C 68 28.35 19.94 10.35
C VAL C 68 29.32 20.73 11.19
N VAL C 69 29.26 20.54 12.49
CA VAL C 69 30.09 21.30 13.39
C VAL C 69 30.96 20.35 14.20
N GLY C 70 32.27 20.56 14.12
CA GLY C 70 33.22 19.81 14.92
C GLY C 70 34.14 20.76 15.66
N ARG C 71 35.09 20.21 16.41
CA ARG C 71 35.87 21.04 17.30
C ARG C 71 37.26 20.47 17.60
N LEU C 72 38.26 21.33 17.61
CA LEU C 72 39.55 20.96 18.17
C LEU C 72 39.73 21.70 19.50
N ARG C 73 39.52 20.98 20.60
CA ARG C 73 39.46 21.60 21.92
C ARG C 73 40.81 22.10 22.39
N GLY C 74 40.81 23.31 22.93
CA GLY C 74 42.02 23.90 23.45
C GLY C 74 42.23 23.51 24.90
N THR C 75 43.34 23.95 25.46
CA THR C 75 43.67 23.63 26.84
C THR C 75 42.99 24.57 27.81
N GLY C 76 42.48 25.68 27.31
CA GLY C 76 41.68 26.57 28.14
C GLY C 76 42.23 27.98 28.23
N GLY C 77 41.35 28.96 28.35
CA GLY C 77 41.75 30.33 28.54
C GLY C 77 42.12 31.10 27.30
N GLY C 78 41.85 30.54 26.12
CA GLY C 78 42.21 31.24 24.90
C GLY C 78 40.99 31.66 24.10
N ALA C 79 41.19 32.54 23.14
CA ALA C 79 40.12 32.90 22.24
C ALA C 79 39.84 31.74 21.29
N SER C 80 38.58 31.52 20.97
CA SER C 80 38.22 30.49 20.01
C SER C 80 38.04 31.07 18.61
N LEU C 81 38.36 30.25 17.60
CA LEU C 81 38.25 30.66 16.21
C LEU C 81 37.48 29.64 15.40
N SER C 82 36.46 30.10 14.67
CA SER C 82 35.76 29.24 13.72
C SER C 82 36.41 29.32 12.36
N PHE C 83 36.50 28.17 11.69
CA PHE C 83 36.71 28.15 10.26
C PHE C 83 35.41 27.70 9.64
N ASN C 84 35.06 28.32 8.54
CA ASN C 84 33.75 28.10 7.93
C ASN C 84 33.85 28.08 6.41
N SER C 85 33.26 27.06 5.79
CA SER C 85 33.03 27.04 4.35
C SER C 85 31.70 26.34 4.11
N HIS C 86 31.15 26.45 2.91
CA HIS C 86 29.82 25.91 2.66
C HIS C 86 29.81 24.63 1.79
N LEU C 87 28.84 23.78 2.05
CA LEU C 87 28.71 22.45 1.42
C LEU C 87 28.03 22.47 0.07
N ASP C 88 27.28 23.52 -0.21
CA ASP C 88 26.49 23.51 -1.42
C ASP C 88 27.29 24.12 -2.55
N THR C 89 26.95 23.73 -3.76
CA THR C 89 27.60 24.25 -4.94
C THR C 89 26.55 24.85 -5.87
N ILE C 90 27.02 25.55 -6.88
CA ILE C 90 26.15 26.38 -7.70
C ILE C 90 25.27 25.60 -8.65
N MET C 91 25.83 24.63 -9.36
CA MET C 91 25.13 24.06 -10.51
C MET C 91 24.29 22.83 -10.19
N ALA C 92 22.97 23.00 -10.24
CA ALA C 92 22.05 21.87 -10.18
C ALA C 92 22.14 21.11 -11.48
N ARG C 93 21.82 19.82 -11.44
CA ARG C 93 21.97 18.96 -12.61
C ARG C 93 21.26 19.54 -13.84
N GLU C 94 20.26 20.39 -13.62
CA GLU C 94 19.52 20.95 -14.72
C GLU C 94 19.20 22.44 -14.56
N ASP C 95 20.25 23.26 -14.45
CA ASP C 95 20.07 24.71 -14.44
C ASP C 95 20.16 25.28 -15.86
N THR C 96 19.47 24.62 -16.78
CA THR C 96 19.52 25.00 -18.19
C THR C 96 18.61 26.19 -18.51
N ALA C 97 17.82 26.61 -17.53
CA ALA C 97 17.00 27.80 -17.68
C ALA C 97 17.84 29.03 -17.36
N ARG C 98 18.98 28.80 -16.71
CA ARG C 98 19.86 29.90 -16.37
C ARG C 98 21.05 29.93 -17.33
N PHE C 99 21.71 28.78 -17.48
CA PHE C 99 22.96 28.74 -18.22
C PHE C 99 22.78 27.92 -19.49
N ALA C 100 22.87 28.61 -20.63
CA ALA C 100 22.88 27.95 -21.93
C ALA C 100 24.17 27.16 -22.02
N ASP C 101 25.15 27.62 -21.25
CA ASP C 101 26.49 27.04 -21.16
C ASP C 101 26.46 25.54 -20.83
N ALA C 102 25.26 24.97 -20.80
CA ALA C 102 25.07 23.55 -20.54
C ALA C 102 25.77 23.12 -19.27
N ASN C 103 25.97 21.82 -19.14
CA ASN C 103 26.64 21.28 -17.97
C ASN C 103 27.83 20.43 -18.36
N ASP C 104 28.95 21.10 -18.64
CA ASP C 104 30.21 20.45 -18.96
C ASP C 104 30.88 19.92 -17.71
N ARG C 105 31.94 19.13 -17.90
CA ARG C 105 32.62 18.44 -16.81
C ARG C 105 32.99 19.37 -15.65
N ILE C 106 33.53 20.54 -15.97
CA ILE C 106 34.01 21.49 -14.96
C ILE C 106 32.95 21.86 -13.94
N TYR C 107 31.68 21.73 -14.32
CA TYR C 107 30.60 22.15 -13.45
C TYR C 107 30.18 21.08 -12.45
N HIS C 108 30.58 19.83 -12.70
CA HIS C 108 30.05 18.72 -11.92
C HIS C 108 31.08 17.70 -11.46
N GLU C 109 32.34 17.91 -11.80
CA GLU C 109 33.36 17.01 -11.30
C GLU C 109 34.55 17.76 -10.74
N ALA C 110 35.38 17.06 -10.00
CA ALA C 110 36.62 17.61 -9.51
C ALA C 110 37.71 16.58 -9.75
N TRP C 111 38.91 17.05 -10.10
CA TRP C 111 39.98 16.13 -10.39
C TRP C 111 41.36 16.79 -10.31
N HIS C 112 42.36 16.00 -9.97
CA HIS C 112 43.73 16.48 -9.85
C HIS C 112 44.53 16.25 -11.13
N GLU C 113 45.20 17.28 -11.62
CA GLU C 113 46.08 17.09 -12.76
C GLU C 113 47.10 18.21 -12.86
N GLU C 114 48.36 17.81 -12.99
CA GLU C 114 49.45 18.76 -13.15
C GLU C 114 49.47 19.81 -12.03
N GLY C 115 49.39 19.35 -10.79
CA GLY C 115 49.47 20.24 -9.65
C GLY C 115 48.27 21.17 -9.52
N ARG C 116 47.20 20.87 -10.24
CA ARG C 116 45.99 21.65 -10.15
C ARG C 116 44.82 20.78 -9.74
N ILE C 117 43.85 21.38 -9.07
CA ILE C 117 42.59 20.73 -8.81
C ILE C 117 41.49 21.49 -9.53
N TYR C 118 40.91 20.86 -10.55
CA TYR C 118 39.87 21.50 -11.35
C TYR C 118 38.49 21.22 -10.77
N GLY C 119 37.54 22.10 -11.10
CA GLY C 119 36.17 21.90 -10.70
C GLY C 119 35.59 23.15 -10.06
N TYR C 120 34.48 23.63 -10.60
CA TYR C 120 33.81 24.77 -10.00
C TYR C 120 33.44 24.48 -8.57
N SER C 121 33.19 23.22 -8.27
CA SER C 121 32.82 22.88 -6.91
C SER C 121 34.05 22.86 -5.98
N VAL C 122 35.24 22.79 -6.55
CA VAL C 122 36.44 22.96 -5.74
C VAL C 122 36.63 24.44 -5.41
N VAL C 123 36.56 25.29 -6.44
CA VAL C 123 36.68 26.73 -6.25
C VAL C 123 35.63 27.25 -5.30
N ASN C 124 34.42 26.70 -5.41
CA ASN C 124 33.30 27.18 -4.62
C ASN C 124 32.43 26.00 -4.19
N CYS C 125 32.74 25.37 -3.06
CA CYS C 125 33.72 25.87 -2.10
C CYS C 125 34.45 24.72 -1.41
N LYS C 126 34.52 23.56 -2.04
CA LYS C 126 35.13 22.41 -1.38
C LYS C 126 36.66 22.58 -1.20
N GLY C 127 37.27 23.39 -2.05
CA GLY C 127 38.70 23.61 -1.96
C GLY C 127 39.15 24.31 -0.70
N PRO C 128 38.58 25.50 -0.44
CA PRO C 128 38.95 26.21 0.78
C PRO C 128 38.56 25.38 1.99
N MET C 129 37.45 24.66 1.89
CA MET C 129 37.03 23.80 2.98
C MET C 129 38.11 22.77 3.26
N ALA C 130 38.65 22.16 2.22
CA ALA C 130 39.67 21.13 2.42
C ALA C 130 40.87 21.76 3.09
N CYS C 131 41.12 23.02 2.76
CA CYS C 131 42.27 23.73 3.31
C CYS C 131 42.22 23.81 4.83
N TRP C 132 41.07 24.18 5.41
CA TRP C 132 41.08 24.26 6.87
C TRP C 132 40.81 22.93 7.56
N LEU C 133 40.14 22.01 6.88
CA LEU C 133 40.05 20.64 7.39
C LEU C 133 41.46 20.08 7.61
N ILE C 134 42.31 20.23 6.60
CA ILE C 134 43.68 19.74 6.67
C ILE C 134 44.48 20.53 7.70
N ALA C 135 44.31 21.85 7.71
CA ALA C 135 44.94 22.69 8.71
C ALA C 135 44.61 22.19 10.11
N ALA C 136 43.34 21.89 10.38
CA ALA C 136 42.97 21.43 11.71
C ALA C 136 43.60 20.07 12.02
N LYS C 137 43.59 19.20 11.01
CA LYS C 137 44.22 17.89 11.11
C LYS C 137 45.68 18.02 11.50
N ALA C 138 46.39 18.93 10.82
CA ALA C 138 47.79 19.18 11.10
C ALA C 138 47.97 19.70 12.53
N LEU C 139 47.17 20.69 12.92
CA LEU C 139 47.28 21.24 14.25
C LEU C 139 47.14 20.13 15.29
N LYS C 140 46.13 19.28 15.10
CA LYS C 140 45.84 18.24 16.08
C LYS C 140 46.99 17.23 16.13
N GLU C 141 47.43 16.80 14.97
CA GLU C 141 48.39 15.72 14.86
C GLU C 141 49.78 16.19 15.28
N ALA C 142 50.09 17.44 14.99
CA ALA C 142 51.36 18.00 15.40
C ALA C 142 51.36 18.27 16.90
N GLY C 143 50.18 18.17 17.50
CA GLY C 143 50.01 18.51 18.90
C GLY C 143 50.29 19.97 19.22
N ALA C 144 49.88 20.87 18.34
CA ALA C 144 50.08 22.30 18.57
C ALA C 144 49.44 22.74 19.87
N ALA C 145 50.13 23.60 20.60
CA ALA C 145 49.59 24.15 21.83
C ALA C 145 48.57 25.24 21.54
N LEU C 146 47.33 25.04 22.00
CA LEU C 146 46.26 26.00 21.77
C LEU C 146 45.40 26.19 23.00
N LYS C 147 45.32 27.41 23.48
CA LYS C 147 44.51 27.65 24.66
C LYS C 147 43.05 27.67 24.29
N GLY C 148 42.70 28.28 23.16
CA GLY C 148 41.32 28.37 22.72
C GLY C 148 40.95 27.25 21.77
N ASP C 149 39.65 27.00 21.64
CA ASP C 149 39.14 25.99 20.72
C ASP C 149 39.24 26.44 19.27
N VAL C 150 39.42 25.49 18.36
CA VAL C 150 39.13 25.73 16.96
C VAL C 150 37.81 25.07 16.63
N VAL C 151 36.86 25.86 16.14
CA VAL C 151 35.55 25.33 15.78
C VAL C 151 35.50 25.10 14.26
N LEU C 152 34.99 23.94 13.86
CA LEU C 152 35.02 23.55 12.47
C LEU C 152 33.60 23.51 11.93
N THR C 153 33.26 24.45 11.06
CA THR C 153 31.87 24.63 10.69
C THR C 153 31.67 24.54 9.21
N ALA C 154 31.09 23.43 8.78
CA ALA C 154 30.73 23.25 7.39
C ALA C 154 29.24 23.45 7.23
N VAL C 155 28.84 24.47 6.48
CA VAL C 155 27.45 24.85 6.47
C VAL C 155 26.76 24.54 5.17
N CYS C 156 25.47 24.23 5.25
CA CYS C 156 24.69 24.04 4.06
C CYS C 156 24.13 25.40 3.63
N GLY C 157 23.49 25.43 2.47
CA GLY C 157 22.70 26.57 2.03
C GLY C 157 23.32 27.96 2.09
N GLU C 158 24.56 28.11 1.69
CA GLU C 158 25.16 29.44 1.67
C GLU C 158 24.71 30.21 0.43
N ILE C 159 24.42 29.51 -0.65
CA ILE C 159 24.22 30.16 -1.94
C ILE C 159 22.84 30.85 -2.00
N ASP C 160 22.78 31.98 -2.68
CA ASP C 160 21.65 32.91 -2.61
C ASP C 160 20.26 32.45 -3.12
N CYS C 161 20.00 31.15 -3.26
CA CYS C 161 18.65 30.67 -3.57
C CYS C 161 17.63 31.07 -2.50
N GLU C 162 16.38 31.27 -2.87
CA GLU C 162 15.34 31.58 -1.89
C GLU C 162 13.97 31.12 -2.35
N PRO C 163 13.15 30.64 -1.41
CA PRO C 163 11.76 30.36 -1.74
C PRO C 163 11.06 31.64 -2.19
N VAL C 164 10.04 31.48 -3.01
CA VAL C 164 9.22 32.59 -3.46
C VAL C 164 8.02 32.02 -4.20
N ASP C 165 6.89 32.70 -4.12
CA ASP C 165 5.67 32.23 -4.78
C ASP C 165 5.41 30.76 -4.44
N GLU C 166 5.22 29.91 -5.45
CA GLU C 166 4.86 28.51 -5.18
C GLU C 166 6.06 27.65 -4.83
N PHE C 167 7.24 28.23 -4.83
CA PHE C 167 8.44 27.47 -4.54
C PHE C 167 8.80 27.65 -3.07
N GLN C 168 8.36 26.70 -2.24
CA GLN C 168 8.43 26.87 -0.80
C GLN C 168 9.06 25.68 -0.10
N GLY C 169 9.70 25.94 1.03
CA GLY C 169 10.12 24.89 1.94
C GLY C 169 11.41 24.19 1.57
N HIS C 170 11.52 22.95 2.04
CA HIS C 170 12.73 22.13 1.97
C HIS C 170 13.58 22.26 0.71
N ASP C 171 12.99 22.16 -0.48
CA ASP C 171 13.79 22.16 -1.71
C ASP C 171 14.39 23.50 -2.06
N TYR C 172 13.83 24.59 -1.54
CA TYR C 172 14.16 25.92 -2.05
C TYR C 172 14.89 26.78 -1.05
N LEU C 173 14.95 26.34 0.21
CA LEU C 173 15.58 27.09 1.27
C LEU C 173 17.10 27.09 1.14
N ALA C 174 17.76 28.07 1.75
CA ALA C 174 19.21 28.06 1.77
C ALA C 174 19.76 28.75 3.02
N GLU C 175 19.99 30.05 2.96
CA GLU C 175 20.70 30.70 4.05
C GLU C 175 20.00 30.59 5.42
N ASP C 176 18.68 30.51 5.43
CA ASP C 176 17.99 30.45 6.71
C ASP C 176 18.33 29.19 7.47
N ILE C 177 18.73 28.13 6.78
CA ILE C 177 19.04 26.88 7.45
C ILE C 177 20.51 26.59 7.47
N GLY C 178 21.30 27.57 7.02
CA GLY C 178 22.74 27.41 6.96
C GLY C 178 23.48 27.96 8.17
N ALA C 179 24.49 28.78 7.90
CA ALA C 179 25.41 29.24 8.92
C ALA C 179 24.72 29.91 10.11
N ARG C 180 23.78 30.82 9.88
CA ARG C 180 23.15 31.47 11.02
C ARG C 180 22.46 30.42 11.90
N TYR C 181 21.87 29.41 11.27
CA TYR C 181 21.25 28.37 12.06
C TYR C 181 22.31 27.63 12.85
N ALA C 182 23.44 27.36 12.23
CA ALA C 182 24.49 26.63 12.92
C ALA C 182 25.02 27.40 14.13
N ILE C 183 25.29 28.68 13.94
CA ILE C 183 25.81 29.51 15.03
C ILE C 183 24.78 29.63 16.14
N SER C 184 23.56 29.94 15.75
CA SER C 184 22.46 30.09 16.70
C SER C 184 22.22 28.85 17.53
N HIS C 185 22.67 27.69 17.04
CA HIS C 185 22.47 26.46 17.78
C HIS C 185 23.77 25.87 18.26
N GLY C 186 24.76 26.72 18.49
CA GLY C 186 25.93 26.31 19.26
C GLY C 186 27.30 26.55 18.66
N ALA C 187 27.37 26.72 17.35
CA ALA C 187 28.66 26.86 16.72
C ALA C 187 29.21 28.29 16.92
N ILE C 188 29.34 28.70 18.18
CA ILE C 188 29.86 30.02 18.47
C ILE C 188 31.34 30.00 18.82
N SER C 189 31.97 31.15 18.57
CA SER C 189 33.38 31.33 18.83
C SER C 189 33.65 32.83 18.99
N ASP C 190 34.85 33.19 19.45
CA ASP C 190 35.19 34.60 19.57
C ASP C 190 35.33 35.23 18.19
N TYR C 191 35.95 34.53 17.26
CA TYR C 191 36.20 35.04 15.91
C TYR C 191 35.87 34.00 14.83
N ALA C 192 35.75 34.44 13.59
CA ALA C 192 35.43 33.49 12.56
C ALA C 192 36.07 33.86 11.25
N LEU C 193 36.77 32.89 10.66
CA LEU C 193 37.33 33.06 9.34
C LEU C 193 36.50 32.25 8.36
N VAL C 194 35.96 32.92 7.37
CA VAL C 194 35.15 32.27 6.36
C VAL C 194 36.09 32.00 5.20
N ALA C 195 36.31 30.72 4.92
CA ALA C 195 37.26 30.34 3.88
C ALA C 195 36.54 30.27 2.54
N GLU C 196 36.84 31.22 1.66
CA GLU C 196 36.32 31.25 0.30
C GLU C 196 37.48 31.63 -0.63
N ALA C 197 37.30 31.43 -1.93
CA ALA C 197 38.35 31.76 -2.87
C ALA C 197 38.50 33.27 -2.96
N THR C 198 39.59 33.79 -2.43
CA THR C 198 39.76 35.23 -2.32
C THR C 198 41.14 35.69 -2.85
N ASN C 199 41.91 34.75 -3.39
CA ASN C 199 43.28 35.00 -3.83
C ASN C 199 44.10 35.68 -2.73
N PHE C 200 43.96 35.17 -1.52
CA PHE C 200 44.72 35.65 -0.38
C PHE C 200 44.49 37.13 -0.09
N LYS C 201 43.29 37.64 -0.38
CA LYS C 201 42.94 39.00 -0.01
C LYS C 201 41.80 38.97 1.00
N PRO C 202 42.03 39.53 2.20
CA PRO C 202 41.00 39.47 3.23
C PRO C 202 39.93 40.54 3.08
N ALA C 203 38.67 40.19 3.29
CA ALA C 203 37.61 41.19 3.33
C ALA C 203 36.81 41.05 4.61
N TRP C 204 36.36 42.17 5.16
CA TRP C 204 35.52 42.09 6.33
C TRP C 204 34.39 43.11 6.28
N VAL C 205 33.95 43.41 5.07
CA VAL C 205 32.63 44.00 4.89
C VAL C 205 31.94 43.26 3.76
N GLU C 206 30.61 43.12 3.82
CA GLU C 206 29.86 42.52 2.72
C GLU C 206 28.49 43.19 2.55
N ALA C 207 27.84 42.92 1.43
CA ALA C 207 26.53 43.48 1.13
C ALA C 207 25.41 42.69 1.79
N GLY C 208 24.30 43.38 2.02
CA GLY C 208 23.04 42.74 2.33
C GLY C 208 22.32 42.66 1.00
N LYS C 209 21.04 42.31 1.02
CA LYS C 209 20.25 42.25 -0.21
C LYS C 209 18.77 42.40 0.06
N VAL C 210 18.08 42.96 -0.91
CA VAL C 210 16.64 42.86 -0.92
C VAL C 210 16.23 42.32 -2.29
N PHE C 211 15.42 41.27 -2.29
CA PHE C 211 14.82 40.78 -3.53
C PHE C 211 13.41 41.34 -3.70
N LEU C 212 13.12 41.85 -4.89
CA LEU C 212 11.80 42.43 -5.14
C LEU C 212 11.12 41.69 -6.25
N LYS C 213 9.86 41.34 -6.03
CA LYS C 213 9.02 40.86 -7.09
C LYS C 213 8.22 42.06 -7.57
N VAL C 214 8.44 42.45 -8.82
CA VAL C 214 7.75 43.59 -9.39
C VAL C 214 6.77 43.09 -10.41
N THR C 215 5.50 43.30 -10.13
CA THR C 215 4.44 42.81 -11.00
C THR C 215 3.73 43.98 -11.63
N VAL C 216 3.84 44.11 -12.95
CA VAL C 216 3.15 45.15 -13.68
C VAL C 216 1.75 44.70 -14.05
N PHE C 217 0.81 45.62 -14.05
CA PHE C 217 -0.58 45.32 -14.43
C PHE C 217 -0.96 46.02 -15.72
N ALA C 218 -1.76 45.35 -16.52
CA ALA C 218 -2.31 45.99 -17.70
C ALA C 218 -3.69 45.43 -17.92
N GLY C 219 -3.95 44.82 -19.07
CA GLY C 219 -5.28 44.30 -19.34
C GLY C 219 -6.14 45.36 -19.98
N PRO C 220 -7.36 44.99 -20.39
CA PRO C 220 -7.92 43.66 -20.23
C PRO C 220 -7.38 42.69 -21.26
N SER C 221 -7.26 41.42 -20.86
CA SER C 221 -6.80 40.37 -21.76
C SER C 221 -7.80 40.16 -22.87
N ARG C 222 -7.32 39.92 -24.09
CA ARG C 222 -8.18 39.54 -25.21
C ARG C 222 -7.68 38.27 -25.91
N TYR C 223 -8.60 37.42 -26.34
CA TYR C 223 -8.34 36.41 -27.36
C TYR C 223 -7.61 37.07 -28.52
N THR C 224 -6.56 36.42 -29.01
CA THR C 224 -5.69 37.02 -30.02
C THR C 224 -6.42 37.69 -31.20
N PRO C 225 -7.42 37.04 -31.79
CA PRO C 225 -8.13 37.66 -32.92
C PRO C 225 -8.75 39.00 -32.56
N TYR C 226 -8.82 39.32 -31.28
CA TYR C 226 -9.41 40.58 -30.87
C TYR C 226 -8.42 41.62 -30.36
N VAL C 227 -7.12 41.29 -30.31
CA VAL C 227 -6.17 42.24 -29.70
C VAL C 227 -6.16 43.58 -30.46
N PRO C 228 -6.27 44.70 -29.71
CA PRO C 228 -6.22 46.02 -30.32
C PRO C 228 -4.81 46.39 -30.75
N ARG C 229 -4.65 46.79 -32.01
CA ARG C 229 -3.38 47.31 -32.53
C ARG C 229 -3.69 48.46 -33.51
N PRO C 230 -2.83 49.46 -33.60
CA PRO C 230 -1.57 49.61 -32.87
C PRO C 230 -1.79 50.37 -31.57
N VAL C 231 -0.99 50.05 -30.57
CA VAL C 231 -1.05 50.70 -29.28
C VAL C 231 0.37 50.98 -28.81
N ALA C 232 0.58 52.15 -28.20
CA ALA C 232 1.90 52.48 -27.65
C ALA C 232 2.24 51.51 -26.54
N ALA C 233 3.51 51.09 -26.52
CA ALA C 233 4.00 50.08 -25.57
C ALA C 233 3.57 50.29 -24.11
N LEU C 234 3.77 51.50 -23.58
CA LEU C 234 3.43 51.76 -22.18
C LEU C 234 1.93 51.66 -21.94
N ASP C 235 1.17 51.64 -23.02
CA ASP C 235 -0.28 51.60 -22.95
C ASP C 235 -0.84 50.22 -23.26
N SER C 236 0.04 49.32 -23.68
CA SER C 236 -0.41 48.03 -24.17
C SER C 236 -1.27 47.33 -23.15
N PRO C 237 -2.33 46.67 -23.62
CA PRO C 237 -3.06 45.88 -22.63
C PRO C 237 -2.29 44.62 -22.22
N ASN C 238 -1.23 44.30 -22.96
CA ASN C 238 -0.41 43.14 -22.63
C ASN C 238 0.65 43.52 -21.60
N ALA C 239 0.54 42.97 -20.39
CA ALA C 239 1.48 43.32 -19.34
C ALA C 239 2.91 42.99 -19.73
N ILE C 240 3.08 41.96 -20.55
CA ILE C 240 4.42 41.62 -20.99
C ILE C 240 5.04 42.78 -21.74
N VAL C 241 4.22 43.46 -22.54
CA VAL C 241 4.73 44.55 -23.35
C VAL C 241 5.05 45.78 -22.48
N ARG C 242 4.24 46.04 -21.46
CA ARG C 242 4.55 47.14 -20.54
C ARG C 242 5.80 46.79 -19.75
N MET C 243 5.91 45.54 -19.33
CA MET C 243 7.07 45.13 -18.56
C MET C 243 8.36 45.37 -19.34
N ALA C 244 8.32 45.18 -20.65
CA ALA C 244 9.48 45.43 -21.51
C ALA C 244 9.99 46.88 -21.34
N LYS C 245 9.08 47.84 -21.31
CA LYS C 245 9.48 49.22 -21.10
C LYS C 245 10.00 49.42 -19.69
N LEU C 246 9.38 48.76 -18.72
CA LEU C 246 9.78 48.90 -17.33
C LEU C 246 11.16 48.29 -17.12
N VAL C 247 11.46 47.19 -17.80
CA VAL C 247 12.78 46.60 -17.71
C VAL C 247 13.85 47.60 -18.14
N GLU C 248 13.58 48.32 -19.21
CA GLU C 248 14.53 49.31 -19.68
C GLU C 248 14.74 50.44 -18.66
N ALA C 249 13.67 50.92 -18.07
CA ALA C 249 13.79 51.94 -17.04
C ALA C 249 14.56 51.43 -15.83
N LEU C 250 14.32 50.17 -15.46
CA LEU C 250 14.97 49.64 -14.27
C LEU C 250 16.46 49.39 -14.52
N GLU C 251 16.82 49.10 -15.76
CA GLU C 251 18.22 48.91 -16.10
C GLU C 251 18.95 50.25 -15.96
N GLU C 252 18.30 51.32 -16.39
CA GLU C 252 18.91 52.63 -16.28
C GLU C 252 19.05 52.96 -14.80
N TRP C 253 18.00 52.75 -14.03
CA TRP C 253 18.08 52.95 -12.58
C TRP C 253 19.22 52.14 -11.93
N ALA C 254 19.35 50.87 -12.32
CA ALA C 254 20.38 49.99 -11.81
C ALA C 254 21.78 50.52 -12.10
N ASP C 255 21.97 51.07 -13.29
CA ASP C 255 23.25 51.64 -13.68
C ASP C 255 23.71 52.70 -12.69
N ASN C 256 22.80 53.57 -12.27
CA ASN C 256 23.14 54.67 -11.37
C ASN C 256 23.11 54.25 -9.92
N TYR C 257 22.25 53.30 -9.60
CA TYR C 257 22.12 52.85 -8.22
C TYR C 257 23.45 52.45 -7.64
N GLU C 258 24.21 51.67 -8.40
CA GLU C 258 25.44 51.12 -7.87
C GLU C 258 26.44 52.23 -7.63
N LYS C 259 26.35 53.31 -8.39
CA LYS C 259 27.22 54.44 -8.18
C LYS C 259 26.79 55.22 -6.97
N ARG C 260 25.50 55.50 -6.89
CA ARG C 260 24.97 56.31 -5.80
C ARG C 260 25.18 55.67 -4.44
N TYR C 261 25.17 54.33 -4.37
CA TYR C 261 25.26 53.67 -3.07
C TYR C 261 26.62 53.00 -2.84
N THR C 262 27.61 53.38 -3.62
CA THR C 262 28.97 52.94 -3.37
C THR C 262 29.45 53.55 -2.07
N ARG C 263 30.07 52.75 -1.22
CA ARG C 263 30.58 53.23 0.05
C ARG C 263 31.87 52.53 0.41
N GLU C 264 32.88 53.32 0.75
CA GLU C 264 34.13 52.75 1.19
C GLU C 264 34.13 52.59 2.70
N TYR C 265 34.45 51.38 3.15
CA TYR C 265 34.55 51.05 4.55
C TYR C 265 35.98 50.69 4.92
N GLY C 266 36.25 50.65 6.22
CA GLY C 266 37.50 50.07 6.68
C GLY C 266 37.75 48.71 6.04
N GLY C 267 36.73 47.84 6.05
CA GLY C 267 36.88 46.47 5.58
C GLY C 267 36.80 46.23 4.07
N GLY C 268 36.67 47.29 3.29
CA GLY C 268 36.57 47.17 1.85
C GLY C 268 35.57 48.14 1.25
N THR C 269 35.48 48.18 -0.07
CA THR C 269 34.59 49.11 -0.73
C THR C 269 33.36 48.40 -1.27
N VAL C 270 32.18 48.78 -0.79
CA VAL C 270 30.95 48.16 -1.27
C VAL C 270 30.42 48.87 -2.50
N VAL C 271 30.26 48.13 -3.58
CA VAL C 271 29.59 48.61 -4.78
C VAL C 271 28.37 47.72 -4.96
N PRO C 272 27.19 48.15 -4.47
CA PRO C 272 26.03 47.27 -4.47
C PRO C 272 25.36 47.26 -5.82
N LYS C 273 25.27 46.09 -6.45
CA LYS C 273 24.71 46.03 -7.79
C LYS C 273 23.30 45.46 -7.82
N VAL C 274 22.69 45.56 -8.99
CA VAL C 274 21.32 45.17 -9.24
C VAL C 274 21.25 44.31 -10.49
N ALA C 275 20.48 43.23 -10.43
CA ALA C 275 20.25 42.42 -11.62
C ALA C 275 18.82 41.91 -11.65
N ILE C 276 18.28 41.73 -12.84
CA ILE C 276 16.99 41.10 -12.99
C ILE C 276 17.23 39.61 -13.26
N GLY C 277 16.92 38.77 -12.27
CA GLY C 277 17.27 37.36 -12.30
C GLY C 277 16.23 36.46 -12.95
N ALA C 278 15.00 36.94 -13.05
CA ALA C 278 13.95 36.13 -13.63
C ALA C 278 12.76 36.97 -14.08
N ILE C 279 12.01 36.44 -15.03
CA ILE C 279 10.78 37.06 -15.49
C ILE C 279 9.75 35.98 -15.81
N ARG C 280 8.50 36.28 -15.52
CA ARG C 280 7.45 35.41 -16.03
C ARG C 280 6.13 36.14 -16.08
N GLY C 281 5.42 35.91 -17.18
CA GLY C 281 4.09 36.44 -17.34
C GLY C 281 3.34 35.47 -18.21
N GLY C 282 2.08 35.21 -17.86
CA GLY C 282 1.28 34.22 -18.58
C GLY C 282 1.84 32.84 -18.29
N VAL C 283 1.28 31.82 -18.92
CA VAL C 283 1.81 30.48 -18.82
C VAL C 283 1.98 29.94 -20.20
N PRO C 284 3.07 29.23 -20.44
CA PRO C 284 3.41 28.73 -21.78
C PRO C 284 2.32 27.86 -22.42
N TYR C 285 1.50 27.19 -21.63
CA TYR C 285 0.57 26.22 -22.19
C TYR C 285 -0.83 26.77 -22.45
N LYS C 286 -1.03 28.07 -22.22
CA LYS C 286 -2.25 28.78 -22.61
C LYS C 286 -1.86 30.16 -23.07
N ILE C 287 -1.61 30.34 -24.35
CA ILE C 287 -1.10 31.61 -24.81
C ILE C 287 -2.04 32.33 -25.78
N TYR C 288 -3.28 31.86 -25.88
CA TYR C 288 -4.20 32.44 -26.85
C TYR C 288 -4.77 33.77 -26.37
N ALA C 289 -4.51 34.12 -25.10
CA ALA C 289 -4.95 35.39 -24.56
C ALA C 289 -3.83 36.01 -23.72
N PHE C 290 -3.33 37.18 -24.10
CA PHE C 290 -2.17 37.72 -23.42
C PHE C 290 -2.48 38.04 -21.95
N PRO C 291 -1.46 38.01 -21.09
CA PRO C 291 -1.68 38.17 -19.64
C PRO C 291 -1.87 39.62 -19.21
N GLU C 292 -2.62 39.80 -18.13
CA GLU C 292 -2.91 41.12 -17.57
C GLU C 292 -1.87 41.50 -16.53
N LEU C 293 -1.00 40.56 -16.21
CA LEU C 293 0.09 40.87 -15.30
C LEU C 293 1.36 40.12 -15.69
N CYS C 294 2.49 40.67 -15.28
CA CYS C 294 3.79 40.11 -15.61
C CYS C 294 4.74 40.52 -14.51
N SER C 295 5.59 39.59 -14.06
CA SER C 295 6.46 39.82 -12.91
C SER C 295 7.92 39.66 -13.26
N ILE C 296 8.77 40.50 -12.68
CA ILE C 296 10.20 40.27 -12.70
C ILE C 296 10.68 40.11 -11.29
N TYR C 297 11.85 39.51 -11.13
CA TYR C 297 12.42 39.26 -9.82
C TYR C 297 13.81 39.89 -9.76
N MET C 298 13.96 40.88 -8.89
CA MET C 298 15.17 41.68 -8.85
C MET C 298 16.05 41.34 -7.65
N ASP C 299 17.34 41.19 -7.93
CA ASP C 299 18.37 41.03 -6.92
C ASP C 299 19.00 42.41 -6.74
N ILE C 300 18.74 43.02 -5.60
CA ILE C 300 19.32 44.32 -5.30
C ILE C 300 20.20 44.22 -4.06
N ARG C 301 21.50 44.30 -4.26
CA ARG C 301 22.46 44.31 -3.17
C ARG C 301 22.38 45.62 -2.39
N LEU C 302 22.68 45.54 -1.10
CA LEU C 302 22.59 46.69 -0.20
C LEU C 302 23.89 46.91 0.51
N ASN C 303 24.42 48.13 0.53
CA ASN C 303 25.54 48.34 1.42
C ASN C 303 24.92 48.21 2.81
N PRO C 304 25.76 47.99 3.82
CA PRO C 304 25.31 47.77 5.18
C PRO C 304 24.46 48.89 5.74
N ASP C 305 24.55 50.09 5.15
CA ASP C 305 23.85 51.22 5.72
C ASP C 305 22.60 51.61 4.95
N THR C 306 22.07 50.70 4.15
CA THR C 306 20.87 51.01 3.36
C THR C 306 19.65 50.19 3.81
N ASN C 307 18.61 50.89 4.24
CA ASN C 307 17.35 50.27 4.58
C ASN C 307 16.67 49.72 3.31
N PRO C 308 16.19 48.47 3.36
CA PRO C 308 15.57 47.88 2.16
C PRO C 308 14.37 48.70 1.69
N LEU C 309 13.69 49.37 2.61
CA LEU C 309 12.53 50.15 2.22
C LEU C 309 12.91 51.31 1.31
N VAL C 310 14.09 51.88 1.53
CA VAL C 310 14.57 52.97 0.69
C VAL C 310 14.62 52.53 -0.76
N VAL C 311 15.14 51.34 -0.99
CA VAL C 311 15.27 50.76 -2.31
C VAL C 311 13.91 50.42 -2.91
N GLN C 312 13.03 49.86 -2.09
CA GLN C 312 11.69 49.56 -2.56
C GLN C 312 11.03 50.83 -3.05
N ARG C 313 11.16 51.91 -2.29
CA ARG C 313 10.54 53.16 -2.66
C ARG C 313 11.17 53.75 -3.93
N GLU C 314 12.45 53.50 -4.15
CA GLU C 314 13.06 53.97 -5.38
C GLU C 314 12.49 53.22 -6.57
N VAL C 315 12.29 51.91 -6.44
CA VAL C 315 11.76 51.13 -7.56
C VAL C 315 10.31 51.53 -7.80
N GLU C 316 9.57 51.76 -6.72
CA GLU C 316 8.19 52.21 -6.86
C GLU C 316 8.13 53.54 -7.61
N ALA C 317 9.15 54.37 -7.44
CA ALA C 317 9.17 55.67 -8.12
C ALA C 317 9.50 55.52 -9.61
N VAL C 318 10.38 54.58 -9.94
CA VAL C 318 10.65 54.32 -11.34
C VAL C 318 9.37 53.87 -12.03
N VAL C 319 8.61 53.02 -11.34
CA VAL C 319 7.36 52.54 -11.89
C VAL C 319 6.41 53.72 -12.12
N SER C 320 6.29 54.55 -11.09
CA SER C 320 5.35 55.67 -11.07
C SER C 320 5.67 56.73 -12.12
N LYS C 321 6.96 56.93 -12.37
CA LYS C 321 7.43 57.89 -13.34
C LYS C 321 7.15 57.44 -14.76
N LEU C 322 7.00 56.14 -14.96
CA LEU C 322 6.63 55.62 -16.27
C LEU C 322 5.13 55.71 -16.46
N GLY C 323 4.42 56.05 -15.42
CA GLY C 323 2.98 56.08 -15.50
C GLY C 323 2.36 54.71 -15.33
N LEU C 324 3.16 53.72 -14.90
CA LEU C 324 2.67 52.35 -14.76
C LEU C 324 2.10 52.05 -13.38
N LYS C 325 1.27 51.02 -13.33
CA LYS C 325 0.79 50.48 -12.09
C LYS C 325 1.48 49.13 -11.88
N ALA C 326 2.05 48.94 -10.70
CA ALA C 326 2.72 47.69 -10.37
C ALA C 326 2.76 47.48 -8.88
N GLU C 327 2.89 46.23 -8.49
CA GLU C 327 3.12 45.91 -7.10
C GLU C 327 4.61 45.63 -6.95
N VAL C 328 5.24 46.31 -6.00
CA VAL C 328 6.67 46.13 -5.76
C VAL C 328 6.83 45.44 -4.42
N LYS C 329 7.01 44.12 -4.45
CA LYS C 329 6.92 43.27 -3.26
C LYS C 329 8.25 42.63 -2.87
N PRO C 330 8.74 42.96 -1.69
CA PRO C 330 9.97 42.32 -1.21
C PRO C 330 9.75 40.88 -0.83
N PHE C 331 10.62 39.97 -1.24
CA PHE C 331 10.42 38.60 -0.77
C PHE C 331 11.67 38.04 -0.11
N LEU C 332 12.68 38.90 0.03
CA LEU C 332 13.87 38.56 0.79
C LEU C 332 14.59 39.80 1.28
N PHE C 333 15.07 39.76 2.51
CA PHE C 333 15.89 40.85 3.00
C PHE C 333 16.87 40.31 4.01
N ARG C 334 18.15 40.50 3.73
CA ARG C 334 19.20 40.21 4.70
C ARG C 334 20.18 41.39 4.77
N ARG C 335 20.71 41.66 5.95
CA ARG C 335 21.62 42.78 6.15
C ARG C 335 23.04 42.37 5.88
N GLY C 336 23.82 43.33 5.40
CA GLY C 336 25.26 43.19 5.31
C GLY C 336 25.94 43.88 6.49
N TYR C 337 27.17 43.47 6.80
CA TYR C 337 27.89 44.00 7.95
C TYR C 337 29.36 44.25 7.65
N GLU C 338 29.89 45.35 8.18
CA GLU C 338 31.32 45.47 8.36
C GLU C 338 31.66 44.84 9.71
N ALA C 339 32.68 43.97 9.75
CA ALA C 339 33.15 43.42 11.02
C ALA C 339 33.57 44.52 11.98
N GLN C 340 33.18 44.39 13.25
CA GLN C 340 33.64 45.31 14.28
C GLN C 340 34.38 44.52 15.33
N GLY C 341 35.55 45.00 15.73
CA GLY C 341 36.41 44.26 16.63
C GLY C 341 37.20 43.19 15.91
N ILE C 342 37.41 43.37 14.62
CA ILE C 342 38.06 42.36 13.79
C ILE C 342 39.58 42.32 14.00
N GLU C 343 40.14 43.36 14.64
CA GLU C 343 41.59 43.55 14.66
C GLU C 343 42.41 42.31 15.08
N PRO C 344 42.03 41.62 16.17
CA PRO C 344 42.82 40.44 16.54
C PRO C 344 42.88 39.37 15.45
N LEU C 345 41.77 39.11 14.77
CA LEU C 345 41.78 38.14 13.68
C LEU C 345 42.53 38.71 12.50
N GLN C 346 42.26 39.96 12.17
CA GLN C 346 42.93 40.62 11.05
C GLN C 346 44.45 40.62 11.22
N ASN C 347 44.90 40.87 12.45
CA ASN C 347 46.32 40.93 12.68
C ASN C 347 46.97 39.54 12.63
N ALA C 348 46.34 38.56 13.28
CA ALA C 348 46.88 37.21 13.31
C ALA C 348 46.96 36.66 11.90
N LEU C 349 45.94 36.95 11.09
CA LEU C 349 45.93 36.53 9.70
C LEU C 349 47.03 37.21 8.90
N GLU C 350 47.22 38.50 9.14
CA GLU C 350 48.18 39.28 8.38
C GLU C 350 49.60 38.77 8.62
N VAL C 351 49.91 38.51 9.89
CA VAL C 351 51.20 37.97 10.27
C VAL C 351 51.43 36.62 9.61
N ALA C 352 50.44 35.74 9.71
CA ALA C 352 50.54 34.42 9.11
C ALA C 352 50.74 34.51 7.61
N HIS C 353 49.96 35.38 6.99
CA HIS C 353 50.01 35.56 5.55
C HIS C 353 51.37 36.06 5.07
N ARG C 354 51.88 37.11 5.71
CA ARG C 354 53.17 37.65 5.36
C ARG C 354 54.26 36.60 5.46
N GLU C 355 54.19 35.77 6.49
CA GLU C 355 55.17 34.72 6.67
C GLU C 355 55.07 33.61 5.64
N VAL C 356 53.84 33.22 5.28
CA VAL C 356 53.67 32.07 4.39
C VAL C 356 53.66 32.49 2.92
N VAL C 357 53.01 33.61 2.63
CA VAL C 357 52.87 34.07 1.27
C VAL C 357 54.01 34.99 0.86
N GLY C 358 54.54 35.75 1.81
CA GLY C 358 55.77 36.48 1.59
C GLY C 358 55.67 37.98 1.45
N ARG C 359 54.46 38.50 1.44
CA ARG C 359 54.25 39.91 1.22
C ARG C 359 52.95 40.28 1.88
N PRO C 360 52.75 41.56 2.19
CA PRO C 360 51.51 42.03 2.81
C PRO C 360 50.28 41.67 1.96
N THR C 361 49.14 41.52 2.62
CA THR C 361 47.91 41.26 1.91
C THR C 361 47.54 42.45 1.03
N GLU C 362 47.00 42.18 -0.15
CA GLU C 362 46.45 43.24 -1.01
C GLU C 362 45.00 43.50 -0.64
N ARG C 363 44.50 44.72 -0.88
CA ARG C 363 43.10 44.99 -0.59
C ARG C 363 42.22 44.28 -1.60
N PRO C 364 41.07 43.76 -1.15
CA PRO C 364 40.21 43.02 -2.07
C PRO C 364 39.51 43.95 -3.04
N GLY C 365 39.09 43.42 -4.19
CA GLY C 365 38.26 44.17 -5.11
C GLY C 365 36.86 44.42 -4.57
N SER C 366 36.15 45.35 -5.17
CA SER C 366 34.78 45.67 -4.78
C SER C 366 33.77 44.49 -4.77
N PRO C 367 33.70 43.74 -5.87
CA PRO C 367 32.77 42.61 -5.94
C PRO C 367 32.86 41.70 -4.71
N GLU C 368 34.08 41.37 -4.32
CA GLU C 368 34.34 40.48 -3.20
C GLU C 368 33.91 41.10 -1.87
N CYS C 369 33.65 42.41 -1.87
CA CYS C 369 33.17 43.08 -0.67
C CYS C 369 31.71 43.43 -0.79
N SER C 370 31.08 43.01 -1.87
CA SER C 370 29.76 43.52 -2.22
C SER C 370 28.81 42.36 -2.50
N MET C 371 29.07 41.24 -1.86
CA MET C 371 28.29 40.04 -2.13
C MET C 371 27.79 39.44 -0.84
N TRP C 372 27.19 38.27 -0.93
CA TRP C 372 26.84 37.55 0.27
C TRP C 372 27.99 36.62 0.63
N ARG C 373 28.42 36.70 1.89
CA ARG C 373 29.33 35.70 2.50
C ARG C 373 28.78 35.35 3.85
N ASP C 374 29.17 34.22 4.38
CA ASP C 374 28.68 33.86 5.69
C ASP C 374 29.37 34.66 6.80
N THR C 375 30.24 35.61 6.45
CA THR C 375 30.72 36.56 7.46
C THR C 375 29.54 37.36 7.99
N ASN C 376 28.51 37.57 7.17
CA ASN C 376 27.38 38.35 7.61
C ASN C 376 26.70 37.77 8.85
N PRO C 377 26.32 36.49 8.84
CA PRO C 377 25.68 35.94 10.04
C PRO C 377 26.59 35.97 11.25
N TYR C 378 27.88 35.67 11.07
CA TYR C 378 28.80 35.75 12.19
C TYR C 378 28.84 37.17 12.78
N ASN C 379 29.02 38.18 11.93
CA ASN C 379 29.15 39.55 12.43
C ASN C 379 27.83 39.98 13.07
N GLU C 380 26.74 39.61 12.42
CA GLU C 380 25.41 39.89 12.93
C GLU C 380 25.28 39.40 14.38
N LEU C 381 25.90 38.26 14.64
CA LEU C 381 25.75 37.60 15.93
C LEU C 381 26.90 37.96 16.86
N GLY C 382 27.71 38.95 16.50
CA GLY C 382 28.73 39.43 17.42
C GLY C 382 30.05 38.71 17.38
N ILE C 383 30.27 37.95 16.32
CA ILE C 383 31.50 37.21 16.12
C ILE C 383 32.25 37.83 14.97
N PRO C 384 33.25 38.67 15.28
CA PRO C 384 33.94 39.37 14.21
C PRO C 384 34.46 38.38 13.20
N SER C 385 34.25 38.66 11.93
CA SER C 385 34.48 37.67 10.91
C SER C 385 34.95 38.30 9.62
N LEU C 386 35.93 37.67 8.98
CA LEU C 386 36.39 38.11 7.68
C LEU C 386 36.48 36.92 6.73
N THR C 387 36.59 37.20 5.44
CA THR C 387 36.72 36.15 4.48
C THR C 387 38.13 36.17 3.86
N TYR C 388 38.71 34.98 3.66
CA TYR C 388 40.07 34.83 3.14
C TYR C 388 40.33 33.40 2.69
N GLY C 389 40.92 33.25 1.51
CA GLY C 389 41.35 31.95 1.03
C GLY C 389 42.05 32.04 -0.31
N CYS C 390 42.60 30.92 -0.78
CA CYS C 390 43.36 30.91 -2.04
C CYS C 390 42.44 30.88 -3.25
N GLY C 391 43.00 31.13 -4.42
CA GLY C 391 42.30 30.95 -5.68
C GLY C 391 41.55 32.19 -6.15
N GLY C 392 41.46 32.35 -7.46
CA GLY C 392 40.66 33.43 -8.04
C GLY C 392 39.24 33.07 -7.69
N GLY C 393 38.36 34.06 -7.57
CA GLY C 393 36.97 33.80 -7.18
C GLY C 393 36.13 33.07 -8.20
N ALA C 394 35.09 32.37 -7.73
CA ALA C 394 34.19 31.62 -8.60
C ALA C 394 33.37 32.55 -9.50
N GLY C 395 32.92 33.67 -8.93
CA GLY C 395 32.25 34.70 -9.72
C GLY C 395 33.23 35.36 -10.68
N GLY C 396 34.50 34.98 -10.55
CA GLY C 396 35.58 35.48 -11.39
C GLY C 396 35.38 35.35 -12.89
N GLY C 397 35.28 34.13 -13.41
CA GLY C 397 35.22 32.92 -12.61
C GLY C 397 36.32 31.91 -12.88
N ASN C 398 36.99 31.51 -11.80
CA ASN C 398 38.13 30.60 -11.86
C ASN C 398 37.66 29.15 -12.01
N THR C 399 38.57 28.29 -12.42
CA THR C 399 38.24 26.92 -12.79
C THR C 399 39.01 25.87 -11.98
N TYR C 400 40.12 26.27 -11.38
CA TYR C 400 40.94 25.33 -10.63
C TYR C 400 41.72 26.03 -9.54
N PHE C 401 42.19 25.25 -8.58
CA PHE C 401 43.13 25.73 -7.58
C PHE C 401 44.50 25.13 -7.86
N LEU C 402 45.56 25.91 -7.65
CA LEU C 402 46.89 25.32 -7.58
C LEU C 402 47.05 24.61 -6.25
N VAL C 403 47.55 23.39 -6.25
CA VAL C 403 47.74 22.69 -4.99
C VAL C 403 48.68 23.49 -4.08
N ASP C 404 49.66 24.16 -4.67
CA ASP C 404 50.59 24.94 -3.88
C ASP C 404 49.85 26.04 -3.13
N ASP C 405 48.93 26.70 -3.80
CA ASP C 405 48.16 27.76 -3.15
C ASP C 405 47.34 27.20 -2.00
N MET C 406 46.80 26.00 -2.17
CA MET C 406 45.98 25.38 -1.16
C MET C 406 46.80 25.09 0.07
N LEU C 407 48.02 24.62 -0.14
CA LEU C 407 48.89 24.33 0.98
C LEU C 407 49.20 25.63 1.72
N LYS C 408 49.45 26.70 0.98
CA LYS C 408 49.70 27.99 1.61
C LYS C 408 48.53 28.41 2.48
N ALA C 409 47.32 28.29 1.92
CA ALA C 409 46.12 28.66 2.64
C ALA C 409 46.01 27.87 3.92
N ALA C 410 46.25 26.55 3.84
CA ALA C 410 46.17 25.71 5.03
C ALA C 410 47.19 26.14 6.08
N LYS C 411 48.37 26.52 5.63
CA LYS C 411 49.41 27.01 6.53
C LYS C 411 49.00 28.33 7.19
N VAL C 412 48.48 29.27 6.39
CA VAL C 412 48.01 30.53 6.94
C VAL C 412 46.93 30.28 7.99
N TYR C 413 46.03 29.36 7.68
CA TYR C 413 44.92 29.07 8.58
C TYR C 413 45.46 28.51 9.87
N ALA C 414 46.44 27.62 9.77
CA ALA C 414 46.99 26.99 10.97
C ALA C 414 47.77 27.99 11.82
N MET C 415 48.53 28.87 11.18
CA MET C 415 49.29 29.86 11.92
C MET C 415 48.35 30.90 12.54
N THR C 416 47.29 31.24 11.82
CA THR C 416 46.33 32.20 12.34
C THR C 416 45.75 31.68 13.64
N ALA C 417 45.42 30.40 13.66
CA ALA C 417 44.87 29.80 14.86
C ALA C 417 45.90 29.75 15.98
N MET C 418 47.16 29.48 15.64
CA MET C 418 48.17 29.31 16.67
C MET C 418 48.49 30.65 17.31
N ASP C 419 48.25 31.72 16.56
CA ASP C 419 48.37 33.05 17.10
C ASP C 419 47.13 33.39 17.94
N LEU C 420 46.01 33.57 17.26
CA LEU C 420 44.79 34.05 17.86
C LEU C 420 44.28 33.17 19.01
N CYS C 421 44.33 31.86 18.82
CA CYS C 421 43.78 30.97 19.85
C CYS C 421 44.63 30.88 21.11
N ASN C 422 45.76 31.59 21.13
CA ASN C 422 46.59 31.63 22.32
C ASN C 422 46.61 33.02 22.95
N ARG C 423 45.73 33.88 22.46
CA ARG C 423 45.49 35.17 23.10
C ARG C 423 44.31 35.10 24.05
N THR C 424 44.37 35.85 25.14
CA THR C 424 43.28 35.84 26.10
C THR C 424 42.11 36.61 25.50
N PRO C 425 40.90 36.05 25.62
CA PRO C 425 39.71 36.69 25.04
C PRO C 425 39.25 37.89 25.86
N MET D 1 -49.69 -45.39 1.73
CA MET D 1 -48.97 -44.14 1.78
C MET D 1 -49.56 -43.22 0.72
N ALA D 2 -49.60 -41.91 0.98
CA ALA D 2 -48.96 -41.26 2.14
C ALA D 2 -49.86 -41.08 3.36
N GLY D 3 -49.34 -41.48 4.53
CA GLY D 3 -50.00 -41.28 5.81
C GLY D 3 -51.49 -41.59 5.85
N SER D 4 -52.19 -40.90 6.75
CA SER D 4 -53.65 -40.99 6.85
C SER D 4 -54.22 -39.65 6.40
N ASN D 5 -54.58 -38.80 7.36
CA ASN D 5 -54.84 -37.40 7.05
C ASN D 5 -53.93 -36.53 7.91
N ASP D 6 -52.80 -37.12 8.27
CA ASP D 6 -51.60 -36.36 8.51
C ASP D 6 -51.51 -35.35 7.35
N VAL D 7 -51.92 -35.80 6.18
CA VAL D 7 -51.95 -35.01 4.95
C VAL D 7 -52.88 -33.81 5.04
N ALA D 8 -54.04 -33.99 5.64
CA ALA D 8 -55.02 -32.91 5.73
C ALA D 8 -54.43 -31.76 6.54
N LYS D 9 -53.80 -32.08 7.66
CA LYS D 9 -53.18 -31.08 8.52
C LYS D 9 -52.11 -30.28 7.77
N VAL D 10 -51.30 -30.97 6.99
CA VAL D 10 -50.22 -30.32 6.26
C VAL D 10 -50.77 -29.45 5.13
N MET D 11 -51.84 -29.90 4.50
CA MET D 11 -52.45 -29.10 3.44
C MET D 11 -52.99 -27.78 4.01
N LYS D 12 -53.61 -27.84 5.17
CA LYS D 12 -54.15 -26.62 5.75
C LYS D 12 -53.00 -25.74 6.19
N THR D 13 -51.95 -26.34 6.72
CA THR D 13 -50.80 -25.58 7.14
C THR D 13 -50.21 -24.82 5.96
N LEU D 14 -50.16 -25.47 4.81
CA LEU D 14 -49.68 -24.81 3.60
C LEU D 14 -50.62 -23.70 3.13
N ASP D 15 -51.92 -23.91 3.25
CA ASP D 15 -52.89 -22.87 2.96
C ASP D 15 -52.57 -21.59 3.71
N GLY D 16 -52.23 -21.74 4.98
CA GLY D 16 -51.93 -20.60 5.83
C GLY D 16 -50.57 -19.98 5.59
N MET D 17 -49.83 -20.52 4.62
CA MET D 17 -48.47 -20.05 4.34
C MET D 17 -48.38 -19.35 3.00
N ARG D 18 -49.53 -18.98 2.46
CA ARG D 18 -49.56 -18.34 1.15
C ARG D 18 -48.75 -17.05 1.08
N GLU D 19 -48.74 -16.28 2.17
CA GLU D 19 -48.04 -15.00 2.17
C GLU D 19 -46.54 -15.22 2.26
N GLY D 20 -46.14 -16.16 3.10
CA GLY D 20 -44.74 -16.55 3.17
C GLY D 20 -44.24 -17.00 1.82
N LEU D 21 -45.07 -17.75 1.12
CA LEU D 21 -44.71 -18.30 -0.19
C LEU D 21 -44.45 -17.18 -1.18
N ILE D 22 -45.37 -16.23 -1.24
CA ILE D 22 -45.20 -15.10 -2.15
C ILE D 22 -43.99 -14.27 -1.73
N GLN D 23 -43.88 -13.99 -0.44
CA GLN D 23 -42.81 -13.15 0.08
C GLN D 23 -41.43 -13.73 -0.20
N THR D 24 -41.27 -15.01 0.12
CA THR D 24 -40.03 -15.70 -0.17
C THR D 24 -39.69 -15.62 -1.65
N ALA D 25 -40.68 -15.86 -2.50
CA ALA D 25 -40.43 -15.86 -3.94
C ALA D 25 -40.06 -14.48 -4.44
N VAL D 26 -40.69 -13.45 -3.90
CA VAL D 26 -40.39 -12.11 -4.39
C VAL D 26 -39.01 -11.66 -3.91
N GLU D 27 -38.76 -11.82 -2.63
CA GLU D 27 -37.46 -11.50 -2.05
C GLU D 27 -36.33 -12.22 -2.77
N LEU D 28 -36.45 -13.54 -2.93
CA LEU D 28 -35.43 -14.32 -3.62
C LEU D 28 -35.29 -13.87 -5.04
N GLY D 29 -36.42 -13.74 -5.72
CA GLY D 29 -36.43 -13.31 -7.10
C GLY D 29 -35.85 -11.93 -7.32
N SER D 30 -35.89 -11.09 -6.29
CA SER D 30 -35.45 -9.70 -6.41
C SER D 30 -33.94 -9.58 -6.31
N ILE D 31 -33.30 -10.63 -5.81
CA ILE D 31 -31.85 -10.61 -5.66
C ILE D 31 -31.18 -10.87 -6.98
N GLU D 32 -30.24 -10.01 -7.32
CA GLU D 32 -29.47 -10.14 -8.54
C GLU D 32 -28.52 -11.33 -8.43
N ALA D 33 -28.69 -12.32 -9.30
CA ALA D 33 -27.95 -13.58 -9.14
C ALA D 33 -27.58 -14.25 -10.45
N PRO D 34 -27.02 -13.49 -11.39
CA PRO D 34 -26.59 -14.15 -12.62
C PRO D 34 -25.50 -15.15 -12.30
N THR D 35 -25.44 -16.24 -13.04
CA THR D 35 -24.36 -17.22 -12.90
C THR D 35 -23.04 -16.47 -12.80
N GLY D 36 -22.27 -16.76 -11.76
CA GLY D 36 -21.03 -16.04 -11.51
C GLY D 36 -21.12 -15.16 -10.27
N ARG D 37 -22.34 -14.83 -9.88
CA ARG D 37 -22.56 -13.96 -8.74
C ARG D 37 -23.76 -14.40 -7.89
N GLU D 38 -23.92 -15.72 -7.72
CA GLU D 38 -25.05 -16.29 -6.97
C GLU D 38 -24.93 -16.14 -5.47
N GLY D 39 -23.82 -15.61 -5.00
CA GLY D 39 -23.56 -15.57 -3.57
C GLY D 39 -24.66 -14.95 -2.71
N ALA D 40 -25.12 -13.76 -3.10
CA ALA D 40 -26.13 -13.06 -2.33
C ALA D 40 -27.42 -13.88 -2.22
N ALA D 41 -27.85 -14.50 -3.32
CA ALA D 41 -28.99 -15.40 -3.29
C ALA D 41 -28.73 -16.57 -2.35
N GLY D 42 -27.50 -17.08 -2.38
CA GLY D 42 -27.14 -18.18 -1.50
C GLY D 42 -27.28 -17.80 -0.05
N ASP D 43 -26.83 -16.59 0.26
CA ASP D 43 -26.87 -16.09 1.62
C ASP D 43 -28.30 -15.97 2.09
N TYR D 44 -29.17 -15.49 1.21
CA TYR D 44 -30.58 -15.37 1.53
C TYR D 44 -31.15 -16.73 1.90
N VAL D 45 -30.86 -17.71 1.08
CA VAL D 45 -31.40 -19.04 1.32
C VAL D 45 -30.80 -19.64 2.61
N TYR D 46 -29.50 -19.46 2.81
CA TYR D 46 -28.88 -19.96 4.04
C TYR D 46 -29.60 -19.41 5.27
N GLU D 47 -29.84 -18.10 5.30
CA GLU D 47 -30.47 -17.49 6.47
C GLU D 47 -31.92 -17.93 6.61
N TRP D 48 -32.59 -18.10 5.48
CA TRP D 48 -33.98 -18.55 5.48
C TRP D 48 -34.02 -19.94 6.11
N MET D 49 -33.10 -20.80 5.69
CA MET D 49 -33.04 -22.14 6.24
C MET D 49 -32.65 -22.10 7.72
N ALA D 50 -31.71 -21.23 8.07
CA ALA D 50 -31.28 -21.13 9.47
C ALA D 50 -32.47 -20.71 10.34
N ARG D 51 -33.15 -19.63 9.96
CA ARG D 51 -34.36 -19.15 10.66
C ARG D 51 -35.35 -20.24 10.93
N ASN D 52 -35.55 -21.10 9.94
CA ASN D 52 -36.56 -22.12 10.02
C ASN D 52 -36.04 -23.44 10.58
N GLY D 53 -34.78 -23.44 11.01
CA GLY D 53 -34.25 -24.56 11.76
C GLY D 53 -33.85 -25.79 10.96
N PHE D 54 -33.42 -25.57 9.73
CA PHE D 54 -33.01 -26.67 8.86
C PHE D 54 -31.50 -26.92 8.91
N GLY D 55 -30.81 -26.24 9.81
CA GLY D 55 -29.38 -26.39 9.97
C GLY D 55 -28.61 -26.38 8.66
N PRO D 56 -28.69 -25.29 7.91
CA PRO D 56 -28.01 -25.23 6.62
C PRO D 56 -26.50 -25.22 6.72
N GLU D 57 -25.85 -25.61 5.64
CA GLU D 57 -24.40 -25.49 5.48
C GLU D 57 -24.13 -24.91 4.12
N ARG D 58 -23.11 -24.06 4.03
CA ARG D 58 -22.65 -23.62 2.73
C ARG D 58 -21.67 -24.66 2.26
N VAL D 59 -21.90 -25.18 1.07
CA VAL D 59 -21.07 -26.21 0.47
C VAL D 59 -20.64 -25.72 -0.90
N GLY D 60 -19.43 -25.17 -0.98
CA GLY D 60 -19.01 -24.51 -2.19
C GLY D 60 -17.53 -24.60 -2.44
N VAL D 61 -17.19 -24.47 -3.71
CA VAL D 61 -15.83 -24.33 -4.13
C VAL D 61 -15.26 -22.96 -3.80
N PHE D 62 -16.12 -21.94 -3.83
CA PHE D 62 -15.73 -20.56 -3.56
C PHE D 62 -16.56 -20.01 -2.43
N ASP D 63 -16.01 -19.07 -1.68
CA ASP D 63 -16.76 -18.56 -0.56
C ASP D 63 -17.87 -17.60 -0.99
N ASP D 64 -17.85 -17.14 -2.24
CA ASP D 64 -18.97 -16.34 -2.70
C ASP D 64 -19.77 -17.02 -3.81
N ARG D 65 -19.50 -18.29 -4.06
CA ARG D 65 -20.29 -19.07 -5.02
C ARG D 65 -20.46 -20.47 -4.49
N PHE D 66 -21.58 -20.72 -3.82
CA PHE D 66 -21.70 -21.92 -3.04
C PHE D 66 -23.08 -22.50 -3.13
N ASN D 67 -23.18 -23.77 -2.77
CA ASN D 67 -24.46 -24.43 -2.62
C ASN D 67 -24.91 -24.31 -1.18
N VAL D 68 -26.21 -24.42 -0.95
CA VAL D 68 -26.74 -24.41 0.41
C VAL D 68 -27.53 -25.68 0.66
N VAL D 69 -27.16 -26.41 1.70
CA VAL D 69 -27.80 -27.68 1.98
C VAL D 69 -28.31 -27.72 3.41
N GLY D 70 -29.62 -27.91 3.56
CA GLY D 70 -30.22 -28.10 4.87
C GLY D 70 -30.96 -29.44 4.93
N ARG D 71 -31.54 -29.76 6.08
CA ARG D 71 -32.23 -31.03 6.25
C ARG D 71 -33.39 -30.94 7.20
N LEU D 72 -34.46 -31.66 6.89
CA LEU D 72 -35.49 -31.98 7.86
C LEU D 72 -35.31 -33.44 8.23
N ARG D 73 -34.77 -33.69 9.42
CA ARG D 73 -34.35 -35.03 9.78
C ARG D 73 -35.54 -35.90 10.12
N GLY D 74 -35.58 -37.10 9.56
CA GLY D 74 -36.65 -38.03 9.80
C GLY D 74 -36.38 -38.87 11.04
N THR D 75 -37.34 -39.71 11.41
CA THR D 75 -37.21 -40.45 12.66
C THR D 75 -36.40 -41.74 12.50
N GLY D 76 -36.16 -42.16 11.27
CA GLY D 76 -35.38 -43.36 11.02
C GLY D 76 -36.10 -44.43 10.21
N GLY D 77 -35.38 -45.04 9.26
CA GLY D 77 -35.90 -46.16 8.50
C GLY D 77 -36.72 -45.84 7.27
N GLY D 78 -36.59 -44.64 6.75
CA GLY D 78 -37.31 -44.29 5.54
C GLY D 78 -36.35 -43.83 4.47
N ALA D 79 -36.83 -43.80 3.24
CA ALA D 79 -36.08 -43.26 2.13
C ALA D 79 -35.93 -41.75 2.30
N SER D 80 -34.77 -41.23 1.93
CA SER D 80 -34.56 -39.79 1.95
C SER D 80 -34.84 -39.18 0.59
N LEU D 81 -35.42 -37.99 0.60
CA LEU D 81 -35.76 -37.28 -0.62
C LEU D 81 -35.10 -35.89 -0.63
N SER D 82 -34.36 -35.60 -1.70
CA SER D 82 -33.81 -34.27 -1.90
C SER D 82 -34.79 -33.42 -2.71
N PHE D 83 -34.93 -32.15 -2.31
CA PHE D 83 -35.55 -31.15 -3.18
C PHE D 83 -34.46 -30.21 -3.65
N ASN D 84 -34.45 -29.88 -4.93
CA ASN D 84 -33.34 -29.15 -5.51
C ASN D 84 -33.80 -28.10 -6.53
N SER D 85 -33.32 -26.87 -6.37
CA SER D 85 -33.48 -25.85 -7.40
C SER D 85 -32.21 -25.01 -7.41
N HIS D 86 -31.98 -24.25 -8.46
CA HIS D 86 -30.73 -23.55 -8.55
C HIS D 86 -30.83 -22.07 -8.21
N LEU D 87 -29.70 -21.51 -7.80
CA LEU D 87 -29.62 -20.15 -7.27
C LEU D 87 -29.32 -19.13 -8.35
N ASP D 88 -28.75 -19.56 -9.48
CA ASP D 88 -28.32 -18.62 -10.50
C ASP D 88 -29.45 -18.34 -11.48
N THR D 89 -29.40 -17.17 -12.10
CA THR D 89 -30.41 -16.77 -13.08
C THR D 89 -29.72 -16.34 -14.36
N ILE D 90 -30.51 -15.99 -15.38
CA ILE D 90 -29.99 -15.89 -16.74
C ILE D 90 -29.22 -14.63 -17.12
N MET D 91 -29.81 -13.45 -16.95
CA MET D 91 -29.21 -12.28 -17.57
C MET D 91 -28.34 -11.46 -16.64
N ALA D 92 -27.04 -11.45 -16.93
CA ALA D 92 -26.06 -10.70 -16.17
C ALA D 92 -26.29 -9.19 -16.28
N ARG D 93 -25.50 -8.41 -15.55
CA ARG D 93 -25.63 -6.95 -15.48
C ARG D 93 -25.80 -6.32 -16.86
N GLU D 94 -25.29 -7.00 -17.89
CA GLU D 94 -25.43 -6.53 -19.25
C GLU D 94 -24.99 -7.59 -20.27
N ASP D 95 -25.93 -8.41 -20.72
CA ASP D 95 -25.64 -9.38 -21.78
C ASP D 95 -26.04 -8.85 -23.14
N THR D 96 -25.42 -7.74 -23.54
CA THR D 96 -25.78 -7.10 -24.79
C THR D 96 -25.32 -7.90 -26.00
N ALA D 97 -24.36 -8.80 -25.78
CA ALA D 97 -23.83 -9.61 -26.88
C ALA D 97 -24.77 -10.74 -27.27
N ARG D 98 -25.54 -11.23 -26.30
CA ARG D 98 -26.52 -12.27 -26.57
C ARG D 98 -27.84 -11.65 -27.00
N PHE D 99 -28.42 -10.86 -26.10
CA PHE D 99 -29.76 -10.32 -26.30
C PHE D 99 -29.69 -8.85 -26.75
N ALA D 100 -30.59 -8.47 -27.64
CA ALA D 100 -30.67 -7.11 -28.12
C ALA D 100 -31.47 -6.21 -27.16
N ASP D 101 -32.25 -6.83 -26.28
CA ASP D 101 -33.03 -6.11 -25.29
C ASP D 101 -32.64 -6.52 -23.86
N ALA D 102 -31.36 -6.35 -23.53
CA ALA D 102 -30.77 -6.93 -22.32
C ALA D 102 -31.18 -6.26 -21.00
N ASN D 103 -32.15 -5.35 -21.05
CA ASN D 103 -32.62 -4.67 -19.85
C ASN D 103 -34.09 -4.27 -19.90
N ASP D 104 -34.96 -5.19 -19.50
CA ASP D 104 -36.37 -4.89 -19.24
C ASP D 104 -36.67 -5.27 -17.78
N ARG D 105 -37.71 -4.68 -17.21
CA ARG D 105 -38.01 -4.90 -15.79
C ARG D 105 -38.16 -6.38 -15.46
N ILE D 106 -38.83 -7.10 -16.36
CA ILE D 106 -39.09 -8.52 -16.20
C ILE D 106 -37.79 -9.34 -16.19
N TYR D 107 -36.74 -8.81 -16.80
CA TYR D 107 -35.50 -9.55 -16.91
C TYR D 107 -34.62 -9.46 -15.66
N HIS D 108 -34.91 -8.50 -14.79
CA HIS D 108 -34.03 -8.25 -13.64
C HIS D 108 -34.76 -7.97 -12.32
N GLU D 109 -36.07 -8.19 -12.28
CA GLU D 109 -36.83 -7.95 -11.06
C GLU D 109 -37.92 -8.98 -10.84
N ALA D 110 -38.60 -8.89 -9.70
CA ALA D 110 -39.70 -9.79 -9.36
C ALA D 110 -40.68 -9.10 -8.44
N TRP D 111 -41.99 -9.25 -8.70
CA TRP D 111 -43.00 -8.60 -7.87
C TRP D 111 -44.36 -9.34 -7.84
N HIS D 112 -45.08 -9.16 -6.75
CA HIS D 112 -46.43 -9.71 -6.58
C HIS D 112 -47.49 -8.76 -7.12
N GLU D 113 -48.30 -9.25 -8.04
CA GLU D 113 -49.36 -8.47 -8.66
C GLU D 113 -50.56 -9.39 -8.86
N GLU D 114 -51.78 -8.86 -8.81
CA GLU D 114 -52.99 -9.69 -8.94
C GLU D 114 -52.90 -10.88 -7.99
N GLY D 115 -52.77 -12.05 -8.58
CA GLY D 115 -52.45 -13.25 -7.84
C GLY D 115 -51.31 -13.95 -8.56
N ARG D 116 -50.49 -13.15 -9.23
CA ARG D 116 -49.31 -13.64 -9.94
C ARG D 116 -48.02 -13.15 -9.28
N ILE D 117 -46.92 -13.83 -9.60
CA ILE D 117 -45.61 -13.34 -9.26
C ILE D 117 -44.83 -13.23 -10.54
N TYR D 118 -44.40 -12.01 -10.89
CA TYR D 118 -43.72 -11.75 -12.16
C TYR D 118 -42.21 -11.83 -12.02
N GLY D 119 -41.53 -12.11 -13.13
CA GLY D 119 -40.07 -12.06 -13.16
C GLY D 119 -39.40 -13.34 -13.67
N TYR D 120 -38.54 -13.21 -14.66
CA TYR D 120 -37.82 -14.38 -15.20
C TYR D 120 -37.09 -15.16 -14.11
N SER D 121 -36.59 -14.43 -13.12
CA SER D 121 -35.84 -15.05 -12.05
C SER D 121 -36.79 -15.85 -11.15
N VAL D 122 -38.08 -15.54 -11.21
CA VAL D 122 -39.05 -16.35 -10.48
C VAL D 122 -39.28 -17.64 -11.25
N VAL D 123 -39.56 -17.52 -12.55
CA VAL D 123 -39.74 -18.70 -13.39
C VAL D 123 -38.53 -19.61 -13.32
N ASN D 124 -37.36 -19.01 -13.32
CA ASN D 124 -36.12 -19.75 -13.39
C ASN D 124 -35.04 -19.09 -12.53
N CYS D 125 -34.95 -19.49 -11.27
CA CYS D 125 -35.70 -20.62 -10.76
C CYS D 125 -36.08 -20.40 -9.29
N LYS D 126 -36.30 -19.15 -8.91
CA LYS D 126 -36.57 -18.87 -7.51
C LYS D 126 -37.99 -19.26 -7.09
N GLY D 127 -38.89 -19.34 -8.06
CA GLY D 127 -40.27 -19.70 -7.75
C GLY D 127 -40.43 -21.15 -7.30
N PRO D 128 -39.96 -22.09 -8.13
CA PRO D 128 -40.00 -23.49 -7.71
C PRO D 128 -39.24 -23.70 -6.41
N MET D 129 -38.13 -23.00 -6.23
CA MET D 129 -37.38 -23.08 -4.98
C MET D 129 -38.22 -22.65 -3.78
N ALA D 130 -38.91 -21.53 -3.89
CA ALA D 130 -39.80 -21.10 -2.81
C ALA D 130 -40.81 -22.20 -2.48
N CYS D 131 -41.26 -22.90 -3.50
CA CYS D 131 -42.29 -23.91 -3.34
C CYS D 131 -41.84 -25.01 -2.41
N TRP D 132 -40.65 -25.57 -2.61
CA TRP D 132 -40.26 -26.64 -1.72
C TRP D 132 -39.68 -26.11 -0.41
N LEU D 133 -39.18 -24.90 -0.40
CA LEU D 133 -38.79 -24.30 0.87
C LEU D 133 -40.02 -24.23 1.77
N ILE D 134 -41.13 -23.78 1.21
CA ILE D 134 -42.35 -23.67 1.98
C ILE D 134 -42.89 -25.04 2.35
N ALA D 135 -42.85 -25.96 1.38
CA ALA D 135 -43.28 -27.34 1.62
C ALA D 135 -42.57 -27.92 2.83
N ALA D 136 -41.28 -27.69 2.92
CA ALA D 136 -40.51 -28.22 4.03
C ALA D 136 -40.89 -27.54 5.35
N LYS D 137 -41.11 -26.24 5.29
CA LYS D 137 -41.52 -25.46 6.44
C LYS D 137 -42.85 -26.02 6.99
N ALA D 138 -43.81 -26.24 6.10
CA ALA D 138 -45.09 -26.83 6.50
C ALA D 138 -44.89 -28.21 7.12
N LEU D 139 -44.14 -29.07 6.44
CA LEU D 139 -43.90 -30.41 6.95
C LEU D 139 -43.37 -30.32 8.36
N LYS D 140 -42.41 -29.42 8.57
CA LYS D 140 -41.76 -29.27 9.86
C LYS D 140 -42.73 -28.76 10.90
N GLU D 141 -43.45 -27.71 10.55
CA GLU D 141 -44.31 -27.06 11.53
C GLU D 141 -45.59 -27.86 11.78
N ALA D 142 -46.05 -28.61 10.80
CA ALA D 142 -47.19 -29.48 11.00
C ALA D 142 -46.83 -30.70 11.83
N GLY D 143 -45.55 -30.92 12.03
CA GLY D 143 -45.10 -32.11 12.74
C GLY D 143 -45.34 -33.39 11.96
N ALA D 144 -45.26 -33.30 10.63
CA ALA D 144 -45.42 -34.46 9.76
C ALA D 144 -44.52 -35.60 10.20
N ALA D 145 -45.06 -36.80 10.16
CA ALA D 145 -44.31 -38.00 10.50
C ALA D 145 -43.54 -38.50 9.30
N LEU D 146 -42.21 -38.45 9.38
CA LEU D 146 -41.40 -38.86 8.26
C LEU D 146 -40.27 -39.74 8.77
N LYS D 147 -40.17 -40.94 8.25
CA LYS D 147 -39.09 -41.82 8.68
C LYS D 147 -37.79 -41.38 8.01
N GLY D 148 -37.86 -40.97 6.76
CA GLY D 148 -36.67 -40.56 6.02
C GLY D 148 -36.41 -39.07 6.10
N ASP D 149 -35.17 -38.66 5.88
CA ASP D 149 -34.82 -37.24 5.81
C ASP D 149 -35.34 -36.54 4.56
N VAL D 150 -35.71 -35.27 4.70
CA VAL D 150 -35.83 -34.43 3.52
C VAL D 150 -34.59 -33.57 3.42
N VAL D 151 -33.94 -33.58 2.27
CA VAL D 151 -32.73 -32.82 2.08
C VAL D 151 -33.01 -31.61 1.22
N LEU D 152 -32.56 -30.46 1.68
CA LEU D 152 -32.88 -29.19 1.03
C LEU D 152 -31.63 -28.65 0.36
N THR D 153 -31.62 -28.69 -0.96
CA THR D 153 -30.40 -28.41 -1.71
C THR D 153 -30.63 -27.28 -2.70
N ALA D 154 -30.09 -26.12 -2.37
CA ALA D 154 -30.11 -24.99 -3.29
C ALA D 154 -28.73 -24.87 -3.89
N VAL D 155 -28.64 -24.95 -5.21
CA VAL D 155 -27.33 -25.06 -5.82
C VAL D 155 -26.98 -23.85 -6.67
N CYS D 156 -25.70 -23.52 -6.72
CA CYS D 156 -25.20 -22.48 -7.61
C CYS D 156 -24.89 -23.08 -8.96
N GLY D 157 -24.62 -22.22 -9.93
CA GLY D 157 -24.08 -22.61 -11.22
C GLY D 157 -24.79 -23.71 -11.98
N GLU D 158 -26.12 -23.67 -12.03
CA GLU D 158 -26.86 -24.64 -12.84
C GLU D 158 -26.81 -24.29 -14.33
N ILE D 159 -26.76 -23.00 -14.64
CA ILE D 159 -26.91 -22.55 -16.02
C ILE D 159 -25.68 -22.91 -16.87
N ASP D 160 -25.90 -23.18 -18.15
CA ASP D 160 -24.90 -23.83 -19.01
C ASP D 160 -23.66 -22.98 -19.40
N CYS D 161 -23.30 -21.95 -18.64
CA CYS D 161 -22.05 -21.23 -18.89
C CYS D 161 -20.87 -22.16 -18.72
N GLU D 162 -19.77 -21.88 -19.41
CA GLU D 162 -18.55 -22.67 -19.24
C GLU D 162 -17.33 -21.86 -19.55
N PRO D 163 -16.25 -22.08 -18.79
CA PRO D 163 -14.94 -21.54 -19.12
C PRO D 163 -14.52 -22.04 -20.48
N VAL D 164 -13.76 -21.24 -21.23
CA VAL D 164 -13.17 -21.65 -22.49
C VAL D 164 -12.12 -20.62 -22.87
N ASP D 165 -11.07 -21.05 -23.55
CA ASP D 165 -10.02 -20.11 -23.96
C ASP D 165 -9.50 -19.26 -22.79
N GLU D 166 -9.52 -17.94 -22.93
CA GLU D 166 -8.96 -17.07 -21.89
C GLU D 166 -9.93 -16.79 -20.75
N PHE D 167 -11.13 -17.33 -20.84
CA PHE D 167 -12.15 -17.12 -19.83
C PHE D 167 -12.14 -18.32 -18.87
N GLN D 168 -11.44 -18.18 -17.76
CA GLN D 168 -11.14 -19.31 -16.89
C GLN D 168 -11.45 -19.01 -15.43
N GLY D 169 -11.82 -20.06 -14.70
CA GLY D 169 -11.95 -19.96 -13.27
C GLY D 169 -13.21 -19.34 -12.72
N HIS D 170 -13.08 -18.82 -11.51
CA HIS D 170 -14.15 -18.31 -10.70
C HIS D 170 -15.33 -17.69 -11.44
N ASP D 171 -15.06 -16.72 -12.31
CA ASP D 171 -16.14 -15.95 -12.93
C ASP D 171 -16.92 -16.71 -13.97
N TYR D 172 -16.36 -17.78 -14.50
CA TYR D 172 -16.98 -18.42 -15.65
C TYR D 172 -17.45 -19.85 -15.40
N LEU D 173 -17.11 -20.40 -14.25
CA LEU D 173 -17.52 -21.77 -13.92
C LEU D 173 -19.00 -21.84 -13.56
N ALA D 174 -19.56 -23.03 -13.70
CA ALA D 174 -20.96 -23.22 -13.33
C ALA D 174 -21.23 -24.63 -12.83
N GLU D 175 -21.62 -25.53 -13.73
CA GLU D 175 -22.12 -26.81 -13.27
C GLU D 175 -21.10 -27.61 -12.46
N ASP D 176 -19.83 -27.45 -12.75
CA ASP D 176 -18.79 -28.16 -12.00
C ASP D 176 -18.77 -27.83 -10.52
N ILE D 177 -19.25 -26.65 -10.16
CA ILE D 177 -19.22 -26.25 -8.76
C ILE D 177 -20.61 -26.28 -8.14
N GLY D 178 -21.60 -26.71 -8.92
CA GLY D 178 -22.97 -26.68 -8.44
C GLY D 178 -23.44 -28.00 -7.84
N ALA D 179 -24.53 -28.51 -8.40
CA ALA D 179 -25.22 -29.67 -7.87
C ALA D 179 -24.29 -30.87 -7.65
N ARG D 180 -23.46 -31.17 -8.63
CA ARG D 180 -22.67 -32.38 -8.48
C ARG D 180 -21.70 -32.21 -7.31
N TYR D 181 -21.21 -30.99 -7.13
CA TYR D 181 -20.28 -30.72 -6.04
C TYR D 181 -21.01 -30.88 -4.73
N ALA D 182 -22.21 -30.33 -4.64
CA ALA D 182 -22.97 -30.42 -3.41
C ALA D 182 -23.25 -31.88 -3.04
N ILE D 183 -23.64 -32.68 -4.02
CA ILE D 183 -23.96 -34.09 -3.74
C ILE D 183 -22.71 -34.85 -3.33
N SER D 184 -21.62 -34.60 -4.06
CA SER D 184 -20.37 -35.28 -3.82
C SER D 184 -19.81 -34.92 -2.45
N HIS D 185 -20.24 -33.80 -1.90
CA HIS D 185 -19.76 -33.42 -0.58
C HIS D 185 -20.82 -33.47 0.48
N GLY D 186 -21.80 -34.34 0.31
CA GLY D 186 -22.66 -34.71 1.41
C GLY D 186 -24.15 -34.68 1.15
N ALA D 187 -24.58 -33.97 0.12
CA ALA D 187 -26.00 -33.78 -0.07
C ALA D 187 -26.61 -34.99 -0.78
N ILE D 188 -26.47 -36.16 -0.18
CA ILE D 188 -26.97 -37.39 -0.81
C ILE D 188 -28.30 -37.80 -0.23
N SER D 189 -29.04 -38.57 -0.99
CA SER D 189 -30.33 -39.07 -0.54
C SER D 189 -30.68 -40.24 -1.42
N ASP D 190 -31.78 -40.92 -1.12
CA ASP D 190 -32.23 -42.02 -1.93
C ASP D 190 -32.80 -41.52 -3.25
N TYR D 191 -33.58 -40.45 -3.19
CA TYR D 191 -34.22 -39.90 -4.39
C TYR D 191 -34.08 -38.38 -4.42
N ALA D 192 -34.32 -37.79 -5.58
CA ALA D 192 -34.22 -36.36 -5.72
C ALA D 192 -35.26 -35.84 -6.69
N LEU D 193 -36.02 -34.85 -6.25
CA LEU D 193 -36.90 -34.14 -7.15
C LEU D 193 -36.28 -32.79 -7.45
N VAL D 194 -36.06 -32.51 -8.72
CA VAL D 194 -35.52 -31.22 -9.12
C VAL D 194 -36.70 -30.31 -9.47
N ALA D 195 -36.87 -29.24 -8.73
CA ALA D 195 -37.98 -28.32 -8.94
C ALA D 195 -37.62 -27.29 -10.00
N GLU D 196 -38.27 -27.36 -11.14
CA GLU D 196 -38.13 -26.37 -12.20
C GLU D 196 -39.53 -26.13 -12.78
N ALA D 197 -39.70 -25.13 -13.63
CA ALA D 197 -41.01 -24.87 -14.21
C ALA D 197 -41.31 -25.85 -15.33
N THR D 198 -42.18 -26.81 -15.07
CA THR D 198 -42.50 -27.82 -16.07
C THR D 198 -44.00 -27.94 -16.26
N ASN D 199 -44.75 -27.01 -15.66
CA ASN D 199 -46.21 -27.02 -15.77
C ASN D 199 -46.78 -28.36 -15.27
N PHE D 200 -46.23 -28.83 -14.16
CA PHE D 200 -46.67 -30.07 -13.55
C PHE D 200 -46.52 -31.29 -14.47
N LYS D 201 -45.52 -31.27 -15.34
CA LYS D 201 -45.20 -32.42 -16.15
C LYS D 201 -43.84 -32.97 -15.74
N PRO D 202 -43.77 -34.23 -15.32
CA PRO D 202 -42.52 -34.79 -14.83
C PRO D 202 -41.67 -35.35 -15.95
N ALA D 203 -40.37 -35.08 -15.91
CA ALA D 203 -39.41 -35.65 -16.86
C ALA D 203 -38.35 -36.37 -16.07
N TRP D 204 -37.86 -37.49 -16.59
CA TRP D 204 -36.74 -38.15 -15.93
C TRP D 204 -35.74 -38.71 -16.95
N VAL D 205 -35.65 -38.04 -18.08
CA VAL D 205 -34.50 -38.17 -18.97
C VAL D 205 -34.09 -36.76 -19.37
N GLU D 206 -32.80 -36.51 -19.53
CA GLU D 206 -32.32 -35.24 -20.04
C GLU D 206 -31.13 -35.47 -20.93
N ALA D 207 -30.78 -34.45 -21.70
CA ALA D 207 -29.68 -34.53 -22.63
C ALA D 207 -28.36 -34.29 -21.93
N GLY D 208 -27.30 -34.80 -22.52
CA GLY D 208 -25.96 -34.38 -22.19
C GLY D 208 -25.60 -33.30 -23.20
N LYS D 209 -24.32 -33.00 -23.30
CA LYS D 209 -23.86 -32.00 -24.26
C LYS D 209 -22.37 -32.12 -24.52
N VAL D 210 -21.98 -31.76 -25.73
CA VAL D 210 -20.60 -31.54 -26.06
C VAL D 210 -20.50 -30.18 -26.75
N PHE D 211 -19.63 -29.31 -26.22
CA PHE D 211 -19.38 -28.02 -26.84
C PHE D 211 -18.13 -28.13 -27.71
N LEU D 212 -18.22 -27.69 -28.96
CA LEU D 212 -17.07 -27.76 -29.86
C LEU D 212 -16.60 -26.37 -30.24
N LYS D 213 -15.30 -26.15 -30.14
CA LYS D 213 -14.69 -24.97 -30.70
C LYS D 213 -14.20 -25.37 -32.07
N VAL D 214 -14.77 -24.81 -33.11
CA VAL D 214 -14.33 -25.14 -34.45
C VAL D 214 -13.55 -23.99 -35.03
N THR D 215 -12.27 -24.22 -35.30
CA THR D 215 -11.39 -23.17 -35.81
C THR D 215 -10.96 -23.49 -37.22
N VAL D 216 -11.40 -22.67 -38.17
CA VAL D 216 -11.06 -22.88 -39.56
C VAL D 216 -9.81 -22.08 -39.89
N PHE D 217 -8.95 -22.65 -40.72
CA PHE D 217 -7.67 -22.02 -41.06
C PHE D 217 -7.63 -21.60 -42.51
N ALA D 218 -6.94 -20.50 -42.76
CA ALA D 218 -6.79 -19.98 -44.12
C ALA D 218 -5.43 -19.31 -44.22
N GLY D 219 -5.41 -18.04 -44.63
CA GLY D 219 -4.17 -17.32 -44.76
C GLY D 219 -3.63 -17.56 -46.15
N PRO D 220 -2.48 -16.93 -46.46
CA PRO D 220 -1.80 -16.03 -45.54
C PRO D 220 -2.47 -14.67 -45.47
N SER D 221 -2.39 -14.02 -44.31
CA SER D 221 -2.98 -12.73 -44.10
C SER D 221 -2.27 -11.68 -44.95
N ARG D 222 -3.01 -10.70 -45.45
CA ARG D 222 -2.39 -9.60 -46.21
C ARG D 222 -2.97 -8.28 -45.74
N TYR D 223 -2.14 -7.26 -45.71
CA TYR D 223 -2.57 -5.89 -45.47
C TYR D 223 -3.62 -5.57 -46.53
N THR D 224 -4.71 -4.92 -46.14
CA THR D 224 -5.86 -4.75 -47.03
C THR D 224 -5.52 -4.35 -48.50
N PRO D 225 -4.63 -3.37 -48.69
CA PRO D 225 -4.23 -2.97 -50.04
C PRO D 225 -3.61 -4.09 -50.88
N TYR D 226 -3.26 -5.20 -50.27
CA TYR D 226 -2.68 -6.31 -51.01
C TYR D 226 -3.60 -7.52 -51.11
N VAL D 227 -4.83 -7.45 -50.65
CA VAL D 227 -5.64 -8.66 -50.65
C VAL D 227 -5.97 -9.12 -52.08
N PRO D 228 -5.81 -10.42 -52.34
CA PRO D 228 -6.13 -10.99 -53.66
C PRO D 228 -7.61 -11.09 -53.88
N ARG D 229 -8.10 -10.58 -55.02
CA ARG D 229 -9.50 -10.70 -55.39
C ARG D 229 -9.57 -10.78 -56.90
N PRO D 230 -10.57 -11.51 -57.45
CA PRO D 230 -11.57 -12.28 -56.72
C PRO D 230 -11.08 -13.69 -56.43
N VAL D 231 -11.66 -14.29 -55.39
CA VAL D 231 -11.32 -15.64 -54.96
C VAL D 231 -12.56 -16.31 -54.43
N ALA D 232 -12.76 -17.58 -54.78
CA ALA D 232 -13.93 -18.31 -54.34
C ALA D 232 -13.95 -18.39 -52.82
N ALA D 233 -15.13 -18.19 -52.23
CA ALA D 233 -15.26 -18.12 -50.78
C ALA D 233 -14.48 -19.22 -50.05
N LEU D 234 -14.60 -20.46 -50.52
CA LEU D 234 -13.96 -21.59 -49.85
C LEU D 234 -12.44 -21.54 -49.96
N ASP D 235 -11.94 -20.75 -50.90
CA ASP D 235 -10.50 -20.62 -51.11
C ASP D 235 -9.96 -19.32 -50.55
N SER D 236 -10.86 -18.48 -50.05
CA SER D 236 -10.46 -17.19 -49.52
C SER D 236 -9.35 -17.34 -48.51
N PRO D 237 -8.39 -16.44 -48.58
CA PRO D 237 -7.32 -16.44 -47.59
C PRO D 237 -7.83 -15.88 -46.28
N ASN D 238 -9.03 -15.31 -46.29
CA ASN D 238 -9.65 -14.78 -45.08
C ASN D 238 -10.45 -15.87 -44.39
N ALA D 239 -9.99 -16.28 -43.22
CA ALA D 239 -10.65 -17.37 -42.48
C ALA D 239 -12.10 -17.06 -42.18
N ILE D 240 -12.40 -15.78 -42.04
CA ILE D 240 -13.77 -15.38 -41.75
C ILE D 240 -14.68 -15.73 -42.93
N VAL D 241 -14.18 -15.53 -44.14
CA VAL D 241 -14.92 -15.84 -45.34
C VAL D 241 -15.12 -17.35 -45.48
N ARG D 242 -14.09 -18.14 -45.21
CA ARG D 242 -14.27 -19.59 -45.21
C ARG D 242 -15.26 -20.03 -44.15
N MET D 243 -15.18 -19.44 -42.97
CA MET D 243 -16.06 -19.81 -41.87
C MET D 243 -17.50 -19.61 -42.27
N ALA D 244 -17.77 -18.54 -43.00
CA ALA D 244 -19.12 -18.26 -43.47
C ALA D 244 -19.70 -19.45 -44.25
N LYS D 245 -18.91 -20.04 -45.13
CA LYS D 245 -19.36 -21.23 -45.85
C LYS D 245 -19.55 -22.41 -44.91
N LEU D 246 -18.58 -22.62 -44.03
CA LEU D 246 -18.66 -23.73 -43.10
C LEU D 246 -19.92 -23.62 -42.25
N VAL D 247 -20.24 -22.40 -41.85
CA VAL D 247 -21.39 -22.18 -41.00
C VAL D 247 -22.65 -22.67 -41.68
N GLU D 248 -22.79 -22.44 -42.97
CA GLU D 248 -24.03 -22.88 -43.59
C GLU D 248 -24.02 -24.39 -43.75
N ALA D 249 -22.86 -25.00 -43.96
CA ALA D 249 -22.83 -26.45 -43.99
C ALA D 249 -23.20 -27.02 -42.62
N LEU D 250 -22.71 -26.41 -41.55
CA LEU D 250 -22.97 -26.93 -40.22
C LEU D 250 -24.43 -26.75 -39.85
N GLU D 251 -25.06 -25.72 -40.38
CA GLU D 251 -26.47 -25.51 -40.16
C GLU D 251 -27.25 -26.64 -40.83
N GLU D 252 -26.80 -27.06 -42.00
CA GLU D 252 -27.47 -28.16 -42.67
C GLU D 252 -27.30 -29.43 -41.86
N TRP D 253 -26.07 -29.68 -41.42
CA TRP D 253 -25.80 -30.85 -40.60
C TRP D 253 -26.66 -30.85 -39.36
N ALA D 254 -26.82 -29.67 -38.77
CA ALA D 254 -27.56 -29.55 -37.53
C ALA D 254 -29.04 -29.81 -37.72
N ASP D 255 -29.57 -29.39 -38.88
CA ASP D 255 -30.98 -29.60 -39.18
C ASP D 255 -31.28 -31.09 -39.13
N ASN D 256 -30.35 -31.89 -39.60
CA ASN D 256 -30.56 -33.32 -39.68
C ASN D 256 -30.09 -34.06 -38.44
N TYR D 257 -29.13 -33.49 -37.74
CA TYR D 257 -28.64 -34.13 -36.55
C TYR D 257 -29.77 -34.38 -35.56
N GLU D 258 -30.60 -33.38 -35.32
CA GLU D 258 -31.63 -33.54 -34.29
C GLU D 258 -32.61 -34.63 -34.70
N LYS D 259 -32.81 -34.79 -36.02
CA LYS D 259 -33.70 -35.83 -36.50
C LYS D 259 -33.07 -37.21 -36.32
N ARG D 260 -31.82 -37.34 -36.72
CA ARG D 260 -31.17 -38.63 -36.70
C ARG D 260 -30.92 -39.15 -35.27
N TYR D 261 -30.80 -38.24 -34.30
CA TYR D 261 -30.50 -38.67 -32.94
C TYR D 261 -31.69 -38.50 -32.02
N THR D 262 -32.85 -38.23 -32.59
CA THR D 262 -34.05 -38.25 -31.78
C THR D 262 -34.23 -39.66 -31.24
N ARG D 263 -34.59 -39.75 -29.98
CA ARG D 263 -34.68 -41.05 -29.34
C ARG D 263 -35.61 -40.99 -28.15
N GLU D 264 -36.55 -41.93 -28.13
CA GLU D 264 -37.60 -41.99 -27.13
C GLU D 264 -37.16 -42.85 -25.95
N TYR D 265 -37.46 -42.37 -24.74
CA TYR D 265 -37.13 -43.10 -23.51
C TYR D 265 -38.38 -43.21 -22.69
N GLY D 266 -38.37 -44.08 -21.69
CA GLY D 266 -39.45 -44.09 -20.73
C GLY D 266 -39.66 -42.70 -20.15
N GLY D 267 -38.56 -41.98 -19.96
CA GLY D 267 -38.63 -40.72 -19.24
C GLY D 267 -38.95 -39.50 -20.07
N GLY D 268 -39.11 -39.69 -21.38
CA GLY D 268 -39.32 -38.57 -22.27
C GLY D 268 -38.71 -38.85 -23.63
N THR D 269 -38.97 -37.99 -24.60
CA THR D 269 -38.34 -38.15 -25.91
C THR D 269 -37.28 -37.09 -26.10
N VAL D 270 -36.05 -37.54 -26.29
CA VAL D 270 -34.94 -36.62 -26.47
C VAL D 270 -34.83 -36.22 -27.92
N VAL D 271 -34.93 -34.92 -28.16
CA VAL D 271 -34.63 -34.36 -29.46
C VAL D 271 -33.43 -33.44 -29.27
N PRO D 272 -32.23 -33.96 -29.51
CA PRO D 272 -30.98 -33.25 -29.22
C PRO D 272 -30.68 -32.24 -30.32
N LYS D 273 -30.60 -30.97 -29.97
CA LYS D 273 -30.42 -29.95 -30.98
C LYS D 273 -29.02 -29.34 -30.95
N VAL D 274 -28.76 -28.53 -31.95
CA VAL D 274 -27.46 -27.93 -32.18
C VAL D 274 -27.61 -26.43 -32.44
N ALA D 275 -26.75 -25.61 -31.84
CA ALA D 275 -26.72 -24.19 -32.15
C ALA D 275 -25.31 -23.60 -32.10
N ILE D 276 -25.08 -22.59 -32.92
CA ILE D 276 -23.81 -21.91 -32.96
C ILE D 276 -23.93 -20.70 -32.04
N GLY D 277 -23.36 -20.80 -30.84
CA GLY D 277 -23.56 -19.78 -29.82
C GLY D 277 -22.60 -18.61 -29.87
N ALA D 278 -21.46 -18.76 -30.53
CA ALA D 278 -20.54 -17.64 -30.63
C ALA D 278 -19.63 -17.79 -31.82
N ILE D 279 -19.15 -16.66 -32.33
CA ILE D 279 -18.13 -16.65 -33.36
C ILE D 279 -17.14 -15.55 -33.06
N ARG D 280 -15.88 -15.80 -33.34
CA ARG D 280 -14.91 -14.72 -33.32
C ARG D 280 -13.70 -15.02 -34.18
N GLY D 281 -13.25 -14.00 -34.89
CA GLY D 281 -12.09 -14.08 -35.73
C GLY D 281 -11.46 -12.70 -35.84
N GLY D 282 -10.14 -12.65 -35.75
CA GLY D 282 -9.45 -11.37 -35.68
C GLY D 282 -9.84 -10.67 -34.40
N VAL D 283 -9.40 -9.42 -34.26
CA VAL D 283 -9.79 -8.58 -33.15
C VAL D 283 -10.22 -7.23 -33.69
N PRO D 284 -11.30 -6.69 -33.12
CA PRO D 284 -11.92 -5.46 -33.61
C PRO D 284 -10.96 -4.28 -33.67
N TYR D 285 -9.89 -4.30 -32.89
CA TYR D 285 -9.05 -3.12 -32.78
C TYR D 285 -7.83 -3.14 -33.69
N LYS D 286 -7.65 -4.24 -34.43
CA LYS D 286 -6.62 -4.34 -35.49
C LYS D 286 -7.24 -5.01 -36.70
N ILE D 287 -7.78 -4.27 -37.65
CA ILE D 287 -8.51 -4.90 -38.75
C ILE D 287 -7.89 -4.67 -40.12
N TYR D 288 -6.69 -4.12 -40.17
CA TYR D 288 -6.06 -3.80 -41.46
C TYR D 288 -5.48 -5.05 -42.14
N ALA D 289 -5.46 -6.19 -41.45
CA ALA D 289 -5.02 -7.42 -42.07
C ALA D 289 -5.95 -8.56 -41.63
N PHE D 290 -6.61 -9.18 -42.59
CA PHE D 290 -7.62 -10.17 -42.23
C PHE D 290 -6.97 -11.36 -41.53
N PRO D 291 -7.74 -12.07 -40.69
CA PRO D 291 -7.19 -13.16 -39.86
C PRO D 291 -6.98 -14.47 -40.62
N GLU D 292 -5.97 -15.22 -40.22
CA GLU D 292 -5.69 -16.52 -40.81
C GLU D 292 -6.48 -17.63 -40.13
N LEU D 293 -7.27 -17.27 -39.12
CA LEU D 293 -8.12 -18.25 -38.47
C LEU D 293 -9.38 -17.61 -37.90
N CYS D 294 -10.42 -18.41 -37.75
CA CYS D 294 -11.70 -17.94 -37.25
C CYS D 294 -12.39 -19.10 -36.53
N SER D 295 -12.98 -18.84 -35.38
CA SER D 295 -13.56 -19.89 -34.55
C SER D 295 -15.05 -19.69 -34.31
N ILE D 296 -15.82 -20.76 -34.41
CA ILE D 296 -17.16 -20.76 -33.87
C ILE D 296 -17.21 -21.71 -32.66
N TYR D 297 -18.26 -21.55 -31.85
CA TYR D 297 -18.45 -22.36 -30.66
C TYR D 297 -19.84 -22.98 -30.70
N MET D 298 -19.87 -24.29 -30.79
CA MET D 298 -21.11 -25.04 -30.97
C MET D 298 -21.58 -25.73 -29.71
N ASP D 299 -22.86 -25.53 -29.44
CA ASP D 299 -23.59 -26.26 -28.42
C ASP D 299 -24.28 -27.44 -29.09
N ILE D 300 -23.81 -28.64 -28.81
CA ILE D 300 -24.43 -29.83 -29.37
C ILE D 300 -25.00 -30.73 -28.26
N ARG D 301 -26.31 -30.78 -28.14
CA ARG D 301 -26.91 -31.64 -27.15
C ARG D 301 -26.76 -33.10 -27.56
N LEU D 302 -26.68 -33.97 -26.56
CA LEU D 302 -26.49 -35.41 -26.75
C LEU D 302 -27.62 -36.19 -26.10
N ASN D 303 -28.22 -37.15 -26.82
CA ASN D 303 -29.07 -38.06 -26.09
C ASN D 303 -28.16 -38.90 -25.21
N PRO D 304 -28.72 -39.51 -24.17
CA PRO D 304 -27.90 -40.24 -23.21
C PRO D 304 -27.04 -41.34 -23.84
N ASP D 305 -27.33 -41.74 -25.08
CA ASP D 305 -26.64 -42.90 -25.61
C ASP D 305 -25.68 -42.56 -26.72
N THR D 306 -25.27 -41.30 -26.78
CA THR D 306 -24.37 -40.87 -27.84
C THR D 306 -23.02 -40.46 -27.29
N ASN D 307 -21.97 -41.13 -27.72
CA ASN D 307 -20.62 -40.76 -27.36
C ASN D 307 -20.25 -39.44 -28.02
N PRO D 308 -19.68 -38.49 -27.24
CA PRO D 308 -19.33 -37.17 -27.79
C PRO D 308 -18.40 -37.26 -28.98
N LEU D 309 -17.56 -38.28 -29.01
CA LEU D 309 -16.59 -38.42 -30.09
C LEU D 309 -17.27 -38.72 -31.42
N VAL D 310 -18.43 -39.36 -31.36
CA VAL D 310 -19.19 -39.65 -32.58
C VAL D 310 -19.59 -38.34 -33.22
N VAL D 311 -19.97 -37.38 -32.38
CA VAL D 311 -20.39 -36.06 -32.83
C VAL D 311 -19.19 -35.25 -33.33
N GLN D 312 -18.10 -35.26 -32.57
CA GLN D 312 -16.90 -34.60 -33.05
C GLN D 312 -16.51 -35.09 -34.44
N ARG D 313 -16.58 -36.40 -34.65
CA ARG D 313 -16.18 -36.96 -35.93
C ARG D 313 -17.14 -36.57 -37.05
N GLU D 314 -18.43 -36.44 -36.71
CA GLU D 314 -19.39 -35.98 -37.70
C GLU D 314 -19.11 -34.53 -38.10
N VAL D 315 -18.73 -33.70 -37.14
CA VAL D 315 -18.43 -32.31 -37.49
C VAL D 315 -17.16 -32.24 -38.31
N GLU D 316 -16.19 -33.07 -37.97
CA GLU D 316 -14.94 -33.13 -38.71
C GLU D 316 -15.15 -33.54 -40.16
N ALA D 317 -16.18 -34.34 -40.40
CA ALA D 317 -16.48 -34.80 -41.75
C ALA D 317 -17.17 -33.73 -42.56
N VAL D 318 -17.98 -32.90 -41.90
CA VAL D 318 -18.57 -31.75 -42.59
C VAL D 318 -17.46 -30.84 -43.08
N VAL D 319 -16.48 -30.61 -42.23
CA VAL D 319 -15.33 -29.79 -42.55
C VAL D 319 -14.57 -30.39 -43.72
N SER D 320 -14.33 -31.69 -43.67
CA SER D 320 -13.56 -32.38 -44.69
C SER D 320 -14.28 -32.37 -46.04
N LYS D 321 -15.58 -32.63 -45.99
CA LYS D 321 -16.46 -32.55 -47.16
C LYS D 321 -16.34 -31.22 -47.89
N LEU D 322 -16.07 -30.15 -47.15
CA LEU D 322 -15.95 -28.83 -47.76
C LEU D 322 -14.54 -28.56 -48.25
N GLY D 323 -13.61 -29.44 -47.90
CA GLY D 323 -12.24 -29.26 -48.29
C GLY D 323 -11.49 -28.30 -47.39
N LEU D 324 -12.07 -27.99 -46.24
CA LEU D 324 -11.47 -27.05 -45.32
C LEU D 324 -10.57 -27.74 -44.32
N LYS D 325 -9.60 -27.00 -43.81
CA LYS D 325 -8.72 -27.47 -42.76
C LYS D 325 -9.17 -26.77 -41.49
N ALA D 326 -9.54 -27.55 -40.47
CA ALA D 326 -10.01 -26.96 -39.23
C ALA D 326 -9.63 -27.79 -38.03
N GLU D 327 -9.56 -27.14 -36.88
CA GLU D 327 -9.42 -27.83 -35.61
C GLU D 327 -10.81 -27.96 -34.98
N VAL D 328 -11.22 -29.18 -34.66
CA VAL D 328 -12.50 -29.35 -33.99
C VAL D 328 -12.23 -29.81 -32.57
N LYS D 329 -12.33 -28.87 -31.64
CA LYS D 329 -11.85 -29.06 -30.28
C LYS D 329 -12.99 -29.05 -29.30
N PRO D 330 -13.21 -30.17 -28.61
CA PRO D 330 -14.23 -30.14 -27.58
C PRO D 330 -13.75 -29.39 -26.35
N PHE D 331 -14.58 -28.57 -25.73
CA PHE D 331 -14.18 -27.94 -24.49
C PHE D 331 -15.24 -28.12 -23.41
N LEU D 332 -16.22 -28.97 -23.69
CA LEU D 332 -17.19 -29.38 -22.68
C LEU D 332 -17.85 -30.68 -23.08
N PHE D 333 -17.99 -31.57 -22.10
CA PHE D 333 -18.71 -32.81 -22.27
C PHE D 333 -19.36 -33.19 -20.94
N ARG D 334 -20.69 -33.30 -20.96
CA ARG D 334 -21.45 -33.81 -19.82
C ARG D 334 -22.44 -34.82 -20.34
N ARG D 335 -22.62 -35.90 -19.61
CA ARG D 335 -23.54 -36.95 -20.01
C ARG D 335 -24.94 -36.64 -19.53
N GLY D 336 -25.93 -37.04 -20.32
CA GLY D 336 -27.30 -36.98 -19.88
C GLY D 336 -27.75 -38.36 -19.43
N TYR D 337 -28.78 -38.42 -18.60
CA TYR D 337 -29.26 -39.68 -18.06
C TYR D 337 -30.76 -39.83 -18.09
N GLU D 338 -31.22 -41.06 -18.32
CA GLU D 338 -32.56 -41.47 -17.91
C GLU D 338 -32.48 -42.07 -16.51
N ALA D 339 -33.36 -41.62 -15.62
CA ALA D 339 -33.37 -42.17 -14.28
C ALA D 339 -33.61 -43.66 -14.34
N GLN D 340 -32.97 -44.39 -13.46
CA GLN D 340 -33.19 -45.83 -13.33
C GLN D 340 -33.76 -46.09 -11.95
N GLY D 341 -34.81 -46.87 -11.85
CA GLY D 341 -35.42 -47.13 -10.57
C GLY D 341 -36.09 -45.89 -10.00
N ILE D 342 -36.69 -45.11 -10.89
CA ILE D 342 -37.42 -43.91 -10.53
C ILE D 342 -38.80 -44.23 -9.93
N GLU D 343 -39.29 -45.45 -10.16
CA GLU D 343 -40.67 -45.82 -9.87
C GLU D 343 -41.23 -45.34 -8.52
N PRO D 344 -40.53 -45.59 -7.41
CA PRO D 344 -41.10 -45.13 -6.15
C PRO D 344 -41.36 -43.62 -6.12
N LEU D 345 -40.43 -42.82 -6.59
CA LEU D 345 -40.60 -41.35 -6.64
C LEU D 345 -41.65 -40.96 -7.67
N GLN D 346 -41.60 -41.58 -8.84
CA GLN D 346 -42.58 -41.33 -9.87
C GLN D 346 -44.00 -41.65 -9.38
N ASN D 347 -44.12 -42.73 -8.63
CA ASN D 347 -45.41 -43.15 -8.10
C ASN D 347 -45.90 -42.19 -7.02
N ALA D 348 -45.05 -41.94 -6.02
CA ALA D 348 -45.42 -41.02 -4.94
C ALA D 348 -45.81 -39.67 -5.51
N LEU D 349 -45.08 -39.23 -6.54
CA LEU D 349 -45.37 -37.96 -7.20
C LEU D 349 -46.70 -38.00 -7.94
N GLU D 350 -46.92 -39.07 -8.68
CA GLU D 350 -48.14 -39.20 -9.46
C GLU D 350 -49.36 -39.17 -8.54
N VAL D 351 -49.26 -39.84 -7.41
CA VAL D 351 -50.36 -39.93 -6.47
C VAL D 351 -50.63 -38.57 -5.83
N ALA D 352 -49.56 -37.84 -5.49
CA ALA D 352 -49.69 -36.51 -4.88
C ALA D 352 -50.28 -35.52 -5.87
N HIS D 353 -49.80 -35.58 -7.09
CA HIS D 353 -50.29 -34.73 -8.13
C HIS D 353 -51.78 -34.92 -8.43
N ARG D 354 -52.22 -36.18 -8.53
CA ARG D 354 -53.64 -36.47 -8.78
C ARG D 354 -54.52 -35.90 -7.71
N GLU D 355 -54.07 -36.03 -6.47
CA GLU D 355 -54.79 -35.52 -5.33
C GLU D 355 -54.88 -34.00 -5.38
N VAL D 356 -53.75 -33.34 -5.62
CA VAL D 356 -53.70 -31.88 -5.55
C VAL D 356 -54.16 -31.19 -6.81
N VAL D 357 -53.70 -31.67 -7.96
CA VAL D 357 -54.00 -31.03 -9.22
C VAL D 357 -55.27 -31.62 -9.82
N GLY D 358 -55.56 -32.88 -9.48
CA GLY D 358 -56.85 -33.46 -9.78
C GLY D 358 -56.99 -34.22 -11.08
N ARG D 359 -55.90 -34.34 -11.84
CA ARG D 359 -55.88 -35.09 -13.08
C ARG D 359 -54.57 -35.87 -13.15
N PRO D 360 -54.45 -36.80 -14.09
CA PRO D 360 -53.16 -37.48 -14.30
C PRO D 360 -52.10 -36.51 -14.78
N THR D 361 -50.83 -36.82 -14.55
CA THR D 361 -49.77 -35.98 -15.10
C THR D 361 -49.74 -36.15 -16.59
N GLU D 362 -49.42 -35.08 -17.30
CA GLU D 362 -49.13 -35.17 -18.72
C GLU D 362 -47.63 -35.34 -18.97
N ARG D 363 -47.28 -35.98 -20.08
CA ARG D 363 -45.89 -36.14 -20.47
C ARG D 363 -45.33 -34.84 -21.01
N PRO D 364 -44.11 -34.49 -20.60
CA PRO D 364 -43.56 -33.21 -21.07
C PRO D 364 -43.17 -33.24 -22.54
N GLY D 365 -43.05 -32.06 -23.14
CA GLY D 365 -42.61 -31.97 -24.51
C GLY D 365 -41.14 -32.35 -24.61
N SER D 366 -40.65 -32.47 -25.83
CA SER D 366 -39.26 -32.89 -26.05
C SER D 366 -38.21 -31.93 -25.50
N PRO D 367 -38.38 -30.63 -25.71
CA PRO D 367 -37.34 -29.70 -25.24
C PRO D 367 -37.04 -29.89 -23.76
N GLU D 368 -38.09 -30.04 -22.97
CA GLU D 368 -37.98 -30.24 -21.52
C GLU D 368 -37.28 -31.57 -21.15
N CYS D 369 -37.15 -32.47 -22.11
CA CYS D 369 -36.43 -33.72 -21.89
C CYS D 369 -35.12 -33.74 -22.65
N SER D 370 -34.79 -32.63 -23.29
CA SER D 370 -33.61 -32.61 -24.15
C SER D 370 -32.69 -31.46 -23.77
N MET D 371 -32.66 -31.13 -22.48
CA MET D 371 -31.89 -30.00 -22.02
C MET D 371 -30.98 -30.42 -20.89
N TRP D 372 -30.35 -29.45 -20.22
CA TRP D 372 -29.63 -29.75 -19.00
C TRP D 372 -30.53 -29.51 -17.81
N ARG D 373 -30.60 -30.47 -16.90
CA ARG D 373 -31.23 -30.25 -15.60
C ARG D 373 -30.34 -30.91 -14.58
N ASP D 374 -30.45 -30.50 -13.32
CA ASP D 374 -29.59 -31.11 -12.33
C ASP D 374 -30.06 -32.53 -11.96
N THR D 375 -31.06 -33.06 -12.66
CA THR D 375 -31.34 -34.49 -12.51
C THR D 375 -30.14 -35.32 -13.04
N ASN D 376 -29.40 -34.78 -14.00
CA ASN D 376 -28.26 -35.52 -14.53
C ASN D 376 -27.23 -35.88 -13.44
N PRO D 377 -26.76 -34.88 -12.67
CA PRO D 377 -25.82 -35.19 -11.58
C PRO D 377 -26.39 -36.16 -10.55
N TYR D 378 -27.64 -35.99 -10.16
CA TYR D 378 -28.25 -36.96 -9.24
C TYR D 378 -28.25 -38.37 -9.85
N ASN D 379 -28.76 -38.51 -11.07
CA ASN D 379 -28.82 -39.84 -11.67
C ASN D 379 -27.43 -40.45 -11.88
N GLU D 380 -26.49 -39.61 -12.25
CA GLU D 380 -25.11 -40.02 -12.42
C GLU D 380 -24.60 -40.65 -11.14
N LEU D 381 -25.02 -40.09 -10.01
CA LEU D 381 -24.49 -40.52 -8.74
C LEU D 381 -25.40 -41.55 -8.07
N GLY D 382 -26.31 -42.15 -8.84
CA GLY D 382 -27.13 -43.23 -8.32
C GLY D 382 -28.33 -42.82 -7.51
N ILE D 383 -28.74 -41.57 -7.67
CA ILE D 383 -29.90 -41.05 -6.97
C ILE D 383 -30.99 -40.80 -8.00
N PRO D 384 -31.96 -41.72 -8.10
CA PRO D 384 -32.94 -41.57 -9.17
C PRO D 384 -33.65 -40.22 -9.06
N SER D 385 -33.77 -39.51 -10.17
CA SER D 385 -34.20 -38.14 -10.07
C SER D 385 -35.01 -37.71 -11.26
N LEU D 386 -36.05 -36.93 -11.02
CA LEU D 386 -36.87 -36.38 -12.10
C LEU D 386 -37.12 -34.90 -11.83
N THR D 387 -37.55 -34.19 -12.85
CA THR D 387 -37.84 -32.78 -12.69
C THR D 387 -39.37 -32.57 -12.74
N TYR D 388 -39.88 -31.70 -11.88
CA TYR D 388 -41.30 -31.39 -11.82
C TYR D 388 -41.52 -30.09 -11.10
N GLY D 389 -42.35 -29.22 -11.66
CA GLY D 389 -42.75 -28.02 -10.95
C GLY D 389 -43.80 -27.21 -11.69
N CYS D 390 -44.37 -26.23 -11.01
CA CYS D 390 -45.42 -25.43 -11.60
C CYS D 390 -44.83 -24.43 -12.58
N GLY D 391 -45.69 -23.83 -13.40
CA GLY D 391 -45.27 -22.77 -14.29
C GLY D 391 -44.86 -23.22 -15.68
N GLY D 392 -45.17 -22.40 -16.67
CA GLY D 392 -44.74 -22.66 -18.03
C GLY D 392 -43.25 -22.41 -18.03
N GLY D 393 -42.49 -23.23 -18.75
CA GLY D 393 -41.02 -23.19 -18.71
C GLY D 393 -40.39 -21.86 -19.08
N ALA D 394 -39.26 -21.54 -18.45
CA ALA D 394 -38.56 -20.29 -18.72
C ALA D 394 -38.13 -20.18 -20.19
N GLY D 395 -37.74 -21.30 -20.79
CA GLY D 395 -37.35 -21.33 -22.19
C GLY D 395 -38.56 -21.28 -23.11
N GLY D 396 -39.75 -21.20 -22.51
CA GLY D 396 -41.02 -21.11 -23.22
C GLY D 396 -41.27 -19.90 -24.10
N GLY D 397 -41.13 -18.68 -23.56
CA GLY D 397 -40.68 -18.45 -22.20
C GLY D 397 -41.63 -17.65 -21.34
N ASN D 398 -42.00 -18.22 -20.20
CA ASN D 398 -42.96 -17.64 -19.28
C ASN D 398 -42.35 -16.46 -18.51
N THR D 399 -43.22 -15.61 -17.96
CA THR D 399 -42.78 -14.41 -17.27
C THR D 399 -43.46 -14.28 -15.92
N TYR D 400 -44.34 -15.21 -15.60
CA TYR D 400 -44.92 -15.21 -14.26
C TYR D 400 -45.42 -16.58 -13.82
N PHE D 401 -45.62 -16.71 -12.51
CA PHE D 401 -46.20 -17.87 -11.85
C PHE D 401 -47.54 -17.45 -11.28
N LEU D 402 -48.53 -18.34 -11.28
CA LEU D 402 -49.77 -18.07 -10.53
C LEU D 402 -49.55 -18.54 -9.11
N VAL D 403 -49.89 -17.68 -8.16
CA VAL D 403 -49.73 -18.05 -6.76
C VAL D 403 -50.50 -19.34 -6.46
N ASP D 404 -51.63 -19.55 -7.13
CA ASP D 404 -52.40 -20.77 -6.95
C ASP D 404 -51.60 -22.01 -7.33
N ASP D 405 -50.88 -21.91 -8.45
CA ASP D 405 -50.06 -23.00 -8.94
C ASP D 405 -48.90 -23.31 -8.00
N MET D 406 -48.26 -22.27 -7.51
CA MET D 406 -47.14 -22.44 -6.60
C MET D 406 -47.60 -23.17 -5.37
N LEU D 407 -48.78 -22.80 -4.88
CA LEU D 407 -49.29 -23.43 -3.68
C LEU D 407 -49.59 -24.90 -4.00
N LYS D 408 -50.09 -25.17 -5.20
CA LYS D 408 -50.35 -26.55 -5.57
C LYS D 408 -49.04 -27.34 -5.59
N ALA D 409 -48.01 -26.78 -6.22
CA ALA D 409 -46.71 -27.43 -6.28
C ALA D 409 -46.17 -27.68 -4.88
N ALA D 410 -46.36 -26.75 -3.96
CA ALA D 410 -45.84 -26.94 -2.62
C ALA D 410 -46.52 -28.16 -1.96
N LYS D 411 -47.82 -28.29 -2.20
CA LYS D 411 -48.58 -29.39 -1.62
C LYS D 411 -48.14 -30.73 -2.24
N VAL D 412 -48.04 -30.76 -3.57
CA VAL D 412 -47.53 -31.93 -4.26
C VAL D 412 -46.20 -32.36 -3.66
N TYR D 413 -45.32 -31.39 -3.43
CA TYR D 413 -44.02 -31.68 -2.82
C TYR D 413 -44.17 -32.23 -1.43
N ALA D 414 -45.03 -31.63 -0.62
CA ALA D 414 -45.15 -32.09 0.74
C ALA D 414 -45.76 -33.50 0.76
N MET D 415 -46.77 -33.73 -0.08
CA MET D 415 -47.40 -35.05 -0.12
C MET D 415 -46.42 -36.13 -0.61
N THR D 416 -45.70 -35.83 -1.67
CA THR D 416 -44.68 -36.73 -2.20
C THR D 416 -43.73 -37.14 -1.07
N ALA D 417 -43.28 -36.18 -0.28
CA ALA D 417 -42.36 -36.50 0.78
C ALA D 417 -43.00 -37.37 1.87
N MET D 418 -44.25 -37.07 2.21
CA MET D 418 -44.92 -37.81 3.27
C MET D 418 -45.18 -39.25 2.87
N ASP D 419 -45.24 -39.50 1.58
CA ASP D 419 -45.37 -40.84 1.04
C ASP D 419 -43.98 -41.50 0.97
N LEU D 420 -43.16 -41.02 0.03
CA LEU D 420 -41.88 -41.64 -0.28
C LEU D 420 -40.97 -41.81 0.94
N CYS D 421 -40.91 -40.79 1.79
CA CYS D 421 -40.01 -40.82 2.93
C CYS D 421 -40.49 -41.76 4.01
N ASN D 422 -41.66 -42.36 3.81
CA ASN D 422 -42.12 -43.36 4.75
C ASN D 422 -42.07 -44.76 4.17
N ARG D 423 -41.54 -44.87 2.96
CA ARG D 423 -41.25 -46.17 2.38
C ARG D 423 -39.90 -46.66 2.89
N THR D 424 -39.72 -47.96 3.03
CA THR D 424 -38.43 -48.51 3.47
C THR D 424 -37.41 -48.43 2.35
N PRO D 425 -36.19 -47.95 2.66
CA PRO D 425 -35.16 -48.03 1.64
C PRO D 425 -34.50 -49.41 1.66
N GLY E 3 27.21 16.39 -58.38
CA GLY E 3 28.25 17.18 -59.04
C GLY E 3 29.20 17.85 -58.06
N SER E 4 28.66 18.28 -56.91
CA SER E 4 29.45 18.93 -55.88
C SER E 4 30.62 18.05 -55.40
N ASN E 5 31.66 18.69 -54.89
CA ASN E 5 32.69 17.97 -54.18
C ASN E 5 32.07 17.47 -52.90
N ASP E 6 31.08 18.23 -52.42
CA ASP E 6 30.29 17.84 -51.26
C ASP E 6 29.63 16.48 -51.48
N VAL E 7 28.98 16.32 -52.62
CA VAL E 7 28.30 15.07 -52.90
C VAL E 7 29.26 13.90 -52.87
N ALA E 8 30.39 14.02 -53.56
CA ALA E 8 31.38 12.96 -53.55
C ALA E 8 31.84 12.65 -52.13
N LYS E 9 32.08 13.70 -51.35
CA LYS E 9 32.55 13.56 -49.99
C LYS E 9 31.52 12.82 -49.13
N VAL E 10 30.24 13.10 -49.35
CA VAL E 10 29.20 12.44 -48.58
C VAL E 10 29.03 11.00 -49.02
N MET E 11 29.08 10.74 -50.32
CA MET E 11 28.95 9.37 -50.83
C MET E 11 30.05 8.51 -50.24
N LYS E 12 31.21 9.10 -50.05
CA LYS E 12 32.35 8.34 -49.58
C LYS E 12 32.19 8.08 -48.11
N THR E 13 31.77 9.11 -47.39
CA THR E 13 31.48 9.00 -45.98
C THR E 13 30.48 7.87 -45.73
N LEU E 14 29.43 7.84 -46.54
CA LEU E 14 28.42 6.80 -46.39
C LEU E 14 28.99 5.42 -46.68
N ASP E 15 29.90 5.34 -47.66
CA ASP E 15 30.54 4.07 -47.99
C ASP E 15 31.20 3.50 -46.75
N GLY E 16 31.79 4.37 -45.95
CA GLY E 16 32.46 3.93 -44.75
C GLY E 16 31.58 3.89 -43.52
N MET E 17 30.28 3.68 -43.72
CA MET E 17 29.34 3.66 -42.60
C MET E 17 28.44 2.43 -42.63
N ARG E 18 28.78 1.46 -43.48
CA ARG E 18 28.03 0.22 -43.53
C ARG E 18 27.83 -0.39 -42.15
N GLU E 19 28.90 -0.38 -41.37
CA GLU E 19 28.88 -0.99 -40.06
C GLU E 19 27.86 -0.32 -39.16
N GLY E 20 27.80 1.00 -39.19
CA GLY E 20 26.82 1.74 -38.41
C GLY E 20 25.41 1.54 -38.91
N LEU E 21 25.29 1.41 -40.22
CA LEU E 21 24.00 1.21 -40.84
C LEU E 21 23.39 -0.12 -40.43
N ILE E 22 24.20 -1.16 -40.52
CA ILE E 22 23.79 -2.49 -40.12
C ILE E 22 23.46 -2.52 -38.63
N GLN E 23 24.39 -2.02 -37.82
CA GLN E 23 24.18 -2.05 -36.38
C GLN E 23 22.89 -1.32 -35.99
N THR E 24 22.73 -0.09 -36.47
CA THR E 24 21.57 0.72 -36.14
C THR E 24 20.29 -0.02 -36.53
N ALA E 25 20.27 -0.61 -37.70
CA ALA E 25 19.09 -1.31 -38.15
C ALA E 25 18.81 -2.53 -37.27
N VAL E 26 19.85 -3.25 -36.91
CA VAL E 26 19.63 -4.49 -36.18
C VAL E 26 19.19 -4.18 -34.75
N GLU E 27 19.87 -3.23 -34.11
CA GLU E 27 19.49 -2.82 -32.77
C GLU E 27 18.05 -2.28 -32.73
N LEU E 28 17.72 -1.40 -33.67
CA LEU E 28 16.37 -0.85 -33.72
C LEU E 28 15.38 -1.97 -33.96
N GLY E 29 15.70 -2.81 -34.94
CA GLY E 29 14.81 -3.87 -35.32
C GLY E 29 14.60 -4.90 -34.23
N SER E 30 15.55 -4.99 -33.30
CA SER E 30 15.48 -6.02 -32.26
C SER E 30 14.59 -5.61 -31.10
N ILE E 31 14.22 -4.34 -31.06
CA ILE E 31 13.41 -3.83 -29.98
C ILE E 31 11.95 -4.17 -30.21
N GLU E 32 11.33 -4.83 -29.24
CA GLU E 32 9.91 -5.12 -29.30
C GLU E 32 9.14 -3.79 -29.34
N ALA E 33 8.39 -3.55 -30.42
CA ALA E 33 7.69 -2.28 -30.55
C ALA E 33 6.41 -2.39 -31.35
N PRO E 34 5.55 -3.35 -30.98
CA PRO E 34 4.24 -3.40 -31.66
C PRO E 34 3.51 -2.11 -31.40
N THR E 35 2.67 -1.67 -32.32
CA THR E 35 1.84 -0.49 -32.11
C THR E 35 1.19 -0.64 -30.74
N GLY E 36 1.35 0.37 -29.90
CA GLY E 36 0.91 0.28 -28.52
C GLY E 36 2.04 0.30 -27.50
N ARG E 37 3.20 -0.18 -27.92
CA ARG E 37 4.35 -0.22 -27.02
C ARG E 37 5.63 0.22 -27.71
N GLU E 38 5.54 1.27 -28.52
CA GLU E 38 6.70 1.73 -29.29
C GLU E 38 7.62 2.60 -28.46
N GLY E 39 7.34 2.77 -27.19
CA GLY E 39 8.16 3.62 -26.35
C GLY E 39 9.66 3.33 -26.36
N ALA E 40 10.04 2.08 -26.13
CA ALA E 40 11.44 1.75 -26.02
C ALA E 40 12.15 2.03 -27.34
N ALA E 41 11.48 1.75 -28.46
CA ALA E 41 12.06 2.07 -29.76
C ALA E 41 12.27 3.57 -29.86
N GLY E 42 11.33 4.33 -29.33
CA GLY E 42 11.44 5.78 -29.33
C GLY E 42 12.62 6.25 -28.49
N ASP E 43 12.82 5.60 -27.33
CA ASP E 43 13.94 5.92 -26.47
C ASP E 43 15.27 5.69 -27.17
N TYR E 44 15.38 4.57 -27.85
CA TYR E 44 16.59 4.27 -28.61
C TYR E 44 16.88 5.38 -29.63
N VAL E 45 15.85 5.81 -30.34
CA VAL E 45 16.03 6.81 -31.37
C VAL E 45 16.36 8.16 -30.76
N TYR E 46 15.67 8.51 -29.68
CA TYR E 46 16.00 9.72 -28.96
C TYR E 46 17.48 9.74 -28.61
N GLU E 47 17.97 8.66 -28.02
CA GLU E 47 19.35 8.59 -27.55
C GLU E 47 20.33 8.58 -28.72
N TRP E 48 19.95 7.90 -29.80
CA TRP E 48 20.78 7.86 -30.99
C TRP E 48 20.92 9.26 -31.54
N MET E 49 19.79 9.94 -31.61
CA MET E 49 19.80 11.30 -32.09
C MET E 49 20.61 12.21 -31.18
N ALA E 50 20.43 12.05 -29.87
CA ALA E 50 21.15 12.87 -28.90
C ALA E 50 22.66 12.72 -29.07
N ARG E 51 23.11 11.48 -29.14
CA ARG E 51 24.53 11.18 -29.28
C ARG E 51 25.09 11.85 -30.52
N ASN E 52 24.31 11.84 -31.59
CA ASN E 52 24.83 12.31 -32.86
C ASN E 52 24.61 13.80 -33.07
N GLY E 53 24.10 14.48 -32.04
CA GLY E 53 24.02 15.93 -32.07
C GLY E 53 22.81 16.54 -32.77
N PHE E 54 21.73 15.79 -32.87
CA PHE E 54 20.56 16.29 -33.60
C PHE E 54 19.50 16.93 -32.70
N GLY E 55 19.87 17.13 -31.44
CA GLY E 55 18.99 17.76 -30.46
C GLY E 55 17.55 17.27 -30.47
N PRO E 56 17.35 15.97 -30.23
CA PRO E 56 16.01 15.37 -30.30
C PRO E 56 15.05 15.96 -29.28
N GLU E 57 13.77 15.92 -29.59
CA GLU E 57 12.73 16.17 -28.60
C GLU E 57 11.69 15.06 -28.68
N ARG E 58 11.16 14.65 -27.53
CA ARG E 58 10.01 13.76 -27.50
C ARG E 58 8.76 14.60 -27.65
N VAL E 59 7.96 14.26 -28.65
CA VAL E 59 6.72 14.97 -28.91
C VAL E 59 5.61 13.94 -28.95
N GLY E 60 4.86 13.85 -27.86
CA GLY E 60 3.91 12.77 -27.73
C GLY E 60 2.72 13.12 -26.89
N VAL E 61 1.65 12.36 -27.10
CA VAL E 61 0.44 12.45 -26.33
C VAL E 61 0.59 11.71 -24.98
N PHE E 62 1.45 10.70 -24.97
CA PHE E 62 1.70 9.91 -23.76
C PHE E 62 3.18 9.88 -23.49
N ASP E 63 3.58 9.74 -22.25
CA ASP E 63 5.02 9.70 -21.97
C ASP E 63 5.68 8.40 -22.42
N ASP E 64 4.90 7.38 -22.76
CA ASP E 64 5.50 6.13 -23.24
C ASP E 64 5.09 5.77 -24.67
N ARG E 65 4.47 6.71 -25.38
CA ARG E 65 4.18 6.54 -26.81
C ARG E 65 4.30 7.90 -27.48
N PHE E 66 5.45 8.12 -28.11
CA PHE E 66 5.79 9.46 -28.53
C PHE E 66 6.55 9.45 -29.83
N ASN E 67 6.51 10.61 -30.48
CA ASN E 67 7.29 10.86 -31.66
C ASN E 67 8.65 11.42 -31.23
N VAL E 68 9.67 11.26 -32.07
CA VAL E 68 10.96 11.85 -31.80
C VAL E 68 11.36 12.72 -32.98
N VAL E 69 11.60 13.99 -32.70
CA VAL E 69 11.89 14.95 -33.73
C VAL E 69 13.27 15.55 -33.45
N GLY E 70 14.20 15.32 -34.37
CA GLY E 70 15.51 15.93 -34.28
C GLY E 70 15.73 16.80 -35.49
N ARG E 71 16.89 17.44 -35.56
CA ARG E 71 17.10 18.44 -36.58
C ARG E 71 18.57 18.65 -36.90
N LEU E 72 18.90 18.69 -38.19
CA LEU E 72 20.21 19.14 -38.65
C LEU E 72 20.05 20.52 -39.26
N ARG E 73 20.52 21.53 -38.54
CA ARG E 73 20.24 22.93 -38.90
C ARG E 73 21.07 23.38 -40.07
N GLY E 74 20.44 24.10 -40.98
CA GLY E 74 21.14 24.65 -42.13
C GLY E 74 21.73 26.01 -41.81
N THR E 75 22.43 26.57 -42.79
CA THR E 75 23.05 27.88 -42.64
C THR E 75 22.06 29.02 -42.89
N GLY E 76 20.92 28.71 -43.50
CA GLY E 76 19.86 29.68 -43.70
C GLY E 76 19.48 29.90 -45.15
N GLY E 77 18.20 30.20 -45.39
CA GLY E 77 17.74 30.58 -46.70
C GLY E 77 17.50 29.43 -47.66
N GLY E 78 17.31 28.23 -47.14
CA GLY E 78 17.01 27.09 -47.98
C GLY E 78 15.72 26.42 -47.58
N ALA E 79 15.23 25.55 -48.44
CA ALA E 79 14.07 24.76 -48.12
C ALA E 79 14.44 23.68 -47.13
N SER E 80 13.53 23.39 -46.20
CA SER E 80 13.76 22.32 -45.24
C SER E 80 13.09 21.03 -45.71
N LEU E 81 13.73 19.91 -45.41
CA LEU E 81 13.24 18.62 -45.80
C LEU E 81 13.09 17.72 -44.59
N SER E 82 11.89 17.19 -44.36
CA SER E 82 11.70 16.17 -43.34
C SER E 82 12.01 14.79 -43.89
N PHE E 83 12.69 13.97 -43.10
CA PHE E 83 12.71 12.51 -43.35
C PHE E 83 11.86 11.83 -42.28
N ASN E 84 11.06 10.85 -42.69
CA ASN E 84 10.10 10.28 -41.77
C ASN E 84 9.97 8.77 -41.91
N SER E 85 10.07 8.07 -40.79
CA SER E 85 9.69 6.65 -40.71
C SER E 85 9.02 6.39 -39.37
N HIS E 86 8.37 5.25 -39.19
CA HIS E 86 7.62 5.03 -37.96
C HIS E 86 8.28 4.00 -37.04
N LEU E 87 8.04 4.18 -35.74
CA LEU E 87 8.64 3.39 -34.69
C LEU E 87 7.93 2.07 -34.41
N ASP E 88 6.64 1.99 -34.75
CA ASP E 88 5.86 0.83 -34.39
C ASP E 88 5.97 -0.27 -35.44
N THR E 89 5.74 -1.52 -35.02
CA THR E 89 5.79 -2.67 -35.90
C THR E 89 4.47 -3.44 -35.86
N ILE E 90 4.27 -4.36 -36.80
CA ILE E 90 2.96 -4.98 -37.00
C ILE E 90 2.54 -5.97 -35.92
N MET E 91 3.44 -6.85 -35.54
CA MET E 91 3.08 -7.99 -34.70
C MET E 91 3.42 -7.84 -33.25
N ALA E 92 2.39 -7.89 -32.42
CA ALA E 92 2.56 -8.12 -31.00
C ALA E 92 2.71 -9.62 -30.79
N ARG E 93 3.41 -10.04 -29.75
CA ARG E 93 3.60 -11.46 -29.55
C ARG E 93 2.27 -12.15 -29.21
N GLU E 94 1.29 -11.33 -28.85
CA GLU E 94 -0.01 -11.84 -28.44
C GLU E 94 -1.02 -11.96 -29.59
N ASP E 95 -0.59 -11.68 -30.82
CA ASP E 95 -1.52 -11.67 -31.96
C ASP E 95 -1.82 -13.06 -32.52
N THR E 96 -2.15 -13.99 -31.63
CA THR E 96 -2.49 -15.35 -32.01
C THR E 96 -3.86 -15.41 -32.70
N ALA E 97 -4.67 -14.37 -32.55
CA ALA E 97 -5.97 -14.31 -33.19
C ALA E 97 -5.88 -13.86 -34.64
N ARG E 98 -4.71 -13.41 -35.05
CA ARG E 98 -4.53 -12.95 -36.41
C ARG E 98 -3.74 -13.97 -37.23
N PHE E 99 -2.60 -14.38 -36.71
CA PHE E 99 -1.67 -15.20 -37.47
C PHE E 99 -1.52 -16.58 -36.85
N ALA E 100 -1.58 -17.60 -37.71
CA ALA E 100 -1.48 -18.99 -37.32
C ALA E 100 -0.27 -19.25 -36.41
N ASP E 101 0.89 -18.69 -36.77
CA ASP E 101 2.04 -18.66 -35.86
C ASP E 101 2.57 -17.24 -35.74
N ALA E 102 2.06 -16.52 -34.75
CA ALA E 102 2.40 -15.12 -34.52
C ALA E 102 3.63 -14.96 -33.65
N ASN E 103 4.41 -16.04 -33.55
CA ASN E 103 5.62 -16.01 -32.76
C ASN E 103 6.86 -16.39 -33.55
N ASP E 104 6.70 -16.56 -34.86
CA ASP E 104 7.84 -16.77 -35.74
C ASP E 104 8.88 -15.67 -35.57
N ARG E 105 10.15 -16.07 -35.59
CA ARG E 105 11.26 -15.15 -35.36
C ARG E 105 11.18 -13.90 -36.25
N ILE E 106 10.82 -14.11 -37.51
CA ILE E 106 10.79 -13.05 -38.52
C ILE E 106 9.83 -11.94 -38.16
N TYR E 107 8.87 -12.24 -37.29
CA TYR E 107 7.89 -11.25 -36.89
C TYR E 107 8.40 -10.37 -35.76
N HIS E 108 9.36 -10.87 -34.99
CA HIS E 108 9.76 -10.17 -33.77
C HIS E 108 11.25 -9.88 -33.65
N GLU E 109 12.07 -10.44 -34.52
CA GLU E 109 13.49 -10.22 -34.35
C GLU E 109 14.16 -9.64 -35.60
N ALA E 110 15.44 -9.31 -35.48
CA ALA E 110 16.17 -8.70 -36.58
C ALA E 110 17.63 -9.09 -36.48
N TRP E 111 18.21 -9.56 -37.58
CA TRP E 111 19.61 -9.97 -37.55
C TRP E 111 20.32 -9.78 -38.88
N HIS E 112 21.63 -9.56 -38.80
CA HIS E 112 22.45 -9.46 -40.00
C HIS E 112 23.00 -10.81 -40.42
N GLU E 113 22.66 -11.25 -41.63
CA GLU E 113 23.17 -12.51 -42.14
C GLU E 113 23.55 -12.43 -43.61
N GLU E 114 24.82 -12.65 -43.89
CA GLU E 114 25.29 -12.66 -45.27
C GLU E 114 25.04 -11.30 -45.90
N GLY E 115 24.31 -11.28 -47.00
CA GLY E 115 24.07 -10.00 -47.63
C GLY E 115 23.04 -9.12 -46.93
N ARG E 116 22.32 -9.71 -45.98
CA ARG E 116 20.98 -9.21 -45.67
C ARG E 116 20.74 -8.78 -44.23
N ILE E 117 19.65 -8.03 -44.04
CA ILE E 117 19.10 -7.82 -42.72
C ILE E 117 17.68 -8.36 -42.74
N TYR E 118 17.44 -9.37 -41.91
CA TYR E 118 16.13 -10.02 -41.86
C TYR E 118 15.26 -9.42 -40.74
N GLY E 119 13.96 -9.41 -40.97
CA GLY E 119 13.01 -8.99 -39.95
C GLY E 119 11.90 -8.14 -40.52
N TYR E 120 10.65 -8.55 -40.29
CA TYR E 120 9.52 -7.71 -40.68
C TYR E 120 9.71 -6.33 -40.08
N SER E 121 10.36 -6.29 -38.92
CA SER E 121 10.54 -5.04 -38.20
C SER E 121 11.60 -4.17 -38.87
N VAL E 122 12.49 -4.81 -39.62
CA VAL E 122 13.46 -4.05 -40.38
C VAL E 122 12.80 -3.54 -41.66
N VAL E 123 12.06 -4.41 -42.35
CA VAL E 123 11.31 -4.00 -43.54
C VAL E 123 10.30 -2.91 -43.21
N ASN E 124 9.70 -2.99 -42.03
CA ASN E 124 8.64 -2.08 -41.62
C ASN E 124 8.73 -1.77 -40.12
N CYS E 125 9.51 -0.76 -39.74
CA CYS E 125 10.11 0.16 -40.69
C CYS E 125 11.45 0.67 -40.15
N LYS E 126 12.12 -0.14 -39.33
CA LYS E 126 13.38 0.27 -38.75
C LYS E 126 14.50 0.35 -39.80
N GLY E 127 14.34 -0.38 -40.90
CA GLY E 127 15.36 -0.38 -41.93
C GLY E 127 15.47 0.97 -42.62
N PRO E 128 14.36 1.41 -43.21
CA PRO E 128 14.39 2.71 -43.88
C PRO E 128 14.71 3.82 -42.90
N MET E 129 14.28 3.68 -41.65
CA MET E 129 14.64 4.66 -40.63
C MET E 129 16.16 4.73 -40.44
N ALA E 130 16.79 3.58 -40.31
CA ALA E 130 18.24 3.53 -40.23
C ALA E 130 18.88 4.24 -41.42
N CYS E 131 18.33 4.01 -42.60
CA CYS E 131 18.87 4.64 -43.81
C CYS E 131 18.98 6.14 -43.70
N TRP E 132 17.92 6.83 -43.25
CA TRP E 132 18.04 8.27 -43.20
C TRP E 132 18.67 8.77 -41.90
N LEU E 133 18.66 7.96 -40.86
CA LEU E 133 19.42 8.34 -39.68
C LEU E 133 20.89 8.44 -40.08
N ILE E 134 21.33 7.46 -40.86
CA ILE E 134 22.71 7.36 -41.27
C ILE E 134 23.03 8.45 -42.28
N ALA E 135 22.10 8.69 -43.20
CA ALA E 135 22.26 9.77 -44.17
C ALA E 135 22.46 11.08 -43.43
N ALA E 136 21.63 11.33 -42.43
CA ALA E 136 21.77 12.54 -41.61
C ALA E 136 23.15 12.60 -40.96
N LYS E 137 23.57 11.48 -40.39
CA LYS E 137 24.86 11.40 -39.72
C LYS E 137 25.96 11.73 -40.70
N ALA E 138 25.90 11.13 -41.90
CA ALA E 138 26.89 11.39 -42.92
C ALA E 138 26.91 12.87 -43.33
N LEU E 139 25.73 13.46 -43.50
CA LEU E 139 25.66 14.85 -43.92
C LEU E 139 26.38 15.73 -42.93
N LYS E 140 26.17 15.43 -41.65
CA LYS E 140 26.68 16.25 -40.58
C LYS E 140 28.18 16.10 -40.45
N GLU E 141 28.63 14.86 -40.50
CA GLU E 141 30.03 14.57 -40.21
C GLU E 141 30.90 14.97 -41.38
N ALA E 142 30.37 14.88 -42.58
CA ALA E 142 31.11 15.31 -43.74
C ALA E 142 31.06 16.83 -43.87
N GLY E 143 30.28 17.47 -43.02
CA GLY E 143 30.17 18.92 -43.05
C GLY E 143 29.50 19.43 -44.29
N ALA E 144 28.59 18.64 -44.86
CA ALA E 144 27.86 19.03 -46.05
C ALA E 144 27.21 20.39 -45.90
N ALA E 145 27.26 21.19 -46.96
CA ALA E 145 26.69 22.53 -46.90
C ALA E 145 25.22 22.51 -47.26
N LEU E 146 24.38 22.99 -46.37
CA LEU E 146 22.94 22.98 -46.59
C LEU E 146 22.38 24.28 -46.09
N LYS E 147 21.65 24.98 -46.95
CA LYS E 147 20.98 26.19 -46.51
C LYS E 147 19.78 25.86 -45.65
N GLY E 148 18.99 24.88 -46.07
CA GLY E 148 17.81 24.51 -45.30
C GLY E 148 18.07 23.46 -44.22
N ASP E 149 17.17 23.38 -43.26
CA ASP E 149 17.22 22.34 -42.23
C ASP E 149 16.84 20.97 -42.78
N VAL E 150 17.44 19.93 -42.23
CA VAL E 150 16.88 18.62 -42.37
C VAL E 150 16.15 18.27 -41.09
N VAL E 151 14.86 17.95 -41.19
CA VAL E 151 14.10 17.59 -40.00
C VAL E 151 14.03 16.07 -39.88
N LEU E 152 14.33 15.56 -38.69
CA LEU E 152 14.39 14.13 -38.49
C LEU E 152 13.22 13.67 -37.64
N THR E 153 12.30 12.94 -38.26
CA THR E 153 11.03 12.69 -37.61
C THR E 153 10.69 11.23 -37.51
N ALA E 154 10.89 10.65 -36.32
CA ALA E 154 10.51 9.26 -36.08
C ALA E 154 9.20 9.21 -35.30
N VAL E 155 8.17 8.64 -35.90
CA VAL E 155 6.83 8.76 -35.36
C VAL E 155 6.31 7.45 -34.79
N CYS E 156 5.45 7.56 -33.78
CA CYS E 156 4.79 6.40 -33.24
C CYS E 156 3.50 6.18 -34.00
N GLY E 157 2.84 5.07 -33.71
CA GLY E 157 1.49 4.82 -34.17
C GLY E 157 1.19 5.06 -35.64
N GLU E 158 2.01 4.53 -36.55
CA GLU E 158 1.68 4.67 -37.96
C GLU E 158 0.74 3.56 -38.41
N ILE E 159 0.86 2.39 -37.82
CA ILE E 159 0.14 1.24 -38.31
C ILE E 159 -1.35 1.37 -37.99
N ASP E 160 -2.20 0.86 -38.88
CA ASP E 160 -3.66 1.16 -38.92
C ASP E 160 -4.53 0.64 -37.77
N CYS E 161 -3.96 0.38 -36.60
CA CYS E 161 -4.75 0.06 -35.41
C CYS E 161 -5.69 1.20 -35.04
N GLU E 162 -6.87 0.89 -34.50
CA GLU E 162 -7.78 1.92 -34.04
C GLU E 162 -8.64 1.42 -32.90
N PRO E 163 -8.93 2.31 -31.95
CA PRO E 163 -9.93 2.01 -30.93
C PRO E 163 -11.28 1.76 -31.59
N VAL E 164 -12.09 0.95 -30.92
CA VAL E 164 -13.47 0.69 -31.33
C VAL E 164 -14.13 -0.01 -30.17
N ASP E 165 -15.44 0.22 -30.01
CA ASP E 165 -16.18 -0.44 -28.94
C ASP E 165 -15.50 -0.25 -27.60
N GLU E 166 -15.28 -1.34 -26.86
CA GLU E 166 -14.71 -1.24 -25.52
C GLU E 166 -13.19 -1.06 -25.52
N PHE E 167 -12.58 -1.08 -26.70
CA PHE E 167 -11.14 -0.91 -26.81
C PHE E 167 -10.80 0.56 -27.08
N GLN E 168 -10.51 1.30 -26.03
CA GLN E 168 -10.39 2.75 -26.10
C GLN E 168 -9.10 3.24 -25.47
N GLY E 169 -8.65 4.42 -25.88
CA GLY E 169 -7.55 5.11 -25.22
C GLY E 169 -6.15 4.57 -25.50
N HIS E 170 -5.26 4.86 -24.56
CA HIS E 170 -3.82 4.61 -24.66
C HIS E 170 -3.38 3.37 -25.41
N ASP E 171 -3.94 2.21 -25.08
CA ASP E 171 -3.45 0.97 -25.65
C ASP E 171 -3.84 0.77 -27.13
N TYR E 172 -4.87 1.45 -27.60
CA TYR E 172 -5.41 1.12 -28.91
C TYR E 172 -5.25 2.22 -29.96
N LEU E 173 -4.79 3.38 -29.52
CA LEU E 173 -4.57 4.51 -30.42
C LEU E 173 -3.38 4.32 -31.34
N ALA E 174 -3.34 5.05 -32.44
CA ALA E 174 -2.19 4.98 -33.32
C ALA E 174 -1.99 6.26 -34.11
N GLU E 175 -2.64 6.38 -35.27
CA GLU E 175 -2.33 7.50 -36.15
C GLU E 175 -2.68 8.87 -35.55
N ASP E 176 -3.69 8.94 -34.70
CA ASP E 176 -4.01 10.24 -34.11
C ASP E 176 -2.90 10.75 -33.20
N ILE E 177 -2.05 9.88 -32.70
CA ILE E 177 -0.99 10.37 -31.83
C ILE E 177 0.37 10.32 -32.50
N GLY E 178 0.36 10.05 -33.80
CA GLY E 178 1.58 9.82 -34.54
C GLY E 178 2.06 11.02 -35.34
N ALA E 179 2.35 10.78 -36.61
CA ALA E 179 2.89 11.79 -37.50
C ALA E 179 2.12 13.09 -37.46
N ARG E 180 0.80 13.02 -37.60
CA ARG E 180 0.03 14.25 -37.65
C ARG E 180 0.21 15.04 -36.36
N TYR E 181 0.31 14.33 -35.25
CA TYR E 181 0.49 15.00 -33.98
C TYR E 181 1.86 15.70 -33.96
N ALA E 182 2.90 15.00 -34.40
CA ALA E 182 4.23 15.59 -34.39
C ALA E 182 4.31 16.82 -35.32
N ILE E 183 3.74 16.72 -36.51
CA ILE E 183 3.72 17.87 -37.41
C ILE E 183 2.92 19.03 -36.81
N SER E 184 1.72 18.75 -36.29
CA SER E 184 0.90 19.80 -35.73
C SER E 184 1.55 20.43 -34.51
N HIS E 185 2.53 19.74 -33.94
CA HIS E 185 3.23 20.32 -32.80
C HIS E 185 4.69 20.63 -33.07
N GLY E 186 5.00 20.91 -34.32
CA GLY E 186 6.26 21.59 -34.62
C GLY E 186 7.09 21.01 -35.73
N ALA E 187 6.92 19.73 -36.00
CA ALA E 187 7.78 19.07 -36.97
C ALA E 187 7.41 19.47 -38.40
N ILE E 188 7.41 20.77 -38.68
CA ILE E 188 7.07 21.23 -40.02
C ILE E 188 8.33 21.45 -40.86
N SER E 189 8.17 21.33 -42.18
CA SER E 189 9.21 21.58 -43.14
C SER E 189 8.57 21.95 -44.47
N ASP E 190 9.37 22.38 -45.44
CA ASP E 190 8.83 22.68 -46.76
C ASP E 190 8.42 21.40 -47.45
N TYR E 191 9.22 20.36 -47.32
CA TYR E 191 8.91 19.10 -47.98
C TYR E 191 9.14 17.92 -47.03
N ALA E 192 8.62 16.77 -47.40
CA ALA E 192 8.81 15.62 -46.54
C ALA E 192 8.95 14.36 -47.35
N LEU E 193 10.01 13.62 -47.08
CA LEU E 193 10.17 12.29 -47.66
C LEU E 193 9.83 11.23 -46.63
N VAL E 194 8.83 10.41 -46.91
CA VAL E 194 8.52 9.33 -46.01
C VAL E 194 9.26 8.07 -46.46
N ALA E 195 10.18 7.61 -45.60
CA ALA E 195 11.04 6.48 -45.92
C ALA E 195 10.36 5.19 -45.55
N GLU E 196 9.92 4.45 -46.57
CA GLU E 196 9.29 3.15 -46.40
C GLU E 196 9.80 2.27 -47.53
N ALA E 197 9.65 0.95 -47.41
CA ALA E 197 10.05 0.04 -48.48
C ALA E 197 9.19 0.23 -49.73
N THR E 198 9.77 0.77 -50.80
CA THR E 198 9.02 0.93 -52.04
C THR E 198 9.78 0.38 -53.25
N ASN E 199 10.87 -0.31 -53.00
CA ASN E 199 11.71 -0.82 -54.08
C ASN E 199 12.17 0.31 -55.02
N PHE E 200 12.60 1.42 -54.40
CA PHE E 200 13.12 2.58 -55.09
C PHE E 200 12.14 3.17 -56.07
N LYS E 201 10.85 3.02 -55.78
CA LYS E 201 9.83 3.68 -56.59
C LYS E 201 9.07 4.69 -55.74
N PRO E 202 9.08 5.96 -56.18
CA PRO E 202 8.46 7.05 -55.46
C PRO E 202 6.96 7.07 -55.68
N ALA E 203 6.18 7.30 -54.62
CA ALA E 203 4.75 7.49 -54.75
C ALA E 203 4.36 8.75 -54.01
N TRP E 204 3.41 9.50 -54.56
CA TRP E 204 2.92 10.67 -53.85
C TRP E 204 1.41 10.77 -53.94
N VAL E 205 0.77 9.61 -54.02
CA VAL E 205 -0.64 9.52 -53.71
C VAL E 205 -0.80 8.34 -52.74
N GLU E 206 -1.73 8.45 -51.81
CA GLU E 206 -2.08 7.32 -50.96
C GLU E 206 -3.59 7.30 -50.74
N ALA E 207 -4.10 6.17 -50.27
CA ALA E 207 -5.51 6.01 -50.01
C ALA E 207 -5.91 6.59 -48.67
N GLY E 208 -7.20 6.90 -48.55
CA GLY E 208 -7.80 7.20 -47.28
C GLY E 208 -8.45 5.92 -46.82
N LYS E 209 -9.36 6.00 -45.85
CA LYS E 209 -10.04 4.82 -45.39
C LYS E 209 -11.27 5.14 -44.57
N VAL E 210 -12.23 4.26 -44.62
CA VAL E 210 -13.33 4.29 -43.69
C VAL E 210 -13.45 2.89 -43.12
N PHE E 211 -13.50 2.76 -41.79
CA PHE E 211 -13.76 1.46 -41.16
C PHE E 211 -15.25 1.41 -40.79
N LEU E 212 -15.92 0.34 -41.19
CA LEU E 212 -17.33 0.19 -40.85
C LEU E 212 -17.54 -0.96 -39.88
N LYS E 213 -18.33 -0.72 -38.85
CA LYS E 213 -18.80 -1.83 -38.05
C LYS E 213 -20.19 -2.14 -38.55
N VAL E 214 -20.38 -3.35 -39.04
CA VAL E 214 -21.67 -3.80 -39.55
C VAL E 214 -22.27 -4.83 -38.61
N THR E 215 -23.39 -4.48 -38.00
CA THR E 215 -24.04 -5.37 -37.07
C THR E 215 -25.38 -5.81 -37.59
N VAL E 216 -25.49 -7.10 -37.87
CA VAL E 216 -26.75 -7.68 -38.30
C VAL E 216 -27.58 -8.06 -37.08
N PHE E 217 -28.88 -7.81 -37.16
CA PHE E 217 -29.83 -8.21 -36.13
C PHE E 217 -30.69 -9.38 -36.57
N ALA E 218 -31.07 -10.21 -35.61
CA ALA E 218 -31.96 -11.33 -35.87
C ALA E 218 -32.75 -11.60 -34.62
N GLY E 219 -32.65 -12.83 -34.11
CA GLY E 219 -33.39 -13.21 -32.93
C GLY E 219 -34.79 -13.64 -33.32
N PRO E 220 -35.60 -14.03 -32.33
CA PRO E 220 -35.23 -14.01 -30.91
C PRO E 220 -34.33 -15.19 -30.54
N SER E 221 -33.45 -14.98 -29.57
CA SER E 221 -32.57 -16.01 -29.05
C SER E 221 -33.34 -17.10 -28.33
N ARG E 222 -32.93 -18.35 -28.50
CA ARG E 222 -33.50 -19.45 -27.73
C ARG E 222 -32.41 -20.34 -27.15
N TYR E 223 -32.67 -20.85 -25.96
CA TYR E 223 -31.94 -21.97 -25.39
C TYR E 223 -31.90 -23.06 -26.44
N THR E 224 -30.73 -23.66 -26.62
CA THR E 224 -30.48 -24.60 -27.70
C THR E 224 -31.56 -25.67 -27.88
N PRO E 225 -32.06 -26.26 -26.78
CA PRO E 225 -33.08 -27.32 -26.96
C PRO E 225 -34.37 -26.81 -27.60
N TYR E 226 -34.51 -25.49 -27.73
CA TYR E 226 -35.70 -24.89 -28.30
C TYR E 226 -35.46 -24.25 -29.66
N VAL E 227 -34.25 -24.32 -30.19
CA VAL E 227 -33.97 -23.61 -31.44
C VAL E 227 -34.86 -24.19 -32.54
N PRO E 228 -35.53 -23.29 -33.28
CA PRO E 228 -36.36 -23.68 -34.43
C PRO E 228 -35.53 -24.12 -35.63
N ARG E 229 -35.77 -25.33 -36.12
CA ARG E 229 -35.16 -25.80 -37.37
C ARG E 229 -36.21 -26.61 -38.17
N PRO E 230 -36.09 -26.64 -39.50
CA PRO E 230 -35.13 -25.92 -40.35
C PRO E 230 -35.60 -24.53 -40.69
N VAL E 231 -34.66 -23.59 -40.75
CA VAL E 231 -34.93 -22.23 -41.16
C VAL E 231 -33.93 -21.84 -42.25
N ALA E 232 -34.41 -21.11 -43.25
CA ALA E 232 -33.51 -20.56 -44.28
C ALA E 232 -32.49 -19.62 -43.65
N ALA E 233 -31.27 -19.64 -44.17
CA ALA E 233 -30.17 -18.89 -43.57
C ALA E 233 -30.51 -17.41 -43.35
N LEU E 234 -31.05 -16.74 -44.35
CA LEU E 234 -31.35 -15.32 -44.23
C LEU E 234 -32.46 -15.08 -43.21
N ASP E 235 -33.19 -16.13 -42.87
CA ASP E 235 -34.27 -15.99 -41.90
C ASP E 235 -33.88 -16.50 -40.53
N SER E 236 -32.69 -17.06 -40.42
CA SER E 236 -32.23 -17.63 -39.15
C SER E 236 -32.44 -16.66 -38.01
N PRO E 237 -32.96 -17.16 -36.89
CA PRO E 237 -32.99 -16.25 -35.75
C PRO E 237 -31.58 -16.05 -35.21
N ASN E 238 -30.62 -16.85 -35.66
CA ASN E 238 -29.25 -16.73 -35.19
C ASN E 238 -28.51 -15.71 -36.04
N ALA E 239 -28.20 -14.54 -35.46
CA ALA E 239 -27.53 -13.48 -36.19
C ALA E 239 -26.25 -13.96 -36.86
N ILE E 240 -25.57 -14.93 -36.26
CA ILE E 240 -24.34 -15.44 -36.84
C ILE E 240 -24.60 -16.08 -38.19
N VAL E 241 -25.73 -16.77 -38.28
CA VAL E 241 -26.06 -17.47 -39.50
C VAL E 241 -26.44 -16.46 -40.59
N ARG E 242 -27.16 -15.41 -40.21
CA ARG E 242 -27.46 -14.35 -41.16
C ARG E 242 -26.18 -13.65 -41.61
N MET E 243 -25.29 -13.38 -40.66
CA MET E 243 -24.06 -12.67 -41.01
C MET E 243 -23.25 -13.45 -42.03
N ALA E 244 -23.33 -14.77 -41.96
CA ALA E 244 -22.60 -15.60 -42.90
C ALA E 244 -23.05 -15.33 -44.34
N LYS E 245 -24.35 -15.13 -44.53
CA LYS E 245 -24.85 -14.78 -45.86
C LYS E 245 -24.39 -13.38 -46.25
N LEU E 246 -24.42 -12.45 -45.30
CA LEU E 246 -24.04 -11.09 -45.57
C LEU E 246 -22.56 -11.03 -45.97
N VAL E 247 -21.73 -11.78 -45.27
CA VAL E 247 -20.31 -11.81 -45.57
C VAL E 247 -20.09 -12.15 -47.04
N GLU E 248 -20.83 -13.12 -47.56
CA GLU E 248 -20.67 -13.52 -48.96
C GLU E 248 -21.07 -12.42 -49.92
N ALA E 249 -22.15 -11.73 -49.61
CA ALA E 249 -22.59 -10.64 -50.48
C ALA E 249 -21.60 -9.48 -50.41
N LEU E 250 -21.03 -9.24 -49.24
CA LEU E 250 -20.06 -8.15 -49.12
C LEU E 250 -18.74 -8.48 -49.80
N GLU E 251 -18.37 -9.75 -49.82
CA GLU E 251 -17.21 -10.16 -50.56
C GLU E 251 -17.42 -9.88 -52.06
N GLU E 252 -18.61 -10.19 -52.55
CA GLU E 252 -18.93 -9.90 -53.95
C GLU E 252 -18.87 -8.40 -54.20
N TRP E 253 -19.42 -7.63 -53.27
CA TRP E 253 -19.37 -6.18 -53.39
C TRP E 253 -17.93 -5.68 -53.42
N ALA E 254 -17.11 -6.25 -52.56
CA ALA E 254 -15.70 -5.86 -52.45
C ALA E 254 -14.89 -6.12 -53.72
N ASP E 255 -15.16 -7.25 -54.37
CA ASP E 255 -14.50 -7.56 -55.64
C ASP E 255 -14.72 -6.44 -56.65
N ASN E 256 -15.94 -5.91 -56.70
CA ASN E 256 -16.24 -4.92 -57.70
C ASN E 256 -15.88 -3.52 -57.26
N TYR E 257 -15.99 -3.28 -55.97
CA TYR E 257 -15.64 -1.98 -55.41
C TYR E 257 -14.26 -1.56 -55.86
N GLU E 258 -13.29 -2.44 -55.76
CA GLU E 258 -11.92 -2.02 -56.07
C GLU E 258 -11.80 -1.71 -57.55
N LYS E 259 -12.59 -2.37 -58.37
CA LYS E 259 -12.59 -2.08 -59.79
C LYS E 259 -13.23 -0.73 -60.05
N ARG E 260 -14.37 -0.49 -59.44
CA ARG E 260 -15.13 0.71 -59.73
C ARG E 260 -14.42 1.96 -59.24
N TYR E 261 -13.65 1.85 -58.17
CA TYR E 261 -13.05 3.04 -57.60
C TYR E 261 -11.57 3.15 -57.87
N THR E 262 -11.05 2.28 -58.74
CA THR E 262 -9.69 2.45 -59.23
C THR E 262 -9.58 3.81 -59.91
N ARG E 263 -8.48 4.50 -59.67
CA ARG E 263 -8.34 5.84 -60.22
C ARG E 263 -6.88 6.19 -60.35
N GLU E 264 -6.52 6.70 -61.53
CA GLU E 264 -5.14 7.10 -61.83
C GLU E 264 -4.87 8.50 -61.37
N TYR E 265 -3.73 8.70 -60.71
CA TYR E 265 -3.29 10.02 -60.34
C TYR E 265 -1.90 10.20 -60.86
N GLY E 266 -1.41 11.43 -60.85
CA GLY E 266 -0.03 11.70 -61.22
C GLY E 266 0.92 10.93 -60.32
N GLY E 267 0.56 10.84 -59.04
CA GLY E 267 1.40 10.20 -58.05
C GLY E 267 1.28 8.70 -57.92
N GLY E 268 0.48 8.07 -58.76
CA GLY E 268 0.28 6.64 -58.64
C GLY E 268 -1.14 6.28 -58.97
N THR E 269 -1.39 4.99 -59.18
CA THR E 269 -2.72 4.51 -59.47
C THR E 269 -3.35 3.89 -58.23
N VAL E 270 -4.45 4.47 -57.75
CA VAL E 270 -5.06 3.95 -56.54
C VAL E 270 -6.04 2.84 -56.86
N VAL E 271 -5.79 1.67 -56.26
CA VAL E 271 -6.72 0.56 -56.30
C VAL E 271 -7.19 0.31 -54.88
N PRO E 272 -8.32 0.92 -54.51
CA PRO E 272 -8.78 0.90 -53.13
C PRO E 272 -9.44 -0.43 -52.82
N LYS E 273 -8.89 -1.17 -51.86
CA LYS E 273 -9.41 -2.49 -51.56
C LYS E 273 -10.22 -2.57 -50.28
N VAL E 274 -10.98 -3.66 -50.16
CA VAL E 274 -11.82 -3.92 -49.02
C VAL E 274 -11.45 -5.26 -48.39
N ALA E 275 -11.39 -5.30 -47.06
CA ALA E 275 -11.26 -6.58 -46.35
C ALA E 275 -12.11 -6.60 -45.08
N ILE E 276 -12.58 -7.78 -44.73
CA ILE E 276 -13.25 -7.97 -43.45
C ILE E 276 -12.21 -8.43 -42.44
N GLY E 277 -11.85 -7.53 -41.53
CA GLY E 277 -10.73 -7.81 -40.67
C GLY E 277 -11.08 -8.44 -39.34
N ALA E 278 -12.35 -8.39 -38.96
CA ALA E 278 -12.76 -9.06 -37.73
C ALA E 278 -14.25 -9.38 -37.70
N ILE E 279 -14.60 -10.39 -36.90
CA ILE E 279 -16.00 -10.75 -36.69
C ILE E 279 -16.17 -11.16 -35.25
N ARG E 280 -17.28 -10.77 -34.65
CA ARG E 280 -17.64 -11.35 -33.37
C ARG E 280 -19.14 -11.30 -33.15
N GLY E 281 -19.65 -12.36 -32.55
CA GLY E 281 -21.06 -12.47 -32.23
C GLY E 281 -21.20 -13.43 -31.07
N GLY E 282 -22.02 -13.09 -30.08
CA GLY E 282 -22.10 -13.85 -28.84
C GLY E 282 -20.80 -13.79 -28.06
N VAL E 283 -20.73 -14.49 -26.93
CA VAL E 283 -19.47 -14.62 -26.22
C VAL E 283 -19.17 -16.09 -25.98
N PRO E 284 -17.90 -16.48 -26.11
CA PRO E 284 -17.52 -17.88 -26.06
C PRO E 284 -17.87 -18.57 -24.75
N TYR E 285 -17.94 -17.81 -23.66
CA TYR E 285 -18.15 -18.43 -22.36
C TYR E 285 -19.63 -18.60 -21.99
N LYS E 286 -20.52 -18.24 -22.92
CA LYS E 286 -21.97 -18.44 -22.77
C LYS E 286 -22.59 -18.76 -24.11
N ILE E 287 -22.60 -20.03 -24.49
CA ILE E 287 -23.01 -20.34 -25.85
C ILE E 287 -24.30 -21.15 -25.90
N TYR E 288 -25.02 -21.23 -24.79
CA TYR E 288 -26.22 -22.06 -24.72
C TYR E 288 -27.42 -21.39 -25.36
N ALA E 289 -27.29 -20.12 -25.70
CA ALA E 289 -28.36 -19.41 -26.40
C ALA E 289 -27.74 -18.53 -27.48
N PHE E 290 -28.04 -18.84 -28.74
CA PHE E 290 -27.39 -18.13 -29.84
C PHE E 290 -27.71 -16.62 -29.83
N PRO E 291 -26.80 -15.79 -30.38
CA PRO E 291 -26.97 -14.35 -30.26
C PRO E 291 -27.97 -13.75 -31.25
N GLU E 292 -28.53 -12.61 -30.88
CA GLU E 292 -29.47 -11.91 -31.71
C GLU E 292 -28.78 -10.83 -32.53
N LEU E 293 -27.50 -10.63 -32.29
CA LEU E 293 -26.75 -9.72 -33.13
C LEU E 293 -25.34 -10.24 -33.34
N CYS E 294 -24.75 -9.84 -34.45
CA CYS E 294 -23.41 -10.25 -34.82
C CYS E 294 -22.78 -9.15 -35.66
N SER E 295 -21.50 -8.86 -35.39
CA SER E 295 -20.80 -7.73 -35.99
C SER E 295 -19.54 -8.10 -36.78
N ILE E 296 -19.35 -7.48 -37.94
CA ILE E 296 -18.07 -7.58 -38.63
C ILE E 296 -17.47 -6.19 -38.70
N TYR E 297 -16.17 -6.13 -38.93
CA TYR E 297 -15.47 -4.87 -38.93
C TYR E 297 -14.73 -4.77 -40.26
N MET E 298 -15.10 -3.80 -41.09
CA MET E 298 -14.59 -3.75 -42.45
C MET E 298 -13.58 -2.65 -42.63
N ASP E 299 -12.46 -3.00 -43.27
CA ASP E 299 -11.46 -2.05 -43.70
C ASP E 299 -11.72 -1.71 -45.17
N ILE E 300 -12.17 -0.49 -45.42
CA ILE E 300 -12.47 -0.07 -46.79
C ILE E 300 -11.59 1.10 -47.14
N ARG E 301 -10.66 0.89 -48.06
CA ARG E 301 -9.80 1.97 -48.51
C ARG E 301 -10.55 2.90 -49.44
N LEU E 302 -10.21 4.18 -49.39
CA LEU E 302 -10.83 5.20 -50.24
C LEU E 302 -9.80 5.83 -51.15
N ASN E 303 -10.14 6.02 -52.41
CA ASN E 303 -9.26 6.85 -53.21
C ASN E 303 -9.49 8.26 -52.66
N PRO E 304 -8.56 9.17 -52.97
CA PRO E 304 -8.65 10.51 -52.41
C PRO E 304 -9.92 11.28 -52.75
N ASP E 305 -10.68 10.84 -53.74
CA ASP E 305 -11.83 11.62 -54.16
C ASP E 305 -13.16 10.99 -53.78
N THR E 306 -13.12 10.07 -52.84
CA THR E 306 -14.33 9.38 -52.43
C THR E 306 -14.75 9.75 -51.01
N ASN E 307 -15.98 10.22 -50.86
CA ASN E 307 -16.57 10.54 -49.57
C ASN E 307 -16.96 9.24 -48.86
N PRO E 308 -16.63 9.12 -47.59
CA PRO E 308 -16.89 7.91 -46.81
C PRO E 308 -18.37 7.57 -46.76
N LEU E 309 -19.21 8.60 -46.80
CA LEU E 309 -20.64 8.38 -46.75
C LEU E 309 -21.15 7.63 -47.99
N VAL E 310 -20.56 7.91 -49.14
CA VAL E 310 -20.94 7.21 -50.35
C VAL E 310 -20.74 5.71 -50.15
N VAL E 311 -19.61 5.36 -49.55
CA VAL E 311 -19.29 3.96 -49.31
C VAL E 311 -20.22 3.36 -48.28
N GLN E 312 -20.53 4.10 -47.23
CA GLN E 312 -21.45 3.61 -46.22
C GLN E 312 -22.78 3.25 -46.87
N ARG E 313 -23.25 4.11 -47.75
CA ARG E 313 -24.52 3.86 -48.44
C ARG E 313 -24.45 2.62 -49.29
N GLU E 314 -23.34 2.42 -49.98
CA GLU E 314 -23.20 1.23 -50.78
C GLU E 314 -23.30 -0.01 -49.91
N VAL E 315 -22.69 0.01 -48.73
CA VAL E 315 -22.74 -1.17 -47.87
C VAL E 315 -24.15 -1.33 -47.32
N GLU E 316 -24.78 -0.23 -46.95
CA GLU E 316 -26.16 -0.30 -46.50
C GLU E 316 -27.05 -0.90 -47.58
N ALA E 317 -26.75 -0.60 -48.84
CA ALA E 317 -27.52 -1.14 -49.95
C ALA E 317 -27.31 -2.64 -50.07
N VAL E 318 -26.09 -3.12 -49.87
CA VAL E 318 -25.88 -4.57 -49.92
C VAL E 318 -26.74 -5.26 -48.87
N VAL E 319 -26.80 -4.67 -47.68
CA VAL E 319 -27.60 -5.22 -46.60
C VAL E 319 -29.07 -5.25 -47.00
N SER E 320 -29.55 -4.13 -47.53
CA SER E 320 -30.96 -3.98 -47.84
C SER E 320 -31.42 -4.94 -48.92
N LYS E 321 -30.55 -5.22 -49.89
CA LYS E 321 -30.88 -6.13 -50.99
C LYS E 321 -31.03 -7.55 -50.50
N LEU E 322 -30.31 -7.90 -49.45
CA LEU E 322 -30.45 -9.22 -48.84
C LEU E 322 -31.69 -9.27 -47.97
N GLY E 323 -32.34 -8.13 -47.79
CA GLY E 323 -33.52 -8.09 -46.93
C GLY E 323 -33.19 -8.18 -45.45
N LEU E 324 -31.97 -7.81 -45.10
CA LEU E 324 -31.54 -7.87 -43.70
C LEU E 324 -31.68 -6.54 -43.02
N LYS E 325 -31.72 -6.58 -41.70
CA LYS E 325 -31.66 -5.40 -40.88
C LYS E 325 -30.28 -5.34 -40.25
N ALA E 326 -29.57 -4.25 -40.48
CA ALA E 326 -28.24 -4.10 -39.91
C ALA E 326 -27.96 -2.66 -39.57
N GLU E 327 -27.00 -2.47 -38.66
CA GLU E 327 -26.50 -1.13 -38.41
C GLU E 327 -25.12 -1.04 -39.05
N VAL E 328 -24.92 -0.01 -39.86
CA VAL E 328 -23.65 0.18 -40.55
C VAL E 328 -22.98 1.43 -40.01
N LYS E 329 -22.00 1.25 -39.14
CA LYS E 329 -21.48 2.37 -38.37
C LYS E 329 -20.01 2.61 -38.67
N PRO E 330 -19.67 3.80 -39.17
CA PRO E 330 -18.26 4.15 -39.34
C PRO E 330 -17.62 4.40 -38.00
N PHE E 331 -16.44 3.85 -37.79
CA PHE E 331 -15.74 4.15 -36.56
C PHE E 331 -14.35 4.66 -36.88
N LEU E 332 -14.10 4.93 -38.15
CA LEU E 332 -12.85 5.54 -38.56
C LEU E 332 -12.94 6.12 -39.95
N PHE E 333 -12.41 7.31 -40.10
CA PHE E 333 -12.32 7.95 -41.39
C PHE E 333 -11.07 8.80 -41.45
N ARG E 334 -10.21 8.50 -42.42
CA ARG E 334 -9.07 9.37 -42.72
C ARG E 334 -9.00 9.57 -44.23
N ARG E 335 -8.59 10.75 -44.64
CA ARG E 335 -8.52 11.05 -46.06
C ARG E 335 -7.17 10.66 -46.64
N GLY E 336 -7.16 10.27 -47.90
CA GLY E 336 -5.93 10.10 -48.64
C GLY E 336 -5.69 11.32 -49.52
N TYR E 337 -4.44 11.55 -49.89
CA TYR E 337 -4.04 12.76 -50.62
C TYR E 337 -3.07 12.47 -51.74
N GLU E 338 -3.24 13.16 -52.86
CA GLU E 338 -2.14 13.30 -53.81
C GLU E 338 -1.36 14.55 -53.48
N ALA E 339 -0.04 14.43 -53.40
CA ALA E 339 0.77 15.59 -53.15
C ALA E 339 0.53 16.64 -54.22
N GLN E 340 0.56 17.90 -53.81
CA GLN E 340 0.47 19.04 -54.71
C GLN E 340 1.76 19.83 -54.60
N GLY E 341 2.35 20.23 -55.72
CA GLY E 341 3.57 21.01 -55.67
C GLY E 341 4.71 20.13 -55.24
N ILE E 342 4.63 18.86 -55.59
CA ILE E 342 5.67 17.90 -55.23
C ILE E 342 6.96 18.07 -56.05
N GLU E 343 6.87 18.79 -57.17
CA GLU E 343 7.92 18.75 -58.18
C GLU E 343 9.32 19.00 -57.65
N PRO E 344 9.52 19.98 -56.77
CA PRO E 344 10.91 20.18 -56.37
C PRO E 344 11.51 18.99 -55.61
N LEU E 345 10.70 18.26 -54.83
CA LEU E 345 11.22 17.10 -54.12
C LEU E 345 11.31 15.93 -55.07
N GLN E 346 10.30 15.82 -55.93
CA GLN E 346 10.28 14.79 -56.95
C GLN E 346 11.52 14.86 -57.84
N ASN E 347 11.91 16.06 -58.21
CA ASN E 347 13.05 16.28 -59.07
C ASN E 347 14.34 15.97 -58.36
N ALA E 348 14.49 16.45 -57.13
CA ALA E 348 15.71 16.24 -56.35
C ALA E 348 15.90 14.75 -56.15
N LEU E 349 14.80 14.07 -55.89
CA LEU E 349 14.82 12.63 -55.72
C LEU E 349 15.19 11.94 -57.03
N GLU E 350 14.55 12.34 -58.13
CA GLU E 350 14.80 11.72 -59.41
C GLU E 350 16.27 11.79 -59.78
N VAL E 351 16.85 12.98 -59.65
CA VAL E 351 18.26 13.19 -59.97
C VAL E 351 19.15 12.32 -59.08
N ALA E 352 18.85 12.29 -57.79
CA ALA E 352 19.61 11.48 -56.85
C ALA E 352 19.50 10.00 -57.19
N HIS E 353 18.28 9.55 -57.43
CA HIS E 353 18.02 8.16 -57.76
C HIS E 353 18.75 7.71 -59.04
N ARG E 354 18.64 8.49 -60.10
CA ARG E 354 19.31 8.15 -61.36
C ARG E 354 20.82 8.05 -61.17
N GLU E 355 21.38 8.95 -60.38
CA GLU E 355 22.79 8.91 -60.10
C GLU E 355 23.18 7.65 -59.31
N VAL E 356 22.49 7.41 -58.22
CA VAL E 356 22.88 6.35 -57.30
C VAL E 356 22.44 4.97 -57.77
N VAL E 357 21.28 4.90 -58.42
CA VAL E 357 20.68 3.62 -58.76
C VAL E 357 20.82 3.29 -60.25
N GLY E 358 20.94 4.33 -61.07
CA GLY E 358 21.37 4.15 -62.44
C GLY E 358 20.33 4.17 -63.55
N ARG E 359 19.05 4.21 -63.18
CA ARG E 359 17.99 4.22 -64.16
C ARG E 359 16.93 5.20 -63.69
N PRO E 360 16.05 5.64 -64.59
CA PRO E 360 14.93 6.47 -64.15
C PRO E 360 14.08 5.72 -63.16
N THR E 361 13.29 6.43 -62.36
CA THR E 361 12.37 5.78 -61.44
C THR E 361 11.20 5.21 -62.22
N GLU E 362 10.70 4.05 -61.81
CA GLU E 362 9.45 3.50 -62.35
C GLU E 362 8.29 3.95 -61.49
N ARG E 363 7.10 4.07 -62.07
CA ARG E 363 5.90 4.28 -61.26
C ARG E 363 5.73 3.13 -60.27
N PRO E 364 5.22 3.46 -59.07
CA PRO E 364 5.04 2.47 -58.01
C PRO E 364 3.91 1.52 -58.34
N GLY E 365 3.95 0.31 -57.79
CA GLY E 365 2.84 -0.60 -57.93
C GLY E 365 1.64 -0.03 -57.20
N SER E 366 0.45 -0.46 -57.58
CA SER E 366 -0.75 0.12 -57.02
C SER E 366 -0.89 -0.04 -55.50
N PRO E 367 -0.62 -1.25 -54.97
CA PRO E 367 -0.71 -1.44 -53.52
C PRO E 367 0.05 -0.38 -52.72
N GLU E 368 1.24 0.00 -53.17
CA GLU E 368 2.01 1.01 -52.47
C GLU E 368 1.49 2.43 -52.71
N CYS E 369 0.50 2.59 -53.57
CA CYS E 369 -0.17 3.88 -53.80
C CYS E 369 -1.54 3.90 -53.18
N SER E 370 -1.93 2.77 -52.59
CA SER E 370 -3.32 2.55 -52.21
C SER E 370 -3.44 2.12 -50.76
N MET E 371 -2.54 2.63 -49.92
CA MET E 371 -2.48 2.22 -48.54
C MET E 371 -2.45 3.43 -47.62
N TRP E 372 -2.20 3.21 -46.32
CA TRP E 372 -1.92 4.33 -45.46
C TRP E 372 -0.42 4.51 -45.39
N ARG E 373 0.04 5.73 -45.62
CA ARG E 373 1.40 6.10 -45.30
C ARG E 373 1.39 7.51 -44.76
N ASP E 374 2.41 7.89 -43.99
CA ASP E 374 2.36 9.19 -43.35
C ASP E 374 2.59 10.33 -44.33
N THR E 375 2.65 10.05 -45.63
CA THR E 375 2.58 11.15 -46.60
C THR E 375 1.24 11.84 -46.48
N ASN E 376 0.21 11.11 -46.09
CA ASN E 376 -1.12 11.70 -45.97
C ASN E 376 -1.16 12.91 -45.02
N PRO E 377 -0.75 12.74 -43.76
CA PRO E 377 -0.73 13.89 -42.83
C PRO E 377 0.14 15.03 -43.31
N TYR E 378 1.33 14.75 -43.83
CA TYR E 378 2.13 15.84 -44.39
C TYR E 378 1.38 16.59 -45.51
N ASN E 379 0.83 15.86 -46.48
CA ASN E 379 0.16 16.52 -47.60
C ASN E 379 -1.07 17.27 -47.10
N GLU E 380 -1.77 16.68 -46.15
CA GLU E 380 -2.93 17.30 -45.56
C GLU E 380 -2.57 18.65 -44.96
N LEU E 381 -1.36 18.73 -44.41
CA LEU E 381 -0.93 19.92 -43.71
C LEU E 381 -0.11 20.83 -44.60
N GLY E 382 -0.13 20.58 -45.91
CA GLY E 382 0.45 21.52 -46.86
C GLY E 382 1.95 21.34 -47.07
N ILE E 383 2.42 20.17 -46.71
CA ILE E 383 3.81 19.81 -46.90
C ILE E 383 3.90 18.72 -47.96
N PRO E 384 4.28 19.10 -49.19
CA PRO E 384 4.30 18.12 -50.27
C PRO E 384 5.18 16.95 -49.88
N SER E 385 4.67 15.73 -50.05
CA SER E 385 5.34 14.59 -49.50
C SER E 385 5.18 13.39 -50.39
N LEU E 386 6.25 12.62 -50.54
CA LEU E 386 6.24 11.40 -51.29
C LEU E 386 6.85 10.30 -50.44
N THR E 387 6.64 9.05 -50.83
CA THR E 387 7.24 7.95 -50.12
C THR E 387 8.24 7.23 -51.03
N TYR E 388 9.37 6.83 -50.47
CA TYR E 388 10.43 6.20 -51.25
C TYR E 388 11.42 5.51 -50.32
N GLY E 389 11.79 4.30 -50.69
CA GLY E 389 12.82 3.59 -49.96
C GLY E 389 13.14 2.26 -50.59
N CYS E 390 14.13 1.55 -50.06
CA CYS E 390 14.52 0.26 -50.62
C CYS E 390 13.63 -0.90 -50.17
N GLY E 391 13.71 -2.02 -50.89
CA GLY E 391 13.07 -3.26 -50.49
C GLY E 391 11.65 -3.40 -50.99
N GLY E 392 11.17 -4.64 -51.10
CA GLY E 392 9.77 -4.90 -51.37
C GLY E 392 8.96 -4.68 -50.09
N GLY E 393 7.64 -4.50 -50.20
CA GLY E 393 6.83 -4.12 -49.06
C GLY E 393 6.37 -5.22 -48.11
N ALA E 394 6.49 -4.95 -46.80
CA ALA E 394 6.06 -5.88 -45.75
C ALA E 394 4.62 -6.40 -45.94
N GLY E 395 3.70 -5.52 -46.31
CA GLY E 395 2.31 -5.89 -46.51
C GLY E 395 2.18 -6.93 -47.60
N GLY E 396 3.23 -7.02 -48.42
CA GLY E 396 3.31 -7.88 -49.57
C GLY E 396 3.22 -9.38 -49.38
N GLY E 397 4.12 -9.99 -48.60
CA GLY E 397 5.13 -9.26 -47.84
C GLY E 397 6.55 -9.80 -47.84
N ASN E 398 7.49 -8.86 -47.91
CA ASN E 398 8.93 -9.11 -47.93
C ASN E 398 9.47 -9.23 -46.52
N THR E 399 10.63 -9.85 -46.36
CA THR E 399 11.13 -10.20 -45.04
C THR E 399 12.60 -9.84 -44.78
N TYR E 400 13.24 -9.18 -45.73
CA TYR E 400 14.63 -8.77 -45.56
C TYR E 400 15.01 -7.63 -46.50
N PHE E 401 16.09 -6.95 -46.15
CA PHE E 401 16.69 -5.91 -46.97
C PHE E 401 18.08 -6.37 -47.37
N LEU E 402 18.51 -6.06 -48.59
CA LEU E 402 19.92 -6.16 -48.92
C LEU E 402 20.64 -4.98 -48.30
N VAL E 403 21.75 -5.23 -47.62
CA VAL E 403 22.49 -4.13 -47.05
C VAL E 403 22.90 -3.15 -48.14
N ASP E 404 23.21 -3.67 -49.33
CA ASP E 404 23.61 -2.82 -50.44
C ASP E 404 22.50 -1.85 -50.81
N ASP E 405 21.28 -2.37 -50.94
CA ASP E 405 20.14 -1.52 -51.22
C ASP E 405 19.96 -0.46 -50.16
N MET E 406 20.17 -0.84 -48.91
CA MET E 406 20.00 0.10 -47.82
C MET E 406 20.96 1.25 -48.00
N LEU E 407 22.18 0.95 -48.40
CA LEU E 407 23.18 2.00 -48.58
C LEU E 407 22.80 2.91 -49.76
N LYS E 408 22.26 2.35 -50.84
CA LYS E 408 21.82 3.18 -51.96
C LYS E 408 20.73 4.13 -51.47
N ALA E 409 19.84 3.63 -50.62
CA ALA E 409 18.78 4.44 -50.06
C ALA E 409 19.34 5.60 -49.26
N ALA E 410 20.34 5.33 -48.42
CA ALA E 410 20.90 6.38 -47.59
C ALA E 410 21.54 7.45 -48.46
N LYS E 411 22.21 7.03 -49.51
CA LYS E 411 22.84 7.97 -50.44
C LYS E 411 21.80 8.78 -51.23
N VAL E 412 20.74 8.14 -51.68
CA VAL E 412 19.67 8.85 -52.34
C VAL E 412 19.11 9.92 -51.40
N TYR E 413 18.87 9.54 -50.16
CA TYR E 413 18.34 10.47 -49.16
C TYR E 413 19.29 11.64 -48.95
N ALA E 414 20.58 11.35 -48.80
CA ALA E 414 21.54 12.41 -48.53
C ALA E 414 21.66 13.35 -49.73
N MET E 415 21.66 12.79 -50.94
CA MET E 415 21.76 13.62 -52.13
C MET E 415 20.50 14.46 -52.33
N THR E 416 19.34 13.87 -52.06
CA THR E 416 18.09 14.60 -52.20
C THR E 416 18.15 15.82 -51.31
N ALA E 417 18.66 15.65 -50.11
CA ALA E 417 18.76 16.76 -49.19
C ALA E 417 19.75 17.83 -49.68
N MET E 418 20.87 17.40 -50.23
CA MET E 418 21.90 18.34 -50.66
C MET E 418 21.42 19.15 -51.86
N ASP E 419 20.56 18.54 -52.67
CA ASP E 419 19.92 19.27 -53.75
C ASP E 419 18.86 20.18 -53.12
N LEU E 420 17.76 19.57 -52.67
CA LEU E 420 16.58 20.30 -52.23
C LEU E 420 16.85 21.38 -51.19
N CYS E 421 17.61 21.07 -50.15
CA CYS E 421 17.83 22.02 -49.05
C CYS E 421 18.75 23.20 -49.42
N ASN E 422 19.27 23.17 -50.63
CA ASN E 422 20.05 24.29 -51.15
C ASN E 422 19.29 25.06 -52.23
N ARG E 423 18.05 24.65 -52.49
CA ARG E 423 17.18 25.44 -53.33
C ARG E 423 16.51 26.48 -52.42
N THR E 424 16.17 27.65 -52.95
CA THR E 424 15.57 28.70 -52.12
C THR E 424 14.05 28.58 -52.10
N PRO E 425 13.44 28.59 -50.91
CA PRO E 425 12.03 28.23 -50.77
C PRO E 425 11.09 29.28 -51.38
N MET F 1 -36.42 22.89 -49.59
CA MET F 1 -37.18 23.57 -48.55
C MET F 1 -37.85 22.55 -47.66
N ALA F 2 -38.10 22.95 -46.42
CA ALA F 2 -38.86 22.12 -45.49
C ALA F 2 -40.34 22.39 -45.67
N GLY F 3 -41.16 21.36 -45.47
CA GLY F 3 -42.60 21.46 -45.69
C GLY F 3 -43.31 22.28 -44.63
N SER F 4 -44.06 23.29 -45.07
CA SER F 4 -44.73 24.24 -44.17
C SER F 4 -45.49 23.57 -43.02
N ASN F 5 -46.09 22.42 -43.33
CA ASN F 5 -46.88 21.68 -42.35
C ASN F 5 -46.00 21.15 -41.21
N ASP F 6 -44.95 20.43 -41.58
CA ASP F 6 -44.02 19.91 -40.61
C ASP F 6 -43.41 21.06 -39.80
N VAL F 7 -43.11 22.17 -40.47
CA VAL F 7 -42.43 23.28 -39.83
C VAL F 7 -43.26 23.84 -38.69
N ALA F 8 -44.56 23.99 -38.93
CA ALA F 8 -45.43 24.59 -37.95
C ALA F 8 -45.41 23.79 -36.67
N LYS F 9 -45.59 22.47 -36.81
CA LYS F 9 -45.65 21.56 -35.67
C LYS F 9 -44.38 21.64 -34.84
N VAL F 10 -43.24 21.66 -35.50
CA VAL F 10 -41.95 21.71 -34.82
C VAL F 10 -41.70 23.07 -34.17
N MET F 11 -42.15 24.15 -34.78
CA MET F 11 -41.99 25.45 -34.14
C MET F 11 -42.79 25.50 -32.83
N LYS F 12 -43.97 24.91 -32.83
CA LYS F 12 -44.81 24.96 -31.65
C LYS F 12 -44.21 24.05 -30.58
N THR F 13 -43.67 22.91 -31.00
CA THR F 13 -43.03 22.02 -30.06
C THR F 13 -41.92 22.72 -29.34
N LEU F 14 -41.15 23.50 -30.08
CA LEU F 14 -40.03 24.22 -29.50
C LEU F 14 -40.52 25.27 -28.53
N ASP F 15 -41.58 25.97 -28.92
CA ASP F 15 -42.20 26.95 -28.03
C ASP F 15 -42.46 26.34 -26.65
N GLY F 16 -42.90 25.09 -26.65
CA GLY F 16 -43.21 24.37 -25.43
C GLY F 16 -42.04 23.74 -24.72
N MET F 17 -40.84 24.11 -25.14
CA MET F 17 -39.65 23.55 -24.53
C MET F 17 -38.78 24.66 -23.98
N ARG F 18 -39.34 25.85 -23.88
CA ARG F 18 -38.61 27.00 -23.39
C ARG F 18 -37.98 26.71 -22.02
N GLU F 19 -38.71 25.96 -21.20
CA GLU F 19 -38.25 25.65 -19.85
C GLU F 19 -37.08 24.66 -19.87
N GLY F 20 -37.25 23.56 -20.60
CA GLY F 20 -36.17 22.60 -20.75
C GLY F 20 -34.91 23.27 -21.29
N LEU F 21 -35.10 24.23 -22.19
CA LEU F 21 -33.99 24.92 -22.81
C LEU F 21 -33.21 25.67 -21.75
N ILE F 22 -33.91 26.46 -20.95
CA ILE F 22 -33.27 27.21 -19.88
C ILE F 22 -32.60 26.26 -18.91
N GLN F 23 -33.32 25.22 -18.52
CA GLN F 23 -32.83 24.30 -17.51
C GLN F 23 -31.57 23.60 -18.01
N THR F 24 -31.61 23.15 -19.25
CA THR F 24 -30.47 22.49 -19.86
C THR F 24 -29.27 23.43 -19.88
N ALA F 25 -29.49 24.68 -20.25
CA ALA F 25 -28.39 25.63 -20.34
C ALA F 25 -27.79 25.96 -18.96
N VAL F 26 -28.63 26.07 -17.95
CA VAL F 26 -28.12 26.48 -16.65
C VAL F 26 -27.35 25.35 -15.99
N GLU F 27 -27.89 24.14 -16.05
CA GLU F 27 -27.22 22.99 -15.46
C GLU F 27 -25.87 22.71 -16.13
N LEU F 28 -25.85 22.73 -17.46
CA LEU F 28 -24.60 22.60 -18.19
C LEU F 28 -23.65 23.71 -17.86
N GLY F 29 -24.16 24.94 -17.91
CA GLY F 29 -23.35 26.09 -17.59
C GLY F 29 -22.83 26.06 -16.17
N SER F 30 -23.53 25.37 -15.27
CA SER F 30 -23.13 25.35 -13.87
C SER F 30 -22.00 24.38 -13.59
N ILE F 31 -21.75 23.47 -14.53
CA ILE F 31 -20.72 22.47 -14.35
C ILE F 31 -19.36 23.05 -14.67
N GLU F 32 -18.41 22.92 -13.75
CA GLU F 32 -17.06 23.42 -13.99
C GLU F 32 -16.37 22.56 -15.02
N ALA F 33 -15.94 23.17 -16.11
CA ALA F 33 -15.39 22.42 -17.22
C ALA F 33 -14.28 23.16 -17.97
N PRO F 34 -13.28 23.69 -17.26
CA PRO F 34 -12.15 24.29 -17.96
C PRO F 34 -11.46 23.23 -18.79
N THR F 35 -10.84 23.64 -19.90
CA THR F 35 -10.07 22.75 -20.75
C THR F 35 -9.13 21.91 -19.88
N GLY F 36 -9.24 20.59 -20.00
CA GLY F 36 -8.46 19.69 -19.16
C GLY F 36 -9.31 18.92 -18.17
N ARG F 37 -10.50 19.43 -17.88
CA ARG F 37 -11.39 18.78 -16.94
C ARG F 37 -12.84 18.81 -17.42
N GLU F 38 -13.02 18.63 -18.74
CA GLU F 38 -14.34 18.68 -19.37
C GLU F 38 -15.18 17.44 -19.12
N GLY F 39 -14.65 16.49 -18.35
CA GLY F 39 -15.31 15.22 -18.20
C GLY F 39 -16.72 15.29 -17.65
N ALA F 40 -16.88 16.00 -16.53
CA ALA F 40 -18.18 16.13 -15.88
C ALA F 40 -19.21 16.72 -16.83
N ALA F 41 -18.78 17.69 -17.63
CA ALA F 41 -19.66 18.24 -18.66
C ALA F 41 -20.00 17.17 -19.68
N GLY F 42 -19.00 16.39 -20.07
CA GLY F 42 -19.24 15.33 -21.03
C GLY F 42 -20.27 14.34 -20.53
N ASP F 43 -20.16 13.95 -19.26
CA ASP F 43 -21.10 13.00 -18.68
C ASP F 43 -22.52 13.53 -18.67
N TYR F 44 -22.67 14.81 -18.34
CA TYR F 44 -23.99 15.42 -18.36
C TYR F 44 -24.62 15.32 -19.75
N VAL F 45 -23.85 15.67 -20.78
CA VAL F 45 -24.39 15.63 -22.13
C VAL F 45 -24.67 14.20 -22.54
N TYR F 46 -23.78 13.28 -22.19
CA TYR F 46 -24.03 11.86 -22.49
C TYR F 46 -25.37 11.41 -21.92
N GLU F 47 -25.65 11.75 -20.67
CA GLU F 47 -26.88 11.25 -20.03
C GLU F 47 -28.10 11.96 -20.59
N TRP F 48 -27.97 13.24 -20.90
CA TRP F 48 -29.04 14.00 -21.54
C TRP F 48 -29.38 13.34 -22.87
N MET F 49 -28.37 13.01 -23.65
CA MET F 49 -28.63 12.35 -24.91
C MET F 49 -29.21 10.95 -24.71
N ALA F 50 -28.67 10.20 -23.75
CA ALA F 50 -29.19 8.88 -23.45
C ALA F 50 -30.69 8.96 -23.10
N ARG F 51 -31.04 9.85 -22.17
CA ARG F 51 -32.45 10.06 -21.80
C ARG F 51 -33.34 10.33 -23.00
N ASN F 52 -32.86 11.16 -23.92
CA ASN F 52 -33.67 11.63 -25.04
C ASN F 52 -33.60 10.71 -26.24
N GLY F 53 -33.02 9.53 -26.07
CA GLY F 53 -33.06 8.51 -27.09
C GLY F 53 -32.12 8.71 -28.27
N PHE F 54 -31.05 9.48 -28.06
CA PHE F 54 -30.12 9.79 -29.13
C PHE F 54 -28.96 8.83 -29.20
N GLY F 55 -28.97 7.81 -28.35
CA GLY F 55 -27.95 6.77 -28.41
C GLY F 55 -26.52 7.25 -28.44
N PRO F 56 -26.09 8.01 -27.43
CA PRO F 56 -24.75 8.58 -27.42
C PRO F 56 -23.64 7.57 -27.22
N GLU F 57 -22.46 7.94 -27.69
CA GLU F 57 -21.24 7.22 -27.42
C GLU F 57 -20.20 8.21 -26.93
N ARG F 58 -19.40 7.80 -25.96
CA ARG F 58 -18.23 8.56 -25.60
C ARG F 58 -17.17 8.21 -26.62
N VAL F 59 -16.60 9.23 -27.26
CA VAL F 59 -15.57 9.07 -28.28
C VAL F 59 -14.41 9.95 -27.86
N GLY F 60 -13.43 9.35 -27.19
CA GLY F 60 -12.37 10.13 -26.61
C GLY F 60 -11.03 9.43 -26.48
N VAL F 61 -9.99 10.25 -26.42
CA VAL F 61 -8.65 9.77 -26.19
C VAL F 61 -8.49 9.32 -24.73
N PHE F 62 -9.16 10.02 -23.82
CA PHE F 62 -9.03 9.73 -22.39
C PHE F 62 -10.40 9.44 -21.81
N ASP F 63 -10.46 8.67 -20.72
CA ASP F 63 -11.76 8.26 -20.20
C ASP F 63 -12.41 9.40 -19.42
N ASP F 64 -11.66 10.46 -19.15
CA ASP F 64 -12.24 11.63 -18.48
C ASP F 64 -12.15 12.89 -19.33
N ARG F 65 -11.69 12.76 -20.57
CA ARG F 65 -11.75 13.87 -21.52
C ARG F 65 -12.18 13.33 -22.87
N PHE F 66 -13.46 13.47 -23.18
CA PHE F 66 -14.02 12.77 -24.32
C PHE F 66 -15.07 13.60 -25.04
N ASN F 67 -15.29 13.26 -26.30
CA ASN F 67 -16.36 13.86 -27.07
C ASN F 67 -17.62 13.04 -26.88
N VAL F 68 -18.78 13.61 -27.11
CA VAL F 68 -20.02 12.84 -27.04
C VAL F 68 -20.78 12.96 -28.36
N VAL F 69 -20.99 11.82 -29.00
CA VAL F 69 -21.63 11.79 -30.29
C VAL F 69 -22.93 11.00 -30.20
N GLY F 70 -24.01 11.67 -30.54
CA GLY F 70 -25.30 11.03 -30.63
C GLY F 70 -25.90 11.25 -32.00
N ARG F 71 -27.08 10.70 -32.22
CA ARG F 71 -27.65 10.70 -33.53
C ARG F 71 -29.17 10.60 -33.53
N LEU F 72 -29.81 11.40 -34.38
CA LEU F 72 -31.22 11.19 -34.71
C LEU F 72 -31.30 10.60 -36.11
N ARG F 73 -31.63 9.31 -36.21
CA ARG F 73 -31.55 8.60 -37.49
C ARG F 73 -32.62 9.06 -38.45
N GLY F 74 -32.25 9.29 -39.69
CA GLY F 74 -33.21 9.67 -40.72
C GLY F 74 -33.81 8.46 -41.38
N THR F 75 -34.72 8.66 -42.31
CA THR F 75 -35.40 7.53 -42.93
C THR F 75 -34.62 7.00 -44.13
N GLY F 76 -33.66 7.76 -44.64
CA GLY F 76 -32.85 7.30 -45.76
C GLY F 76 -32.88 8.24 -46.97
N GLY F 77 -31.74 8.37 -47.66
CA GLY F 77 -31.67 9.14 -48.88
C GLY F 77 -31.57 10.65 -48.68
N GLY F 78 -31.07 11.09 -47.53
CA GLY F 78 -30.92 12.51 -47.31
C GLY F 78 -29.51 12.89 -46.90
N ALA F 79 -29.18 14.18 -47.02
CA ALA F 79 -27.91 14.69 -46.51
C ALA F 79 -27.95 14.66 -44.99
N SER F 80 -26.81 14.36 -44.37
CA SER F 80 -26.73 14.38 -42.92
C SER F 80 -26.10 15.69 -42.45
N LEU F 81 -26.59 16.18 -41.32
CA LEU F 81 -26.14 17.44 -40.78
C LEU F 81 -25.62 17.26 -39.35
N SER F 82 -24.38 17.66 -39.11
CA SER F 82 -23.86 17.68 -37.76
C SER F 82 -24.22 18.98 -37.06
N PHE F 83 -24.59 18.92 -35.79
CA PHE F 83 -24.53 20.10 -34.92
C PHE F 83 -23.41 19.94 -33.93
N ASN F 84 -22.63 20.99 -33.73
CA ASN F 84 -21.41 20.89 -32.93
C ASN F 84 -21.19 22.07 -31.98
N SER F 85 -20.93 21.79 -30.70
CA SER F 85 -20.42 22.80 -29.78
C SER F 85 -19.42 22.14 -28.83
N HIS F 86 -18.66 22.95 -28.10
CA HIS F 86 -17.61 22.37 -27.28
C HIS F 86 -17.95 22.38 -25.80
N LEU F 87 -17.43 21.39 -25.09
CA LEU F 87 -17.74 21.17 -23.69
C LEU F 87 -16.84 21.96 -22.77
N ASP F 88 -15.67 22.38 -23.25
CA ASP F 88 -14.74 23.05 -22.36
C ASP F 88 -15.03 24.56 -22.31
N THR F 89 -14.68 25.18 -21.19
CA THR F 89 -14.85 26.61 -20.97
C THR F 89 -13.49 27.26 -20.65
N ILE F 90 -13.43 28.58 -20.66
CA ILE F 90 -12.14 29.27 -20.73
C ILE F 90 -11.39 29.36 -19.40
N MET F 91 -12.05 29.81 -18.35
CA MET F 91 -11.36 30.11 -17.11
C MET F 91 -11.24 28.90 -16.20
N ALA F 92 -10.00 28.54 -15.85
CA ALA F 92 -9.74 27.51 -14.86
C ALA F 92 -9.79 28.09 -13.46
N ARG F 93 -10.13 27.26 -12.47
CA ARG F 93 -10.18 27.71 -11.08
C ARG F 93 -8.88 28.42 -10.72
N GLU F 94 -7.78 27.86 -11.20
CA GLU F 94 -6.45 28.43 -11.02
C GLU F 94 -6.01 29.14 -12.31
N ASP F 95 -6.53 30.34 -12.55
CA ASP F 95 -6.07 31.11 -13.69
C ASP F 95 -5.47 32.42 -13.24
N THR F 96 -4.52 32.30 -12.32
CA THR F 96 -3.80 33.40 -11.69
C THR F 96 -3.10 34.33 -12.66
N ALA F 97 -2.21 33.73 -13.45
CA ALA F 97 -1.20 34.44 -14.21
C ALA F 97 -1.76 35.18 -15.42
N ARG F 98 -2.99 34.87 -15.80
CA ARG F 98 -3.52 35.46 -17.00
C ARG F 98 -4.42 36.64 -16.65
N PHE F 99 -5.43 36.40 -15.82
CA PHE F 99 -6.43 37.42 -15.53
C PHE F 99 -6.33 37.87 -14.07
N ALA F 100 -6.40 39.18 -13.86
CA ALA F 100 -6.36 39.73 -12.51
C ALA F 100 -7.73 39.59 -11.82
N ASP F 101 -8.80 39.59 -12.60
CA ASP F 101 -10.13 39.39 -12.05
C ASP F 101 -10.45 37.90 -12.03
N ALA F 102 -9.49 37.10 -11.58
CA ALA F 102 -9.71 35.69 -11.34
C ALA F 102 -10.62 35.56 -10.11
N ASN F 103 -11.39 34.48 -10.06
CA ASN F 103 -12.42 34.30 -9.06
C ASN F 103 -13.43 35.45 -9.01
N ASP F 104 -14.29 35.50 -10.01
CA ASP F 104 -15.42 36.42 -10.03
C ASP F 104 -16.61 35.68 -10.64
N ARG F 105 -17.81 35.85 -10.05
CA ARG F 105 -18.93 34.95 -10.30
C ARG F 105 -19.30 34.72 -11.75
N ILE F 106 -19.23 35.77 -12.57
CA ILE F 106 -19.68 35.64 -13.94
C ILE F 106 -18.92 34.57 -14.72
N TYR F 107 -17.65 34.37 -14.39
CA TYR F 107 -16.83 33.48 -15.21
C TYR F 107 -16.99 32.01 -14.81
N HIS F 108 -17.62 31.73 -13.68
CA HIS F 108 -17.68 30.34 -13.24
C HIS F 108 -19.03 29.84 -12.71
N GLU F 109 -20.11 30.56 -13.00
CA GLU F 109 -21.45 30.09 -12.63
C GLU F 109 -22.45 30.40 -13.73
N ALA F 110 -23.65 29.83 -13.62
CA ALA F 110 -24.69 30.09 -14.61
C ALA F 110 -26.07 30.15 -13.96
N TRP F 111 -26.86 31.15 -14.31
CA TRP F 111 -28.19 31.29 -13.70
C TRP F 111 -29.19 32.04 -14.57
N HIS F 112 -30.45 31.68 -14.43
CA HIS F 112 -31.58 32.28 -15.15
C HIS F 112 -32.13 33.51 -14.42
N GLU F 113 -31.92 34.69 -14.99
CA GLU F 113 -32.41 35.93 -14.40
C GLU F 113 -33.46 36.57 -15.32
N GLU F 114 -34.64 36.86 -14.78
CA GLU F 114 -35.77 37.39 -15.54
C GLU F 114 -35.99 36.65 -16.86
N GLY F 115 -35.35 37.13 -17.93
CA GLY F 115 -35.45 36.47 -19.22
C GLY F 115 -34.09 36.25 -19.86
N ARG F 116 -33.07 36.14 -19.01
CA ARG F 116 -31.70 35.98 -19.47
C ARG F 116 -31.02 34.80 -18.79
N ILE F 117 -29.94 34.33 -19.40
CA ILE F 117 -29.10 33.33 -18.77
C ILE F 117 -27.72 33.93 -18.68
N TYR F 118 -27.19 34.05 -17.47
CA TYR F 118 -25.89 34.66 -17.25
C TYR F 118 -24.80 33.62 -17.14
N GLY F 119 -23.58 34.01 -17.47
CA GLY F 119 -22.41 33.16 -17.34
C GLY F 119 -21.58 33.04 -18.59
N TYR F 120 -20.27 33.27 -18.47
CA TYR F 120 -19.35 33.11 -19.60
C TYR F 120 -19.41 31.73 -20.21
N SER F 121 -19.68 30.74 -19.38
CA SER F 121 -19.67 29.37 -19.83
C SER F 121 -20.98 29.07 -20.57
N VAL F 122 -21.97 29.92 -20.39
CA VAL F 122 -23.18 29.82 -21.20
C VAL F 122 -22.91 30.40 -22.57
N VAL F 123 -22.30 31.58 -22.60
CA VAL F 123 -21.90 32.21 -23.84
C VAL F 123 -20.92 31.33 -24.62
N ASN F 124 -20.01 30.71 -23.90
CA ASN F 124 -18.97 29.88 -24.50
C ASN F 124 -18.74 28.59 -23.70
N CYS F 125 -19.50 27.54 -23.99
CA CYS F 125 -20.34 27.47 -25.16
C CYS F 125 -21.56 26.61 -24.85
N LYS F 126 -21.99 26.60 -23.60
CA LYS F 126 -23.07 25.71 -23.22
C LYS F 126 -24.43 26.22 -23.72
N GLY F 127 -24.56 27.52 -23.90
CA GLY F 127 -25.79 28.09 -24.41
C GLY F 127 -26.14 27.61 -25.82
N PRO F 128 -25.22 27.81 -26.76
CA PRO F 128 -25.41 27.32 -28.13
C PRO F 128 -25.63 25.81 -28.15
N MET F 129 -24.91 25.09 -27.31
CA MET F 129 -25.10 23.64 -27.21
C MET F 129 -26.52 23.29 -26.79
N ALA F 130 -27.06 23.99 -25.79
CA ALA F 130 -28.42 23.73 -25.35
C ALA F 130 -29.36 23.95 -26.53
N CYS F 131 -29.11 25.01 -27.28
CA CYS F 131 -29.94 25.35 -28.41
C CYS F 131 -30.13 24.16 -29.36
N TRP F 132 -29.05 23.51 -29.77
CA TRP F 132 -29.28 22.44 -30.74
C TRP F 132 -29.65 21.12 -30.09
N LEU F 133 -29.31 20.93 -28.82
CA LEU F 133 -29.80 19.75 -28.13
C LEU F 133 -31.33 19.79 -28.08
N ILE F 134 -31.86 20.95 -27.77
CA ILE F 134 -33.30 21.13 -27.73
C ILE F 134 -33.89 21.03 -29.13
N ALA F 135 -33.20 21.62 -30.11
CA ALA F 135 -33.66 21.49 -31.49
C ALA F 135 -33.82 20.03 -31.85
N ALA F 136 -32.82 19.22 -31.52
CA ALA F 136 -32.88 17.80 -31.87
C ALA F 136 -34.04 17.13 -31.14
N LYS F 137 -34.21 17.48 -29.87
CA LYS F 137 -35.28 16.91 -29.05
C LYS F 137 -36.65 17.22 -29.66
N ALA F 138 -36.86 18.47 -30.06
CA ALA F 138 -38.08 18.87 -30.74
C ALA F 138 -38.32 18.10 -32.04
N LEU F 139 -37.29 17.98 -32.86
CA LEU F 139 -37.42 17.31 -34.15
C LEU F 139 -37.85 15.90 -33.90
N LYS F 140 -37.22 15.28 -32.92
CA LYS F 140 -37.49 13.90 -32.61
C LYS F 140 -38.92 13.73 -32.10
N GLU F 141 -39.33 14.60 -31.19
CA GLU F 141 -40.61 14.42 -30.52
C GLU F 141 -41.78 14.77 -31.43
N ALA F 142 -41.62 15.80 -32.24
CA ALA F 142 -42.65 16.18 -33.18
C ALA F 142 -42.75 15.19 -34.35
N GLY F 143 -41.79 14.28 -34.41
CA GLY F 143 -41.77 13.31 -35.49
C GLY F 143 -41.48 13.95 -36.84
N ALA F 144 -40.62 14.95 -36.84
CA ALA F 144 -40.23 15.60 -38.09
C ALA F 144 -39.71 14.57 -39.08
N ALA F 145 -40.05 14.74 -40.35
CA ALA F 145 -39.61 13.81 -41.40
C ALA F 145 -38.27 14.24 -41.94
N LEU F 146 -37.26 13.41 -41.72
CA LEU F 146 -35.91 13.70 -42.16
C LEU F 146 -35.37 12.48 -42.83
N LYS F 147 -34.93 12.63 -44.07
CA LYS F 147 -34.32 11.51 -44.77
C LYS F 147 -32.88 11.30 -44.31
N GLY F 148 -32.17 12.39 -44.04
CA GLY F 148 -30.80 12.30 -43.56
C GLY F 148 -30.68 12.34 -42.05
N ASP F 149 -29.57 11.83 -41.50
CA ASP F 149 -29.33 11.83 -40.06
C ASP F 149 -28.99 13.21 -39.53
N VAL F 150 -29.36 13.49 -38.28
CA VAL F 150 -28.75 14.60 -37.58
C VAL F 150 -27.72 14.04 -36.62
N VAL F 151 -26.47 14.47 -36.75
CA VAL F 151 -25.41 14.01 -35.86
C VAL F 151 -25.16 15.03 -34.78
N LEU F 152 -25.15 14.56 -33.53
CA LEU F 152 -25.04 15.42 -32.36
C LEU F 152 -23.66 15.27 -31.74
N THR F 153 -22.86 16.31 -31.86
CA THR F 153 -21.44 16.17 -31.55
C THR F 153 -21.02 17.21 -30.54
N ALA F 154 -20.89 16.80 -29.29
CA ALA F 154 -20.37 17.70 -28.26
C ALA F 154 -18.91 17.34 -28.02
N VAL F 155 -18.02 18.30 -28.21
CA VAL F 155 -16.59 17.98 -28.22
C VAL F 155 -15.82 18.59 -27.06
N CYS F 156 -14.80 17.88 -26.59
CA CYS F 156 -13.89 18.42 -25.60
C CYS F 156 -12.81 19.20 -26.30
N GLY F 157 -12.05 19.96 -25.54
CA GLY F 157 -10.83 20.56 -26.01
C GLY F 157 -10.87 21.45 -27.24
N GLU F 158 -11.87 22.30 -27.36
CA GLU F 158 -11.88 23.23 -28.48
C GLU F 158 -10.97 24.42 -28.22
N ILE F 159 -10.78 24.77 -26.97
CA ILE F 159 -10.07 26.00 -26.63
C ILE F 159 -8.58 25.89 -26.91
N ASP F 160 -7.98 26.96 -27.44
CA ASP F 160 -6.62 26.92 -28.00
C ASP F 160 -5.46 26.59 -27.04
N CYS F 161 -5.71 25.89 -25.94
CA CYS F 161 -4.63 25.38 -25.09
C CYS F 161 -3.72 24.40 -25.83
N GLU F 162 -2.43 24.37 -25.49
CA GLU F 162 -1.53 23.41 -26.13
C GLU F 162 -0.39 23.04 -25.23
N PRO F 163 0.02 21.77 -25.30
CA PRO F 163 1.25 21.34 -24.63
C PRO F 163 2.45 22.08 -25.20
N VAL F 164 3.48 22.24 -24.40
CA VAL F 164 4.73 22.85 -24.83
C VAL F 164 5.73 22.63 -23.70
N ASP F 165 7.00 22.47 -24.03
CA ASP F 165 8.04 22.30 -23.03
C ASP F 165 7.67 21.20 -22.02
N GLU F 166 7.77 21.47 -20.72
CA GLU F 166 7.52 20.43 -19.71
C GLU F 166 6.03 20.15 -19.53
N PHE F 167 5.18 20.94 -20.15
CA PHE F 167 3.74 20.78 -20.02
C PHE F 167 3.20 19.89 -21.15
N GLN F 168 3.11 18.61 -20.85
CA GLN F 168 2.85 17.58 -21.86
C GLN F 168 1.69 16.68 -21.47
N GLY F 169 1.00 16.16 -22.48
CA GLY F 169 0.01 15.11 -22.29
C GLY F 169 -1.34 15.52 -21.73
N HIS F 170 -1.96 14.58 -21.03
CA HIS F 170 -3.35 14.63 -20.62
C HIS F 170 -3.88 16.00 -20.18
N ASP F 171 -3.15 16.68 -19.30
CA ASP F 171 -3.65 17.90 -18.67
C ASP F 171 -3.64 19.11 -19.60
N TYR F 172 -2.84 19.04 -20.66
CA TYR F 172 -2.58 20.21 -21.48
C TYR F 172 -3.06 20.10 -22.93
N LEU F 173 -3.46 18.90 -23.33
CA LEU F 173 -3.96 18.67 -24.68
C LEU F 173 -5.30 19.32 -24.87
N ALA F 174 -5.63 19.62 -26.13
CA ALA F 174 -6.94 20.18 -26.43
C ALA F 174 -7.48 19.77 -27.79
N GLU F 175 -7.19 20.56 -28.83
CA GLU F 175 -7.85 20.34 -30.10
C GLU F 175 -7.50 19.00 -30.73
N ASP F 176 -6.33 18.46 -30.42
CA ASP F 176 -5.96 17.18 -31.02
C ASP F 176 -6.87 16.05 -30.54
N ILE F 177 -7.54 16.23 -29.41
CA ILE F 177 -8.39 15.19 -28.88
C ILE F 177 -9.85 15.58 -28.96
N GLY F 178 -10.11 16.72 -29.58
CA GLY F 178 -11.46 17.25 -29.68
C GLY F 178 -12.22 16.88 -30.95
N ALA F 179 -12.75 17.91 -31.59
CA ALA F 179 -13.56 17.75 -32.79
C ALA F 179 -12.93 16.86 -33.87
N ARG F 180 -11.68 17.11 -34.23
CA ARG F 180 -11.09 16.30 -35.29
C ARG F 180 -11.09 14.82 -34.91
N TYR F 181 -10.80 14.54 -33.64
CA TYR F 181 -10.76 13.16 -33.19
C TYR F 181 -12.16 12.54 -33.27
N ALA F 182 -13.18 13.27 -32.85
CA ALA F 182 -14.54 12.75 -32.91
C ALA F 182 -14.93 12.45 -34.36
N ILE F 183 -14.60 13.34 -35.28
CA ILE F 183 -14.96 13.14 -36.67
C ILE F 183 -14.20 11.94 -37.24
N SER F 184 -12.91 11.90 -36.99
CA SER F 184 -12.06 10.84 -37.50
C SER F 184 -12.50 9.49 -36.96
N HIS F 185 -13.23 9.47 -35.85
CA HIS F 185 -13.67 8.19 -35.31
C HIS F 185 -15.17 8.00 -35.39
N GLY F 186 -15.78 8.59 -36.40
CA GLY F 186 -17.10 8.18 -36.80
C GLY F 186 -18.12 9.28 -36.89
N ALA F 187 -17.81 10.44 -36.32
CA ALA F 187 -18.80 11.49 -36.27
C ALA F 187 -18.85 12.27 -37.59
N ILE F 188 -19.04 11.55 -38.68
CA ILE F 188 -19.07 12.18 -40.01
C ILE F 188 -20.47 12.48 -40.50
N SER F 189 -20.56 13.46 -41.39
CA SER F 189 -21.81 13.88 -41.98
C SER F 189 -21.53 14.64 -43.27
N ASP F 190 -22.56 14.96 -44.04
CA ASP F 190 -22.36 15.73 -45.26
C ASP F 190 -22.03 17.18 -44.92
N TYR F 191 -22.72 17.74 -43.94
CA TYR F 191 -22.49 19.13 -43.57
C TYR F 191 -22.38 19.27 -42.06
N ALA F 192 -21.85 20.39 -41.59
CA ALA F 192 -21.74 20.58 -40.17
C ALA F 192 -21.97 22.03 -39.84
N LEU F 193 -22.85 22.28 -38.88
CA LEU F 193 -23.03 23.61 -38.35
C LEU F 193 -22.43 23.67 -36.97
N VAL F 194 -21.51 24.61 -36.78
CA VAL F 194 -20.85 24.75 -35.50
C VAL F 194 -21.54 25.87 -34.74
N ALA F 195 -22.13 25.52 -33.62
CA ALA F 195 -22.97 26.45 -32.87
C ALA F 195 -22.12 27.20 -31.86
N GLU F 196 -21.92 28.49 -32.11
CA GLU F 196 -21.17 29.37 -31.22
C GLU F 196 -21.93 30.69 -31.18
N ALA F 197 -21.59 31.56 -30.25
CA ALA F 197 -22.27 32.84 -30.19
C ALA F 197 -21.74 33.77 -31.27
N THR F 198 -22.54 33.97 -32.32
CA THR F 198 -22.17 34.84 -33.43
C THR F 198 -23.22 35.91 -33.70
N ASN F 199 -24.16 36.05 -32.78
CA ASN F 199 -25.27 36.96 -32.98
C ASN F 199 -25.97 36.74 -34.31
N PHE F 200 -26.23 35.48 -34.64
CA PHE F 200 -26.93 35.12 -35.86
C PHE F 200 -26.19 35.57 -37.14
N LYS F 201 -24.88 35.64 -37.10
CA LYS F 201 -24.11 35.95 -38.30
C LYS F 201 -23.26 34.75 -38.65
N PRO F 202 -23.46 34.19 -39.86
CA PRO F 202 -22.75 32.97 -40.23
C PRO F 202 -21.35 33.25 -40.77
N ALA F 203 -20.37 32.48 -40.32
CA ALA F 203 -19.03 32.54 -40.89
C ALA F 203 -18.65 31.18 -41.47
N TRP F 204 -17.95 31.16 -42.60
CA TRP F 204 -17.44 29.88 -43.09
C TRP F 204 -16.01 30.01 -43.62
N VAL F 205 -15.27 30.95 -43.06
CA VAL F 205 -13.82 30.90 -43.09
C VAL F 205 -13.29 31.15 -41.68
N GLU F 206 -12.21 30.48 -41.30
CA GLU F 206 -11.54 30.76 -40.04
C GLU F 206 -10.04 30.79 -40.22
N ALA F 207 -9.32 31.28 -39.23
CA ALA F 207 -7.88 31.32 -39.29
C ALA F 207 -7.26 29.99 -38.85
N GLY F 208 -6.03 29.76 -39.31
CA GLY F 208 -5.17 28.75 -38.75
C GLY F 208 -4.28 29.45 -37.74
N LYS F 209 -3.19 28.81 -37.35
CA LYS F 209 -2.28 29.40 -36.40
C LYS F 209 -0.94 28.71 -36.39
N VAL F 210 0.09 29.47 -36.04
CA VAL F 210 1.36 28.89 -35.68
C VAL F 210 1.78 29.55 -34.38
N PHE F 211 2.10 28.72 -33.38
CA PHE F 211 2.68 29.20 -32.14
C PHE F 211 4.19 29.09 -32.25
N LEU F 212 4.88 30.17 -31.90
CA LEU F 212 6.32 30.19 -31.95
C LEU F 212 6.88 30.41 -30.57
N LYS F 213 7.88 29.61 -30.22
CA LYS F 213 8.68 29.85 -29.04
C LYS F 213 9.93 30.55 -29.51
N VAL F 214 10.09 31.80 -29.10
CA VAL F 214 11.27 32.56 -29.46
C VAL F 214 12.18 32.71 -28.25
N THR F 215 13.37 32.13 -28.35
CA THR F 215 14.31 32.14 -27.24
C THR F 215 15.53 32.96 -27.61
N VAL F 216 15.71 34.10 -26.96
CA VAL F 216 16.90 34.93 -27.18
C VAL F 216 18.06 34.43 -26.34
N PHE F 217 19.26 34.50 -26.92
CA PHE F 217 20.48 34.10 -26.22
C PHE F 217 21.37 35.29 -25.88
N ALA F 218 21.97 35.26 -24.70
CA ALA F 218 22.88 36.31 -24.31
C ALA F 218 23.99 35.70 -23.46
N GLY F 219 24.22 36.22 -22.26
CA GLY F 219 25.28 35.71 -21.42
C GLY F 219 26.59 36.40 -21.75
N PRO F 220 27.67 36.04 -21.04
CA PRO F 220 27.68 35.08 -19.94
C PRO F 220 26.98 35.60 -18.71
N SER F 221 26.27 34.71 -18.01
CA SER F 221 25.64 35.02 -16.74
C SER F 221 26.68 35.34 -15.67
N ARG F 222 26.39 36.31 -14.81
CA ARG F 222 27.28 36.64 -13.70
C ARG F 222 26.51 36.73 -12.40
N TYR F 223 27.14 36.33 -11.30
CA TYR F 223 26.66 36.62 -9.97
C TYR F 223 26.39 38.12 -9.89
N THR F 224 25.27 38.53 -9.31
CA THR F 224 24.87 39.94 -9.30
C THR F 224 25.98 40.96 -8.97
N PRO F 225 26.77 40.68 -7.93
CA PRO F 225 27.86 41.60 -7.59
C PRO F 225 28.90 41.78 -8.69
N TYR F 226 28.91 40.91 -9.70
CA TYR F 226 29.84 41.05 -10.82
C TYR F 226 29.20 41.56 -12.11
N VAL F 227 27.93 41.92 -12.10
CA VAL F 227 27.28 42.26 -13.37
C VAL F 227 27.94 43.49 -13.99
N PRO F 228 28.27 43.43 -15.30
CA PRO F 228 28.84 44.59 -15.98
C PRO F 228 27.81 45.65 -16.29
N ARG F 229 28.12 46.90 -15.95
CA ARG F 229 27.26 48.04 -16.26
C ARG F 229 28.14 49.28 -16.48
N PRO F 230 27.70 50.21 -17.35
CA PRO F 230 26.48 50.16 -18.16
C PRO F 230 26.72 49.46 -19.49
N VAL F 231 25.68 48.82 -20.03
CA VAL F 231 25.74 48.13 -21.30
C VAL F 231 24.46 48.44 -22.05
N ALA F 232 24.55 48.68 -23.36
CA ALA F 232 23.34 48.94 -24.13
C ALA F 232 22.42 47.72 -24.05
N ALA F 233 21.11 47.99 -23.96
CA ALA F 233 20.12 46.94 -23.83
C ALA F 233 20.37 45.78 -24.79
N LEU F 234 20.46 46.08 -26.08
CA LEU F 234 20.68 45.05 -27.09
C LEU F 234 21.96 44.23 -26.88
N ASP F 235 22.92 44.77 -26.14
CA ASP F 235 24.18 44.07 -25.90
C ASP F 235 24.23 43.43 -24.52
N SER F 236 23.17 43.62 -23.74
CA SER F 236 23.19 43.14 -22.37
C SER F 236 23.50 41.65 -22.29
N PRO F 237 24.29 41.26 -21.30
CA PRO F 237 24.48 39.83 -21.07
C PRO F 237 23.21 39.18 -20.52
N ASN F 238 22.30 39.98 -20.00
CA ASN F 238 21.04 39.47 -19.46
C ASN F 238 20.04 39.26 -20.59
N ALA F 239 19.68 38.01 -20.88
CA ALA F 239 18.77 37.71 -21.98
C ALA F 239 17.42 38.36 -21.78
N ILE F 240 17.03 38.57 -20.53
CA ILE F 240 15.76 39.22 -20.24
C ILE F 240 15.80 40.64 -20.80
N VAL F 241 16.92 41.31 -20.65
CA VAL F 241 17.03 42.69 -21.09
C VAL F 241 17.04 42.74 -22.62
N ARG F 242 17.73 41.81 -23.26
CA ARG F 242 17.66 41.74 -24.72
C ARG F 242 16.26 41.40 -25.18
N MET F 243 15.59 40.49 -24.47
CA MET F 243 14.25 40.11 -24.88
C MET F 243 13.31 41.31 -24.83
N ALA F 244 13.55 42.20 -23.88
CA ALA F 244 12.72 43.39 -23.77
C ALA F 244 12.80 44.22 -25.06
N LYS F 245 13.97 44.31 -25.64
CA LYS F 245 14.09 45.02 -26.91
C LYS F 245 13.41 44.23 -28.03
N LEU F 246 13.58 42.92 -28.06
CA LEU F 246 12.96 42.11 -29.10
C LEU F 246 11.42 42.18 -29.00
N VAL F 247 10.90 42.21 -27.79
CA VAL F 247 9.46 42.28 -27.63
C VAL F 247 8.92 43.52 -28.34
N GLU F 248 9.67 44.61 -28.21
CA GLU F 248 9.28 45.88 -28.81
C GLU F 248 9.24 45.79 -30.33
N ALA F 249 10.27 45.20 -30.91
CA ALA F 249 10.33 45.06 -32.34
C ALA F 249 9.26 44.08 -32.84
N LEU F 250 8.97 43.05 -32.06
CA LEU F 250 7.98 42.09 -32.49
C LEU F 250 6.58 42.68 -32.43
N GLU F 251 6.37 43.64 -31.54
CA GLU F 251 5.10 44.34 -31.51
C GLU F 251 4.89 45.20 -32.77
N GLU F 252 5.95 45.85 -33.25
CA GLU F 252 5.83 46.62 -34.49
C GLU F 252 5.53 45.68 -35.63
N TRP F 253 6.28 44.58 -35.69
CA TRP F 253 6.04 43.58 -36.72
C TRP F 253 4.59 43.10 -36.68
N ALA F 254 4.07 42.90 -35.47
CA ALA F 254 2.71 42.40 -35.30
C ALA F 254 1.68 43.42 -35.76
N ASP F 255 1.94 44.69 -35.50
CA ASP F 255 1.04 45.74 -35.95
C ASP F 255 0.87 45.67 -37.46
N ASN F 256 1.95 45.43 -38.17
CA ASN F 256 1.93 45.42 -39.63
C ASN F 256 1.49 44.09 -40.20
N TYR F 257 1.80 43.02 -39.49
CA TYR F 257 1.50 41.69 -39.97
C TYR F 257 0.02 41.52 -40.27
N GLU F 258 -0.84 41.94 -39.36
CA GLU F 258 -2.27 41.76 -39.53
C GLU F 258 -2.80 42.53 -40.73
N LYS F 259 -2.17 43.66 -41.02
CA LYS F 259 -2.54 44.42 -42.21
C LYS F 259 -2.06 43.69 -43.46
N ARG F 260 -0.79 43.30 -43.47
CA ARG F 260 -0.20 42.68 -44.63
C ARG F 260 -0.93 41.39 -45.03
N TYR F 261 -1.47 40.68 -44.05
CA TYR F 261 -2.07 39.37 -44.33
C TYR F 261 -3.58 39.38 -44.21
N THR F 262 -4.17 40.57 -44.11
CA THR F 262 -5.61 40.64 -44.18
C THR F 262 -6.05 40.13 -45.54
N ARG F 263 -7.14 39.38 -45.59
CA ARG F 263 -7.53 38.75 -46.83
C ARG F 263 -9.00 38.42 -46.84
N GLU F 264 -9.68 38.89 -47.88
CA GLU F 264 -11.11 38.70 -48.00
C GLU F 264 -11.46 37.39 -48.68
N TYR F 265 -12.39 36.66 -48.07
CA TYR F 265 -12.90 35.43 -48.66
C TYR F 265 -14.41 35.53 -48.77
N GLY F 266 -15.02 34.64 -49.55
CA GLY F 266 -16.47 34.58 -49.58
C GLY F 266 -17.04 34.42 -48.18
N GLY F 267 -16.39 33.59 -47.38
CA GLY F 267 -16.88 33.26 -46.05
C GLY F 267 -16.64 34.28 -44.96
N GLY F 268 -15.91 35.34 -45.27
CA GLY F 268 -15.57 36.36 -44.30
C GLY F 268 -14.22 36.97 -44.61
N THR F 269 -13.87 38.04 -43.91
CA THR F 269 -12.57 38.68 -44.13
C THR F 269 -11.62 38.33 -43.00
N VAL F 270 -10.52 37.69 -43.33
CA VAL F 270 -9.58 37.25 -42.30
C VAL F 270 -8.59 38.35 -41.97
N VAL F 271 -8.57 38.74 -40.71
CA VAL F 271 -7.56 39.67 -40.22
C VAL F 271 -6.75 38.91 -39.18
N PRO F 272 -5.63 38.32 -39.62
CA PRO F 272 -4.82 37.42 -38.80
C PRO F 272 -3.97 38.23 -37.83
N LYS F 273 -4.19 38.06 -36.53
CA LYS F 273 -3.52 38.86 -35.54
C LYS F 273 -2.43 38.10 -34.78
N VAL F 274 -1.63 38.84 -34.03
CA VAL F 274 -0.48 38.32 -33.34
C VAL F 274 -0.50 38.83 -31.91
N ALA F 275 -0.22 37.95 -30.96
CA ALA F 275 -0.07 38.37 -29.57
C ALA F 275 1.02 37.57 -28.87
N ILE F 276 1.68 38.21 -27.92
CA ILE F 276 2.67 37.53 -27.11
C ILE F 276 2.00 37.04 -25.83
N GLY F 277 1.86 35.72 -25.74
CA GLY F 277 1.01 35.10 -24.74
C GLY F 277 1.72 34.74 -23.44
N ALA F 278 3.02 34.53 -23.50
CA ALA F 278 3.76 34.21 -22.29
C ALA F 278 5.22 34.54 -22.47
N ILE F 279 5.86 34.82 -21.35
CA ILE F 279 7.28 35.04 -21.32
C ILE F 279 7.83 34.33 -20.11
N ARG F 280 9.03 33.80 -20.23
CA ARG F 280 9.74 33.33 -19.06
C ARG F 280 11.21 33.25 -19.32
N GLY F 281 11.99 33.67 -18.32
CA GLY F 281 13.44 33.60 -18.36
C GLY F 281 13.93 33.47 -16.94
N GLY F 282 14.94 32.63 -16.74
CA GLY F 282 15.39 32.34 -15.40
C GLY F 282 14.31 31.63 -14.62
N VAL F 283 14.57 31.36 -13.35
CA VAL F 283 13.55 30.85 -12.46
C VAL F 283 13.52 31.69 -11.19
N PRO F 284 12.32 31.95 -10.68
CA PRO F 284 12.09 32.85 -9.55
C PRO F 284 12.83 32.45 -8.28
N TYR F 285 13.14 31.17 -8.10
CA TYR F 285 13.73 30.74 -6.84
C TYR F 285 15.27 30.75 -6.85
N LYS F 286 15.88 31.15 -7.97
CA LYS F 286 17.33 31.34 -8.07
C LYS F 286 17.58 32.58 -8.91
N ILE F 287 17.63 33.76 -8.29
CA ILE F 287 17.74 34.96 -9.11
C ILE F 287 19.07 35.72 -8.92
N TYR F 288 20.06 35.07 -8.32
CA TYR F 288 21.30 35.74 -7.99
C TYR F 288 22.28 35.79 -9.18
N ALA F 289 21.90 35.12 -10.27
CA ALA F 289 22.69 35.15 -11.50
C ALA F 289 21.75 35.20 -12.70
N PHE F 290 21.73 36.31 -13.42
CA PHE F 290 20.73 36.53 -14.46
C PHE F 290 20.87 35.50 -15.58
N PRO F 291 19.77 35.23 -16.30
CA PRO F 291 19.77 34.11 -17.25
C PRO F 291 20.44 34.42 -18.58
N GLU F 292 20.99 33.39 -19.22
CA GLU F 292 21.59 33.52 -20.54
C GLU F 292 20.56 33.32 -21.64
N LEU F 293 19.37 32.89 -21.27
CA LEU F 293 18.31 32.80 -22.27
C LEU F 293 16.99 33.24 -21.69
N CYS F 294 16.08 33.62 -22.58
CA CYS F 294 14.77 34.11 -22.23
C CYS F 294 13.85 33.81 -23.40
N SER F 295 12.66 33.30 -23.11
CA SER F 295 11.74 32.82 -24.12
C SER F 295 10.42 33.55 -24.08
N ILE F 296 9.89 33.89 -25.24
CA ILE F 296 8.51 34.32 -25.33
C ILE F 296 7.72 33.29 -26.15
N TYR F 297 6.40 33.33 -26.03
CA TYR F 297 5.56 32.38 -26.71
C TYR F 297 4.50 33.17 -27.51
N MET F 298 4.59 33.08 -28.83
CA MET F 298 3.76 33.89 -29.70
C MET F 298 2.61 33.12 -30.35
N ASP F 299 1.42 33.68 -30.26
CA ASP F 299 0.24 33.22 -30.99
C ASP F 299 0.10 34.01 -32.27
N ILE F 300 0.42 33.39 -33.40
CA ILE F 300 0.28 34.04 -34.70
C ILE F 300 -0.80 33.38 -35.56
N ARG F 301 -1.90 34.08 -35.75
CA ARG F 301 -2.96 33.58 -36.58
C ARG F 301 -2.54 33.59 -38.03
N LEU F 302 -3.04 32.63 -38.79
CA LEU F 302 -2.74 32.50 -40.21
C LEU F 302 -3.99 32.54 -41.04
N ASN F 303 -4.02 33.34 -42.10
CA ASN F 303 -5.11 33.18 -43.04
C ASN F 303 -4.89 31.82 -43.70
N PRO F 304 -5.95 31.26 -44.26
CA PRO F 304 -5.87 29.92 -44.85
C PRO F 304 -4.80 29.77 -45.93
N ASP F 305 -4.28 30.87 -46.48
CA ASP F 305 -3.31 30.71 -47.56
C ASP F 305 -1.88 31.08 -47.18
N THR F 306 -1.57 31.07 -45.89
CA THR F 306 -0.24 31.40 -45.43
C THR F 306 0.50 30.21 -44.82
N ASN F 307 1.61 29.83 -45.42
CA ASN F 307 2.44 28.76 -44.87
C ASN F 307 3.12 29.23 -43.57
N PRO F 308 3.03 28.42 -42.52
CA PRO F 308 3.62 28.78 -41.21
C PRO F 308 5.11 29.08 -41.31
N LEU F 309 5.80 28.45 -42.24
CA LEU F 309 7.22 28.67 -42.42
C LEU F 309 7.52 30.10 -42.84
N VAL F 310 6.61 30.69 -43.63
CA VAL F 310 6.75 32.06 -44.09
C VAL F 310 6.80 32.99 -42.89
N VAL F 311 5.87 32.74 -41.98
CA VAL F 311 5.75 33.52 -40.76
C VAL F 311 6.96 33.29 -39.86
N GLN F 312 7.40 32.04 -39.73
CA GLN F 312 8.59 31.76 -38.97
C GLN F 312 9.78 32.57 -39.50
N ARG F 313 9.94 32.58 -40.82
CA ARG F 313 11.03 33.29 -41.45
C ARG F 313 10.93 34.80 -41.22
N GLU F 314 9.72 35.35 -41.24
CA GLU F 314 9.56 36.77 -40.94
C GLU F 314 9.98 37.07 -39.51
N VAL F 315 9.64 36.18 -38.57
CA VAL F 315 10.02 36.46 -37.20
C VAL F 315 11.54 36.34 -37.09
N GLU F 316 12.14 35.37 -37.78
CA GLU F 316 13.59 35.24 -37.72
C GLU F 316 14.25 36.49 -38.31
N ALA F 317 13.60 37.13 -39.26
CA ALA F 317 14.17 38.33 -39.87
C ALA F 317 14.15 39.47 -38.88
N VAL F 318 13.08 39.56 -38.10
CA VAL F 318 13.02 40.57 -37.05
C VAL F 318 14.15 40.40 -36.06
N VAL F 319 14.37 39.17 -35.62
CA VAL F 319 15.47 38.91 -34.70
C VAL F 319 16.79 39.33 -35.33
N SER F 320 16.98 38.95 -36.59
CA SER F 320 18.23 39.20 -37.30
C SER F 320 18.49 40.69 -37.48
N LYS F 321 17.44 41.44 -37.78
CA LYS F 321 17.57 42.87 -38.00
C LYS F 321 18.10 43.54 -36.76
N LEU F 322 17.73 43.00 -35.60
CA LEU F 322 18.22 43.52 -34.33
C LEU F 322 19.62 43.06 -33.98
N GLY F 323 20.18 42.17 -34.79
CA GLY F 323 21.50 41.65 -34.49
C GLY F 323 21.49 40.70 -33.31
N LEU F 324 20.31 40.16 -32.99
CA LEU F 324 20.19 39.19 -31.90
C LEU F 324 20.33 37.77 -32.40
N LYS F 325 20.67 36.86 -31.51
CA LYS F 325 20.62 35.44 -31.80
C LYS F 325 19.46 34.84 -31.07
N ALA F 326 18.67 34.04 -31.77
CA ALA F 326 17.51 33.45 -31.16
C ALA F 326 17.18 32.15 -31.82
N GLU F 327 16.51 31.28 -31.09
CA GLU F 327 15.87 30.13 -31.70
C GLU F 327 14.40 30.45 -31.88
N VAL F 328 13.88 30.31 -33.10
CA VAL F 328 12.47 30.53 -33.33
C VAL F 328 11.86 29.17 -33.63
N LYS F 329 11.15 28.62 -32.66
CA LYS F 329 10.72 27.23 -32.73
C LYS F 329 9.21 27.12 -32.77
N PRO F 330 8.67 26.59 -33.87
CA PRO F 330 7.22 26.39 -33.87
C PRO F 330 6.85 25.23 -32.96
N PHE F 331 5.79 25.37 -32.18
CA PHE F 331 5.34 24.25 -31.38
C PHE F 331 3.87 24.00 -31.58
N LEU F 332 3.28 24.72 -32.53
CA LEU F 332 1.90 24.47 -32.91
C LEU F 332 1.65 24.95 -34.31
N PHE F 333 1.00 24.14 -35.11
CA PHE F 333 0.54 24.56 -36.42
C PHE F 333 -0.76 23.90 -36.77
N ARG F 334 -1.79 24.70 -37.01
CA ARG F 334 -3.06 24.22 -37.53
C ARG F 334 -3.51 25.11 -38.69
N ARG F 335 -4.10 24.51 -39.70
CA ARG F 335 -4.57 25.24 -40.86
C ARG F 335 -5.96 25.78 -40.67
N GLY F 336 -6.20 26.96 -41.22
CA GLY F 336 -7.55 27.48 -41.34
C GLY F 336 -8.16 27.17 -42.70
N TYR F 337 -9.49 27.14 -42.76
CA TYR F 337 -10.18 26.78 -44.00
C TYR F 337 -11.36 27.69 -44.30
N GLU F 338 -11.54 27.99 -45.59
CA GLU F 338 -12.83 28.46 -46.07
C GLU F 338 -13.60 27.25 -46.53
N ALA F 339 -14.86 27.17 -46.13
CA ALA F 339 -15.69 26.06 -46.55
C ALA F 339 -15.78 26.01 -48.07
N GLN F 340 -15.68 24.82 -48.64
CA GLN F 340 -15.93 24.59 -50.06
C GLN F 340 -17.24 23.83 -50.22
N GLY F 341 -18.12 24.30 -51.10
CA GLY F 341 -19.39 23.64 -51.31
C GLY F 341 -20.35 23.85 -50.15
N ILE F 342 -20.28 25.04 -49.54
CA ILE F 342 -21.11 25.37 -48.40
C ILE F 342 -22.55 25.69 -48.81
N GLU F 343 -22.78 25.94 -50.10
CA GLU F 343 -24.04 26.51 -50.58
C GLU F 343 -25.34 25.88 -50.05
N PRO F 344 -25.47 24.55 -50.12
CA PRO F 344 -26.71 23.98 -49.60
C PRO F 344 -26.96 24.29 -48.11
N LEU F 345 -25.94 24.21 -47.27
CA LEU F 345 -26.09 24.54 -45.84
C LEU F 345 -26.28 26.04 -45.65
N GLN F 346 -25.51 26.83 -46.39
CA GLN F 346 -25.66 28.28 -46.33
C GLN F 346 -27.07 28.70 -46.74
N ASN F 347 -27.58 28.10 -47.80
CA ASN F 347 -28.92 28.38 -48.28
C ASN F 347 -29.97 27.93 -47.25
N ALA F 348 -29.88 26.70 -46.76
CA ALA F 348 -30.87 26.19 -45.82
C ALA F 348 -30.88 27.04 -44.56
N LEU F 349 -29.70 27.41 -44.09
CA LEU F 349 -29.57 28.31 -42.95
C LEU F 349 -30.21 29.68 -43.20
N GLU F 350 -29.90 30.27 -44.35
CA GLU F 350 -30.38 31.60 -44.70
C GLU F 350 -31.90 31.66 -44.68
N VAL F 351 -32.52 30.67 -45.30
CA VAL F 351 -33.97 30.59 -45.36
C VAL F 351 -34.56 30.40 -43.97
N ALA F 352 -34.00 29.48 -43.18
CA ALA F 352 -34.49 29.23 -41.82
C ALA F 352 -34.39 30.51 -40.99
N HIS F 353 -33.25 31.17 -41.09
CA HIS F 353 -33.01 32.41 -40.41
C HIS F 353 -33.97 33.54 -40.81
N ARG F 354 -34.26 33.68 -42.10
CA ARG F 354 -35.16 34.74 -42.54
C ARG F 354 -36.56 34.47 -41.98
N GLU F 355 -36.95 33.20 -41.95
CA GLU F 355 -38.25 32.81 -41.42
C GLU F 355 -38.35 33.08 -39.91
N VAL F 356 -37.35 32.67 -39.15
CA VAL F 356 -37.41 32.75 -37.70
C VAL F 356 -36.99 34.12 -37.16
N VAL F 357 -35.93 34.67 -37.70
CA VAL F 357 -35.42 35.95 -37.23
C VAL F 357 -36.04 37.14 -37.96
N GLY F 358 -36.48 36.92 -39.20
CA GLY F 358 -37.26 37.93 -39.91
C GLY F 358 -36.51 38.90 -40.80
N ARG F 359 -35.19 38.76 -40.90
CA ARG F 359 -34.40 39.61 -41.81
C ARG F 359 -33.23 38.81 -42.37
N PRO F 360 -32.56 39.34 -43.41
CA PRO F 360 -31.40 38.67 -43.98
C PRO F 360 -30.27 38.55 -42.96
N THR F 361 -29.43 37.53 -43.09
CA THR F 361 -28.28 37.45 -42.21
C THR F 361 -27.33 38.57 -42.50
N GLU F 362 -26.67 39.06 -41.46
CA GLU F 362 -25.60 40.03 -41.63
C GLU F 362 -24.27 39.29 -41.69
N ARG F 363 -23.30 39.86 -42.38
CA ARG F 363 -21.96 39.29 -42.42
C ARG F 363 -21.20 39.51 -41.11
N PRO F 364 -20.49 38.49 -40.64
CA PRO F 364 -19.85 38.64 -39.34
C PRO F 364 -18.61 39.51 -39.46
N GLY F 365 -18.24 40.16 -38.36
CA GLY F 365 -17.01 40.94 -38.34
C GLY F 365 -15.80 40.04 -38.49
N SER F 366 -14.66 40.65 -38.76
CA SER F 366 -13.42 39.94 -39.02
C SER F 366 -12.93 39.02 -37.91
N PRO F 367 -12.94 39.49 -36.65
CA PRO F 367 -12.43 38.59 -35.59
C PRO F 367 -13.14 37.24 -35.57
N GLU F 368 -14.45 37.23 -35.81
CA GLU F 368 -15.23 36.00 -35.81
C GLU F 368 -14.92 35.13 -37.02
N CYS F 369 -14.22 35.69 -37.98
CA CYS F 369 -13.75 34.96 -39.14
C CYS F 369 -12.26 34.70 -39.06
N SER F 370 -11.61 35.14 -37.99
CA SER F 370 -10.17 35.09 -37.96
C SER F 370 -9.64 34.40 -36.71
N MET F 371 -10.43 33.45 -36.21
CA MET F 371 -10.10 32.77 -34.98
C MET F 371 -10.05 31.27 -35.23
N TRP F 372 -10.00 30.49 -34.16
CA TRP F 372 -10.17 29.05 -34.30
C TRP F 372 -11.63 28.70 -34.07
N ARG F 373 -12.20 27.89 -34.96
CA ARG F 373 -13.51 27.29 -34.71
C ARG F 373 -13.40 25.86 -35.14
N ASP F 374 -14.24 25.00 -34.61
CA ASP F 374 -14.18 23.63 -35.04
C ASP F 374 -14.74 23.46 -36.46
N THR F 375 -15.06 24.56 -37.15
CA THR F 375 -15.35 24.43 -38.58
C THR F 375 -14.07 24.01 -39.29
N ASN F 376 -12.93 24.38 -38.72
CA ASN F 376 -11.68 24.03 -39.38
C ASN F 376 -11.54 22.52 -39.56
N PRO F 377 -11.65 21.73 -38.48
CA PRO F 377 -11.56 20.27 -38.68
C PRO F 377 -12.66 19.69 -39.57
N TYR F 378 -13.89 20.17 -39.52
CA TYR F 378 -14.88 19.67 -40.46
C TYR F 378 -14.48 19.96 -41.91
N ASN F 379 -14.12 21.20 -42.19
CA ASN F 379 -13.78 21.57 -43.55
C ASN F 379 -12.55 20.79 -44.03
N GLU F 380 -11.55 20.65 -43.16
CA GLU F 380 -10.37 19.87 -43.44
C GLU F 380 -10.75 18.46 -43.87
N LEU F 381 -11.75 17.90 -43.22
CA LEU F 381 -12.15 16.54 -43.52
C LEU F 381 -13.23 16.47 -44.60
N GLY F 382 -13.47 17.58 -45.30
CA GLY F 382 -14.37 17.56 -46.45
C GLY F 382 -15.84 17.62 -46.11
N ILE F 383 -16.14 18.17 -44.95
CA ILE F 383 -17.51 18.32 -44.50
C ILE F 383 -17.75 19.82 -44.41
N PRO F 384 -18.37 20.40 -45.45
CA PRO F 384 -18.49 21.86 -45.51
C PRO F 384 -19.16 22.36 -44.25
N SER F 385 -18.58 23.37 -43.62
CA SER F 385 -19.02 23.73 -42.29
C SER F 385 -19.00 25.23 -42.06
N LEU F 386 -20.03 25.73 -41.40
CA LEU F 386 -20.03 27.13 -41.03
C LEU F 386 -20.38 27.25 -39.56
N THR F 387 -20.14 28.41 -38.99
CA THR F 387 -20.49 28.66 -37.60
C THR F 387 -21.62 29.69 -37.51
N TYR F 388 -22.55 29.47 -36.60
CA TYR F 388 -23.71 30.34 -36.42
C TYR F 388 -24.40 30.04 -35.09
N GLY F 389 -24.79 31.10 -34.39
CA GLY F 389 -25.55 30.95 -33.15
C GLY F 389 -25.95 32.29 -32.56
N CYS F 390 -26.84 32.23 -31.58
CA CYS F 390 -27.35 33.45 -30.97
C CYS F 390 -26.32 34.04 -30.01
N GLY F 391 -26.44 35.33 -29.73
CA GLY F 391 -25.67 35.95 -28.65
C GLY F 391 -24.42 36.65 -29.10
N GLY F 392 -24.01 37.67 -28.35
CA GLY F 392 -22.80 38.43 -28.64
C GLY F 392 -21.64 37.53 -28.28
N GLY F 393 -20.50 37.69 -28.97
CA GLY F 393 -19.38 36.77 -28.85
C GLY F 393 -18.64 36.80 -27.52
N ALA F 394 -18.16 35.65 -27.07
CA ALA F 394 -17.48 35.54 -25.78
C ALA F 394 -16.20 36.37 -25.78
N GLY F 395 -15.49 36.35 -26.91
CA GLY F 395 -14.34 37.21 -27.09
C GLY F 395 -14.82 38.63 -27.30
N GLY F 396 -16.13 38.78 -27.46
CA GLY F 396 -16.77 40.09 -27.65
C GLY F 396 -16.53 41.14 -26.58
N GLY F 397 -16.80 40.83 -25.31
CA GLY F 397 -17.30 39.53 -24.87
C GLY F 397 -18.54 39.58 -24.00
N ASN F 398 -19.62 39.00 -24.51
CA ASN F 398 -20.91 39.02 -23.85
C ASN F 398 -20.87 38.25 -22.52
N THR F 399 -21.96 38.33 -21.75
CA THR F 399 -22.03 37.67 -20.45
C THR F 399 -23.40 37.08 -20.19
N TYR F 400 -24.28 37.18 -21.18
CA TYR F 400 -25.61 36.58 -21.05
C TYR F 400 -26.25 36.32 -22.40
N PHE F 401 -27.18 35.37 -22.43
CA PHE F 401 -28.02 35.12 -23.60
C PHE F 401 -29.46 35.54 -23.27
N LEU F 402 -30.18 36.02 -24.26
CA LEU F 402 -31.62 36.16 -24.10
C LEU F 402 -32.26 34.81 -24.38
N VAL F 403 -33.09 34.33 -23.46
CA VAL F 403 -33.80 33.07 -23.70
C VAL F 403 -34.57 33.14 -25.02
N ASP F 404 -35.01 34.33 -25.41
CA ASP F 404 -35.75 34.46 -26.65
C ASP F 404 -34.84 34.24 -27.85
N ASP F 405 -33.61 34.74 -27.77
CA ASP F 405 -32.63 34.47 -28.82
C ASP F 405 -32.33 32.99 -28.93
N MET F 406 -32.12 32.35 -27.79
CA MET F 406 -31.81 30.93 -27.74
C MET F 406 -32.92 30.12 -28.34
N LEU F 407 -34.14 30.55 -28.10
CA LEU F 407 -35.27 29.86 -28.67
C LEU F 407 -35.24 30.03 -30.20
N LYS F 408 -34.90 31.22 -30.67
CA LYS F 408 -34.80 31.44 -32.11
C LYS F 408 -33.70 30.59 -32.76
N ALA F 409 -32.52 30.59 -32.14
CA ALA F 409 -31.42 29.75 -32.63
C ALA F 409 -31.87 28.30 -32.73
N ALA F 410 -32.55 27.80 -31.71
CA ALA F 410 -33.03 26.43 -31.77
C ALA F 410 -34.03 26.24 -32.91
N LYS F 411 -34.87 27.23 -33.18
CA LYS F 411 -35.80 27.11 -34.29
C LYS F 411 -35.06 27.10 -35.64
N VAL F 412 -34.12 28.02 -35.80
CA VAL F 412 -33.30 28.07 -36.99
C VAL F 412 -32.60 26.73 -37.24
N TYR F 413 -32.03 26.15 -36.18
CA TYR F 413 -31.34 24.87 -36.27
C TYR F 413 -32.30 23.80 -36.72
N ALA F 414 -33.47 23.76 -36.11
CA ALA F 414 -34.45 22.75 -36.46
C ALA F 414 -34.95 22.92 -37.89
N MET F 415 -35.20 24.16 -38.31
CA MET F 415 -35.63 24.37 -39.70
C MET F 415 -34.52 24.02 -40.67
N THR F 416 -33.30 24.41 -40.35
CA THR F 416 -32.17 24.14 -41.23
C THR F 416 -32.06 22.63 -41.49
N ALA F 417 -32.22 21.82 -40.46
CA ALA F 417 -32.17 20.38 -40.61
C ALA F 417 -33.33 19.81 -41.40
N MET F 418 -34.53 20.34 -41.20
CA MET F 418 -35.70 19.85 -41.91
C MET F 418 -35.61 20.18 -43.39
N ASP F 419 -34.90 21.24 -43.72
CA ASP F 419 -34.61 21.55 -45.12
C ASP F 419 -33.50 20.64 -45.66
N LEU F 420 -32.30 20.86 -45.17
CA LEU F 420 -31.09 20.25 -45.72
C LEU F 420 -31.08 18.73 -45.65
N CYS F 421 -31.59 18.15 -44.56
CA CYS F 421 -31.57 16.71 -44.40
C CYS F 421 -32.63 16.03 -45.26
N ASN F 422 -33.38 16.82 -46.03
CA ASN F 422 -34.28 16.23 -47.00
C ASN F 422 -33.84 16.51 -48.42
N ARG F 423 -32.65 17.06 -48.56
CA ARG F 423 -32.00 17.19 -49.86
C ARG F 423 -31.23 15.91 -50.18
N THR F 424 -31.13 15.54 -51.45
CA THR F 424 -30.40 14.33 -51.82
C THR F 424 -28.91 14.60 -51.76
N PRO F 425 -28.13 13.68 -51.16
CA PRO F 425 -26.69 13.85 -51.21
C PRO F 425 -26.15 13.35 -52.54
N ASN G 5 -18.67 3.36 63.14
CA ASN G 5 -19.90 4.11 62.89
C ASN G 5 -19.68 5.22 61.90
N ASP G 6 -18.41 5.49 61.61
CA ASP G 6 -18.02 6.04 60.32
C ASP G 6 -18.38 4.96 59.30
N VAL G 7 -18.45 3.73 59.79
CA VAL G 7 -19.00 2.61 59.04
C VAL G 7 -20.42 2.88 58.59
N ALA G 8 -21.27 3.25 59.54
CA ALA G 8 -22.70 3.42 59.27
C ALA G 8 -22.95 4.36 58.11
N LYS G 9 -22.15 5.41 58.02
CA LYS G 9 -22.24 6.34 56.91
C LYS G 9 -21.95 5.63 55.58
N VAL G 10 -20.84 4.92 55.53
CA VAL G 10 -20.48 4.19 54.33
C VAL G 10 -21.60 3.23 53.95
N MET G 11 -22.12 2.52 54.94
CA MET G 11 -23.14 1.52 54.70
C MET G 11 -24.35 2.10 53.97
N LYS G 12 -24.66 3.36 54.25
CA LYS G 12 -25.81 3.97 53.64
C LYS G 12 -25.45 4.47 52.26
N THR G 13 -24.27 5.07 52.13
CA THR G 13 -23.81 5.55 50.83
C THR G 13 -23.93 4.42 49.82
N LEU G 14 -23.61 3.21 50.26
CA LEU G 14 -23.73 2.04 49.41
C LEU G 14 -25.19 1.74 49.08
N ASP G 15 -26.07 1.96 50.06
CA ASP G 15 -27.49 1.77 49.82
C ASP G 15 -27.94 2.67 48.69
N GLY G 16 -27.39 3.87 48.66
CA GLY G 16 -27.75 4.88 47.67
C GLY G 16 -26.89 4.86 46.43
N MET G 17 -26.39 3.67 46.10
CA MET G 17 -25.62 3.49 44.87
C MET G 17 -26.07 2.23 44.18
N ARG G 18 -27.16 1.65 44.69
CA ARG G 18 -27.63 0.35 44.24
C ARG G 18 -27.76 0.23 42.72
N GLU G 19 -28.14 1.32 42.07
CA GLU G 19 -28.34 1.24 40.62
C GLU G 19 -27.00 1.31 39.91
N GLY G 20 -26.13 2.20 40.36
CA GLY G 20 -24.76 2.23 39.86
C GLY G 20 -24.13 0.85 39.91
N LEU G 21 -24.43 0.10 40.96
CA LEU G 21 -23.90 -1.25 41.08
C LEU G 21 -24.42 -2.12 39.95
N ILE G 22 -25.73 -2.08 39.74
CA ILE G 22 -26.35 -2.91 38.70
C ILE G 22 -25.89 -2.47 37.32
N GLN G 23 -25.79 -1.16 37.13
CA GLN G 23 -25.40 -0.61 35.85
C GLN G 23 -23.97 -0.97 35.51
N THR G 24 -23.07 -0.69 36.46
CA THR G 24 -21.67 -1.00 36.27
C THR G 24 -21.55 -2.47 35.94
N ALA G 25 -22.27 -3.31 36.65
CA ALA G 25 -22.21 -4.74 36.41
C ALA G 25 -22.76 -5.10 35.03
N VAL G 26 -23.88 -4.50 34.65
CA VAL G 26 -24.51 -4.88 33.39
C VAL G 26 -23.65 -4.42 32.23
N GLU G 27 -23.20 -3.18 32.27
CA GLU G 27 -22.35 -2.66 31.21
C GLU G 27 -21.09 -3.52 31.01
N LEU G 28 -20.30 -3.65 32.07
CA LEU G 28 -19.11 -4.47 32.05
C LEU G 28 -19.44 -5.86 31.58
N GLY G 29 -20.50 -6.44 32.15
CA GLY G 29 -20.89 -7.78 31.79
C GLY G 29 -21.28 -7.91 30.32
N SER G 30 -21.64 -6.81 29.69
CA SER G 30 -22.08 -6.84 28.30
C SER G 30 -20.94 -6.83 27.29
N ILE G 31 -19.80 -6.32 27.71
CA ILE G 31 -18.63 -6.26 26.84
C ILE G 31 -18.08 -7.65 26.51
N GLU G 32 -18.03 -7.99 25.23
CA GLU G 32 -17.39 -9.22 24.79
C GLU G 32 -15.95 -9.21 25.29
N ALA G 33 -15.59 -10.16 26.14
CA ALA G 33 -14.27 -10.15 26.74
C ALA G 33 -13.70 -11.53 26.98
N PRO G 34 -13.80 -12.42 25.99
CA PRO G 34 -13.18 -13.73 26.16
C PRO G 34 -11.69 -13.56 26.35
N THR G 35 -11.09 -14.45 27.12
CA THR G 35 -9.66 -14.44 27.30
C THR G 35 -8.97 -14.32 25.95
N GLY G 36 -8.14 -13.30 25.78
CA GLY G 36 -7.53 -13.04 24.48
C GLY G 36 -7.99 -11.72 23.87
N ARG G 37 -9.16 -11.24 24.30
CA ARG G 37 -9.69 -9.97 23.80
C ARG G 37 -10.28 -9.12 24.94
N GLU G 38 -9.64 -9.19 26.11
CA GLU G 38 -10.09 -8.45 27.29
C GLU G 38 -9.88 -6.96 27.19
N GLY G 39 -9.32 -6.50 26.07
CA GLY G 39 -8.95 -5.10 25.96
C GLY G 39 -10.07 -4.13 26.25
N ALA G 40 -11.18 -4.28 25.53
CA ALA G 40 -12.31 -3.37 25.68
C ALA G 40 -12.81 -3.31 27.11
N ALA G 41 -12.93 -4.47 27.75
CA ALA G 41 -13.29 -4.53 29.16
C ALA G 41 -12.31 -3.70 29.99
N GLY G 42 -11.03 -3.83 29.67
CA GLY G 42 -10.02 -3.05 30.36
C GLY G 42 -10.19 -1.57 30.15
N ASP G 43 -10.50 -1.17 28.92
CA ASP G 43 -10.69 0.25 28.64
C ASP G 43 -11.86 0.79 29.46
N TYR G 44 -12.90 -0.01 29.60
CA TYR G 44 -14.05 0.40 30.39
C TYR G 44 -13.64 0.62 31.85
N VAL G 45 -12.96 -0.35 32.44
CA VAL G 45 -12.58 -0.22 33.83
C VAL G 45 -11.63 0.96 34.02
N TYR G 46 -10.75 1.20 33.07
CA TYR G 46 -9.83 2.33 33.19
C TYR G 46 -10.56 3.66 33.19
N GLU G 47 -11.52 3.82 32.30
CA GLU G 47 -12.26 5.06 32.23
C GLU G 47 -13.14 5.22 33.46
N TRP G 48 -13.76 4.13 33.89
CA TRP G 48 -14.57 4.11 35.10
C TRP G 48 -13.72 4.53 36.30
N MET G 49 -12.55 3.94 36.42
CA MET G 49 -11.65 4.31 37.50
C MET G 49 -11.21 5.76 37.32
N ALA G 50 -11.04 6.19 36.09
CA ALA G 50 -10.56 7.55 35.87
C ALA G 50 -11.64 8.56 36.25
N ARG G 51 -12.88 8.30 35.84
CA ARG G 51 -14.00 9.15 36.20
C ARG G 51 -14.09 9.33 37.69
N ASN G 52 -13.85 8.26 38.42
CA ASN G 52 -14.04 8.25 39.86
C ASN G 52 -12.80 8.69 40.64
N GLY G 53 -11.76 9.07 39.93
CA GLY G 53 -10.60 9.67 40.56
C GLY G 53 -9.63 8.72 41.23
N PHE G 54 -9.60 7.46 40.79
CA PHE G 54 -8.71 6.47 41.37
C PHE G 54 -7.36 6.39 40.67
N GLY G 55 -7.13 7.28 39.70
CA GLY G 55 -5.84 7.40 39.02
C GLY G 55 -5.30 6.09 38.47
N PRO G 56 -6.06 5.47 37.56
CA PRO G 56 -5.75 4.14 37.00
C PRO G 56 -4.53 4.16 36.11
N GLU G 57 -3.85 3.03 36.01
CA GLU G 57 -2.80 2.92 35.01
C GLU G 57 -2.96 1.57 34.34
N ARG G 58 -2.67 1.53 33.04
CA ARG G 58 -2.67 0.30 32.29
C ARG G 58 -1.31 -0.33 32.50
N VAL G 59 -1.32 -1.55 32.99
CA VAL G 59 -0.11 -2.30 33.30
C VAL G 59 -0.24 -3.62 32.55
N GLY G 60 0.47 -3.74 31.44
CA GLY G 60 0.23 -4.83 30.54
C GLY G 60 1.41 -5.21 29.68
N VAL G 61 1.41 -6.45 29.24
CA VAL G 61 2.42 -6.93 28.34
C VAL G 61 2.10 -6.51 26.92
N PHE G 62 0.82 -6.36 26.61
CA PHE G 62 0.37 -5.92 25.30
C PHE G 62 -0.47 -4.66 25.43
N ASP G 63 -0.53 -3.86 24.37
CA ASP G 63 -1.29 -2.64 24.47
C ASP G 63 -2.79 -2.93 24.40
N ASP G 64 -3.19 -4.12 23.97
CA ASP G 64 -4.62 -4.43 23.96
C ASP G 64 -5.00 -5.56 24.91
N ARG G 65 -4.06 -5.97 25.76
CA ARG G 65 -4.36 -6.96 26.79
C ARG G 65 -3.59 -6.59 28.04
N PHE G 66 -4.26 -5.90 28.94
CA PHE G 66 -3.57 -5.28 30.05
C PHE G 66 -4.35 -5.39 31.34
N ASN G 67 -3.65 -5.15 32.44
CA ASN G 67 -4.26 -5.03 33.73
C ASN G 67 -4.53 -3.55 34.00
N VAL G 68 -5.52 -3.27 34.84
CA VAL G 68 -5.80 -1.90 35.21
C VAL G 68 -5.64 -1.75 36.71
N VAL G 69 -4.75 -0.86 37.12
CA VAL G 69 -4.46 -0.72 38.53
C VAL G 69 -4.70 0.70 38.95
N GLY G 70 -5.57 0.90 39.92
CA GLY G 70 -5.78 2.21 40.50
C GLY G 70 -5.71 2.13 42.01
N ARG G 71 -5.96 3.24 42.70
CA ARG G 71 -6.03 3.16 44.14
C ARG G 71 -6.65 4.37 44.82
N LEU G 72 -7.34 4.08 45.90
CA LEU G 72 -7.79 5.06 46.87
C LEU G 72 -6.67 5.28 47.87
N ARG G 73 -5.99 6.41 47.78
CA ARG G 73 -4.81 6.62 48.60
C ARG G 73 -5.22 6.88 50.04
N GLY G 74 -4.40 6.42 50.98
CA GLY G 74 -4.70 6.54 52.39
C GLY G 74 -4.08 7.80 52.98
N THR G 75 -4.41 8.10 54.23
CA THR G 75 -3.87 9.30 54.86
C THR G 75 -2.44 9.05 55.31
N GLY G 76 -2.10 7.78 55.55
CA GLY G 76 -0.74 7.41 55.89
C GLY G 76 -0.65 6.49 57.09
N GLY G 77 0.37 5.64 57.08
CA GLY G 77 0.69 4.80 58.21
C GLY G 77 -0.21 3.59 58.41
N GLY G 78 -0.93 3.18 57.36
CA GLY G 78 -1.80 2.03 57.46
C GLY G 78 -1.42 0.88 56.54
N ALA G 79 -1.99 -0.30 56.79
CA ALA G 79 -1.83 -1.44 55.91
C ALA G 79 -2.60 -1.18 54.63
N SER G 80 -2.13 -1.72 53.52
CA SER G 80 -2.80 -1.53 52.25
C SER G 80 -3.51 -2.82 51.88
N LEU G 81 -4.66 -2.68 51.23
CA LEU G 81 -5.45 -3.82 50.81
C LEU G 81 -5.72 -3.75 49.32
N SER G 82 -5.43 -4.84 48.60
CA SER G 82 -5.83 -4.93 47.20
C SER G 82 -7.18 -5.59 47.08
N PHE G 83 -8.01 -5.08 46.17
CA PHE G 83 -9.16 -5.83 45.67
C PHE G 83 -8.87 -6.28 44.26
N ASN G 84 -9.16 -7.53 43.96
CA ASN G 84 -8.80 -8.08 42.67
C ASN G 84 -9.92 -8.93 42.05
N SER G 85 -10.27 -8.62 40.80
CA SER G 85 -11.10 -9.51 40.00
C SER G 85 -10.59 -9.44 38.57
N HIS G 86 -11.00 -10.38 37.73
CA HIS G 86 -10.42 -10.45 36.41
C HIS G 86 -11.35 -9.93 35.30
N LEU G 87 -10.73 -9.45 34.23
CA LEU G 87 -11.44 -8.84 33.12
C LEU G 87 -11.91 -9.83 32.05
N ASP G 88 -11.33 -11.01 32.02
CA ASP G 88 -11.64 -11.92 30.94
C ASP G 88 -12.76 -12.88 31.31
N THR G 89 -13.49 -13.35 30.30
CA THR G 89 -14.59 -14.29 30.52
C THR G 89 -14.36 -15.59 29.76
N ILE G 90 -15.25 -16.56 29.95
CA ILE G 90 -14.99 -17.93 29.52
C ILE G 90 -15.27 -18.21 28.03
N MET G 91 -16.38 -17.69 27.51
CA MET G 91 -16.81 -18.07 26.16
C MET G 91 -16.50 -17.06 25.08
N ALA G 92 -15.82 -17.55 24.04
CA ALA G 92 -15.75 -16.84 22.78
C ALA G 92 -16.89 -17.38 21.89
N ARG G 93 -17.35 -16.59 20.93
CA ARG G 93 -18.42 -17.08 20.07
C ARG G 93 -17.87 -18.14 19.13
N GLU G 94 -16.56 -18.23 19.08
CA GLU G 94 -15.85 -19.26 18.32
C GLU G 94 -15.66 -20.53 19.14
N ASP G 95 -16.52 -20.74 20.14
CA ASP G 95 -16.31 -21.85 21.07
C ASP G 95 -17.21 -23.04 20.80
N THR G 96 -17.51 -23.28 19.53
CA THR G 96 -18.36 -24.38 19.14
C THR G 96 -17.69 -25.74 19.30
N ALA G 97 -16.38 -25.75 19.53
CA ALA G 97 -15.65 -27.00 19.66
C ALA G 97 -15.68 -27.52 21.10
N ARG G 98 -16.22 -26.72 22.02
CA ARG G 98 -16.25 -27.11 23.43
C ARG G 98 -17.68 -27.35 23.93
N PHE G 99 -18.59 -26.44 23.61
CA PHE G 99 -19.97 -26.55 24.05
C PHE G 99 -20.91 -26.68 22.87
N ALA G 100 -21.89 -27.56 23.00
CA ALA G 100 -22.89 -27.75 21.95
C ALA G 100 -23.80 -26.53 21.83
N ASP G 101 -23.85 -25.73 22.89
CA ASP G 101 -24.70 -24.55 22.94
C ASP G 101 -23.87 -23.26 23.00
N ALA G 102 -22.78 -23.24 22.25
CA ALA G 102 -21.74 -22.23 22.40
C ALA G 102 -22.17 -20.81 22.03
N ASN G 103 -23.48 -20.61 21.83
CA ASN G 103 -23.97 -19.30 21.41
C ASN G 103 -25.20 -18.82 22.16
N ASP G 104 -25.70 -19.62 23.09
CA ASP G 104 -26.83 -19.20 23.92
C ASP G 104 -26.53 -17.89 24.65
N ARG G 105 -27.54 -17.03 24.73
CA ARG G 105 -27.39 -15.66 25.26
C ARG G 105 -26.63 -15.55 26.57
N ILE G 106 -26.83 -16.53 27.45
CA ILE G 106 -26.27 -16.50 28.79
C ILE G 106 -24.75 -16.42 28.74
N TYR G 107 -24.15 -17.11 27.79
CA TYR G 107 -22.71 -17.12 27.63
C TYR G 107 -22.15 -15.77 27.23
N HIS G 108 -22.95 -14.97 26.55
CA HIS G 108 -22.40 -13.81 25.83
C HIS G 108 -23.04 -12.48 26.19
N GLU G 109 -24.02 -12.49 27.09
CA GLU G 109 -24.67 -11.23 27.43
C GLU G 109 -24.92 -11.09 28.92
N ALA G 110 -25.37 -9.90 29.32
CA ALA G 110 -25.76 -9.65 30.71
C ALA G 110 -26.88 -8.62 30.78
N TRP G 111 -27.86 -8.86 31.66
CA TRP G 111 -29.02 -7.96 31.74
C TRP G 111 -29.58 -7.82 33.16
N HIS G 112 -30.34 -6.76 33.41
CA HIS G 112 -30.99 -6.55 34.69
C HIS G 112 -32.46 -6.99 34.67
N GLU G 113 -32.86 -7.82 35.62
CA GLU G 113 -34.23 -8.33 35.62
C GLU G 113 -34.99 -8.04 36.93
N GLU G 114 -35.28 -9.09 37.70
CA GLU G 114 -36.12 -8.96 38.89
C GLU G 114 -35.49 -8.10 39.99
N GLY G 115 -34.27 -7.64 39.75
CA GLY G 115 -33.41 -7.15 40.80
C GLY G 115 -32.29 -8.17 40.80
N ARG G 116 -32.15 -8.82 39.66
CA ARG G 116 -31.12 -9.82 39.44
C ARG G 116 -30.23 -9.44 38.27
N ILE G 117 -29.16 -10.18 38.09
CA ILE G 117 -28.29 -10.03 36.94
C ILE G 117 -27.94 -11.42 36.44
N TYR G 118 -28.29 -11.70 35.19
CA TYR G 118 -27.94 -12.98 34.59
C TYR G 118 -26.70 -12.79 33.73
N GLY G 119 -26.05 -13.90 33.38
CA GLY G 119 -24.91 -13.87 32.49
C GLY G 119 -23.68 -14.48 33.11
N TYR G 120 -23.14 -15.51 32.47
CA TYR G 120 -21.91 -16.14 32.93
C TYR G 120 -20.83 -15.11 33.20
N SER G 121 -20.83 -14.04 32.41
CA SER G 121 -19.78 -13.04 32.49
C SER G 121 -19.98 -12.13 33.70
N VAL G 122 -21.18 -12.12 34.25
CA VAL G 122 -21.40 -11.39 35.49
C VAL G 122 -20.94 -12.25 36.65
N VAL G 123 -21.33 -13.52 36.62
CA VAL G 123 -20.89 -14.48 37.60
C VAL G 123 -19.37 -14.56 37.61
N ASN G 124 -18.76 -14.42 36.44
CA ASN G 124 -17.34 -14.67 36.28
C ASN G 124 -16.75 -13.79 35.20
N CYS G 125 -16.38 -12.57 35.54
CA CYS G 125 -16.27 -12.14 36.93
C CYS G 125 -16.58 -10.65 37.06
N LYS G 126 -17.48 -10.14 36.22
CA LYS G 126 -17.76 -8.72 36.24
C LYS G 126 -18.64 -8.30 37.42
N GLY G 127 -19.42 -9.24 37.94
CA GLY G 127 -20.26 -8.92 39.09
C GLY G 127 -19.43 -8.62 40.32
N PRO G 128 -18.61 -9.58 40.75
CA PRO G 128 -17.76 -9.35 41.93
C PRO G 128 -16.89 -8.13 41.74
N MET G 129 -16.44 -7.89 40.50
CA MET G 129 -15.67 -6.68 40.20
C MET G 129 -16.47 -5.40 40.46
N ALA G 130 -17.71 -5.36 39.98
CA ALA G 130 -18.56 -4.20 40.21
C ALA G 130 -18.68 -3.93 41.72
N CYS G 131 -18.80 -5.01 42.49
CA CYS G 131 -18.97 -4.90 43.92
C CYS G 131 -17.87 -4.08 44.55
N TRP G 132 -16.62 -4.39 44.25
CA TRP G 132 -15.56 -3.66 44.93
C TRP G 132 -15.25 -2.34 44.24
N LEU G 133 -15.56 -2.25 42.95
CA LEU G 133 -15.47 -0.95 42.31
C LEU G 133 -16.39 0.00 43.07
N ILE G 134 -17.61 -0.45 43.31
CA ILE G 134 -18.59 0.38 44.01
C ILE G 134 -18.15 0.61 45.45
N ALA G 135 -17.68 -0.45 46.10
CA ALA G 135 -17.20 -0.37 47.46
C ALA G 135 -16.13 0.71 47.59
N ALA G 136 -15.26 0.80 46.59
CA ALA G 136 -14.22 1.81 46.61
C ALA G 136 -14.86 3.18 46.44
N LYS G 137 -15.83 3.22 45.54
CA LYS G 137 -16.58 4.42 45.22
C LYS G 137 -17.20 4.99 46.50
N ALA G 138 -17.89 4.14 47.25
CA ALA G 138 -18.52 4.53 48.50
C ALA G 138 -17.50 5.08 49.49
N LEU G 139 -16.42 4.33 49.70
CA LEU G 139 -15.41 4.72 50.66
C LEU G 139 -14.87 6.08 50.32
N LYS G 140 -14.68 6.34 49.03
CA LYS G 140 -14.06 7.58 48.61
C LYS G 140 -14.97 8.77 48.88
N GLU G 141 -16.24 8.62 48.54
CA GLU G 141 -17.15 9.75 48.58
C GLU G 141 -17.65 9.98 50.00
N ALA G 142 -17.94 8.91 50.71
CA ALA G 142 -18.34 9.01 52.10
C ALA G 142 -17.18 9.48 52.97
N GLY G 143 -16.07 9.80 52.33
CA GLY G 143 -14.91 10.37 53.00
C GLY G 143 -14.29 9.51 54.09
N ALA G 144 -14.61 8.22 54.08
CA ALA G 144 -14.14 7.28 55.10
C ALA G 144 -12.65 7.46 55.38
N ALA G 145 -12.29 7.35 56.65
CA ALA G 145 -10.91 7.54 57.06
C ALA G 145 -10.15 6.24 56.90
N LEU G 146 -9.08 6.28 56.13
CA LEU G 146 -8.26 5.10 55.95
C LEU G 146 -6.81 5.51 55.96
N LYS G 147 -6.03 4.88 56.82
CA LYS G 147 -4.62 5.20 56.84
C LYS G 147 -3.91 4.55 55.66
N GLY G 148 -4.23 3.30 55.38
CA GLY G 148 -3.57 2.56 54.30
C GLY G 148 -4.28 2.73 52.97
N ASP G 149 -3.61 2.38 51.88
CA ASP G 149 -4.22 2.48 50.55
C ASP G 149 -5.15 1.33 50.25
N VAL G 150 -6.17 1.57 49.44
CA VAL G 150 -6.87 0.46 48.81
C VAL G 150 -6.36 0.41 47.40
N VAL G 151 -5.86 -0.75 46.99
CA VAL G 151 -5.36 -0.90 45.64
C VAL G 151 -6.40 -1.62 44.81
N LEU G 152 -6.68 -1.07 43.64
CA LEU G 152 -7.78 -1.56 42.81
C LEU G 152 -7.22 -2.25 41.59
N THR G 153 -7.32 -3.57 41.57
CA THR G 153 -6.59 -4.36 40.58
C THR G 153 -7.48 -5.23 39.72
N ALA G 154 -7.70 -4.76 38.49
CA ALA G 154 -8.52 -5.46 37.52
C ALA G 154 -7.58 -6.08 36.49
N VAL G 155 -7.56 -7.40 36.44
CA VAL G 155 -6.50 -8.08 35.73
C VAL G 155 -7.00 -8.81 34.50
N CYS G 156 -6.16 -8.88 33.47
CA CYS G 156 -6.50 -9.69 32.32
C CYS G 156 -6.05 -11.13 32.56
N GLY G 157 -6.45 -12.03 31.66
CA GLY G 157 -5.88 -13.37 31.60
C GLY G 157 -5.90 -14.26 32.83
N GLU G 158 -6.97 -14.22 33.59
CA GLU G 158 -7.03 -15.08 34.76
C GLU G 158 -7.40 -16.52 34.38
N ILE G 159 -8.18 -16.66 33.31
CA ILE G 159 -8.74 -17.95 32.94
C ILE G 159 -7.67 -18.90 32.42
N ASP G 160 -7.82 -20.18 32.74
CA ASP G 160 -6.76 -21.17 32.55
C ASP G 160 -6.35 -21.49 31.10
N CYS G 161 -6.60 -20.59 30.17
CA CYS G 161 -6.08 -20.74 28.79
C CYS G 161 -4.57 -20.78 28.78
N GLU G 162 -3.97 -21.53 27.86
CA GLU G 162 -2.51 -21.54 27.74
C GLU G 162 -2.06 -21.83 26.34
N PRO G 163 -0.96 -21.19 25.93
CA PRO G 163 -0.30 -21.52 24.67
C PRO G 163 0.20 -22.94 24.70
N VAL G 164 0.19 -23.58 23.55
CA VAL G 164 0.73 -24.91 23.41
C VAL G 164 0.91 -25.18 21.93
N ASP G 165 1.91 -26.00 21.59
CA ASP G 165 2.15 -26.35 20.21
C ASP G 165 2.20 -25.10 19.31
N GLU G 166 1.44 -25.08 18.22
CA GLU G 166 1.47 -23.94 17.28
C GLU G 166 0.66 -22.74 17.75
N PHE G 167 -0.01 -22.87 18.89
CA PHE G 167 -0.82 -21.79 19.42
C PHE G 167 0.00 -21.01 20.45
N GLN G 168 0.65 -19.95 20.00
CA GLN G 168 1.64 -19.25 20.78
C GLN G 168 1.39 -17.76 20.79
N GLY G 169 1.86 -17.10 21.84
CA GLY G 169 1.91 -15.65 21.86
C GLY G 169 0.61 -14.97 22.23
N HIS G 170 0.51 -13.72 21.81
CA HIS G 170 -0.56 -12.78 22.13
C HIS G 170 -1.96 -13.38 22.27
N ASP G 171 -2.40 -14.17 21.30
CA ASP G 171 -3.79 -14.62 21.28
C ASP G 171 -4.09 -15.70 22.32
N TYR G 172 -3.06 -16.34 22.84
CA TYR G 172 -3.27 -17.55 23.62
C TYR G 172 -2.78 -17.45 25.07
N LEU G 173 -1.95 -16.44 25.36
CA LEU G 173 -1.47 -16.23 26.70
C LEU G 173 -2.58 -15.83 27.65
N ALA G 174 -2.36 -16.09 28.93
CA ALA G 174 -3.33 -15.67 29.93
C ALA G 174 -2.67 -15.29 31.26
N GLU G 175 -2.49 -16.26 32.15
CA GLU G 175 -2.10 -15.93 33.52
C GLU G 175 -0.71 -15.32 33.61
N ASP G 176 0.19 -15.65 32.69
CA ASP G 176 1.51 -15.07 32.71
C ASP G 176 1.47 -13.56 32.51
N ILE G 177 0.44 -13.03 31.87
CA ILE G 177 0.36 -11.59 31.63
C ILE G 177 -0.68 -10.94 32.48
N GLY G 178 -1.26 -11.71 33.39
CA GLY G 178 -2.33 -11.22 34.24
C GLY G 178 -1.86 -10.72 35.60
N ALA G 179 -2.50 -11.25 36.64
CA ALA G 179 -2.27 -10.83 38.01
C ALA G 179 -0.81 -10.79 38.41
N ARG G 180 -0.08 -11.87 38.17
CA ARG G 180 1.29 -11.91 38.61
C ARG G 180 2.08 -10.79 37.95
N TYR G 181 1.77 -10.50 36.70
CA TYR G 181 2.45 -9.41 36.00
C TYR G 181 2.13 -8.10 36.67
N ALA G 182 0.87 -7.87 36.99
CA ALA G 182 0.49 -6.60 37.58
C ALA G 182 1.16 -6.42 38.94
N ILE G 183 1.21 -7.49 39.72
CA ILE G 183 1.80 -7.41 41.05
C ILE G 183 3.31 -7.17 40.93
N SER G 184 3.93 -7.96 40.08
CA SER G 184 5.36 -7.86 39.88
C SER G 184 5.76 -6.50 39.36
N HIS G 185 4.81 -5.75 38.83
CA HIS G 185 5.14 -4.45 38.31
C HIS G 185 4.47 -3.34 39.07
N GLY G 186 4.26 -3.57 40.37
CA GLY G 186 3.93 -2.46 41.24
C GLY G 186 2.65 -2.58 42.05
N ALA G 187 1.77 -3.48 41.64
CA ALA G 187 0.47 -3.58 42.28
C ALA G 187 0.55 -4.37 43.59
N ILE G 188 1.46 -3.96 44.47
CA ILE G 188 1.71 -4.69 45.69
C ILE G 188 0.95 -4.06 46.84
N SER G 189 0.72 -4.85 47.88
CA SER G 189 0.01 -4.39 49.05
C SER G 189 0.25 -5.37 50.19
N ASP G 190 -0.16 -5.00 51.39
CA ASP G 190 0.03 -5.87 52.54
C ASP G 190 -0.87 -7.09 52.44
N TYR G 191 -2.11 -6.88 51.99
CA TYR G 191 -3.05 -7.98 51.83
C TYR G 191 -3.83 -7.87 50.54
N ALA G 192 -4.46 -8.96 50.12
CA ALA G 192 -5.23 -8.92 48.89
C ALA G 192 -6.45 -9.78 49.01
N LEU G 193 -7.59 -9.20 48.66
CA LEU G 193 -8.83 -9.96 48.63
C LEU G 193 -9.22 -10.20 47.18
N VAL G 194 -9.32 -11.46 46.82
CA VAL G 194 -9.69 -11.77 45.45
C VAL G 194 -11.21 -11.98 45.39
N ALA G 195 -11.89 -11.10 44.67
CA ALA G 195 -13.35 -11.09 44.58
C ALA G 195 -13.81 -12.02 43.48
N GLU G 196 -14.32 -13.17 43.86
CA GLU G 196 -14.89 -14.13 42.92
C GLU G 196 -16.17 -14.65 43.56
N ALA G 197 -16.97 -15.39 42.78
CA ALA G 197 -18.21 -15.90 43.32
C ALA G 197 -17.98 -17.18 44.13
N THR G 198 -17.57 -17.00 45.39
CA THR G 198 -17.71 -18.03 46.39
C THR G 198 -19.09 -17.78 46.92
N ASN G 199 -19.58 -18.56 47.86
CA ASN G 199 -20.90 -18.17 48.35
C ASN G 199 -20.73 -17.53 49.72
N PHE G 200 -20.18 -16.33 49.72
CA PHE G 200 -19.71 -15.70 50.95
C PHE G 200 -18.90 -16.69 51.78
N LYS G 201 -18.23 -17.61 51.12
CA LYS G 201 -17.34 -18.53 51.81
C LYS G 201 -15.92 -18.20 51.44
N PRO G 202 -15.10 -17.82 52.42
CA PRO G 202 -13.73 -17.44 52.11
C PRO G 202 -12.83 -18.64 51.94
N ALA G 203 -11.97 -18.60 50.93
CA ALA G 203 -10.98 -19.64 50.75
C ALA G 203 -9.59 -19.02 50.71
N TRP G 204 -8.60 -19.68 51.30
CA TRP G 204 -7.26 -19.16 51.21
C TRP G 204 -6.25 -20.30 50.98
N VAL G 205 -6.72 -21.37 50.34
CA VAL G 205 -5.85 -22.32 49.66
C VAL G 205 -6.40 -22.59 48.26
N GLU G 206 -5.52 -22.78 47.29
CA GLU G 206 -5.97 -23.12 45.95
C GLU G 206 -5.03 -24.14 45.40
N ALA G 207 -5.40 -24.74 44.28
CA ALA G 207 -4.57 -25.75 43.68
C ALA G 207 -3.58 -25.15 42.71
N GLY G 208 -2.56 -25.93 42.41
CA GLY G 208 -1.67 -25.62 41.32
C GLY G 208 -2.18 -26.45 40.17
N LYS G 209 -1.38 -26.60 39.14
CA LYS G 209 -1.77 -27.42 38.00
C LYS G 209 -0.58 -27.80 37.17
N VAL G 210 -0.67 -28.97 36.56
CA VAL G 210 0.26 -29.34 35.52
C VAL G 210 -0.55 -29.81 34.31
N PHE G 211 -0.29 -29.21 33.15
CA PHE G 211 -0.89 -29.64 31.91
C PHE G 211 0.07 -30.59 31.18
N LEU G 212 -0.43 -31.75 30.78
CA LEU G 212 0.39 -32.73 30.09
C LEU G 212 -0.10 -32.95 28.67
N LYS G 213 0.81 -32.90 27.72
CA LYS G 213 0.49 -33.36 26.39
C LYS G 213 0.96 -34.80 26.29
N VAL G 214 0.02 -35.73 26.09
CA VAL G 214 0.38 -37.13 25.98
C VAL G 214 0.20 -37.60 24.54
N THR G 215 1.31 -37.88 23.89
CA THR G 215 1.29 -38.28 22.49
C THR G 215 1.66 -39.74 22.34
N VAL G 216 0.71 -40.54 21.88
CA VAL G 216 0.94 -41.95 21.63
C VAL G 216 1.47 -42.19 20.23
N PHE G 217 2.43 -43.09 20.10
CA PHE G 217 2.98 -43.41 18.80
C PHE G 217 2.54 -44.79 18.34
N ALA G 218 2.35 -44.91 17.03
CA ALA G 218 1.97 -46.17 16.41
C ALA G 218 2.55 -46.22 15.03
N GLY G 219 1.74 -46.47 14.02
CA GLY G 219 2.23 -46.57 12.67
C GLY G 219 2.74 -47.96 12.38
N PRO G 220 3.24 -48.18 11.17
CA PRO G 220 3.31 -47.17 10.11
C PRO G 220 1.97 -46.88 9.46
N SER G 221 1.80 -45.64 9.02
CA SER G 221 0.59 -45.21 8.36
C SER G 221 0.42 -45.96 7.06
N ARG G 222 -0.82 -46.24 6.69
CA ARG G 222 -1.10 -46.82 5.37
C ARG G 222 -2.32 -46.17 4.74
N TYR G 223 -2.28 -46.01 3.43
CA TYR G 223 -3.45 -45.71 2.64
C TYR G 223 -4.57 -46.69 3.01
N THR G 224 -5.79 -46.17 3.22
CA THR G 224 -6.90 -46.99 3.72
C THR G 224 -7.02 -48.38 3.07
N PRO G 225 -6.94 -48.45 1.73
CA PRO G 225 -7.06 -49.78 1.11
C PRO G 225 -5.98 -50.78 1.52
N TYR G 226 -4.94 -50.34 2.21
CA TYR G 226 -3.88 -51.24 2.65
C TYR G 226 -3.87 -51.47 4.17
N VAL G 227 -4.85 -50.95 4.89
CA VAL G 227 -4.78 -51.08 6.34
C VAL G 227 -4.91 -52.53 6.77
N PRO G 228 -4.03 -52.97 7.67
CA PRO G 228 -4.05 -54.34 8.20
C PRO G 228 -5.17 -54.54 9.21
N ARG G 229 -5.97 -55.58 9.05
CA ARG G 229 -7.05 -55.96 9.97
C ARG G 229 -7.20 -57.48 9.95
N PRO G 230 -7.64 -58.08 11.05
CA PRO G 230 -7.86 -57.42 12.34
C PRO G 230 -6.56 -57.32 13.13
N VAL G 231 -6.46 -56.27 13.93
CA VAL G 231 -5.33 -56.07 14.81
C VAL G 231 -5.87 -55.66 16.16
N ALA G 232 -5.27 -56.18 17.23
CA ALA G 232 -5.71 -55.84 18.58
C ALA G 232 -5.52 -54.36 18.84
N ALA G 233 -6.46 -53.73 19.54
CA ALA G 233 -6.44 -52.27 19.69
C ALA G 233 -5.08 -51.73 20.12
N LEU G 234 -4.51 -52.28 21.19
CA LEU G 234 -3.23 -51.76 21.70
C LEU G 234 -2.11 -51.88 20.69
N ASP G 235 -2.29 -52.76 19.71
CA ASP G 235 -1.30 -52.99 18.69
C ASP G 235 -1.63 -52.30 17.37
N SER G 236 -2.78 -51.63 17.29
CA SER G 236 -3.19 -50.99 16.05
C SER G 236 -2.12 -50.05 15.50
N PRO G 237 -1.90 -50.09 14.18
CA PRO G 237 -1.00 -49.08 13.60
C PRO G 237 -1.62 -47.67 13.66
N ASN G 238 -2.93 -47.58 13.89
CA ASN G 238 -3.61 -46.29 14.00
C ASN G 238 -3.45 -45.74 15.43
N ALA G 239 -2.68 -44.66 15.57
CA ALA G 239 -2.42 -44.08 16.89
C ALA G 239 -3.71 -43.67 17.60
N ILE G 240 -4.73 -43.33 16.81
CA ILE G 240 -6.03 -42.98 17.37
C ILE G 240 -6.66 -44.17 18.09
N VAL G 241 -6.53 -45.35 17.51
CA VAL G 241 -7.09 -46.54 18.11
C VAL G 241 -6.34 -46.86 19.42
N ARG G 242 -5.01 -46.79 19.40
CA ARG G 242 -4.25 -46.99 20.62
C ARG G 242 -4.62 -45.98 21.67
N MET G 243 -4.79 -44.73 21.25
CA MET G 243 -5.07 -43.67 22.19
C MET G 243 -6.41 -43.89 22.89
N ALA G 244 -7.37 -44.45 22.17
CA ALA G 244 -8.67 -44.76 22.76
C ALA G 244 -8.54 -45.70 23.97
N LYS G 245 -7.59 -46.61 23.89
CA LYS G 245 -7.34 -47.51 24.99
C LYS G 245 -6.69 -46.76 26.14
N LEU G 246 -5.71 -45.92 25.82
CA LEU G 246 -5.02 -45.16 26.84
C LEU G 246 -5.97 -44.23 27.58
N VAL G 247 -6.95 -43.68 26.87
CA VAL G 247 -7.90 -42.78 27.50
C VAL G 247 -8.65 -43.49 28.61
N GLU G 248 -8.98 -44.75 28.39
CA GLU G 248 -9.64 -45.58 29.39
C GLU G 248 -8.83 -45.67 30.66
N ALA G 249 -7.55 -46.04 30.51
CA ALA G 249 -6.68 -46.23 31.67
C ALA G 249 -6.47 -44.92 32.41
N LEU G 250 -6.36 -43.83 31.66
CA LEU G 250 -6.11 -42.54 32.28
C LEU G 250 -7.33 -42.08 33.03
N GLU G 251 -8.50 -42.43 32.54
CA GLU G 251 -9.71 -42.08 33.28
C GLU G 251 -9.73 -42.84 34.60
N GLU G 252 -9.28 -44.09 34.57
CA GLU G 252 -9.24 -44.90 35.79
C GLU G 252 -8.26 -44.27 36.78
N TRP G 253 -7.08 -43.94 36.28
CA TRP G 253 -6.08 -43.24 37.09
C TRP G 253 -6.62 -41.94 37.67
N ALA G 254 -7.31 -41.15 36.85
CA ALA G 254 -7.85 -39.88 37.31
C ALA G 254 -8.83 -40.09 38.46
N ASP G 255 -9.59 -41.18 38.41
CA ASP G 255 -10.58 -41.47 39.44
C ASP G 255 -9.91 -41.64 40.80
N ASN G 256 -8.77 -42.32 40.81
CA ASN G 256 -8.02 -42.57 42.02
C ASN G 256 -7.14 -41.40 42.42
N TYR G 257 -6.61 -40.69 41.43
CA TYR G 257 -5.74 -39.58 41.70
C TYR G 257 -6.39 -38.58 42.65
N GLU G 258 -7.64 -38.22 42.40
CA GLU G 258 -8.24 -37.22 43.24
C GLU G 258 -8.43 -37.74 44.68
N LYS G 259 -8.56 -39.06 44.83
CA LYS G 259 -8.64 -39.66 46.16
C LYS G 259 -7.30 -39.58 46.86
N ARG G 260 -6.29 -40.10 46.18
CA ARG G 260 -4.97 -40.22 46.76
C ARG G 260 -4.32 -38.88 47.10
N TYR G 261 -4.73 -37.81 46.42
CA TYR G 261 -4.07 -36.52 46.65
C TYR G 261 -4.98 -35.52 47.31
N THR G 262 -6.13 -35.97 47.77
CA THR G 262 -6.95 -35.07 48.56
C THR G 262 -6.17 -34.69 49.82
N ARG G 263 -6.32 -33.47 50.27
CA ARG G 263 -5.49 -33.00 51.37
C ARG G 263 -6.15 -31.83 52.06
N GLU G 264 -6.21 -31.89 53.38
CA GLU G 264 -6.87 -30.86 54.15
C GLU G 264 -5.90 -29.79 54.56
N TYR G 265 -6.30 -28.54 54.37
CA TYR G 265 -5.51 -27.39 54.76
C TYR G 265 -6.37 -26.53 55.64
N GLY G 266 -5.76 -25.67 56.45
CA GLY G 266 -6.53 -24.73 57.22
C GLY G 266 -7.47 -23.93 56.34
N GLY G 267 -7.00 -23.58 55.16
CA GLY G 267 -7.71 -22.64 54.31
C GLY G 267 -8.73 -23.29 53.40
N GLY G 268 -8.88 -24.60 53.53
CA GLY G 268 -9.77 -25.36 52.68
C GLY G 268 -9.28 -26.79 52.48
N THR G 269 -10.16 -27.65 52.00
CA THR G 269 -9.77 -29.02 51.69
C THR G 269 -9.58 -29.16 50.20
N VAL G 270 -8.38 -29.51 49.76
CA VAL G 270 -8.08 -29.54 48.34
C VAL G 270 -8.34 -30.91 47.76
N VAL G 271 -9.26 -30.98 46.80
CA VAL G 271 -9.52 -32.19 46.04
C VAL G 271 -9.09 -31.95 44.60
N PRO G 272 -7.88 -32.39 44.27
CA PRO G 272 -7.29 -32.09 42.99
C PRO G 272 -7.77 -33.07 41.93
N LYS G 273 -8.40 -32.54 40.89
CA LYS G 273 -9.02 -33.37 39.89
C LYS G 273 -8.27 -33.34 38.57
N VAL G 274 -8.63 -34.28 37.70
CA VAL G 274 -8.01 -34.53 36.42
C VAL G 274 -9.08 -34.58 35.34
N ALA G 275 -8.82 -33.98 34.19
CA ALA G 275 -9.73 -34.07 33.05
C ALA G 275 -8.95 -34.05 31.74
N ILE G 276 -9.46 -34.73 30.73
CA ILE G 276 -8.86 -34.69 29.41
C ILE G 276 -9.61 -33.64 28.59
N GLY G 277 -8.97 -32.49 28.37
CA GLY G 277 -9.61 -31.34 27.79
C GLY G 277 -9.55 -31.27 26.27
N ALA G 278 -8.66 -32.04 25.64
CA ALA G 278 -8.65 -32.04 24.19
C ALA G 278 -7.94 -33.22 23.63
N ILE G 279 -8.30 -33.56 22.41
CA ILE G 279 -7.64 -34.63 21.71
C ILE G 279 -7.53 -34.25 20.25
N ARG G 280 -6.45 -34.65 19.63
CA ARG G 280 -6.36 -34.52 18.20
C ARG G 280 -5.35 -35.50 17.62
N GLY G 281 -5.67 -36.02 16.45
CA GLY G 281 -4.80 -36.93 15.73
C GLY G 281 -5.18 -36.83 14.26
N GLY G 282 -4.18 -36.74 13.40
CA GLY G 282 -4.44 -36.55 11.99
C GLY G 282 -5.02 -35.16 11.76
N VAL G 283 -5.38 -34.86 10.53
CA VAL G 283 -6.14 -33.66 10.26
C VAL G 283 -7.36 -34.02 9.43
N PRO G 284 -8.48 -33.36 9.71
CA PRO G 284 -9.79 -33.62 9.13
C PRO G 284 -9.80 -33.55 7.61
N TYR G 285 -8.92 -32.74 7.04
CA TYR G 285 -8.97 -32.52 5.61
C TYR G 285 -8.08 -33.47 4.81
N LYS G 286 -7.35 -34.37 5.49
CA LYS G 286 -6.63 -35.48 4.83
C LYS G 286 -6.77 -36.75 5.65
N ILE G 287 -7.74 -37.60 5.33
CA ILE G 287 -8.04 -38.71 6.22
C ILE G 287 -7.82 -40.07 5.56
N TYR G 288 -7.15 -40.06 4.41
CA TYR G 288 -7.02 -41.29 3.63
C TYR G 288 -5.89 -42.17 4.12
N ALA G 289 -5.09 -41.66 5.06
CA ALA G 289 -4.05 -42.46 5.68
C ALA G 289 -4.04 -42.18 7.18
N PHE G 290 -4.29 -43.20 8.00
CA PHE G 290 -4.47 -42.96 9.42
C PHE G 290 -3.17 -42.42 10.03
N PRO G 291 -3.27 -41.69 11.15
CA PRO G 291 -2.09 -41.01 11.69
C PRO G 291 -1.21 -41.95 12.53
N GLU G 292 0.09 -41.70 12.50
CA GLU G 292 1.05 -42.44 13.30
C GLU G 292 1.18 -41.91 14.72
N LEU G 293 0.53 -40.78 14.99
CA LEU G 293 0.53 -40.21 16.34
C LEU G 293 -0.81 -39.58 16.66
N CYS G 294 -1.11 -39.51 17.94
CA CYS G 294 -2.34 -38.92 18.43
C CYS G 294 -2.08 -38.36 19.82
N SER G 295 -2.62 -37.18 20.09
CA SER G 295 -2.29 -36.46 21.31
C SER G 295 -3.52 -36.06 22.09
N ILE G 296 -3.45 -36.24 23.40
CA ILE G 296 -4.46 -35.67 24.29
C ILE G 296 -3.79 -34.64 25.20
N TYR G 297 -4.58 -33.77 25.79
CA TYR G 297 -4.07 -32.69 26.61
C TYR G 297 -4.77 -32.74 27.94
N MET G 298 -4.01 -33.03 29.00
CA MET G 298 -4.59 -33.26 30.31
C MET G 298 -4.41 -32.08 31.25
N ASP G 299 -5.50 -31.73 31.92
CA ASP G 299 -5.51 -30.77 33.01
C ASP G 299 -5.49 -31.55 34.31
N ILE G 300 -4.36 -31.48 35.02
CA ILE G 300 -4.20 -32.19 36.27
C ILE G 300 -3.95 -31.17 37.37
N ARG G 301 -4.92 -30.98 38.25
CA ARG G 301 -4.74 -30.06 39.35
C ARG G 301 -3.77 -30.65 40.36
N LEU G 302 -3.09 -29.77 41.08
CA LEU G 302 -2.12 -30.18 42.09
C LEU G 302 -2.47 -29.59 43.43
N ASN G 303 -2.42 -30.37 44.51
CA ASN G 303 -2.45 -29.73 45.82
C ASN G 303 -1.11 -29.01 45.94
N PRO G 304 -1.05 -28.03 46.83
CA PRO G 304 0.15 -27.22 47.00
C PRO G 304 1.41 -28.01 47.31
N ASP G 305 1.30 -29.28 47.70
CA ASP G 305 2.49 -30.00 48.12
C ASP G 305 2.93 -31.08 47.16
N THR G 306 2.38 -31.07 45.96
CA THR G 306 2.72 -32.10 44.99
C THR G 306 3.58 -31.56 43.85
N ASN G 307 4.74 -32.19 43.66
CA ASN G 307 5.66 -31.82 42.58
C ASN G 307 5.15 -32.34 41.25
N PRO G 308 5.10 -31.48 40.22
CA PRO G 308 4.50 -31.88 38.95
C PRO G 308 5.18 -33.11 38.34
N LEU G 309 6.46 -33.28 38.65
CA LEU G 309 7.19 -34.41 38.12
C LEU G 309 6.68 -35.73 38.70
N VAL G 310 6.19 -35.70 39.93
CA VAL G 310 5.62 -36.90 40.53
C VAL G 310 4.43 -37.35 39.68
N VAL G 311 3.59 -36.39 39.33
CA VAL G 311 2.41 -36.62 38.51
C VAL G 311 2.78 -37.07 37.10
N GLN G 312 3.74 -36.40 36.49
CA GLN G 312 4.15 -36.82 35.16
C GLN G 312 4.60 -38.27 35.17
N ARG G 313 5.28 -38.66 36.23
CA ARG G 313 5.83 -40.00 36.30
C ARG G 313 4.70 -41.01 36.53
N GLU G 314 3.67 -40.64 37.27
CA GLU G 314 2.51 -41.53 37.38
C GLU G 314 1.82 -41.72 36.03
N VAL G 315 1.62 -40.65 35.28
CA VAL G 315 0.98 -40.78 33.98
C VAL G 315 1.85 -41.65 33.07
N GLU G 316 3.15 -41.45 33.13
CA GLU G 316 4.05 -42.26 32.32
C GLU G 316 3.92 -43.73 32.70
N ALA G 317 3.61 -44.01 33.97
CA ALA G 317 3.50 -45.39 34.42
C ALA G 317 2.25 -46.02 33.83
N VAL G 318 1.17 -45.25 33.77
CA VAL G 318 -0.05 -45.73 33.16
C VAL G 318 0.24 -46.17 31.74
N VAL G 319 0.90 -45.30 30.99
CA VAL G 319 1.27 -45.63 29.62
C VAL G 319 2.08 -46.92 29.54
N SER G 320 3.10 -47.03 30.38
CA SER G 320 4.02 -48.15 30.32
C SER G 320 3.31 -49.46 30.63
N LYS G 321 2.37 -49.41 31.55
CA LYS G 321 1.64 -50.60 31.96
C LYS G 321 0.78 -51.15 30.83
N LEU G 322 0.42 -50.30 29.87
CA LEU G 322 -0.34 -50.75 28.71
C LEU G 322 0.60 -51.22 27.62
N GLY G 323 1.89 -51.05 27.86
CA GLY G 323 2.87 -51.42 26.87
C GLY G 323 2.95 -50.44 25.72
N LEU G 324 2.50 -49.21 25.94
CA LEU G 324 2.47 -48.23 24.86
C LEU G 324 3.68 -47.33 24.85
N LYS G 325 4.02 -46.85 23.66
CA LYS G 325 5.08 -45.89 23.51
C LYS G 325 4.45 -44.52 23.42
N ALA G 326 4.83 -43.61 24.30
CA ALA G 326 4.25 -42.28 24.30
C ALA G 326 5.19 -41.24 24.87
N GLU G 327 4.98 -39.99 24.48
CA GLU G 327 5.68 -38.87 25.08
C GLU G 327 4.72 -38.19 26.05
N VAL G 328 5.11 -38.08 27.32
CA VAL G 328 4.31 -37.34 28.27
C VAL G 328 4.99 -36.02 28.52
N LYS G 329 4.47 -34.95 27.91
CA LYS G 329 5.16 -33.66 27.90
C LYS G 329 4.42 -32.59 28.69
N PRO G 330 5.03 -32.09 29.75
CA PRO G 330 4.38 -30.99 30.47
C PRO G 330 4.44 -29.72 29.65
N PHE G 331 3.35 -28.98 29.54
CA PHE G 331 3.42 -27.70 28.86
C PHE G 331 2.89 -26.59 29.72
N LEU G 332 2.53 -26.91 30.95
CA LEU G 332 2.17 -25.88 31.92
C LEU G 332 2.39 -26.34 33.35
N PHE G 333 2.95 -25.48 34.18
CA PHE G 333 3.09 -25.78 35.60
C PHE G 333 2.97 -24.49 36.38
N ARG G 334 1.99 -24.46 37.29
CA ARG G 334 1.86 -23.41 38.28
C ARG G 334 1.63 -24.03 39.64
N ARG G 335 2.23 -23.43 40.66
CA ARG G 335 2.06 -23.88 42.02
C ARG G 335 0.81 -23.28 42.62
N GLY G 336 0.17 -24.05 43.50
CA GLY G 336 -0.91 -23.54 44.33
C GLY G 336 -0.39 -23.21 45.72
N TYR G 337 -1.09 -22.34 46.44
CA TYR G 337 -0.66 -21.92 47.75
C TYR G 337 -1.79 -21.85 48.77
N GLU G 338 -1.47 -22.20 50.01
CA GLU G 338 -2.27 -21.78 51.16
C GLU G 338 -1.69 -20.47 51.66
N ALA G 339 -2.53 -19.47 51.90
CA ALA G 339 -2.06 -18.19 52.42
C ALA G 339 -1.35 -18.39 53.76
N GLN G 340 -0.27 -17.64 53.98
CA GLN G 340 0.40 -17.59 55.27
C GLN G 340 0.19 -16.22 55.86
N GLY G 341 -0.14 -16.16 57.14
CA GLY G 341 -0.35 -14.89 57.80
C GLY G 341 -1.62 -14.23 57.33
N ILE G 342 -2.62 -15.05 57.04
CA ILE G 342 -3.88 -14.53 56.54
C ILE G 342 -4.71 -13.86 57.63
N GLU G 343 -4.37 -14.13 58.89
CA GLU G 343 -5.27 -13.83 60.00
C GLU G 343 -5.83 -12.41 60.02
N PRO G 344 -5.00 -11.40 59.84
CA PRO G 344 -5.59 -10.05 59.85
C PRO G 344 -6.66 -9.84 58.76
N LEU G 345 -6.44 -10.36 57.56
CA LEU G 345 -7.44 -10.21 56.52
C LEU G 345 -8.64 -11.10 56.85
N GLN G 346 -8.39 -12.35 57.20
CA GLN G 346 -9.43 -13.30 57.55
C GLN G 346 -10.34 -12.76 58.64
N ASN G 347 -9.74 -12.11 59.62
CA ASN G 347 -10.51 -11.56 60.72
C ASN G 347 -11.27 -10.32 60.31
N ALA G 348 -10.62 -9.42 59.59
CA ALA G 348 -11.31 -8.19 59.19
C ALA G 348 -12.49 -8.55 58.31
N LEU G 349 -12.29 -9.53 57.45
CA LEU G 349 -13.37 -10.06 56.62
C LEU G 349 -14.47 -10.70 57.47
N GLU G 350 -14.08 -11.58 58.38
CA GLU G 350 -15.06 -12.32 59.17
C GLU G 350 -15.96 -11.38 59.95
N VAL G 351 -15.36 -10.35 60.51
CA VAL G 351 -16.12 -9.37 61.27
C VAL G 351 -17.12 -8.65 60.38
N ALA G 352 -16.67 -8.15 59.25
CA ALA G 352 -17.57 -7.45 58.34
C ALA G 352 -18.66 -8.40 57.87
N HIS G 353 -18.27 -9.62 57.51
CA HIS G 353 -19.22 -10.60 57.04
C HIS G 353 -20.28 -10.95 58.07
N ARG G 354 -19.85 -11.15 59.32
CA ARG G 354 -20.79 -11.51 60.38
C ARG G 354 -21.81 -10.43 60.55
N GLU G 355 -21.37 -9.17 60.52
CA GLU G 355 -22.31 -8.08 60.59
C GLU G 355 -23.26 -8.13 59.41
N VAL G 356 -22.71 -8.02 58.21
CA VAL G 356 -23.53 -7.87 57.02
C VAL G 356 -24.36 -9.10 56.69
N VAL G 357 -23.74 -10.26 56.56
CA VAL G 357 -24.49 -11.46 56.26
C VAL G 357 -25.22 -12.01 57.49
N GLY G 358 -24.67 -11.78 58.67
CA GLY G 358 -25.36 -12.10 59.91
C GLY G 358 -25.12 -13.47 60.49
N ARG G 359 -24.04 -14.12 60.07
CA ARG G 359 -23.67 -15.40 60.65
C ARG G 359 -22.20 -15.65 60.41
N PRO G 360 -21.62 -16.66 61.08
CA PRO G 360 -20.21 -16.99 60.84
C PRO G 360 -20.01 -17.47 59.42
N THR G 361 -18.85 -17.21 58.83
CA THR G 361 -18.56 -17.71 57.50
C THR G 361 -18.51 -19.23 57.51
N GLU G 362 -18.99 -19.85 56.45
CA GLU G 362 -18.91 -21.31 56.33
C GLU G 362 -17.67 -21.68 55.53
N ARG G 363 -17.04 -22.80 55.86
CA ARG G 363 -15.90 -23.26 55.07
C ARG G 363 -16.38 -23.50 53.64
N PRO G 364 -15.48 -23.31 52.66
CA PRO G 364 -15.92 -23.33 51.27
C PRO G 364 -15.95 -24.76 50.77
N GLY G 365 -16.70 -25.03 49.72
CA GLY G 365 -16.66 -26.35 49.13
C GLY G 365 -15.28 -26.65 48.59
N SER G 366 -14.95 -27.92 48.40
CA SER G 366 -13.65 -28.29 47.88
C SER G 366 -13.28 -27.73 46.51
N PRO G 367 -14.20 -27.76 45.53
CA PRO G 367 -13.90 -27.21 44.21
C PRO G 367 -13.39 -25.78 44.30
N GLU G 368 -14.03 -24.98 45.14
CA GLU G 368 -13.64 -23.58 45.29
C GLU G 368 -12.25 -23.47 45.95
N CYS G 369 -11.75 -24.56 46.50
CA CYS G 369 -10.44 -24.58 47.14
C CYS G 369 -9.45 -25.33 46.29
N SER G 370 -9.90 -25.84 45.15
CA SER G 370 -9.11 -26.79 44.38
C SER G 370 -9.01 -26.37 42.92
N MET G 371 -9.10 -25.07 42.69
CA MET G 371 -9.07 -24.54 41.35
C MET G 371 -7.92 -23.57 41.22
N TRP G 372 -7.91 -22.79 40.13
CA TRP G 372 -6.98 -21.68 40.03
C TRP G 372 -7.70 -20.40 40.43
N ARG G 373 -7.07 -19.60 41.29
CA ARG G 373 -7.55 -18.25 41.58
C ARG G 373 -6.35 -17.35 41.67
N ASP G 374 -6.54 -16.05 41.54
CA ASP G 374 -5.39 -15.15 41.55
C ASP G 374 -4.89 -14.91 42.97
N THR G 375 -5.40 -15.65 43.94
CA THR G 375 -4.82 -15.64 45.27
C THR G 375 -3.45 -16.28 45.18
N ASN G 376 -3.31 -17.24 44.27
CA ASN G 376 -2.05 -17.94 44.11
C ASN G 376 -0.87 -16.98 43.86
N PRO G 377 -0.93 -16.14 42.84
CA PRO G 377 0.19 -15.20 42.63
C PRO G 377 0.39 -14.19 43.77
N TYR G 378 -0.67 -13.73 44.42
CA TYR G 378 -0.50 -12.86 45.59
C TYR G 378 0.25 -13.60 46.69
N ASN G 379 -0.21 -14.79 47.03
CA ASN G 379 0.42 -15.60 48.07
C ASN G 379 1.86 -15.97 47.71
N GLU G 380 2.05 -16.33 46.45
CA GLU G 380 3.39 -16.60 45.94
C GLU G 380 4.34 -15.44 46.21
N LEU G 381 3.83 -14.22 46.03
CA LEU G 381 4.64 -13.03 46.17
C LEU G 381 4.61 -12.45 47.58
N GLY G 382 4.10 -13.22 48.54
CA GLY G 382 4.17 -12.82 49.94
C GLY G 382 3.08 -11.87 50.42
N ILE G 383 1.99 -11.82 49.67
CA ILE G 383 0.86 -10.97 50.01
C ILE G 383 -0.28 -11.90 50.37
N PRO G 384 -0.55 -12.03 51.66
CA PRO G 384 -1.55 -13.00 52.11
C PRO G 384 -2.88 -12.71 51.45
N SER G 385 -3.48 -13.73 50.86
CA SER G 385 -4.64 -13.51 50.03
C SER G 385 -5.67 -14.61 50.15
N LEU G 386 -6.94 -14.22 50.14
CA LEU G 386 -8.05 -15.16 50.19
C LEU G 386 -9.06 -14.75 49.14
N THR G 387 -9.92 -15.67 48.75
CA THR G 387 -10.95 -15.32 47.80
C THR G 387 -12.32 -15.30 48.49
N TYR G 388 -13.15 -14.33 48.13
CA TYR G 388 -14.46 -14.19 48.74
C TYR G 388 -15.35 -13.31 47.90
N GLY G 389 -16.58 -13.75 47.68
CA GLY G 389 -17.59 -12.91 47.05
C GLY G 389 -18.96 -13.57 47.05
N CYS G 390 -19.97 -12.86 46.56
CA CYS G 390 -21.33 -13.39 46.49
C CYS G 390 -21.57 -14.27 45.26
N GLY G 391 -22.15 -15.45 45.46
CA GLY G 391 -22.66 -16.21 44.32
C GLY G 391 -22.33 -17.69 44.24
N GLY G 392 -23.06 -18.42 43.40
CA GLY G 392 -22.72 -19.80 43.11
C GLY G 392 -21.61 -19.85 42.08
N GLY G 393 -20.83 -20.93 42.08
CA GLY G 393 -19.67 -21.02 41.21
C GLY G 393 -19.97 -21.40 39.76
N ALA G 394 -19.60 -20.52 38.84
CA ALA G 394 -19.79 -20.76 37.41
C ALA G 394 -18.85 -21.84 36.89
N GLY G 395 -18.78 -22.97 37.59
CA GLY G 395 -17.76 -23.97 37.31
C GLY G 395 -18.17 -25.38 36.91
N GLY G 396 -19.17 -25.98 37.56
CA GLY G 396 -20.08 -25.28 38.44
C GLY G 396 -21.36 -25.14 37.65
N GLY G 397 -21.76 -23.90 37.37
CA GLY G 397 -22.86 -23.67 36.44
C GLY G 397 -23.91 -22.65 36.84
N ASN G 398 -23.58 -21.72 37.72
CA ASN G 398 -24.55 -20.68 38.08
C ASN G 398 -24.56 -19.58 37.03
N THR G 399 -25.62 -18.79 37.02
CA THR G 399 -25.88 -17.89 35.91
C THR G 399 -26.61 -16.60 36.29
N TYR G 400 -26.67 -16.30 37.59
CA TYR G 400 -27.32 -15.08 38.03
C TYR G 400 -26.81 -14.60 39.39
N PHE G 401 -26.99 -13.31 39.65
CA PHE G 401 -26.60 -12.68 40.91
C PHE G 401 -27.78 -11.94 41.47
N LEU G 402 -28.11 -12.16 42.73
CA LEU G 402 -29.09 -11.31 43.39
C LEU G 402 -28.44 -9.98 43.66
N VAL G 403 -29.07 -8.90 43.23
CA VAL G 403 -28.53 -7.58 43.45
C VAL G 403 -28.30 -7.34 44.93
N ASP G 404 -29.12 -7.97 45.77
CA ASP G 404 -29.02 -7.76 47.20
C ASP G 404 -27.75 -8.38 47.74
N ASP G 405 -27.50 -9.64 47.37
CA ASP G 405 -26.24 -10.31 47.67
C ASP G 405 -25.05 -9.46 47.25
N MET G 406 -25.09 -8.94 46.04
CA MET G 406 -24.04 -8.07 45.53
C MET G 406 -23.86 -6.84 46.39
N LEU G 407 -24.96 -6.28 46.88
CA LEU G 407 -24.83 -5.11 47.71
C LEU G 407 -24.27 -5.52 49.07
N LYS G 408 -24.58 -6.75 49.48
CA LYS G 408 -24.02 -7.26 50.73
C LYS G 408 -22.51 -7.40 50.59
N ALA G 409 -22.08 -8.00 49.47
CA ALA G 409 -20.66 -8.14 49.18
C ALA G 409 -19.95 -6.79 49.15
N ALA G 410 -20.56 -5.79 48.53
CA ALA G 410 -19.90 -4.50 48.44
C ALA G 410 -19.75 -3.89 49.82
N LYS G 411 -20.68 -4.22 50.71
CA LYS G 411 -20.60 -3.70 52.07
C LYS G 411 -19.49 -4.42 52.86
N VAL G 412 -19.47 -5.74 52.77
CA VAL G 412 -18.43 -6.57 53.34
C VAL G 412 -17.04 -6.07 52.93
N TYR G 413 -16.88 -5.77 51.64
CA TYR G 413 -15.61 -5.28 51.11
C TYR G 413 -15.24 -3.95 51.73
N ALA G 414 -16.21 -3.04 51.81
CA ALA G 414 -15.91 -1.71 52.30
C ALA G 414 -15.54 -1.77 53.79
N MET G 415 -16.25 -2.61 54.53
CA MET G 415 -16.00 -2.77 55.97
C MET G 415 -14.67 -3.45 56.20
N THR G 416 -14.39 -4.46 55.38
CA THR G 416 -13.13 -5.17 55.49
C THR G 416 -12.00 -4.18 55.33
N ALA G 417 -12.16 -3.23 54.42
CA ALA G 417 -11.11 -2.26 54.20
C ALA G 417 -11.01 -1.25 55.33
N MET G 418 -12.15 -0.82 55.84
CA MET G 418 -12.16 0.24 56.85
C MET G 418 -11.46 -0.25 58.10
N ASP G 419 -11.53 -1.55 58.30
CA ASP G 419 -10.84 -2.19 59.40
C ASP G 419 -9.36 -2.35 59.05
N LEU G 420 -9.08 -3.13 58.02
CA LEU G 420 -7.72 -3.56 57.73
C LEU G 420 -6.78 -2.40 57.42
N CYS G 421 -7.27 -1.43 56.66
CA CYS G 421 -6.43 -0.31 56.23
C CYS G 421 -6.21 0.70 57.34
N ASN G 422 -6.64 0.38 58.53
CA ASN G 422 -6.34 1.24 59.67
C ASN G 422 -5.53 0.49 60.69
N ARG G 423 -5.17 -0.73 60.34
CA ARG G 423 -4.17 -1.49 61.05
C ARG G 423 -2.81 -0.86 60.74
N THR G 424 -1.92 -0.75 61.72
CA THR G 424 -0.60 -0.22 61.40
C THR G 424 0.28 -1.36 60.94
N PRO G 425 1.07 -1.11 59.87
CA PRO G 425 1.97 -2.12 59.31
C PRO G 425 3.03 -2.55 60.31
N SER H 4 5.12 -52.01 -36.84
CA SER H 4 5.08 -52.88 -38.01
C SER H 4 5.56 -52.17 -39.27
N ASN H 5 6.88 -52.00 -39.41
CA ASN H 5 7.82 -52.40 -38.37
C ASN H 5 8.16 -51.22 -37.48
N ASP H 6 7.26 -50.24 -37.47
CA ASP H 6 7.39 -49.10 -36.58
C ASP H 6 7.62 -49.50 -35.14
N VAL H 7 7.03 -50.61 -34.73
CA VAL H 7 7.17 -51.07 -33.36
C VAL H 7 8.63 -51.22 -33.02
N ALA H 8 9.35 -52.00 -33.82
CA ALA H 8 10.78 -52.20 -33.58
C ALA H 8 11.53 -50.88 -33.60
N LYS H 9 11.14 -49.96 -34.48
CA LYS H 9 11.77 -48.65 -34.52
C LYS H 9 11.54 -47.88 -33.22
N VAL H 10 10.27 -47.79 -32.80
CA VAL H 10 9.93 -47.10 -31.57
C VAL H 10 10.62 -47.75 -30.37
N MET H 11 10.63 -49.08 -30.33
CA MET H 11 11.21 -49.80 -29.21
C MET H 11 12.66 -49.35 -29.00
N LYS H 12 13.37 -49.16 -30.10
CA LYS H 12 14.75 -48.78 -29.93
C LYS H 12 14.94 -47.32 -30.24
N THR H 13 13.85 -46.56 -30.25
CA THR H 13 13.97 -45.15 -30.03
C THR H 13 13.96 -44.96 -28.54
N LEU H 14 13.18 -45.81 -27.87
CA LEU H 14 12.98 -45.70 -26.44
C LEU H 14 14.20 -46.10 -25.65
N ASP H 15 14.86 -47.18 -26.04
CA ASP H 15 16.05 -47.58 -25.30
C ASP H 15 17.14 -46.53 -25.46
N GLY H 16 17.04 -45.72 -26.51
CA GLY H 16 17.98 -44.63 -26.70
C GLY H 16 17.59 -43.40 -25.91
N MET H 17 16.60 -43.53 -25.05
CA MET H 17 16.04 -42.40 -24.32
C MET H 17 16.11 -42.58 -22.81
N ARG H 18 16.86 -43.59 -22.37
CA ARG H 18 16.96 -43.89 -20.96
C ARG H 18 17.39 -42.65 -20.17
N GLU H 19 18.16 -41.78 -20.81
CA GLU H 19 18.61 -40.57 -20.17
C GLU H 19 17.49 -39.56 -19.89
N GLY H 20 16.66 -39.31 -20.88
CA GLY H 20 15.55 -38.38 -20.73
C GLY H 20 14.53 -38.89 -19.74
N LEU H 21 14.34 -40.21 -19.75
CA LEU H 21 13.42 -40.84 -18.84
C LEU H 21 13.86 -40.58 -17.41
N ILE H 22 15.13 -40.85 -17.13
CA ILE H 22 15.65 -40.67 -15.78
C ILE H 22 15.60 -39.22 -15.36
N GLN H 23 16.02 -38.33 -16.24
CA GLN H 23 16.05 -36.92 -15.94
C GLN H 23 14.66 -36.32 -15.76
N THR H 24 13.75 -36.67 -16.65
CA THR H 24 12.38 -36.18 -16.54
C THR H 24 11.78 -36.64 -15.21
N ALA H 25 11.99 -37.89 -14.86
CA ALA H 25 11.43 -38.39 -13.59
C ALA H 25 12.07 -37.73 -12.37
N VAL H 26 13.37 -37.51 -12.41
CA VAL H 26 14.06 -36.94 -11.26
C VAL H 26 13.73 -35.46 -11.14
N GLU H 27 13.67 -34.76 -12.26
CA GLU H 27 13.29 -33.36 -12.22
C GLU H 27 11.84 -33.15 -11.77
N LEU H 28 10.92 -33.98 -12.27
CA LEU H 28 9.52 -33.89 -11.89
C LEU H 28 9.36 -34.24 -10.43
N GLY H 29 9.96 -35.37 -10.05
CA GLY H 29 9.90 -35.84 -8.69
C GLY H 29 10.58 -34.92 -7.71
N SER H 30 11.38 -33.97 -8.19
CA SER H 30 12.10 -33.10 -7.29
C SER H 30 11.31 -31.84 -6.99
N ILE H 31 10.24 -31.62 -7.73
CA ILE H 31 9.39 -30.47 -7.50
C ILE H 31 8.45 -30.72 -6.35
N GLU H 32 8.44 -29.83 -5.36
CA GLU H 32 7.51 -29.95 -4.25
C GLU H 32 6.09 -29.81 -4.80
N ALA H 33 5.27 -30.84 -4.66
CA ALA H 33 3.93 -30.76 -5.24
C ALA H 33 2.88 -31.50 -4.43
N PRO H 34 2.84 -31.24 -3.11
CA PRO H 34 1.78 -31.84 -2.31
C PRO H 34 0.43 -31.36 -2.83
N THR H 35 -0.59 -32.20 -2.68
CA THR H 35 -1.94 -31.84 -3.08
C THR H 35 -2.27 -30.49 -2.48
N GLY H 36 -2.68 -29.55 -3.32
CA GLY H 36 -2.87 -28.18 -2.86
C GLY H 36 -1.84 -27.22 -3.43
N ARG H 37 -0.66 -27.74 -3.77
CA ARG H 37 0.40 -26.91 -4.32
C ARG H 37 1.04 -27.52 -5.57
N GLU H 38 0.23 -28.14 -6.43
CA GLU H 38 0.74 -28.88 -7.59
C GLU H 38 1.05 -27.99 -8.77
N GLY H 39 0.91 -26.69 -8.60
CA GLY H 39 1.07 -25.78 -9.72
C GLY H 39 2.41 -25.88 -10.41
N ALA H 40 3.48 -25.85 -9.64
CA ALA H 40 4.82 -25.84 -10.22
C ALA H 40 5.07 -27.10 -11.00
N ALA H 41 4.55 -28.22 -10.51
CA ALA H 41 4.63 -29.47 -11.24
C ALA H 41 3.90 -29.34 -12.58
N GLY H 42 2.75 -28.68 -12.55
CA GLY H 42 1.98 -28.44 -13.76
C GLY H 42 2.76 -27.61 -14.76
N ASP H 43 3.39 -26.56 -14.27
CA ASP H 43 4.22 -25.70 -15.12
C ASP H 43 5.32 -26.49 -15.78
N TYR H 44 5.99 -27.34 -15.02
CA TYR H 44 7.06 -28.13 -15.59
C TYR H 44 6.51 -29.03 -16.71
N VAL H 45 5.37 -29.65 -16.46
CA VAL H 45 4.80 -30.57 -17.42
C VAL H 45 4.33 -29.79 -18.64
N TYR H 46 3.73 -28.64 -18.43
CA TYR H 46 3.30 -27.82 -19.56
C TYR H 46 4.49 -27.48 -20.44
N GLU H 47 5.57 -27.02 -19.81
CA GLU H 47 6.73 -26.59 -20.55
C GLU H 47 7.39 -27.77 -21.27
N TRP H 48 7.37 -28.93 -20.64
CA TRP H 48 7.91 -30.14 -21.25
C TRP H 48 7.09 -30.52 -22.46
N MET H 49 5.78 -30.42 -22.32
CA MET H 49 4.90 -30.75 -23.43
C MET H 49 5.08 -29.76 -24.55
N ALA H 50 5.27 -28.49 -24.21
CA ALA H 50 5.42 -27.45 -25.22
C ALA H 50 6.69 -27.65 -26.03
N ARG H 51 7.81 -27.88 -25.35
CA ARG H 51 9.09 -28.12 -26.05
C ARG H 51 8.98 -29.28 -26.99
N ASN H 52 8.25 -30.32 -26.59
CA ASN H 52 8.15 -31.53 -27.42
C ASN H 52 7.01 -31.48 -28.42
N GLY H 53 6.37 -30.33 -28.55
CA GLY H 53 5.41 -30.13 -29.61
C GLY H 53 4.07 -30.79 -29.42
N PHE H 54 3.64 -30.96 -28.17
CA PHE H 54 2.35 -31.58 -27.90
C PHE H 54 1.24 -30.57 -27.67
N GLY H 55 1.53 -29.29 -27.91
CA GLY H 55 0.53 -28.25 -27.84
C GLY H 55 -0.32 -28.32 -26.58
N PRO H 56 0.33 -28.20 -25.42
CA PRO H 56 -0.36 -28.36 -24.15
C PRO H 56 -1.30 -27.22 -23.85
N GLU H 57 -2.29 -27.50 -23.02
CA GLU H 57 -3.19 -26.49 -22.55
C GLU H 57 -3.36 -26.65 -21.05
N ARG H 58 -3.39 -25.55 -20.31
CA ARG H 58 -3.71 -25.61 -18.91
C ARG H 58 -5.22 -25.61 -18.78
N VAL H 59 -5.75 -26.63 -18.12
CA VAL H 59 -7.19 -26.79 -17.97
C VAL H 59 -7.49 -26.94 -16.47
N GLY H 60 -7.95 -25.86 -15.86
CA GLY H 60 -7.97 -25.83 -14.41
C GLY H 60 -9.02 -24.91 -13.85
N VAL H 61 -9.40 -25.20 -12.61
CA VAL H 61 -10.34 -24.38 -11.86
C VAL H 61 -9.65 -23.16 -11.28
N PHE H 62 -8.37 -23.32 -10.98
CA PHE H 62 -7.54 -22.26 -10.39
C PHE H 62 -6.31 -22.04 -11.26
N ASP H 63 -5.80 -20.83 -11.30
CA ASP H 63 -4.64 -20.59 -12.14
C ASP H 63 -3.36 -21.21 -11.57
N ASP H 64 -3.33 -21.61 -10.29
CA ASP H 64 -2.13 -22.28 -9.75
C ASP H 64 -2.38 -23.74 -9.37
N ARG H 65 -3.51 -24.29 -9.79
CA ARG H 65 -3.85 -25.70 -9.58
C ARG H 65 -4.66 -26.17 -10.77
N PHE H 66 -3.98 -26.78 -11.73
CA PHE H 66 -4.59 -27.03 -13.03
C PHE H 66 -4.14 -28.35 -13.57
N ASN H 67 -4.94 -28.86 -14.50
CA ASN H 67 -4.56 -30.02 -15.29
C ASN H 67 -3.79 -29.58 -16.51
N VAL H 68 -2.96 -30.47 -17.04
CA VAL H 68 -2.26 -30.16 -18.28
C VAL H 68 -2.62 -31.18 -19.34
N VAL H 69 -3.18 -30.73 -20.45
CA VAL H 69 -3.65 -31.64 -21.47
C VAL H 69 -2.92 -31.38 -22.77
N GLY H 70 -2.22 -32.38 -23.28
CA GLY H 70 -1.52 -32.26 -24.54
C GLY H 70 -1.99 -33.31 -25.52
N ARG H 71 -1.44 -33.29 -26.72
CA ARG H 71 -1.94 -34.18 -27.76
C ARG H 71 -0.91 -34.54 -28.82
N LEU H 72 -0.89 -35.81 -29.19
CA LEU H 72 -0.16 -36.25 -30.38
C LEU H 72 -1.19 -36.62 -31.43
N ARG H 73 -1.40 -35.74 -32.39
CA ARG H 73 -2.53 -35.88 -33.31
C ARG H 73 -2.28 -36.99 -34.30
N GLY H 74 -3.32 -37.79 -34.56
CA GLY H 74 -3.19 -38.91 -35.47
C GLY H 74 -3.56 -38.51 -36.88
N THR H 75 -3.33 -39.40 -37.84
CA THR H 75 -3.62 -39.12 -39.24
C THR H 75 -5.11 -39.18 -39.55
N GLY H 76 -5.88 -39.83 -38.69
CA GLY H 76 -7.32 -39.85 -38.83
C GLY H 76 -7.91 -41.24 -38.94
N GLY H 77 -9.13 -41.41 -38.44
CA GLY H 77 -9.84 -42.67 -38.58
C GLY H 77 -9.49 -43.75 -37.57
N GLY H 78 -8.80 -43.38 -36.50
CA GLY H 78 -8.44 -44.34 -35.47
C GLY H 78 -9.01 -44.02 -34.11
N ALA H 79 -8.99 -44.99 -33.21
CA ALA H 79 -9.38 -44.74 -31.83
C ALA H 79 -8.35 -43.83 -31.14
N SER H 80 -8.81 -42.99 -30.23
CA SER H 80 -7.89 -42.17 -29.44
C SER H 80 -7.69 -42.75 -28.06
N LEU H 81 -6.48 -42.54 -27.53
CA LEU H 81 -6.11 -43.09 -26.24
C LEU H 81 -5.51 -42.01 -25.35
N SER H 82 -6.04 -41.89 -24.13
CA SER H 82 -5.43 -41.01 -23.15
C SER H 82 -4.40 -41.78 -22.32
N PHE H 83 -3.30 -41.11 -22.01
CA PHE H 83 -2.44 -41.53 -20.92
C PHE H 83 -2.62 -40.54 -19.79
N ASN H 84 -2.76 -41.04 -18.59
CA ASN H 84 -3.08 -40.17 -17.47
C ASN H 84 -2.26 -40.47 -16.23
N SER H 85 -1.68 -39.44 -15.62
CA SER H 85 -1.09 -39.56 -14.28
C SER H 85 -1.28 -38.23 -13.57
N HIS H 86 -1.13 -38.22 -12.25
CA HIS H 86 -1.43 -37.02 -11.49
C HIS H 86 -0.17 -36.27 -11.01
N LEU H 87 -0.33 -34.96 -10.83
CA LEU H 87 0.77 -34.06 -10.54
C LEU H 87 1.04 -33.88 -9.05
N ASP H 88 0.07 -34.22 -8.22
CA ASP H 88 0.21 -34.03 -6.78
C ASP H 88 0.83 -35.23 -6.10
N THR H 89 1.47 -34.98 -4.96
CA THR H 89 2.12 -36.01 -4.17
C THR H 89 1.55 -36.03 -2.76
N ILE H 90 1.80 -37.11 -2.03
CA ILE H 90 1.13 -37.32 -0.76
C ILE H 90 1.61 -36.44 0.38
N MET H 91 2.91 -36.31 0.55
CA MET H 91 3.47 -35.69 1.75
C MET H 91 3.72 -34.22 1.58
N ALA H 92 3.21 -33.43 2.52
CA ALA H 92 3.62 -32.04 2.65
C ALA H 92 4.68 -31.95 3.75
N ARG H 93 5.50 -30.92 3.73
CA ARG H 93 6.54 -30.81 4.75
C ARG H 93 5.93 -30.55 6.12
N GLU H 94 4.64 -30.24 6.14
CA GLU H 94 3.95 -29.91 7.39
C GLU H 94 3.11 -31.06 7.93
N ASP H 95 3.09 -32.20 7.23
CA ASP H 95 2.27 -33.32 7.66
C ASP H 95 2.84 -33.99 8.91
N THR H 96 3.22 -33.18 9.89
CA THR H 96 3.73 -33.69 11.15
C THR H 96 2.59 -34.26 11.99
N ALA H 97 1.36 -33.95 11.59
CA ALA H 97 0.19 -34.47 12.27
C ALA H 97 -0.08 -35.91 11.88
N ARG H 98 0.56 -36.35 10.80
CA ARG H 98 0.28 -37.67 10.23
C ARG H 98 1.43 -38.64 10.43
N PHE H 99 2.63 -38.20 10.08
CA PHE H 99 3.80 -39.06 10.02
C PHE H 99 4.80 -38.75 11.14
N ALA H 100 5.32 -39.80 11.74
CA ALA H 100 6.31 -39.69 12.80
C ALA H 100 7.48 -38.83 12.37
N ASP H 101 8.05 -39.13 11.21
CA ASP H 101 9.09 -38.29 10.63
C ASP H 101 8.67 -37.85 9.23
N ALA H 102 7.89 -36.77 9.16
CA ALA H 102 7.31 -36.30 7.91
C ALA H 102 8.30 -35.53 7.06
N ASN H 103 9.55 -35.50 7.49
CA ASN H 103 10.57 -34.73 6.78
C ASN H 103 11.69 -35.61 6.23
N ASP H 104 11.54 -36.92 6.41
CA ASP H 104 12.47 -37.86 5.78
C ASP H 104 12.59 -37.58 4.30
N ARG H 105 13.79 -37.73 3.78
CA ARG H 105 14.10 -37.32 2.42
C ARG H 105 13.24 -38.05 1.38
N ILE H 106 12.96 -39.32 1.61
CA ILE H 106 12.21 -40.12 0.63
C ILE H 106 10.83 -39.53 0.36
N TYR H 107 10.26 -38.83 1.34
CA TYR H 107 8.95 -38.21 1.17
C TYR H 107 8.98 -37.00 0.23
N HIS H 108 10.10 -36.30 0.17
CA HIS H 108 10.13 -34.99 -0.47
C HIS H 108 11.15 -34.82 -1.61
N GLU H 109 11.97 -35.83 -1.86
CA GLU H 109 12.99 -35.69 -2.89
C GLU H 109 12.97 -36.86 -3.86
N ALA H 110 13.71 -36.69 -4.96
CA ALA H 110 13.83 -37.73 -5.97
C ALA H 110 15.26 -37.76 -6.48
N TRP H 111 15.84 -38.95 -6.59
CA TRP H 111 17.21 -39.03 -7.07
C TRP H 111 17.51 -40.36 -7.76
N HIS H 112 18.46 -40.29 -8.70
CA HIS H 112 18.88 -41.45 -9.47
C HIS H 112 20.07 -42.14 -8.82
N GLU H 113 19.87 -43.36 -8.36
CA GLU H 113 20.94 -44.08 -7.68
C GLU H 113 21.11 -45.50 -8.20
N GLU H 114 22.23 -45.76 -8.84
CA GLU H 114 22.52 -47.08 -9.37
C GLU H 114 21.41 -47.46 -10.31
N GLY H 115 20.72 -48.56 -10.02
CA GLY H 115 19.68 -48.98 -10.94
C GLY H 115 18.36 -48.26 -10.75
N ARG H 116 18.27 -47.43 -9.72
CA ARG H 116 16.97 -47.04 -9.19
C ARG H 116 16.70 -45.54 -9.18
N ILE H 117 15.42 -45.21 -9.12
CA ILE H 117 15.00 -43.84 -8.84
C ILE H 117 14.18 -43.86 -7.57
N TYR H 118 14.69 -43.21 -6.54
CA TYR H 118 14.03 -43.18 -5.24
C TYR H 118 13.15 -41.95 -5.10
N GLY H 119 12.16 -42.04 -4.21
CA GLY H 119 11.30 -40.91 -3.90
C GLY H 119 9.85 -41.30 -3.97
N TYR H 120 9.10 -41.04 -2.90
CA TYR H 120 7.68 -41.36 -2.91
C TYR H 120 6.98 -40.61 -4.04
N SER H 121 7.54 -39.47 -4.41
CA SER H 121 6.91 -38.64 -5.42
C SER H 121 7.16 -39.18 -6.82
N VAL H 122 8.14 -40.08 -6.95
CA VAL H 122 8.36 -40.76 -8.21
C VAL H 122 7.45 -41.99 -8.29
N VAL H 123 7.38 -42.75 -7.21
CA VAL H 123 6.45 -43.86 -7.14
C VAL H 123 5.03 -43.37 -7.38
N ASN H 124 4.71 -42.20 -6.83
CA ASN H 124 3.35 -41.67 -6.87
C ASN H 124 3.38 -40.16 -7.06
N CYS H 125 3.42 -39.67 -8.31
CA CYS H 125 3.23 -40.45 -9.52
C CYS H 125 4.06 -39.88 -10.68
N LYS H 126 5.18 -39.24 -10.37
CA LYS H 126 5.98 -38.64 -11.42
C LYS H 126 6.69 -39.72 -12.26
N GLY H 127 6.93 -40.88 -11.67
CA GLY H 127 7.62 -41.93 -12.39
C GLY H 127 6.79 -42.51 -13.52
N PRO H 128 5.56 -42.92 -13.22
CA PRO H 128 4.72 -43.43 -14.29
C PRO H 128 4.40 -42.32 -15.29
N MET H 129 4.32 -41.08 -14.82
CA MET H 129 4.08 -39.95 -15.72
C MET H 129 5.21 -39.82 -16.73
N ALA H 130 6.44 -39.91 -16.26
CA ALA H 130 7.60 -39.79 -17.16
C ALA H 130 7.58 -40.91 -18.20
N CYS H 131 7.19 -42.10 -17.77
CA CYS H 131 7.06 -43.24 -18.67
C CYS H 131 6.22 -42.95 -19.92
N TRP H 132 5.00 -42.42 -19.77
CA TRP H 132 4.23 -42.13 -20.97
C TRP H 132 4.59 -40.79 -21.59
N LEU H 133 5.17 -39.87 -20.83
CA LEU H 133 5.70 -38.67 -21.45
C LEU H 133 6.76 -39.06 -22.47
N ILE H 134 7.66 -39.94 -22.05
CA ILE H 134 8.73 -40.42 -22.91
C ILE H 134 8.18 -41.29 -24.05
N ALA H 135 7.21 -42.15 -23.74
CA ALA H 135 6.60 -42.95 -24.78
C ALA H 135 6.03 -42.08 -25.90
N ALA H 136 5.31 -41.03 -25.52
CA ALA H 136 4.75 -40.13 -26.52
C ALA H 136 5.85 -39.46 -27.31
N LYS H 137 6.90 -39.03 -26.62
CA LYS H 137 8.02 -38.40 -27.29
C LYS H 137 8.64 -39.36 -28.31
N ALA H 138 8.82 -40.60 -27.91
CA ALA H 138 9.35 -41.63 -28.79
C ALA H 138 8.43 -41.90 -29.98
N LEU H 139 7.13 -42.04 -29.73
CA LEU H 139 6.18 -42.21 -30.84
C LEU H 139 6.27 -41.07 -31.82
N LYS H 140 6.40 -39.85 -31.31
CA LYS H 140 6.43 -38.68 -32.17
C LYS H 140 7.69 -38.66 -33.02
N GLU H 141 8.82 -38.80 -32.37
CA GLU H 141 10.09 -38.63 -33.05
C GLU H 141 10.39 -39.76 -34.01
N ALA H 142 10.00 -40.98 -33.63
CA ALA H 142 10.19 -42.11 -34.53
C ALA H 142 9.18 -42.06 -35.67
N GLY H 143 8.34 -41.04 -35.66
CA GLY H 143 7.31 -40.89 -36.69
C GLY H 143 6.40 -42.10 -36.78
N ALA H 144 5.91 -42.57 -35.65
CA ALA H 144 5.01 -43.72 -35.65
C ALA H 144 3.72 -43.37 -36.34
N ALA H 145 3.21 -44.30 -37.13
CA ALA H 145 1.95 -44.08 -37.83
C ALA H 145 0.79 -44.37 -36.89
N LEU H 146 -0.03 -43.36 -36.66
CA LEU H 146 -1.14 -43.50 -35.73
C LEU H 146 -2.37 -42.86 -36.33
N LYS H 147 -3.43 -43.64 -36.48
CA LYS H 147 -4.67 -43.10 -37.01
C LYS H 147 -5.36 -42.24 -35.97
N GLY H 148 -5.44 -42.74 -34.74
CA GLY H 148 -6.07 -42.02 -33.66
C GLY H 148 -5.12 -41.14 -32.86
N ASP H 149 -5.67 -40.19 -32.12
CA ASP H 149 -4.87 -39.30 -31.29
C ASP H 149 -4.38 -40.02 -30.03
N VAL H 150 -3.22 -39.60 -29.55
CA VAL H 150 -2.81 -39.89 -28.17
C VAL H 150 -3.00 -38.63 -27.35
N VAL H 151 -3.88 -38.71 -26.37
CA VAL H 151 -4.16 -37.58 -25.51
C VAL H 151 -3.32 -37.67 -24.24
N LEU H 152 -2.64 -36.58 -23.93
CA LEU H 152 -1.66 -36.55 -22.83
C LEU H 152 -2.21 -35.72 -21.67
N THR H 153 -2.56 -36.40 -20.59
CA THR H 153 -3.37 -35.76 -19.56
C THR H 153 -2.70 -35.88 -18.18
N ALA H 154 -2.08 -34.80 -17.75
CA ALA H 154 -1.47 -34.72 -16.44
C ALA H 154 -2.41 -33.93 -15.55
N VAL H 155 -2.92 -34.57 -14.49
CA VAL H 155 -3.97 -33.95 -13.70
C VAL H 155 -3.50 -33.54 -12.32
N CYS H 156 -4.12 -32.49 -11.79
CA CYS H 156 -3.90 -32.08 -10.40
C CYS H 156 -4.88 -32.83 -9.51
N GLY H 157 -4.69 -32.68 -8.20
CA GLY H 157 -5.68 -33.13 -7.23
C GLY H 157 -6.25 -34.53 -7.37
N GLU H 158 -5.39 -35.52 -7.59
CA GLU H 158 -5.84 -36.90 -7.63
C GLU H 158 -5.98 -37.48 -6.21
N ILE H 159 -5.16 -37.01 -5.30
CA ILE H 159 -5.06 -37.65 -4.00
C ILE H 159 -6.25 -37.28 -3.11
N ASP H 160 -6.64 -38.23 -2.26
CA ASP H 160 -7.96 -38.23 -1.58
C ASP H 160 -8.21 -37.12 -0.52
N CYS H 161 -7.47 -36.01 -0.57
CA CYS H 161 -7.76 -34.85 0.28
C CYS H 161 -9.16 -34.30 0.01
N GLU H 162 -9.85 -33.81 1.03
CA GLU H 162 -11.17 -33.18 0.81
C GLU H 162 -11.44 -32.07 1.80
N PRO H 163 -12.13 -31.01 1.34
CA PRO H 163 -12.63 -30.02 2.27
C PRO H 163 -13.58 -30.64 3.29
N VAL H 164 -13.67 -30.04 4.46
CA VAL H 164 -14.63 -30.44 5.47
C VAL H 164 -14.62 -29.37 6.56
N ASP H 165 -15.76 -29.14 7.20
CA ASP H 165 -15.81 -28.18 8.27
C ASP H 165 -15.21 -26.84 7.81
N GLU H 166 -14.30 -26.25 8.58
CA GLU H 166 -13.77 -24.94 8.25
C GLU H 166 -12.71 -24.97 7.16
N PHE H 167 -12.33 -26.15 6.72
CA PHE H 167 -11.30 -26.27 5.71
C PHE H 167 -11.97 -26.34 4.35
N GLN H 168 -12.14 -25.18 3.73
CA GLN H 168 -12.91 -25.09 2.49
C GLN H 168 -12.11 -24.48 1.36
N GLY H 169 -12.49 -24.81 0.13
CA GLY H 169 -12.00 -24.11 -1.02
C GLY H 169 -10.62 -24.51 -1.51
N HIS H 170 -9.97 -23.53 -2.14
CA HIS H 170 -8.73 -23.67 -2.88
C HIS H 170 -7.66 -24.56 -2.28
N ASP H 171 -7.33 -24.34 -1.02
CA ASP H 171 -6.25 -25.11 -0.40
C ASP H 171 -6.60 -26.56 -0.15
N TYR H 172 -7.90 -26.89 -0.13
CA TYR H 172 -8.29 -28.21 0.33
C TYR H 172 -8.97 -29.06 -0.72
N LEU H 173 -9.26 -28.48 -1.87
CA LEU H 173 -9.89 -29.25 -2.95
C LEU H 173 -8.92 -30.22 -3.60
N ALA H 174 -9.46 -31.26 -4.22
CA ALA H 174 -8.61 -32.20 -4.94
C ALA H 174 -9.33 -32.79 -6.15
N GLU H 175 -9.97 -33.94 -5.96
CA GLU H 175 -10.45 -34.68 -7.12
C GLU H 175 -11.52 -33.94 -7.91
N ASP H 176 -12.29 -33.06 -7.27
CA ASP H 176 -13.29 -32.30 -8.01
C ASP H 176 -12.67 -31.37 -9.04
N ILE H 177 -11.41 -30.99 -8.85
CA ILE H 177 -10.77 -30.11 -9.82
C ILE H 177 -9.73 -30.82 -10.68
N GLY H 178 -9.65 -32.13 -10.52
CA GLY H 178 -8.64 -32.92 -11.20
C GLY H 178 -9.12 -33.59 -12.47
N ALA H 179 -8.87 -34.90 -12.58
CA ALA H 179 -9.16 -35.62 -13.80
C ALA H 179 -10.58 -35.39 -14.33
N ARG H 180 -11.58 -35.50 -13.47
CA ARG H 180 -12.94 -35.33 -13.94
C ARG H 180 -13.14 -33.95 -14.56
N TYR H 181 -12.56 -32.94 -13.94
CA TYR H 181 -12.65 -31.60 -14.51
C TYR H 181 -11.97 -31.58 -15.88
N ALA H 182 -10.81 -32.19 -15.97
CA ALA H 182 -10.07 -32.16 -17.23
C ALA H 182 -10.86 -32.85 -18.34
N ILE H 183 -11.45 -33.99 -18.02
CA ILE H 183 -12.19 -34.75 -19.02
C ILE H 183 -13.44 -33.99 -19.43
N SER H 184 -14.14 -33.48 -18.42
CA SER H 184 -15.38 -32.75 -18.65
C SER H 184 -15.15 -31.49 -19.49
N HIS H 185 -13.90 -31.04 -19.54
CA HIS H 185 -13.63 -29.82 -20.29
C HIS H 185 -12.75 -30.09 -21.48
N GLY H 186 -12.83 -31.31 -21.99
CA GLY H 186 -12.30 -31.58 -23.31
C GLY H 186 -11.36 -32.74 -23.44
N ALA H 187 -10.72 -33.15 -22.36
CA ALA H 187 -9.74 -34.21 -22.48
C ALA H 187 -10.42 -35.60 -22.64
N ILE H 188 -11.27 -35.73 -23.65
CA ILE H 188 -11.96 -36.99 -23.91
C ILE H 188 -11.21 -37.83 -24.95
N SER H 189 -11.43 -39.14 -24.89
CA SER H 189 -10.84 -40.07 -25.83
C SER H 189 -11.70 -41.33 -25.84
N ASP H 190 -11.44 -42.26 -26.75
CA ASP H 190 -12.17 -43.52 -26.75
C ASP H 190 -11.80 -44.38 -25.56
N TYR H 191 -10.52 -44.40 -25.23
CA TYR H 191 -10.01 -45.21 -24.13
C TYR H 191 -9.06 -44.41 -23.26
N ALA H 192 -8.79 -44.88 -22.05
CA ALA H 192 -7.84 -44.19 -21.19
C ALA H 192 -7.01 -45.17 -20.36
N LEU H 193 -5.69 -45.03 -20.44
CA LEU H 193 -4.83 -45.81 -19.57
C LEU H 193 -4.30 -44.94 -18.45
N VAL H 194 -4.67 -45.26 -17.23
CA VAL H 194 -4.18 -44.49 -16.10
C VAL H 194 -2.87 -45.11 -15.60
N ALA H 195 -1.80 -44.34 -15.69
CA ALA H 195 -0.48 -44.86 -15.38
C ALA H 195 -0.20 -44.65 -13.91
N GLU H 196 -0.22 -45.73 -13.14
CA GLU H 196 0.14 -45.71 -11.73
C GLU H 196 0.99 -46.96 -11.47
N ALA H 197 1.59 -47.06 -10.29
CA ALA H 197 2.34 -48.26 -9.95
C ALA H 197 1.39 -49.43 -9.70
N THR H 198 1.46 -50.46 -10.55
CA THR H 198 0.65 -51.65 -10.33
C THR H 198 1.50 -52.92 -10.50
N ASN H 199 2.81 -52.74 -10.60
CA ASN H 199 3.69 -53.88 -10.77
C ASN H 199 3.32 -54.66 -12.04
N PHE H 200 3.04 -53.92 -13.10
CA PHE H 200 2.67 -54.49 -14.39
C PHE H 200 1.42 -55.37 -14.33
N LYS H 201 0.55 -55.14 -13.37
CA LYS H 201 -0.74 -55.82 -13.35
C LYS H 201 -1.85 -54.82 -13.63
N PRO H 202 -2.73 -55.14 -14.60
CA PRO H 202 -3.80 -54.22 -14.97
C PRO H 202 -5.04 -54.36 -14.09
N ALA H 203 -5.63 -53.24 -13.70
CA ALA H 203 -6.90 -53.26 -12.98
C ALA H 203 -7.90 -52.41 -13.72
N TRP H 204 -9.14 -52.87 -13.82
CA TRP H 204 -10.17 -51.97 -14.35
C TRP H 204 -11.42 -51.98 -13.50
N VAL H 205 -11.25 -52.22 -12.22
CA VAL H 205 -12.27 -51.84 -11.25
C VAL H 205 -11.59 -51.06 -10.12
N GLU H 206 -12.27 -50.06 -9.58
CA GLU H 206 -11.76 -49.39 -8.40
C GLU H 206 -12.88 -49.12 -7.40
N ALA H 207 -12.52 -48.78 -6.19
CA ALA H 207 -13.50 -48.48 -5.16
C ALA H 207 -14.03 -47.07 -5.26
N GLY H 208 -15.20 -46.87 -4.68
CA GLY H 208 -15.73 -45.55 -4.43
C GLY H 208 -15.38 -45.29 -2.99
N LYS H 209 -16.00 -44.29 -2.38
CA LYS H 209 -15.76 -43.98 -0.98
C LYS H 209 -16.84 -43.08 -0.43
N VAL H 210 -17.11 -43.23 0.85
CA VAL H 210 -17.90 -42.27 1.57
C VAL H 210 -17.12 -41.87 2.79
N PHE H 211 -16.93 -40.58 3.00
CA PHE H 211 -16.28 -40.08 4.21
C PHE H 211 -17.37 -39.67 5.19
N LEU H 212 -17.27 -40.19 6.41
CA LEU H 212 -18.24 -39.85 7.45
C LEU H 212 -17.63 -39.02 8.56
N LYS H 213 -18.30 -37.95 8.94
CA LYS H 213 -17.94 -37.24 10.14
C LYS H 213 -18.85 -37.72 11.25
N VAL H 214 -18.27 -38.35 12.27
CA VAL H 214 -19.05 -38.89 13.38
C VAL H 214 -18.80 -38.08 14.64
N THR H 215 -19.83 -37.41 15.13
CA THR H 215 -19.69 -36.52 16.27
C THR H 215 -20.49 -37.04 17.43
N VAL H 216 -19.81 -37.42 18.50
CA VAL H 216 -20.48 -37.89 19.70
C VAL H 216 -20.75 -36.74 20.64
N PHE H 217 -21.95 -36.71 21.19
CA PHE H 217 -22.37 -35.66 22.10
C PHE H 217 -22.40 -36.16 23.52
N ALA H 218 -22.07 -35.27 24.45
CA ALA H 218 -22.07 -35.62 25.86
C ALA H 218 -22.34 -34.37 26.66
N GLY H 219 -21.48 -34.10 27.65
CA GLY H 219 -21.67 -32.91 28.45
C GLY H 219 -22.58 -33.24 29.62
N PRO H 220 -22.87 -32.24 30.47
CA PRO H 220 -22.40 -30.85 30.32
C PRO H 220 -20.94 -30.68 30.71
N SER H 221 -20.25 -29.77 30.05
CA SER H 221 -18.85 -29.50 30.36
C SER H 221 -18.70 -28.92 31.77
N ARG H 222 -17.62 -29.28 32.44
CA ARG H 222 -17.30 -28.70 33.74
C ARG H 222 -15.84 -28.23 33.80
N TYR H 223 -15.61 -27.09 34.46
CA TYR H 223 -14.28 -26.73 34.93
C TYR H 223 -13.70 -27.92 35.67
N THR H 224 -12.47 -28.29 35.35
CA THR H 224 -11.87 -29.48 35.89
C THR H 224 -12.12 -29.69 37.40
N PRO H 225 -12.00 -28.64 38.21
CA PRO H 225 -12.17 -28.89 39.66
C PRO H 225 -13.58 -29.35 40.02
N TYR H 226 -14.50 -29.31 39.07
CA TYR H 226 -15.87 -29.75 39.34
C TYR H 226 -16.24 -31.06 38.63
N VAL H 227 -15.29 -31.73 37.98
CA VAL H 227 -15.70 -32.86 37.15
C VAL H 227 -16.19 -34.02 38.01
N PRO H 228 -17.32 -34.61 37.61
CA PRO H 228 -17.90 -35.74 38.31
C PRO H 228 -17.15 -37.03 38.06
N ARG H 229 -16.73 -37.67 39.14
CA ARG H 229 -16.10 -38.98 39.05
C ARG H 229 -16.52 -39.79 40.28
N PRO H 230 -16.54 -41.13 40.16
CA PRO H 230 -16.32 -41.90 38.94
C PRO H 230 -17.61 -42.04 38.15
N VAL H 231 -17.46 -42.14 36.84
CA VAL H 231 -18.57 -42.24 35.90
C VAL H 231 -18.15 -43.25 34.85
N ALA H 232 -19.05 -44.15 34.48
CA ALA H 232 -18.73 -45.14 33.47
C ALA H 232 -18.51 -44.50 32.11
N ALA H 233 -17.54 -45.03 31.36
CA ALA H 233 -17.12 -44.46 30.10
C ALA H 233 -18.28 -43.99 29.23
N LEU H 234 -19.25 -44.86 28.96
CA LEU H 234 -20.32 -44.52 28.03
C LEU H 234 -21.23 -43.43 28.59
N ASP H 235 -21.09 -43.17 29.88
CA ASP H 235 -21.90 -42.14 30.53
C ASP H 235 -21.12 -40.85 30.78
N SER H 236 -19.82 -40.85 30.48
CA SER H 236 -18.97 -39.72 30.78
C SER H 236 -19.50 -38.42 30.20
N PRO H 237 -19.43 -37.35 30.98
CA PRO H 237 -19.83 -36.06 30.41
C PRO H 237 -18.78 -35.59 29.40
N ASN H 238 -17.60 -36.21 29.43
CA ASN H 238 -16.55 -35.87 28.49
C ASN H 238 -16.72 -36.63 27.17
N ALA H 239 -17.08 -35.93 26.09
CA ALA H 239 -17.29 -36.57 24.80
C ALA H 239 -16.08 -37.36 24.32
N ILE H 240 -14.89 -36.93 24.74
CA ILE H 240 -13.69 -37.64 24.33
C ILE H 240 -13.71 -39.04 24.89
N VAL H 241 -14.17 -39.17 26.13
CA VAL H 241 -14.17 -40.44 26.80
C VAL H 241 -15.20 -41.37 26.15
N ARG H 242 -16.37 -40.83 25.83
CA ARG H 242 -17.36 -41.61 25.12
C ARG H 242 -16.84 -42.06 23.77
N MET H 243 -16.19 -41.15 23.05
CA MET H 243 -15.74 -41.44 21.71
C MET H 243 -14.69 -42.54 21.71
N ALA H 244 -13.90 -42.62 22.78
CA ALA H 244 -12.92 -43.70 22.91
C ALA H 244 -13.60 -45.07 22.89
N LYS H 245 -14.75 -45.20 23.51
CA LYS H 245 -15.48 -46.46 23.45
C LYS H 245 -16.09 -46.69 22.06
N LEU H 246 -16.61 -45.64 21.44
CA LEU H 246 -17.16 -45.76 20.10
C LEU H 246 -16.07 -46.18 19.11
N VAL H 247 -14.86 -45.66 19.27
CA VAL H 247 -13.77 -46.00 18.37
C VAL H 247 -13.56 -47.52 18.36
N GLU H 248 -13.62 -48.12 19.54
CA GLU H 248 -13.44 -49.54 19.65
C GLU H 248 -14.54 -50.29 18.93
N ALA H 249 -15.78 -49.82 19.04
CA ALA H 249 -16.89 -50.48 18.38
C ALA H 249 -16.74 -50.38 16.86
N LEU H 250 -16.35 -49.20 16.37
CA LEU H 250 -16.22 -48.99 14.93
C LEU H 250 -15.03 -49.76 14.36
N GLU H 251 -13.99 -50.00 15.16
CA GLU H 251 -12.90 -50.81 14.68
C GLU H 251 -13.39 -52.24 14.45
N GLU H 252 -14.24 -52.71 15.36
CA GLU H 252 -14.85 -54.03 15.22
C GLU H 252 -15.73 -54.09 13.98
N TRP H 253 -16.59 -53.08 13.81
CA TRP H 253 -17.41 -53.02 12.61
C TRP H 253 -16.55 -53.00 11.34
N ALA H 254 -15.43 -52.28 11.38
CA ALA H 254 -14.56 -52.16 10.23
C ALA H 254 -13.89 -53.49 9.88
N ASP H 255 -13.56 -54.27 10.90
CA ASP H 255 -12.96 -55.57 10.70
C ASP H 255 -13.85 -56.44 9.86
N ASN H 256 -15.15 -56.40 10.14
CA ASN H 256 -16.08 -57.25 9.43
C ASN H 256 -16.59 -56.62 8.15
N TYR H 257 -16.57 -55.29 8.09
CA TYR H 257 -17.10 -54.60 6.94
C TYR H 257 -16.38 -55.04 5.67
N GLU H 258 -15.05 -55.09 5.72
CA GLU H 258 -14.31 -55.40 4.50
C GLU H 258 -14.55 -56.84 4.06
N LYS H 259 -14.84 -57.72 5.00
CA LYS H 259 -15.21 -59.09 4.65
C LYS H 259 -16.57 -59.10 3.97
N ARG H 260 -17.53 -58.42 4.58
CA ARG H 260 -18.92 -58.48 4.11
C ARG H 260 -19.08 -57.88 2.72
N TYR H 261 -18.30 -56.85 2.40
CA TYR H 261 -18.45 -56.16 1.13
C TYR H 261 -17.36 -56.47 0.14
N THR H 262 -16.52 -57.44 0.47
CA THR H 262 -15.58 -57.95 -0.49
C THR H 262 -16.37 -58.48 -1.67
N ARG H 263 -15.94 -58.16 -2.88
CA ARG H 263 -16.69 -58.54 -4.06
C ARG H 263 -15.80 -58.66 -5.26
N GLU H 264 -15.98 -59.75 -5.99
CA GLU H 264 -15.16 -60.07 -7.13
C GLU H 264 -15.71 -59.48 -8.44
N TYR H 265 -14.85 -58.83 -9.21
CA TYR H 265 -15.27 -58.29 -10.49
C TYR H 265 -14.34 -58.82 -11.56
N GLY H 266 -14.72 -58.70 -12.81
CA GLY H 266 -13.83 -59.11 -13.87
C GLY H 266 -12.53 -58.30 -13.77
N GLY H 267 -12.66 -57.05 -13.37
CA GLY H 267 -11.54 -56.14 -13.40
C GLY H 267 -10.65 -56.16 -12.17
N GLY H 268 -10.96 -57.03 -11.22
CA GLY H 268 -10.19 -57.13 -9.99
C GLY H 268 -11.13 -57.50 -8.86
N THR H 269 -10.55 -57.87 -7.72
CA THR H 269 -11.37 -58.20 -6.56
C THR H 269 -11.31 -57.06 -5.57
N VAL H 270 -12.45 -56.42 -5.33
CA VAL H 270 -12.52 -55.28 -4.46
C VAL H 270 -12.66 -55.69 -2.99
N VAL H 271 -11.74 -55.21 -2.16
CA VAL H 271 -11.82 -55.41 -0.73
C VAL H 271 -11.90 -54.02 -0.08
N PRO H 272 -13.12 -53.57 0.18
CA PRO H 272 -13.32 -52.19 0.61
C PRO H 272 -13.01 -52.05 2.09
N LYS H 273 -12.01 -51.24 2.42
CA LYS H 273 -11.60 -51.12 3.80
C LYS H 273 -12.04 -49.81 4.47
N VAL H 274 -11.90 -49.78 5.78
CA VAL H 274 -12.32 -48.64 6.61
C VAL H 274 -11.16 -48.18 7.48
N ALA H 275 -10.98 -46.88 7.65
CA ALA H 275 -10.03 -46.38 8.64
C ALA H 275 -10.53 -45.08 9.24
N ILE H 276 -10.19 -44.87 10.50
CA ILE H 276 -10.44 -43.60 11.17
C ILE H 276 -9.23 -42.70 10.91
N GLY H 277 -9.39 -41.71 10.05
CA GLY H 277 -8.29 -40.90 9.59
C GLY H 277 -7.94 -39.70 10.45
N ALA H 278 -8.90 -39.24 11.24
CA ALA H 278 -8.61 -38.12 12.10
C ALA H 278 -9.54 -38.09 13.27
N ILE H 279 -9.10 -37.42 14.33
CA ILE H 279 -9.97 -37.17 15.46
C ILE H 279 -9.69 -35.80 16.05
N ARG H 280 -10.74 -35.13 16.49
CA ARG H 280 -10.55 -33.93 17.27
C ARG H 280 -11.70 -33.71 18.20
N GLY H 281 -11.39 -33.25 19.41
CA GLY H 281 -12.39 -32.85 20.35
C GLY H 281 -11.78 -31.80 21.25
N GLY H 282 -12.48 -30.69 21.44
CA GLY H 282 -11.94 -29.58 22.20
C GLY H 282 -10.78 -28.94 21.47
N VAL H 283 -10.14 -27.96 22.07
CA VAL H 283 -8.95 -27.34 21.48
C VAL H 283 -7.82 -27.29 22.48
N PRO H 284 -6.60 -27.55 22.02
CA PRO H 284 -5.47 -27.72 22.93
C PRO H 284 -5.07 -26.46 23.67
N TYR H 285 -5.47 -25.28 23.21
CA TYR H 285 -5.11 -24.06 23.92
C TYR H 285 -6.16 -23.62 24.96
N LYS H 286 -7.23 -24.39 25.10
CA LYS H 286 -8.25 -24.18 26.15
C LYS H 286 -8.71 -25.52 26.69
N ILE H 287 -8.01 -26.08 27.67
CA ILE H 287 -8.30 -27.43 28.10
C ILE H 287 -8.82 -27.55 29.55
N TYR H 288 -9.19 -26.44 30.14
CA TYR H 288 -9.63 -26.43 31.54
C TYR H 288 -11.07 -26.89 31.72
N ALA H 289 -11.79 -27.10 30.62
CA ALA H 289 -13.16 -27.62 30.69
C ALA H 289 -13.36 -28.61 29.56
N PHE H 290 -13.65 -29.86 29.90
CA PHE H 290 -13.69 -30.90 28.85
C PHE H 290 -14.83 -30.63 27.87
N PRO H 291 -14.70 -31.14 26.64
CA PRO H 291 -15.64 -30.79 25.57
C PRO H 291 -16.92 -31.63 25.59
N GLU H 292 -18.00 -31.04 25.10
CA GLU H 292 -19.29 -31.72 25.06
C GLU H 292 -19.47 -32.48 23.76
N LEU H 293 -18.53 -32.32 22.84
CA LEU H 293 -18.60 -33.07 21.62
C LEU H 293 -17.21 -33.42 21.13
N CYS H 294 -17.12 -34.48 20.34
CA CYS H 294 -15.85 -34.95 19.85
C CYS H 294 -16.15 -35.65 18.55
N SER H 295 -15.32 -35.40 17.54
CA SER H 295 -15.55 -35.92 16.20
C SER H 295 -14.43 -36.80 15.68
N ILE H 296 -14.77 -37.87 14.98
CA ILE H 296 -13.81 -38.60 14.17
C ILE H 296 -14.22 -38.50 12.72
N TYR H 297 -13.27 -38.82 11.83
CA TYR H 297 -13.48 -38.70 10.41
C TYR H 297 -13.08 -40.03 9.77
N MET H 298 -14.06 -40.70 9.18
CA MET H 298 -13.88 -42.07 8.71
C MET H 298 -13.74 -42.14 7.20
N ASP H 299 -12.77 -42.91 6.75
CA ASP H 299 -12.59 -43.21 5.35
C ASP H 299 -13.15 -44.59 5.14
N ILE H 300 -14.27 -44.67 4.42
CA ILE H 300 -14.93 -45.94 4.16
C ILE H 300 -14.97 -46.17 2.66
N ARG H 301 -14.17 -47.11 2.17
CA ARG H 301 -14.19 -47.46 0.77
C ARG H 301 -15.48 -48.18 0.42
N LEU H 302 -15.95 -48.00 -0.80
CA LEU H 302 -17.18 -48.66 -1.27
C LEU H 302 -16.92 -49.51 -2.48
N ASN H 303 -17.40 -50.75 -2.53
CA ASN H 303 -17.33 -51.44 -3.82
C ASN H 303 -18.33 -50.72 -4.72
N PRO H 304 -18.23 -50.95 -6.02
CA PRO H 304 -19.04 -50.18 -6.96
C PRO H 304 -20.55 -50.37 -6.79
N ASP H 305 -20.98 -51.38 -6.05
CA ASP H 305 -22.40 -51.65 -5.94
C ASP H 305 -22.99 -51.33 -4.61
N THR H 306 -22.26 -50.56 -3.80
CA THR H 306 -22.78 -50.22 -2.49
C THR H 306 -23.22 -48.75 -2.40
N ASN H 307 -24.48 -48.53 -2.07
CA ASN H 307 -25.00 -47.20 -1.83
C ASN H 307 -24.45 -46.61 -0.52
N PRO H 308 -23.98 -45.36 -0.57
CA PRO H 308 -23.35 -44.77 0.61
C PRO H 308 -24.29 -44.69 1.81
N LEU H 309 -25.59 -44.60 1.56
CA LEU H 309 -26.53 -44.48 2.66
C LEU H 309 -26.62 -45.77 3.46
N VAL H 310 -26.38 -46.91 2.82
CA VAL H 310 -26.44 -48.19 3.53
C VAL H 310 -25.34 -48.20 4.59
N VAL H 311 -24.18 -47.72 4.18
CA VAL H 311 -23.03 -47.66 5.04
C VAL H 311 -23.25 -46.65 6.17
N GLN H 312 -23.81 -45.50 5.83
CA GLN H 312 -24.12 -44.55 6.86
C GLN H 312 -25.05 -45.16 7.91
N ARG H 313 -26.02 -45.94 7.45
CA ARG H 313 -26.94 -46.57 8.39
C ARG H 313 -26.23 -47.56 9.28
N GLU H 314 -25.31 -48.33 8.70
CA GLU H 314 -24.57 -49.29 9.49
C GLU H 314 -23.80 -48.62 10.62
N VAL H 315 -23.22 -47.45 10.33
CA VAL H 315 -22.42 -46.76 11.33
C VAL H 315 -23.33 -46.19 12.39
N GLU H 316 -24.47 -45.63 11.96
CA GLU H 316 -25.47 -45.16 12.91
C GLU H 316 -25.94 -46.29 13.80
N ALA H 317 -26.02 -47.51 13.26
CA ALA H 317 -26.44 -48.67 14.03
C ALA H 317 -25.43 -49.01 15.12
N VAL H 318 -24.14 -48.93 14.79
CA VAL H 318 -23.09 -49.13 15.78
C VAL H 318 -23.24 -48.12 16.92
N VAL H 319 -23.48 -46.87 16.55
CA VAL H 319 -23.64 -45.83 17.54
C VAL H 319 -24.83 -46.13 18.48
N SER H 320 -25.98 -46.49 17.93
CA SER H 320 -27.16 -46.71 18.77
C SER H 320 -27.06 -47.95 19.64
N LYS H 321 -26.29 -48.93 19.19
CA LYS H 321 -26.10 -50.14 19.99
C LYS H 321 -25.27 -49.86 21.24
N LEU H 322 -24.45 -48.82 21.20
CA LEU H 322 -23.67 -48.42 22.34
C LEU H 322 -24.52 -47.51 23.20
N GLY H 323 -25.64 -47.09 22.64
CA GLY H 323 -26.54 -46.20 23.34
C GLY H 323 -26.05 -44.78 23.34
N LEU H 324 -25.26 -44.43 22.34
CA LEU H 324 -24.71 -43.08 22.28
C LEU H 324 -25.52 -42.18 21.36
N LYS H 325 -25.51 -40.89 21.65
CA LYS H 325 -26.07 -39.92 20.74
C LYS H 325 -24.94 -39.38 19.88
N ALA H 326 -25.12 -39.37 18.57
CA ALA H 326 -24.10 -38.88 17.66
C ALA H 326 -24.71 -38.46 16.33
N GLU H 327 -24.10 -37.48 15.68
CA GLU H 327 -24.41 -37.12 14.31
C GLU H 327 -23.49 -37.92 13.41
N VAL H 328 -24.05 -38.69 12.47
CA VAL H 328 -23.22 -39.36 11.48
C VAL H 328 -23.45 -38.71 10.14
N LYS H 329 -22.47 -37.92 9.71
CA LYS H 329 -22.64 -37.00 8.58
C LYS H 329 -21.66 -37.29 7.45
N PRO H 330 -22.19 -37.60 6.25
CA PRO H 330 -21.33 -37.79 5.08
C PRO H 330 -20.78 -36.45 4.60
N PHE H 331 -19.49 -36.35 4.34
CA PHE H 331 -18.99 -35.13 3.74
C PHE H 331 -18.24 -35.42 2.47
N LEU H 332 -18.22 -36.69 2.04
CA LEU H 332 -17.70 -37.04 0.73
C LEU H 332 -18.33 -38.31 0.22
N PHE H 333 -18.69 -38.32 -1.05
CA PHE H 333 -19.16 -39.55 -1.68
C PHE H 333 -18.74 -39.55 -3.12
N ARG H 334 -17.99 -40.56 -3.52
CA ARG H 334 -17.64 -40.75 -4.93
C ARG H 334 -17.87 -42.22 -5.29
N ARG H 335 -18.30 -42.48 -6.53
CA ARG H 335 -18.58 -43.85 -6.93
C ARG H 335 -17.35 -44.50 -7.50
N GLY H 336 -17.24 -45.81 -7.30
CA GLY H 336 -16.22 -46.60 -7.98
C GLY H 336 -16.84 -47.31 -9.17
N TYR H 337 -16.03 -47.62 -10.18
CA TYR H 337 -16.52 -48.26 -11.39
C TYR H 337 -15.67 -49.44 -11.83
N GLU H 338 -16.36 -50.44 -12.39
CA GLU H 338 -15.68 -51.42 -13.23
C GLU H 338 -15.86 -50.95 -14.66
N ALA H 339 -14.76 -50.89 -15.41
CA ALA H 339 -14.86 -50.47 -16.79
C ALA H 339 -15.79 -51.39 -17.60
N GLN H 340 -16.48 -50.81 -18.57
CA GLN H 340 -17.29 -51.54 -19.53
C GLN H 340 -16.68 -51.33 -20.90
N GLY H 341 -16.63 -52.40 -21.69
CA GLY H 341 -16.07 -52.28 -23.03
C GLY H 341 -14.58 -52.06 -23.00
N ILE H 342 -13.94 -52.58 -21.96
CA ILE H 342 -12.49 -52.39 -21.82
C ILE H 342 -11.69 -53.26 -22.79
N GLU H 343 -12.35 -54.21 -23.48
CA GLU H 343 -11.62 -55.27 -24.18
C GLU H 343 -10.57 -54.78 -25.17
N PRO H 344 -10.88 -53.77 -25.99
CA PRO H 344 -9.87 -53.34 -26.96
C PRO H 344 -8.58 -52.83 -26.31
N LEU H 345 -8.70 -52.03 -25.26
CA LEU H 345 -7.53 -51.57 -24.52
C LEU H 345 -6.87 -52.71 -23.76
N GLN H 346 -7.69 -53.53 -23.12
CA GLN H 346 -7.21 -54.68 -22.38
C GLN H 346 -6.34 -55.55 -23.28
N ASN H 347 -6.83 -55.79 -24.48
CA ASN H 347 -6.14 -56.61 -25.45
C ASN H 347 -4.87 -55.94 -25.97
N ALA H 348 -4.97 -54.68 -26.38
CA ALA H 348 -3.80 -53.95 -26.84
C ALA H 348 -2.74 -53.98 -25.77
N LEU H 349 -3.16 -53.75 -24.53
CA LEU H 349 -2.23 -53.83 -23.42
C LEU H 349 -1.66 -55.23 -23.26
N GLU H 350 -2.49 -56.24 -23.34
CA GLU H 350 -2.03 -57.60 -23.05
C GLU H 350 -0.98 -58.03 -24.07
N VAL H 351 -1.17 -57.64 -25.32
CA VAL H 351 -0.24 -57.99 -26.38
C VAL H 351 1.10 -57.32 -26.15
N ALA H 352 1.06 -56.02 -25.86
CA ALA H 352 2.28 -55.26 -25.66
C ALA H 352 3.01 -55.76 -24.42
N HIS H 353 2.25 -56.05 -23.38
CA HIS H 353 2.82 -56.54 -22.15
C HIS H 353 3.50 -57.88 -22.33
N ARG H 354 2.82 -58.81 -22.97
CA ARG H 354 3.40 -60.13 -23.19
C ARG H 354 4.70 -60.00 -23.98
N GLU H 355 4.70 -59.10 -24.95
CA GLU H 355 5.87 -58.88 -25.77
C GLU H 355 7.01 -58.20 -25.03
N VAL H 356 6.71 -57.21 -24.22
CA VAL H 356 7.77 -56.45 -23.58
C VAL H 356 8.23 -57.08 -22.27
N VAL H 357 7.27 -57.51 -21.47
CA VAL H 357 7.57 -58.05 -20.16
C VAL H 357 7.78 -59.54 -20.24
N GLY H 358 7.21 -60.17 -21.27
CA GLY H 358 7.49 -61.56 -21.56
C GLY H 358 6.72 -62.61 -20.77
N ARG H 359 5.48 -62.31 -20.43
CA ARG H 359 4.64 -63.26 -19.73
C ARG H 359 3.25 -62.65 -19.67
N PRO H 360 2.20 -63.49 -19.66
CA PRO H 360 0.84 -62.99 -19.50
C PRO H 360 0.70 -62.15 -18.23
N THR H 361 -0.26 -61.23 -18.21
CA THR H 361 -0.53 -60.43 -17.01
C THR H 361 -1.24 -61.27 -15.96
N GLU H 362 -0.98 -60.95 -14.69
CA GLU H 362 -1.74 -61.53 -13.59
C GLU H 362 -2.81 -60.56 -13.11
N ARG H 363 -3.81 -61.08 -12.41
CA ARG H 363 -4.76 -60.19 -11.79
C ARG H 363 -4.03 -59.35 -10.74
N PRO H 364 -4.47 -58.10 -10.57
CA PRO H 364 -3.85 -57.16 -9.62
C PRO H 364 -4.20 -57.55 -8.20
N GLY H 365 -3.37 -57.15 -7.25
CA GLY H 365 -3.69 -57.37 -5.86
C GLY H 365 -4.94 -56.56 -5.53
N SER H 366 -5.66 -56.99 -4.51
CA SER H 366 -6.91 -56.35 -4.16
C SER H 366 -6.80 -54.86 -3.78
N PRO H 367 -5.74 -54.47 -3.03
CA PRO H 367 -5.64 -53.06 -2.67
C PRO H 367 -5.60 -52.15 -3.88
N GLU H 368 -4.89 -52.60 -4.91
CA GLU H 368 -4.72 -51.80 -6.11
C GLU H 368 -6.00 -51.71 -6.95
N CYS H 369 -7.03 -52.47 -6.65
CA CYS H 369 -8.28 -52.19 -7.32
C CYS H 369 -9.37 -51.97 -6.29
N SER H 370 -8.96 -51.47 -5.13
CA SER H 370 -9.87 -51.20 -4.03
C SER H 370 -9.63 -49.79 -3.52
N MET H 371 -9.04 -48.96 -4.37
CA MET H 371 -8.61 -47.64 -3.96
C MET H 371 -9.28 -46.59 -4.82
N TRP H 372 -8.83 -45.34 -4.72
CA TRP H 372 -9.24 -44.36 -5.69
C TRP H 372 -8.18 -44.25 -6.78
N ARG H 373 -8.59 -44.32 -8.03
CA ARG H 373 -7.69 -43.99 -9.13
C ARG H 373 -8.50 -43.26 -10.17
N ASP H 374 -7.84 -42.54 -11.07
CA ASP H 374 -8.60 -41.72 -11.97
C ASP H 374 -9.22 -42.54 -13.09
N THR H 375 -9.16 -43.87 -12.99
CA THR H 375 -9.98 -44.69 -13.89
C THR H 375 -11.46 -44.44 -13.59
N ASN H 376 -11.78 -44.14 -12.34
CA ASN H 376 -13.18 -43.88 -11.97
C ASN H 376 -13.82 -42.77 -12.82
N PRO H 377 -13.21 -41.58 -12.86
CA PRO H 377 -13.78 -40.50 -13.68
C PRO H 377 -13.90 -40.85 -15.15
N TYR H 378 -12.88 -41.48 -15.72
CA TYR H 378 -12.98 -41.91 -17.10
C TYR H 378 -14.13 -42.91 -17.31
N ASN H 379 -14.21 -43.92 -16.47
CA ASN H 379 -15.26 -44.93 -16.64
C ASN H 379 -16.61 -44.30 -16.39
N GLU H 380 -16.68 -43.40 -15.41
CA GLU H 380 -17.92 -42.70 -15.13
C GLU H 380 -18.40 -41.97 -16.37
N LEU H 381 -17.46 -41.45 -17.15
CA LEU H 381 -17.81 -40.62 -18.28
C LEU H 381 -17.83 -41.41 -19.58
N GLY H 382 -17.90 -42.72 -19.48
CA GLY H 382 -18.02 -43.58 -20.66
C GLY H 382 -16.73 -43.81 -21.43
N ILE H 383 -15.60 -43.58 -20.78
CA ILE H 383 -14.33 -43.84 -21.40
C ILE H 383 -13.69 -45.03 -20.70
N PRO H 384 -13.75 -46.21 -21.34
CA PRO H 384 -13.28 -47.42 -20.67
C PRO H 384 -11.83 -47.25 -20.31
N SER H 385 -11.51 -47.52 -19.07
CA SER H 385 -10.20 -47.16 -18.58
C SER H 385 -9.70 -48.21 -17.60
N LEU H 386 -8.40 -48.48 -17.68
CA LEU H 386 -7.74 -49.37 -16.77
C LEU H 386 -6.48 -48.70 -16.27
N THR H 387 -5.93 -49.21 -15.18
CA THR H 387 -4.71 -48.67 -14.63
C THR H 387 -3.60 -49.72 -14.75
N TYR H 388 -2.41 -49.27 -15.12
CA TYR H 388 -1.27 -50.16 -15.32
C TYR H 388 0.05 -49.40 -15.33
N GLY H 389 1.05 -49.95 -14.63
CA GLY H 389 2.38 -49.36 -14.60
C GLY H 389 3.37 -50.17 -13.79
N CYS H 390 4.63 -49.76 -13.80
CA CYS H 390 5.68 -50.47 -13.08
C CYS H 390 5.68 -50.16 -11.60
N GLY H 391 6.25 -51.06 -10.80
CA GLY H 391 6.59 -50.79 -9.42
C GLY H 391 5.52 -51.13 -8.40
N GLY H 392 5.93 -51.28 -7.15
CA GLY H 392 4.98 -51.50 -6.08
C GLY H 392 4.23 -50.22 -5.73
N GLY H 393 3.04 -50.36 -5.18
CA GLY H 393 2.24 -49.20 -4.81
C GLY H 393 2.80 -48.38 -3.66
N ALA H 394 2.85 -47.06 -3.85
CA ALA H 394 3.29 -46.15 -2.80
C ALA H 394 2.52 -46.38 -1.51
N GLY H 395 1.21 -46.60 -1.63
CA GLY H 395 0.34 -46.81 -0.48
C GLY H 395 0.73 -48.06 0.29
N GLY H 396 1.50 -48.92 -0.37
CA GLY H 396 1.95 -50.18 0.17
C GLY H 396 2.84 -50.19 1.40
N GLY H 397 4.01 -49.54 1.32
CA GLY H 397 4.40 -48.76 0.17
C GLY H 397 5.84 -48.81 -0.28
N ASN H 398 5.99 -48.88 -1.61
CA ASN H 398 7.28 -48.92 -2.28
C ASN H 398 7.98 -47.56 -2.23
N THR H 399 9.29 -47.57 -2.49
CA THR H 399 10.12 -46.40 -2.28
C THR H 399 10.94 -46.00 -3.51
N TYR H 400 11.01 -46.88 -4.49
CA TYR H 400 11.88 -46.67 -5.65
C TYR H 400 11.31 -47.34 -6.89
N PHE H 401 11.78 -46.90 -8.06
CA PHE H 401 11.51 -47.57 -9.33
C PHE H 401 12.81 -48.07 -9.91
N LEU H 402 12.80 -49.25 -10.54
CA LEU H 402 13.93 -49.63 -11.36
C LEU H 402 13.84 -48.92 -12.70
N VAL H 403 14.93 -48.32 -13.13
CA VAL H 403 14.92 -47.61 -14.40
C VAL H 403 14.55 -48.60 -15.50
N ASP H 404 14.99 -49.84 -15.33
CA ASP H 404 14.67 -50.91 -16.27
C ASP H 404 13.17 -51.13 -16.39
N ASP H 405 12.48 -51.12 -15.25
CA ASP H 405 11.03 -51.28 -15.26
C ASP H 405 10.36 -50.09 -15.91
N MET H 406 10.84 -48.90 -15.61
CA MET H 406 10.30 -47.70 -16.22
C MET H 406 10.41 -47.77 -17.73
N LEU H 407 11.49 -48.34 -18.22
CA LEU H 407 11.67 -48.44 -19.65
C LEU H 407 10.64 -49.40 -20.22
N LYS H 408 10.45 -50.53 -19.56
CA LYS H 408 9.47 -51.50 -20.02
C LYS H 408 8.11 -50.84 -20.10
N ALA H 409 7.70 -50.19 -19.03
CA ALA H 409 6.43 -49.50 -18.99
C ALA H 409 6.31 -48.55 -20.16
N ALA H 410 7.37 -47.79 -20.44
CA ALA H 410 7.29 -46.84 -21.54
C ALA H 410 7.04 -47.58 -22.85
N LYS H 411 7.68 -48.73 -23.00
CA LYS H 411 7.54 -49.49 -24.22
C LYS H 411 6.14 -50.10 -24.31
N VAL H 412 5.64 -50.60 -23.19
CA VAL H 412 4.29 -51.13 -23.16
C VAL H 412 3.28 -50.05 -23.56
N TYR H 413 3.45 -48.85 -23.00
CA TYR H 413 2.57 -47.75 -23.36
C TYR H 413 2.63 -47.47 -24.85
N ALA H 414 3.84 -47.44 -25.39
CA ALA H 414 4.02 -47.05 -26.78
C ALA H 414 3.40 -48.09 -27.69
N MET H 415 3.61 -49.35 -27.36
CA MET H 415 3.08 -50.45 -28.16
C MET H 415 1.57 -50.52 -28.07
N THR H 416 1.04 -50.22 -26.89
CA THR H 416 -0.40 -50.24 -26.72
C THR H 416 -1.05 -49.21 -27.61
N ALA H 417 -0.47 -48.03 -27.65
CA ALA H 417 -0.97 -46.96 -28.49
C ALA H 417 -0.90 -47.32 -29.98
N MET H 418 0.22 -47.90 -30.43
CA MET H 418 0.39 -48.20 -31.85
C MET H 418 -0.61 -49.25 -32.31
N ASP H 419 -0.99 -50.13 -31.41
CA ASP H 419 -2.04 -51.09 -31.66
C ASP H 419 -3.40 -50.40 -31.65
N LEU H 420 -3.83 -50.00 -30.46
CA LEU H 420 -5.17 -49.47 -30.24
C LEU H 420 -5.52 -48.25 -31.11
N CYS H 421 -4.58 -47.33 -31.27
CA CYS H 421 -4.84 -46.12 -32.05
C CYS H 421 -4.88 -46.38 -33.56
N ASN H 422 -4.64 -47.62 -33.94
CA ASN H 422 -4.75 -47.99 -35.34
C ASN H 422 -5.90 -48.97 -35.56
N ARG H 423 -6.68 -49.21 -34.53
CA ARG H 423 -7.94 -49.90 -34.71
C ARG H 423 -9.03 -48.87 -35.04
N THR H 424 -10.14 -49.33 -35.59
CA THR H 424 -11.19 -48.41 -36.04
C THR H 424 -12.19 -48.13 -34.93
N PRO H 425 -12.57 -46.86 -34.74
CA PRO H 425 -13.42 -46.44 -33.62
C PRO H 425 -14.83 -47.01 -33.72
#